data_7PXF
#
_entry.id   7PXF
#
_cell.length_a   1.00
_cell.length_b   1.00
_cell.length_c   1.00
_cell.angle_alpha   90.00
_cell.angle_beta   90.00
_cell.angle_gamma   90.00
#
_symmetry.space_group_name_H-M   'P 1'
#
loop_
_entity.id
_entity.type
_entity.pdbx_description
1 polymer 'Isoform J of Calcium-activated potassium channel slowpoke'
2 non-polymer 'MAGNESIUM ION'
3 non-polymer 'POTASSIUM ION'
#
_entity_poly.entity_id   1
_entity_poly.type   'polypeptide(L)'
_entity_poly.pdbx_seq_one_letter_code
;MASGLIDTNFSSTLANGMSGCDQSTVESLADDPTDSPFDADDCLKVRKYWCFLLSSIFTFLAGLLVVLLWRAFAFVCCRK
EPDLGPNDPKQKEQKASRNKQEFEGTFMTEAKDWAGELISGQTTTGRILVVLVFILSIASLIIYFVDASSEEVERCQKWS
NNITQQIDLAFNIFFMVYFFIRFIAASDKLWFMLEMYSFVDYFTIPPSFVSIYLDRTWIGLRFLRALRLMTVPDILQYLN
VLKTSSSIRLAQLVSIFISVWLTAAGIIHLLENSGDPLDFDNAHRLSYWTCVYFLIVTMSTVGYGDVYCETVLGRTFLVF
FLLVGLAIFASCIPEIIDLIGTRAKYGGTLKNEKGRRHIVVCGHITYESVSHFLKDFLHEDREDVDVEVVFLHRKPPDLE
LEGLFKRHFTTVEFFQGTIMNPIDLQRVKVHEADACLVLANKYCQDPDAEDAANIMRVISIKNYSDDIRVIIQLMQYHNK
AYLLNIPSWDWKQGDDVICLAELKLGFIAQSCLAPGFSTMMANLFAMRSFKTSPDMQSWTNDYLRGTGMEMYTETLSPTF
IGIPFAQATELCFSKLKLLLLAIEIKGAEEGADSKISINPRGAKIQANTQGFFIAQSADEVKRAWFYCKACHEDIKDETL
IKKCKCKNLATFRKGVRAVQMVGRASDITRDREDTNLLNRNVRRPNGTGNGTGGMHHMNNTAAAAAAAAAAGKQVNKVKP
TVNVSRQVEGQVISPSQYNRPTSRSSGTGTQNQNGGVSLPAGIADDQSKDFDFEKTEMKYDSTGMFHWSPAKSLEDCILD
RNQAAMTVLNGHVVVCLFADPDSPLIGLRNLVMPLRASNFHYHELKHVVIVGSVDYIRREWKMLQNLPKISVLNGSPLSR
ADLRAVNVNLCDMCCILSAKVPSNDDPTLADKEAILASLNIKAMTFDDTIGVLSQRGPEFDNLSATAGSPIVLQRRGSVY
GANVPMITELVNDGNVQFLDQDDDDDPDTELYLTQPFACGTAFAVSVLDSLMSTTYFNQNALTLIRSLITGGATPELELI
LAEGAGLRGGYSTVESLSNRDRCRVGQISLYDGPLAQFGECGKYGDLFVAALKSYGMLCIGLYRFRDTSSSCDASSKRYV
ITNPPDDFSLLPTDQVFVLMQFDPGLEYKPPAVRAPAGGRGTNTQGSGVGGGGSNKDDNS
;
_entity_poly.pdbx_strand_id   A,B,C,D
#
# COMPACT_ATOMS: atom_id res chain seq x y z
N LEU A 44 -35.17 6.26 -64.26
CA LEU A 44 -35.73 5.29 -63.33
C LEU A 44 -37.20 5.02 -63.65
N LYS A 45 -37.46 3.90 -64.34
CA LYS A 45 -38.83 3.54 -64.68
C LYS A 45 -39.54 2.95 -63.46
N VAL A 46 -39.02 1.83 -62.94
CA VAL A 46 -39.54 1.20 -61.75
C VAL A 46 -38.35 0.82 -60.87
N ARG A 47 -38.60 0.73 -59.56
CA ARG A 47 -37.55 0.35 -58.63
C ARG A 47 -37.03 -1.04 -58.96
N LYS A 48 -35.72 -1.20 -58.99
CA LYS A 48 -35.09 -2.47 -59.33
C LYS A 48 -34.04 -2.92 -58.32
N TYR A 49 -33.62 -2.07 -57.39
CA TYR A 49 -32.68 -2.49 -56.36
C TYR A 49 -33.31 -3.46 -55.37
N TRP A 50 -34.64 -3.51 -55.31
CA TRP A 50 -35.29 -4.44 -54.38
C TRP A 50 -35.00 -5.89 -54.75
N CYS A 51 -35.04 -6.21 -56.04
CA CYS A 51 -34.66 -7.55 -56.48
C CYS A 51 -33.15 -7.75 -56.47
N PHE A 52 -32.37 -6.67 -56.64
CA PHE A 52 -30.92 -6.76 -56.48
C PHE A 52 -30.57 -7.13 -55.04
N LEU A 53 -31.24 -6.50 -54.07
CA LEU A 53 -31.07 -6.89 -52.68
C LEU A 53 -31.72 -8.24 -52.40
N LEU A 54 -32.83 -8.55 -53.08
CA LEU A 54 -33.44 -9.86 -52.94
C LEU A 54 -32.50 -10.95 -53.44
N SER A 55 -31.78 -10.70 -54.53
CA SER A 55 -30.73 -11.61 -54.96
C SER A 55 -29.65 -11.73 -53.90
N SER A 56 -29.27 -10.60 -53.29
CA SER A 56 -28.38 -10.65 -52.13
C SER A 56 -29.04 -11.39 -50.97
N ILE A 57 -30.34 -11.15 -50.76
CA ILE A 57 -31.07 -11.89 -49.74
C ILE A 57 -31.16 -13.37 -50.08
N PHE A 58 -31.36 -13.71 -51.36
CA PHE A 58 -31.45 -15.09 -51.76
C PHE A 58 -30.19 -15.86 -51.42
N THR A 59 -29.03 -15.31 -51.80
CA THR A 59 -27.77 -16.00 -51.52
C THR A 59 -27.42 -15.97 -50.04
N PHE A 60 -27.70 -14.86 -49.36
CA PHE A 60 -27.42 -14.79 -47.93
C PHE A 60 -28.27 -15.79 -47.15
N LEU A 61 -29.55 -15.91 -47.50
CA LEU A 61 -30.41 -16.91 -46.88
C LEU A 61 -30.24 -18.30 -47.48
N ALA A 62 -29.52 -18.43 -48.60
CA ALA A 62 -29.24 -19.75 -49.13
C ALA A 62 -28.41 -20.57 -48.16
N GLY A 63 -27.38 -19.95 -47.56
CA GLY A 63 -26.61 -20.64 -46.53
C GLY A 63 -27.45 -20.99 -45.32
N LEU A 64 -28.42 -20.14 -44.99
CA LEU A 64 -29.36 -20.43 -43.91
C LEU A 64 -30.19 -21.68 -44.19
N LEU A 65 -30.35 -22.07 -45.46
CA LEU A 65 -31.18 -23.21 -45.81
C LEU A 65 -30.38 -24.43 -46.25
N VAL A 66 -29.33 -24.24 -47.05
CA VAL A 66 -28.60 -25.38 -47.59
C VAL A 66 -27.71 -26.02 -46.52
N VAL A 67 -27.34 -25.26 -45.49
CA VAL A 67 -26.41 -25.78 -44.49
C VAL A 67 -27.16 -26.34 -43.29
N LEU A 68 -28.15 -25.60 -42.78
CA LEU A 68 -28.88 -26.04 -41.60
C LEU A 68 -29.75 -27.27 -41.86
N LEU A 69 -30.02 -27.60 -43.11
CA LEU A 69 -30.88 -28.73 -43.43
C LEU A 69 -30.12 -30.03 -43.62
N TRP A 70 -28.80 -29.98 -43.80
CA TRP A 70 -28.01 -31.15 -44.18
C TRP A 70 -26.98 -31.58 -43.15
N ARG A 71 -26.45 -30.64 -42.36
CA ARG A 71 -25.30 -30.95 -41.51
C ARG A 71 -25.67 -31.90 -40.37
N ALA A 72 -26.82 -31.70 -39.74
CA ALA A 72 -27.14 -32.38 -38.50
C ALA A 72 -27.70 -33.78 -38.68
N PHE A 73 -27.87 -34.24 -39.92
CA PHE A 73 -28.51 -35.53 -40.16
C PHE A 73 -27.56 -36.72 -40.04
N ALA A 74 -26.24 -36.47 -40.01
CA ALA A 74 -25.27 -37.55 -40.08
C ALA A 74 -24.77 -38.02 -38.71
N PHE A 75 -25.28 -37.47 -37.61
CA PHE A 75 -24.77 -37.84 -36.30
C PHE A 75 -25.28 -39.21 -35.85
N VAL A 76 -26.54 -39.54 -36.17
CA VAL A 76 -27.15 -40.75 -35.62
C VAL A 76 -26.43 -42.00 -36.11
N CYS A 77 -26.09 -42.05 -37.39
CA CYS A 77 -25.43 -43.22 -37.96
C CYS A 77 -24.41 -42.82 -39.03
N THR A 106 -10.30 -33.50 -51.14
CA THR A 106 -11.48 -33.85 -50.37
C THR A 106 -11.80 -32.77 -49.33
N PHE A 107 -12.91 -32.95 -48.62
CA PHE A 107 -13.23 -32.07 -47.51
C PHE A 107 -12.19 -32.18 -46.40
N MET A 108 -11.70 -33.39 -46.13
CA MET A 108 -10.84 -33.61 -44.98
C MET A 108 -9.38 -33.26 -45.28
N THR A 109 -8.94 -33.50 -46.51
CA THR A 109 -7.54 -33.22 -46.86
C THR A 109 -7.34 -31.74 -47.19
N GLU A 110 -8.24 -31.15 -47.98
CA GLU A 110 -8.05 -29.77 -48.42
C GLU A 110 -8.23 -28.79 -47.27
N ALA A 111 -8.94 -29.19 -46.21
CA ALA A 111 -9.10 -28.31 -45.06
C ALA A 111 -7.76 -28.03 -44.39
N LYS A 112 -6.91 -29.05 -44.29
CA LYS A 112 -5.59 -28.85 -43.72
C LYS A 112 -4.77 -27.87 -44.54
N ASP A 113 -4.83 -27.98 -45.87
CA ASP A 113 -4.17 -27.01 -46.73
C ASP A 113 -4.81 -25.63 -46.59
N TRP A 114 -6.14 -25.57 -46.62
CA TRP A 114 -6.83 -24.28 -46.61
C TRP A 114 -6.56 -23.51 -45.33
N ALA A 115 -6.42 -24.21 -44.20
CA ALA A 115 -6.08 -23.55 -42.95
C ALA A 115 -4.73 -22.83 -43.05
N GLY A 116 -3.79 -23.40 -43.80
CA GLY A 116 -2.53 -22.74 -44.05
C GLY A 116 -2.52 -21.94 -45.34
N GLU A 117 -3.40 -22.30 -46.27
CA GLU A 117 -3.47 -21.58 -47.54
C GLU A 117 -4.08 -20.19 -47.37
N LEU A 118 -4.86 -19.98 -46.31
CA LEU A 118 -5.55 -18.71 -46.11
C LEU A 118 -5.16 -18.02 -44.81
N ILE A 119 -5.00 -18.78 -43.73
CA ILE A 119 -4.78 -18.18 -42.41
C ILE A 119 -3.36 -18.44 -41.91
N SER A 120 -2.99 -19.71 -41.79
CA SER A 120 -1.75 -20.11 -41.14
C SER A 120 -0.57 -20.17 -42.08
N GLY A 121 -0.60 -19.42 -43.19
CA GLY A 121 0.53 -19.42 -44.10
C GLY A 121 1.71 -18.66 -43.53
N GLN A 122 2.90 -19.25 -43.67
CA GLN A 122 4.13 -18.64 -43.17
C GLN A 122 4.94 -17.96 -44.27
N THR A 123 5.34 -18.72 -45.29
CA THR A 123 6.18 -18.18 -46.36
C THR A 123 5.38 -17.86 -47.62
N THR A 124 4.73 -18.87 -48.20
CA THR A 124 4.01 -18.68 -49.47
C THR A 124 2.63 -19.33 -49.51
N THR A 125 2.32 -20.31 -48.66
CA THR A 125 1.02 -20.98 -48.74
C THR A 125 -0.12 -20.00 -48.46
N GLY A 126 0.04 -19.16 -47.45
CA GLY A 126 -1.02 -18.24 -47.09
C GLY A 126 -0.78 -16.82 -47.53
N ARG A 127 0.48 -16.37 -47.48
CA ARG A 127 0.78 -14.98 -47.81
C ARG A 127 0.42 -14.65 -49.25
N ILE A 128 0.75 -15.53 -50.19
CA ILE A 128 0.48 -15.26 -51.60
C ILE A 128 -1.03 -15.12 -51.83
N LEU A 129 -1.81 -16.03 -51.25
CA LEU A 129 -3.26 -15.93 -51.37
C LEU A 129 -3.80 -14.69 -50.67
N VAL A 130 -3.23 -14.33 -49.52
CA VAL A 130 -3.71 -13.18 -48.77
C VAL A 130 -3.42 -11.88 -49.50
N VAL A 131 -2.27 -11.79 -50.17
CA VAL A 131 -1.88 -10.56 -50.85
C VAL A 131 -2.89 -10.19 -51.93
N LEU A 132 -3.41 -11.20 -52.64
CA LEU A 132 -4.28 -10.93 -53.78
C LEU A 132 -5.75 -10.73 -53.41
N VAL A 133 -6.10 -10.77 -52.12
CA VAL A 133 -7.49 -10.63 -51.73
C VAL A 133 -7.75 -9.25 -51.15
N PHE A 134 -6.74 -8.64 -50.54
CA PHE A 134 -6.92 -7.32 -49.92
C PHE A 134 -6.38 -6.19 -50.79
N ILE A 135 -5.28 -6.42 -51.51
CA ILE A 135 -4.76 -5.41 -52.43
C ILE A 135 -5.77 -5.14 -53.54
N LEU A 136 -6.34 -6.21 -54.11
CA LEU A 136 -7.33 -6.04 -55.16
C LEU A 136 -8.66 -5.56 -54.61
N SER A 137 -8.97 -5.89 -53.35
CA SER A 137 -10.14 -5.30 -52.71
C SER A 137 -9.98 -3.79 -52.57
N ILE A 138 -8.77 -3.34 -52.21
CA ILE A 138 -8.47 -1.91 -52.23
C ILE A 138 -8.60 -1.37 -53.65
N ALA A 139 -8.08 -2.12 -54.63
CA ALA A 139 -8.27 -1.76 -56.03
C ALA A 139 -9.75 -1.78 -56.39
N SER A 140 -10.50 -2.75 -55.86
CA SER A 140 -11.95 -2.76 -56.05
C SER A 140 -12.59 -1.53 -55.42
N LEU A 141 -12.07 -1.10 -54.27
CA LEU A 141 -12.55 0.14 -53.65
C LEU A 141 -12.21 1.35 -54.52
N ILE A 142 -11.01 1.36 -55.12
CA ILE A 142 -10.61 2.49 -55.95
C ILE A 142 -11.52 2.62 -57.17
N ILE A 143 -11.78 1.51 -57.84
CA ILE A 143 -12.69 1.52 -58.99
C ILE A 143 -14.14 1.68 -58.58
N TYR A 144 -14.44 1.51 -57.29
CA TYR A 144 -15.77 1.88 -56.78
C TYR A 144 -15.90 3.39 -56.62
N PHE A 145 -14.79 4.08 -56.36
CA PHE A 145 -14.84 5.53 -56.13
C PHE A 145 -15.22 6.28 -57.40
N VAL A 146 -14.77 5.79 -58.56
CA VAL A 146 -15.03 6.51 -59.80
C VAL A 146 -16.52 6.50 -60.13
N ASP A 147 -17.22 5.41 -59.80
CA ASP A 147 -18.67 5.38 -59.95
C ASP A 147 -19.38 5.99 -58.74
N ALA A 148 -18.73 6.01 -57.58
CA ALA A 148 -19.30 6.68 -56.42
C ALA A 148 -19.40 8.18 -56.66
N SER A 149 -18.38 8.77 -57.30
CA SER A 149 -18.40 10.19 -57.62
C SER A 149 -19.41 10.52 -58.71
N SER A 150 -19.93 9.53 -59.42
CA SER A 150 -20.93 9.78 -60.44
C SER A 150 -22.23 10.27 -59.82
N GLU A 151 -22.89 11.20 -60.51
CA GLU A 151 -24.13 11.77 -60.00
C GLU A 151 -25.24 10.72 -59.91
N GLU A 152 -25.34 9.87 -60.93
CA GLU A 152 -26.43 8.90 -60.97
C GLU A 152 -26.21 7.79 -59.95
N VAL A 153 -27.29 7.36 -59.31
CA VAL A 153 -27.23 6.26 -58.36
C VAL A 153 -27.48 4.91 -59.05
N GLU A 154 -28.35 4.88 -60.07
CA GLU A 154 -28.63 3.68 -60.85
C GLU A 154 -28.58 4.08 -62.32
N ARG A 155 -27.42 3.88 -62.94
CA ARG A 155 -27.19 4.29 -64.32
C ARG A 155 -27.14 3.07 -65.24
N CYS A 156 -27.51 3.28 -66.49
CA CYS A 156 -27.51 2.23 -67.51
C CYS A 156 -26.43 2.51 -68.54
N GLN A 157 -25.64 1.49 -68.86
CA GLN A 157 -24.56 1.63 -69.82
C GLN A 157 -24.24 0.27 -70.41
N LYS A 158 -23.73 0.28 -71.64
CA LYS A 158 -23.32 -0.96 -72.30
C LYS A 158 -22.06 -1.49 -71.65
N TRP A 159 -22.17 -2.65 -71.00
CA TRP A 159 -21.08 -3.23 -70.22
C TRP A 159 -20.05 -3.96 -71.07
N SER A 160 -20.02 -3.69 -72.38
CA SER A 160 -19.09 -4.41 -73.25
C SER A 160 -17.65 -3.95 -73.04
N ASN A 161 -17.39 -2.65 -73.26
CA ASN A 161 -16.03 -2.13 -73.28
C ASN A 161 -15.94 -0.84 -72.48
N ASN A 162 -16.47 -0.84 -71.25
CA ASN A 162 -16.29 0.31 -70.39
C ASN A 162 -14.87 0.37 -69.84
N ILE A 163 -14.55 1.49 -69.19
CA ILE A 163 -13.23 1.68 -68.62
C ILE A 163 -13.01 0.75 -67.43
N THR A 164 -14.01 0.62 -66.57
CA THR A 164 -13.86 -0.16 -65.34
C THR A 164 -14.98 -1.16 -65.08
N GLN A 165 -15.96 -1.28 -65.98
CA GLN A 165 -17.05 -2.23 -65.74
C GLN A 165 -16.59 -3.67 -65.87
N GLN A 166 -15.57 -3.93 -66.69
CA GLN A 166 -15.08 -5.30 -66.83
C GLN A 166 -14.22 -5.71 -65.64
N ILE A 167 -13.45 -4.78 -65.09
CA ILE A 167 -12.45 -5.12 -64.07
C ILE A 167 -13.14 -5.53 -62.76
N ASP A 168 -14.16 -4.77 -62.34
CA ASP A 168 -14.79 -5.07 -61.06
C ASP A 168 -15.45 -6.44 -61.07
N LEU A 169 -16.12 -6.79 -62.18
CA LEU A 169 -16.64 -8.14 -62.33
C LEU A 169 -15.50 -9.15 -62.41
N ALA A 170 -14.45 -8.84 -63.18
CA ALA A 170 -13.33 -9.76 -63.31
C ALA A 170 -12.62 -9.97 -61.98
N PHE A 171 -12.45 -8.90 -61.20
CA PHE A 171 -11.87 -9.04 -59.87
C PHE A 171 -12.73 -9.94 -58.99
N ASN A 172 -14.05 -9.77 -59.07
CA ASN A 172 -14.96 -10.60 -58.30
C ASN A 172 -15.10 -12.01 -58.85
N ILE A 173 -14.67 -12.26 -60.08
CA ILE A 173 -14.75 -13.61 -60.64
C ILE A 173 -13.91 -14.58 -59.83
N PHE A 174 -12.66 -14.20 -59.52
CA PHE A 174 -11.81 -15.00 -58.66
C PHE A 174 -11.92 -14.61 -57.20
N PHE A 175 -12.95 -13.85 -56.84
CA PHE A 175 -13.29 -13.57 -55.45
C PHE A 175 -14.47 -14.39 -54.96
N MET A 176 -15.44 -14.65 -55.84
CA MET A 176 -16.60 -15.45 -55.47
C MET A 176 -16.34 -16.95 -55.60
N VAL A 177 -15.29 -17.33 -56.33
CA VAL A 177 -14.78 -18.69 -56.18
C VAL A 177 -13.75 -18.74 -55.06
N TYR A 178 -13.16 -17.59 -54.72
CA TYR A 178 -12.29 -17.52 -53.56
C TYR A 178 -13.06 -17.80 -52.28
N PHE A 179 -14.30 -17.31 -52.18
CA PHE A 179 -15.11 -17.61 -51.02
C PHE A 179 -15.46 -19.09 -50.94
N PHE A 180 -15.43 -19.79 -52.09
CA PHE A 180 -15.73 -21.21 -52.09
C PHE A 180 -14.70 -22.00 -51.28
N ILE A 181 -13.42 -21.67 -51.43
CA ILE A 181 -12.38 -22.39 -50.68
C ILE A 181 -12.55 -22.16 -49.19
N ARG A 182 -13.13 -21.02 -48.79
CA ARG A 182 -13.46 -20.80 -47.40
C ARG A 182 -14.67 -21.64 -46.98
N PHE A 183 -15.70 -21.67 -47.82
CA PHE A 183 -16.93 -22.39 -47.51
C PHE A 183 -16.80 -23.89 -47.69
N ILE A 184 -16.02 -24.35 -48.67
CA ILE A 184 -15.91 -25.78 -48.93
C ILE A 184 -15.29 -26.50 -47.73
N ALA A 185 -14.25 -25.92 -47.15
CA ALA A 185 -13.50 -26.54 -46.06
C ALA A 185 -13.56 -25.69 -44.80
N ALA A 186 -14.74 -25.17 -44.48
CA ALA A 186 -14.92 -24.42 -43.25
C ALA A 186 -14.98 -25.37 -42.06
N SER A 187 -14.19 -25.08 -41.02
CA SER A 187 -14.21 -25.92 -39.83
C SER A 187 -15.57 -25.91 -39.15
N ASP A 188 -16.20 -24.74 -39.08
CA ASP A 188 -17.56 -24.60 -38.54
C ASP A 188 -18.50 -24.34 -39.71
N LYS A 189 -19.39 -25.29 -39.97
CA LYS A 189 -20.31 -25.14 -41.10
C LYS A 189 -21.42 -24.13 -40.80
N LEU A 190 -21.78 -23.95 -39.53
CA LEU A 190 -22.84 -23.04 -39.15
C LEU A 190 -22.34 -21.71 -38.59
N TRP A 191 -21.30 -21.75 -37.75
CA TRP A 191 -20.80 -20.52 -37.13
C TRP A 191 -20.12 -19.62 -38.17
N PHE A 192 -19.70 -20.19 -39.29
CA PHE A 192 -19.05 -19.42 -40.35
C PHE A 192 -20.03 -18.56 -41.12
N MET A 193 -21.34 -18.77 -40.90
CA MET A 193 -22.36 -18.00 -41.63
C MET A 193 -22.29 -16.51 -41.32
N LEU A 194 -22.06 -16.14 -40.05
CA LEU A 194 -22.09 -14.75 -39.66
C LEU A 194 -20.71 -14.13 -39.46
N GLU A 195 -19.64 -14.80 -39.89
CA GLU A 195 -18.31 -14.23 -39.71
C GLU A 195 -18.21 -12.92 -40.48
N MET A 196 -17.45 -11.97 -39.91
CA MET A 196 -17.50 -10.59 -40.38
C MET A 196 -17.09 -10.49 -41.84
N TYR A 197 -16.06 -11.26 -42.23
CA TYR A 197 -15.53 -11.12 -43.58
C TYR A 197 -16.41 -11.85 -44.58
N SER A 198 -17.01 -12.96 -44.16
CA SER A 198 -17.95 -13.67 -45.01
C SER A 198 -19.29 -12.96 -45.08
N PHE A 199 -19.66 -12.23 -44.02
CA PHE A 199 -20.92 -11.51 -44.02
C PHE A 199 -20.95 -10.45 -45.11
N VAL A 200 -19.83 -9.76 -45.33
CA VAL A 200 -19.78 -8.71 -46.35
C VAL A 200 -19.99 -9.30 -47.73
N ASP A 201 -19.36 -10.45 -48.01
CA ASP A 201 -19.42 -11.02 -49.35
C ASP A 201 -20.83 -11.39 -49.76
N TYR A 202 -21.61 -11.95 -48.83
CA TYR A 202 -22.98 -12.36 -49.17
C TYR A 202 -23.82 -11.16 -49.62
N PHE A 203 -23.45 -9.96 -49.19
CA PHE A 203 -24.15 -8.76 -49.65
C PHE A 203 -23.48 -8.11 -50.85
N THR A 204 -22.34 -8.63 -51.31
CA THR A 204 -21.63 -8.08 -52.45
C THR A 204 -21.46 -9.06 -53.61
N ILE A 205 -21.43 -10.36 -53.35
CA ILE A 205 -21.30 -11.33 -54.44
C ILE A 205 -22.51 -11.32 -55.37
N PRO A 206 -23.75 -11.38 -54.90
CA PRO A 206 -24.90 -11.34 -55.82
C PRO A 206 -24.96 -10.05 -56.63
N PRO A 207 -24.53 -8.90 -56.10
CA PRO A 207 -24.41 -7.71 -56.96
C PRO A 207 -23.54 -7.92 -58.18
N SER A 208 -22.55 -8.82 -58.12
CA SER A 208 -21.77 -9.13 -59.32
C SER A 208 -22.66 -9.75 -60.39
N PHE A 209 -23.57 -10.63 -59.99
CA PHE A 209 -24.51 -11.22 -60.93
C PHE A 209 -25.60 -10.25 -61.36
N VAL A 210 -25.76 -9.13 -60.64
CA VAL A 210 -26.80 -8.17 -60.96
C VAL A 210 -26.51 -7.49 -62.30
N SER A 211 -25.27 -7.08 -62.53
CA SER A 211 -24.92 -6.30 -63.71
C SER A 211 -24.71 -7.15 -64.95
N ILE A 212 -25.06 -8.43 -64.93
CA ILE A 212 -24.84 -9.30 -66.07
C ILE A 212 -26.13 -9.75 -66.75
N TYR A 213 -27.29 -9.60 -66.10
CA TYR A 213 -28.54 -10.08 -66.67
C TYR A 213 -29.52 -8.97 -67.02
N LEU A 214 -29.22 -7.71 -66.68
CA LEU A 214 -30.12 -6.61 -67.03
C LEU A 214 -29.38 -5.38 -67.54
N ASP A 215 -28.06 -5.45 -67.70
CA ASP A 215 -27.24 -4.40 -68.31
C ASP A 215 -27.26 -3.10 -67.52
N ARG A 216 -27.78 -3.10 -66.30
CA ARG A 216 -27.85 -1.91 -65.47
C ARG A 216 -27.10 -2.14 -64.17
N THR A 217 -26.23 -1.20 -63.81
CA THR A 217 -25.49 -1.25 -62.56
C THR A 217 -25.79 -0.01 -61.74
N TRP A 218 -25.79 -0.18 -60.42
CA TRP A 218 -26.08 0.89 -59.49
C TRP A 218 -24.91 1.05 -58.52
N ILE A 219 -25.10 1.90 -57.50
CA ILE A 219 -24.06 2.14 -56.52
C ILE A 219 -23.74 0.86 -55.75
N GLY A 220 -24.74 0.02 -55.51
CA GLY A 220 -24.53 -1.26 -54.88
C GLY A 220 -24.08 -1.19 -53.44
N LEU A 221 -23.80 -2.36 -52.85
CA LEU A 221 -23.25 -2.45 -51.50
C LEU A 221 -21.75 -2.70 -51.51
N ARG A 222 -21.09 -2.42 -52.64
CA ARG A 222 -19.66 -2.64 -52.77
C ARG A 222 -18.83 -1.73 -51.87
N PHE A 223 -19.44 -0.68 -51.31
CA PHE A 223 -18.74 0.14 -50.32
C PHE A 223 -18.38 -0.65 -49.07
N LEU A 224 -19.06 -1.79 -48.84
CA LEU A 224 -18.72 -2.65 -47.71
C LEU A 224 -17.36 -3.30 -47.86
N ARG A 225 -16.75 -3.23 -49.05
CA ARG A 225 -15.40 -3.74 -49.23
C ARG A 225 -14.38 -2.96 -48.42
N ALA A 226 -14.75 -1.78 -47.92
CA ALA A 226 -13.85 -1.01 -47.06
C ALA A 226 -13.58 -1.72 -45.75
N LEU A 227 -14.43 -2.69 -45.36
CA LEU A 227 -14.17 -3.47 -44.16
C LEU A 227 -12.95 -4.38 -44.32
N ARG A 228 -12.50 -4.60 -45.55
CA ARG A 228 -11.27 -5.36 -45.77
C ARG A 228 -10.03 -4.62 -45.29
N LEU A 229 -10.14 -3.33 -45.00
CA LEU A 229 -9.01 -2.58 -44.45
C LEU A 229 -8.63 -3.05 -43.06
N MET A 230 -9.53 -3.75 -42.35
CA MET A 230 -9.21 -4.26 -41.03
C MET A 230 -8.20 -5.39 -41.08
N THR A 231 -8.00 -6.02 -42.24
CA THR A 231 -6.94 -7.01 -42.39
C THR A 231 -5.60 -6.38 -42.74
N VAL A 232 -5.58 -5.11 -43.12
CA VAL A 232 -4.33 -4.47 -43.56
C VAL A 232 -3.21 -4.60 -42.53
N PRO A 233 -3.42 -4.35 -41.23
CA PRO A 233 -2.33 -4.55 -40.28
C PRO A 233 -1.81 -5.97 -40.22
N ASP A 234 -2.65 -6.96 -40.54
CA ASP A 234 -2.21 -8.35 -40.49
C ASP A 234 -1.11 -8.63 -41.51
N ILE A 235 -1.24 -8.07 -42.72
CA ILE A 235 -0.20 -8.23 -43.73
C ILE A 235 1.07 -7.51 -43.29
N LEU A 236 0.92 -6.37 -42.61
CA LEU A 236 2.10 -5.65 -42.11
C LEU A 236 2.94 -6.53 -41.19
N GLN A 237 2.29 -7.45 -40.45
CA GLN A 237 3.04 -8.43 -39.68
C GLN A 237 3.81 -9.38 -40.59
N TYR A 238 3.19 -9.79 -41.70
CA TYR A 238 3.85 -10.71 -42.63
C TYR A 238 5.09 -10.06 -43.24
N LEU A 239 5.00 -8.78 -43.61
CA LEU A 239 6.12 -8.07 -44.18
C LEU A 239 7.08 -7.53 -43.13
N ASN A 240 6.80 -7.74 -41.85
CA ASN A 240 7.66 -7.30 -40.74
C ASN A 240 7.84 -5.79 -40.74
N VAL A 241 6.82 -5.06 -41.20
CA VAL A 241 6.89 -3.60 -41.14
C VAL A 241 6.80 -3.13 -39.70
N LEU A 242 5.89 -3.71 -38.92
CA LEU A 242 5.73 -3.39 -37.51
C LEU A 242 6.03 -4.66 -36.71
N LYS A 243 7.30 -4.80 -36.30
CA LYS A 243 7.71 -6.01 -35.59
C LYS A 243 7.20 -6.03 -34.15
N THR A 244 7.23 -4.89 -33.48
CA THR A 244 6.84 -4.83 -32.08
C THR A 244 5.34 -5.07 -31.91
N SER A 245 4.99 -5.75 -30.81
CA SER A 245 3.58 -6.04 -30.53
C SER A 245 2.83 -4.78 -30.12
N SER A 246 3.49 -3.85 -29.43
CA SER A 246 2.82 -2.63 -29.01
C SER A 246 2.36 -1.80 -30.20
N SER A 247 3.20 -1.71 -31.23
CA SER A 247 2.81 -0.99 -32.45
C SER A 247 1.67 -1.70 -33.17
N ILE A 248 1.64 -3.04 -33.12
CA ILE A 248 0.57 -3.78 -33.78
C ILE A 248 -0.77 -3.48 -33.12
N ARG A 249 -0.81 -3.43 -31.78
CA ARG A 249 -2.06 -3.21 -31.07
C ARG A 249 -2.66 -1.85 -31.41
N LEU A 250 -1.83 -0.81 -31.46
CA LEU A 250 -2.34 0.51 -31.85
C LEU A 250 -2.65 0.56 -33.35
N ALA A 251 -1.91 -0.21 -34.16
CA ALA A 251 -2.22 -0.28 -35.59
C ALA A 251 -3.55 -0.98 -35.84
N GLN A 252 -3.96 -1.87 -34.92
CA GLN A 252 -5.27 -2.51 -35.04
C GLN A 252 -6.38 -1.48 -34.91
N LEU A 253 -6.34 -0.67 -33.85
CA LEU A 253 -7.45 0.22 -33.53
C LEU A 253 -7.67 1.25 -34.64
N VAL A 254 -6.59 1.80 -35.19
CA VAL A 254 -6.72 2.76 -36.28
C VAL A 254 -7.31 2.12 -37.53
N SER A 255 -7.16 0.80 -37.68
CA SER A 255 -7.68 0.13 -38.87
C SER A 255 -9.20 0.03 -38.82
N ILE A 256 -9.75 -0.37 -37.67
CA ILE A 256 -11.20 -0.39 -37.52
C ILE A 256 -11.77 1.02 -37.59
N PHE A 257 -11.06 1.99 -37.02
CA PHE A 257 -11.55 3.37 -37.02
C PHE A 257 -11.72 3.89 -38.44
N ILE A 258 -10.73 3.65 -39.30
CA ILE A 258 -10.85 4.08 -40.69
C ILE A 258 -11.89 3.23 -41.43
N SER A 259 -11.88 1.92 -41.19
CA SER A 259 -12.81 1.04 -41.89
C SER A 259 -14.25 1.37 -41.54
N VAL A 260 -14.54 1.58 -40.25
CA VAL A 260 -15.90 1.93 -39.84
C VAL A 260 -16.28 3.30 -40.39
N TRP A 261 -15.35 4.25 -40.36
CA TRP A 261 -15.64 5.59 -40.87
C TRP A 261 -15.97 5.56 -42.35
N LEU A 262 -15.21 4.79 -43.14
CA LEU A 262 -15.45 4.76 -44.58
C LEU A 262 -16.70 3.98 -44.92
N THR A 263 -16.95 2.86 -44.25
CA THR A 263 -18.13 2.07 -44.58
C THR A 263 -19.42 2.77 -44.16
N ALA A 264 -19.36 3.57 -43.10
CA ALA A 264 -20.54 4.34 -42.70
C ALA A 264 -20.82 5.47 -43.68
N ALA A 265 -19.77 6.05 -44.26
CA ALA A 265 -19.96 7.08 -45.28
C ALA A 265 -20.63 6.50 -46.53
N GLY A 266 -20.30 5.26 -46.87
CA GLY A 266 -20.97 4.61 -47.98
C GLY A 266 -22.45 4.40 -47.72
N ILE A 267 -22.81 4.05 -46.50
CA ILE A 267 -24.22 3.92 -46.14
C ILE A 267 -24.92 5.27 -46.24
N ILE A 268 -24.26 6.32 -45.76
CA ILE A 268 -24.82 7.66 -45.86
C ILE A 268 -25.01 8.05 -47.32
N HIS A 269 -24.00 7.75 -48.16
CA HIS A 269 -24.11 8.06 -49.57
C HIS A 269 -25.29 7.33 -50.21
N LEU A 270 -25.47 6.05 -49.87
CA LEU A 270 -26.57 5.28 -50.45
C LEU A 270 -27.91 5.71 -49.89
N LEU A 271 -28.00 5.93 -48.57
CA LEU A 271 -29.28 6.28 -47.96
C LEU A 271 -29.76 7.67 -48.31
N GLU A 272 -28.91 8.52 -48.89
CA GLU A 272 -29.29 9.88 -49.24
C GLU A 272 -29.54 10.06 -50.73
N ASN A 273 -28.64 9.55 -51.57
CA ASN A 273 -28.79 9.72 -53.01
C ASN A 273 -29.95 8.90 -53.55
N SER A 274 -30.10 7.65 -53.07
CA SER A 274 -31.18 6.80 -53.54
C SER A 274 -32.54 7.37 -53.13
N GLY A 275 -32.66 7.87 -51.91
CA GLY A 275 -33.91 8.40 -51.42
C GLY A 275 -34.78 7.35 -50.76
N ASP A 276 -35.87 7.82 -50.16
CA ASP A 276 -36.78 6.92 -49.47
C ASP A 276 -37.50 6.01 -50.47
N PRO A 277 -37.69 4.74 -50.13
CA PRO A 277 -38.37 3.82 -51.07
C PRO A 277 -39.82 4.18 -51.33
N LEU A 278 -40.46 4.95 -50.46
CA LEU A 278 -41.89 5.21 -50.60
C LEU A 278 -42.17 6.26 -51.67
N ASP A 279 -41.63 7.47 -51.49
CA ASP A 279 -41.90 8.59 -52.39
C ASP A 279 -40.83 8.76 -53.46
N PHE A 280 -39.57 8.53 -53.13
CA PHE A 280 -38.46 8.64 -54.09
C PHE A 280 -38.39 10.04 -54.71
N ASP A 281 -38.65 11.06 -53.90
CA ASP A 281 -38.58 12.43 -54.39
C ASP A 281 -37.69 13.28 -53.50
N ASN A 282 -37.60 12.93 -52.22
CA ASN A 282 -36.80 13.68 -51.25
C ASN A 282 -35.37 13.15 -51.21
N ALA A 283 -34.73 13.16 -52.39
CA ALA A 283 -33.37 12.70 -52.54
C ALA A 283 -32.44 13.91 -52.70
N HIS A 284 -31.42 13.98 -51.88
CA HIS A 284 -30.45 15.07 -51.90
C HIS A 284 -29.13 14.57 -52.48
N ARG A 285 -28.59 15.31 -53.44
CA ARG A 285 -27.34 14.92 -54.08
C ARG A 285 -26.18 15.17 -53.14
N LEU A 286 -25.51 14.09 -52.73
CA LEU A 286 -24.35 14.17 -51.84
C LEU A 286 -23.23 13.33 -52.41
N SER A 287 -22.01 13.82 -52.28
CA SER A 287 -20.83 13.15 -52.81
C SER A 287 -20.12 12.37 -51.71
N TYR A 288 -19.37 11.35 -52.13
CA TYR A 288 -18.61 10.54 -51.17
C TYR A 288 -17.53 11.37 -50.49
N TRP A 289 -16.95 12.33 -51.23
CA TRP A 289 -16.04 13.28 -50.61
C TRP A 289 -16.72 14.14 -49.55
N THR A 290 -18.03 14.40 -49.70
CA THR A 290 -18.76 15.12 -48.68
C THR A 290 -19.16 14.21 -47.52
N CYS A 291 -19.48 12.95 -47.83
CA CYS A 291 -19.93 12.03 -46.78
C CYS A 291 -18.85 11.77 -45.76
N VAL A 292 -17.60 11.62 -46.20
CA VAL A 292 -16.51 11.41 -45.25
C VAL A 292 -16.30 12.67 -44.42
N TYR A 293 -16.44 13.84 -45.02
CA TYR A 293 -16.39 15.09 -44.25
C TYR A 293 -17.59 15.22 -43.33
N PHE A 294 -18.73 14.63 -43.70
CA PHE A 294 -19.92 14.68 -42.86
C PHE A 294 -19.69 13.96 -41.54
N LEU A 295 -19.13 12.74 -41.60
CA LEU A 295 -18.97 11.93 -40.40
C LEU A 295 -17.77 12.32 -39.56
N ILE A 296 -16.73 12.91 -40.16
CA ILE A 296 -15.54 13.27 -39.39
C ILE A 296 -15.87 14.37 -38.39
N VAL A 297 -16.75 15.30 -38.77
CA VAL A 297 -17.18 16.33 -37.84
C VAL A 297 -18.29 15.85 -36.91
N THR A 298 -19.01 14.80 -37.30
CA THR A 298 -20.00 14.22 -36.40
C THR A 298 -19.34 13.44 -35.27
N MET A 299 -18.31 12.66 -35.60
CA MET A 299 -17.60 11.91 -34.57
C MET A 299 -16.91 12.83 -33.57
N SER A 300 -16.39 13.95 -34.06
CA SER A 300 -15.76 14.94 -33.20
C SER A 300 -16.77 15.82 -32.46
N THR A 301 -18.07 15.59 -32.69
CA THR A 301 -19.15 16.35 -32.02
C THR A 301 -19.00 17.85 -32.25
N VAL A 302 -18.64 18.23 -33.47
CA VAL A 302 -18.58 19.65 -33.83
C VAL A 302 -19.88 20.11 -34.45
N GLY A 303 -20.31 19.47 -35.53
CA GLY A 303 -21.61 19.74 -36.10
C GLY A 303 -21.74 21.11 -36.74
N TYR A 304 -21.03 21.34 -37.85
CA TYR A 304 -21.13 22.63 -38.53
C TYR A 304 -22.54 22.88 -39.04
N GLY A 305 -23.19 21.86 -39.59
CA GLY A 305 -24.53 22.00 -40.10
C GLY A 305 -24.63 22.49 -41.53
N ASP A 306 -23.50 22.78 -42.18
CA ASP A 306 -23.53 23.17 -43.59
C ASP A 306 -24.07 22.04 -44.46
N VAL A 307 -23.69 20.80 -44.15
CA VAL A 307 -24.23 19.62 -44.80
C VAL A 307 -24.95 18.79 -43.74
N TYR A 308 -26.13 18.28 -44.10
CA TYR A 308 -26.91 17.48 -43.18
C TYR A 308 -27.77 16.51 -43.97
N CYS A 309 -28.22 15.46 -43.29
CA CYS A 309 -29.05 14.44 -43.89
C CYS A 309 -30.51 14.88 -43.93
N GLU A 310 -31.14 14.68 -45.09
CA GLU A 310 -32.54 15.06 -45.28
C GLU A 310 -33.49 13.89 -45.41
N THR A 311 -33.04 12.75 -45.92
CA THR A 311 -33.90 11.59 -46.08
C THR A 311 -34.31 11.04 -44.72
N VAL A 312 -35.58 10.61 -44.63
CA VAL A 312 -36.08 10.06 -43.37
C VAL A 312 -35.32 8.80 -42.99
N LEU A 313 -35.06 7.93 -43.96
CA LEU A 313 -34.28 6.72 -43.69
C LEU A 313 -32.86 7.08 -43.26
N GLY A 314 -32.26 8.07 -43.90
CA GLY A 314 -30.92 8.50 -43.51
C GLY A 314 -30.90 9.09 -42.10
N ARG A 315 -31.93 9.85 -41.74
CA ARG A 315 -32.00 10.42 -40.40
C ARG A 315 -32.09 9.33 -39.34
N THR A 316 -32.79 8.24 -39.65
CA THR A 316 -32.88 7.13 -38.70
C THR A 316 -31.52 6.51 -38.44
N PHE A 317 -30.66 6.47 -39.46
CA PHE A 317 -29.32 5.92 -39.28
C PHE A 317 -28.48 6.78 -38.35
N LEU A 318 -28.59 8.11 -38.47
CA LEU A 318 -27.83 8.99 -37.59
C LEU A 318 -28.21 8.78 -36.13
N VAL A 319 -29.50 8.55 -35.86
CA VAL A 319 -29.93 8.28 -34.50
C VAL A 319 -29.33 6.97 -34.00
N PHE A 320 -29.36 5.92 -34.84
CA PHE A 320 -28.84 4.64 -34.42
C PHE A 320 -27.32 4.66 -34.32
N PHE A 321 -26.64 5.18 -35.34
CA PHE A 321 -25.19 5.03 -35.41
C PHE A 321 -24.49 5.87 -34.35
N LEU A 322 -25.04 7.04 -34.02
CA LEU A 322 -24.51 7.80 -32.88
C LEU A 322 -24.67 7.02 -31.59
N LEU A 323 -25.82 6.37 -31.40
CA LEU A 323 -26.07 5.62 -30.17
C LEU A 323 -25.11 4.43 -30.07
N VAL A 324 -25.03 3.63 -31.13
CA VAL A 324 -24.13 2.48 -31.10
C VAL A 324 -22.68 2.93 -31.19
N GLY A 325 -22.40 4.03 -31.91
CA GLY A 325 -21.04 4.51 -31.99
C GLY A 325 -20.52 5.03 -30.66
N LEU A 326 -21.33 5.79 -29.94
CA LEU A 326 -20.92 6.29 -28.63
C LEU A 326 -20.70 5.14 -27.66
N ALA A 327 -21.58 4.15 -27.67
CA ALA A 327 -21.42 2.99 -26.80
C ALA A 327 -20.16 2.20 -27.17
N ILE A 328 -19.93 1.99 -28.46
CA ILE A 328 -18.72 1.29 -28.89
C ILE A 328 -17.49 2.12 -28.56
N PHE A 329 -17.55 3.43 -28.77
CA PHE A 329 -16.41 4.29 -28.44
C PHE A 329 -16.11 4.27 -26.95
N ALA A 330 -17.15 4.25 -26.11
CA ALA A 330 -16.99 4.25 -24.66
C ALA A 330 -16.87 2.86 -24.07
N SER A 331 -16.67 1.83 -24.88
CA SER A 331 -16.54 0.46 -24.38
C SER A 331 -15.12 -0.07 -24.44
N CYS A 332 -14.31 0.38 -25.41
CA CYS A 332 -12.94 -0.11 -25.56
C CYS A 332 -11.90 0.99 -25.43
N ILE A 333 -12.14 2.16 -26.02
CA ILE A 333 -11.16 3.25 -25.93
C ILE A 333 -10.89 3.67 -24.49
N PRO A 334 -11.88 3.86 -23.62
CA PRO A 334 -11.57 4.31 -22.25
C PRO A 334 -10.73 3.32 -21.45
N GLU A 335 -10.69 2.05 -21.86
CA GLU A 335 -9.99 1.03 -21.06
C GLU A 335 -8.63 0.67 -21.65
N ILE A 336 -8.52 0.62 -22.97
CA ILE A 336 -7.25 0.19 -23.57
C ILE A 336 -6.44 1.37 -24.12
N ILE A 337 -7.09 2.42 -24.62
CA ILE A 337 -6.36 3.58 -25.11
C ILE A 337 -5.70 4.33 -23.96
N ASP A 338 -6.39 4.41 -22.82
CA ASP A 338 -5.85 5.13 -21.66
C ASP A 338 -4.56 4.50 -21.15
N LEU A 339 -4.43 3.18 -21.25
CA LEU A 339 -3.22 2.51 -20.78
C LEU A 339 -2.01 2.91 -21.61
N ILE A 340 -2.20 3.08 -22.92
CA ILE A 340 -1.08 3.40 -23.81
C ILE A 340 -0.54 4.79 -23.50
N GLY A 341 -1.42 5.73 -23.14
CA GLY A 341 -0.99 7.10 -22.94
C GLY A 341 -0.02 7.27 -21.79
N THR A 342 -0.25 6.56 -20.68
CA THR A 342 0.58 6.73 -19.50
C THR A 342 2.00 6.24 -19.74
N ARG A 343 2.98 7.04 -19.36
CA ARG A 343 4.38 6.70 -19.52
C ARG A 343 5.19 7.35 -18.41
N ALA A 344 6.39 6.82 -18.19
CA ALA A 344 7.27 7.35 -17.14
C ALA A 344 7.81 8.72 -17.51
N LYS A 345 8.16 9.50 -16.50
CA LYS A 345 8.64 10.87 -16.69
C LYS A 345 10.13 11.01 -16.41
N TYR A 346 10.77 10.04 -15.77
CA TYR A 346 12.19 10.11 -15.44
C TYR A 346 12.93 9.06 -16.26
N GLY A 347 13.96 9.49 -16.97
CA GLY A 347 14.74 8.62 -17.81
C GLY A 347 15.39 9.40 -18.93
N GLY A 348 16.02 8.66 -19.83
CA GLY A 348 16.66 9.26 -20.99
C GLY A 348 18.12 9.60 -20.74
N THR A 349 18.86 9.67 -21.84
CA THR A 349 20.28 9.99 -21.77
C THR A 349 20.47 11.44 -21.35
N LEU A 350 21.49 11.68 -20.51
CA LEU A 350 21.79 13.04 -20.09
C LEU A 350 22.12 13.92 -21.28
N LYS A 351 21.55 15.13 -21.28
CA LYS A 351 21.78 16.07 -22.36
C LYS A 351 23.24 16.50 -22.38
N ASN A 352 23.81 16.57 -23.58
CA ASN A 352 25.21 16.93 -23.76
C ASN A 352 25.34 18.40 -24.16
N GLU A 353 26.38 19.04 -23.63
CA GLU A 353 26.67 20.44 -23.92
C GLU A 353 28.15 20.61 -24.19
N LYS A 354 28.49 21.60 -25.01
CA LYS A 354 29.88 21.87 -25.33
C LYS A 354 30.59 22.45 -24.13
N GLY A 355 31.73 21.86 -23.78
CA GLY A 355 32.48 22.30 -22.62
C GLY A 355 31.71 22.17 -21.32
N ARG A 356 30.99 21.06 -21.14
CA ARG A 356 30.14 20.85 -19.99
C ARG A 356 30.89 20.04 -18.94
N ARG A 357 31.00 20.60 -17.74
CA ARG A 357 31.60 19.91 -16.60
C ARG A 357 30.50 19.54 -15.62
N HIS A 358 30.48 18.26 -15.22
CA HIS A 358 29.43 17.77 -14.35
C HIS A 358 29.98 16.68 -13.45
N ILE A 359 29.27 16.41 -12.36
CA ILE A 359 29.61 15.34 -11.42
C ILE A 359 28.37 14.49 -11.23
N VAL A 360 28.59 13.22 -10.87
CA VAL A 360 27.53 12.25 -10.66
C VAL A 360 27.46 11.93 -9.19
N VAL A 361 26.26 12.05 -8.61
CA VAL A 361 26.02 11.77 -7.20
C VAL A 361 25.09 10.56 -7.13
N CYS A 362 25.54 9.52 -6.44
CA CYS A 362 24.78 8.29 -6.30
C CYS A 362 24.77 7.86 -4.84
N GLY A 363 23.98 6.82 -4.55
CA GLY A 363 23.88 6.32 -3.18
C GLY A 363 22.57 6.65 -2.53
N HIS A 364 22.63 7.18 -1.30
CA HIS A 364 21.44 7.56 -0.56
C HIS A 364 21.03 8.97 -0.97
N ILE A 365 19.86 9.08 -1.59
CA ILE A 365 19.36 10.35 -2.10
C ILE A 365 18.07 10.65 -1.34
N THR A 366 18.17 11.54 -0.35
CA THR A 366 17.00 11.99 0.40
C THR A 366 16.98 13.51 0.45
N TYR A 367 15.97 14.09 1.11
CA TYR A 367 15.84 15.53 1.14
C TYR A 367 16.94 16.17 1.99
N GLU A 368 17.02 15.81 3.26
CA GLU A 368 17.93 16.45 4.18
C GLU A 368 19.39 16.00 3.99
N SER A 369 19.65 15.13 3.02
CA SER A 369 21.01 14.76 2.65
C SER A 369 21.47 15.49 1.39
N VAL A 370 20.60 15.56 0.38
CA VAL A 370 20.94 16.30 -0.84
C VAL A 370 20.97 17.79 -0.57
N SER A 371 20.02 18.29 0.22
CA SER A 371 19.93 19.74 0.45
C SER A 371 21.19 20.29 1.11
N HIS A 372 21.73 19.56 2.09
CA HIS A 372 22.94 20.01 2.77
C HIS A 372 24.11 20.06 1.80
N PHE A 373 24.22 19.07 0.92
CA PHE A 373 25.29 19.08 -0.07
C PHE A 373 25.11 20.22 -1.07
N LEU A 374 23.87 20.49 -1.47
CA LEU A 374 23.62 21.53 -2.47
C LEU A 374 23.83 22.93 -1.90
N LYS A 375 23.68 23.09 -0.58
CA LYS A 375 23.89 24.40 0.04
C LYS A 375 25.33 24.85 -0.13
N ASP A 376 26.28 23.94 0.02
CA ASP A 376 27.70 24.29 -0.09
C ASP A 376 28.21 24.22 -1.52
N PHE A 377 27.80 23.20 -2.28
CA PHE A 377 28.29 23.05 -3.64
C PHE A 377 27.80 24.21 -4.52
N LEU A 378 26.54 24.58 -4.39
CA LEU A 378 25.94 25.68 -5.16
C LEU A 378 25.77 26.93 -4.30
N HIS A 379 26.74 27.22 -3.45
CA HIS A 379 26.60 28.30 -2.48
C HIS A 379 26.54 29.65 -3.17
N GLU A 380 25.96 30.63 -2.46
CA GLU A 380 25.78 31.96 -3.02
C GLU A 380 27.10 32.65 -3.27
N ASP A 381 28.05 32.54 -2.33
CA ASP A 381 29.28 33.31 -2.38
C ASP A 381 30.41 32.61 -3.12
N ARG A 382 30.20 31.39 -3.60
CA ARG A 382 31.26 30.67 -4.29
C ARG A 382 31.61 31.38 -5.59
N GLU A 383 32.91 31.52 -5.85
CA GLU A 383 33.36 32.19 -7.06
C GLU A 383 32.94 31.39 -8.29
N ASP A 384 32.83 32.09 -9.42
CA ASP A 384 32.05 31.59 -10.55
C ASP A 384 32.70 30.40 -11.25
N VAL A 385 32.28 29.19 -10.88
CA VAL A 385 32.57 27.97 -11.60
C VAL A 385 31.26 27.21 -11.77
N ASP A 386 30.99 26.78 -12.99
CA ASP A 386 29.72 26.13 -13.33
C ASP A 386 29.96 24.64 -13.51
N VAL A 387 29.50 23.86 -12.53
CA VAL A 387 29.59 22.40 -12.59
C VAL A 387 28.19 21.85 -12.33
N GLU A 388 27.65 21.11 -13.30
CA GLU A 388 26.33 20.52 -13.14
C GLU A 388 26.38 19.35 -12.18
N VAL A 389 25.26 19.08 -11.53
CA VAL A 389 25.12 17.99 -10.58
C VAL A 389 24.08 17.01 -11.11
N VAL A 390 24.48 15.75 -11.26
CA VAL A 390 23.61 14.70 -11.78
C VAL A 390 23.36 13.70 -10.67
N PHE A 391 22.08 13.48 -10.36
CA PHE A 391 21.68 12.53 -9.33
C PHE A 391 21.10 11.29 -9.97
N LEU A 392 21.65 10.13 -9.60
CA LEU A 392 21.22 8.84 -10.15
C LEU A 392 20.75 7.97 -8.98
N HIS A 393 19.43 7.87 -8.81
CA HIS A 393 18.85 7.05 -7.76
C HIS A 393 17.86 6.07 -8.36
N ARG A 394 17.77 4.89 -7.73
CA ARG A 394 16.88 3.84 -8.25
C ARG A 394 15.42 4.19 -8.05
N LYS A 395 15.08 4.87 -6.95
CA LYS A 395 13.69 5.18 -6.69
C LYS A 395 13.37 6.60 -7.15
N PRO A 396 12.16 6.83 -7.67
CA PRO A 396 11.78 8.17 -8.08
C PRO A 396 11.69 9.10 -6.87
N PRO A 397 12.01 10.38 -7.04
CA PRO A 397 12.00 11.30 -5.90
C PRO A 397 10.58 11.55 -5.40
N ASP A 398 10.47 11.79 -4.09
CA ASP A 398 9.19 12.11 -3.49
C ASP A 398 8.89 13.60 -3.64
N LEU A 399 7.74 14.02 -3.12
CA LEU A 399 7.34 15.42 -3.25
C LEU A 399 8.25 16.35 -2.48
N GLU A 400 8.78 15.89 -1.33
CA GLU A 400 9.66 16.74 -0.54
C GLU A 400 10.94 17.07 -1.29
N LEU A 401 11.50 16.07 -1.98
CA LEU A 401 12.73 16.27 -2.74
C LEU A 401 12.49 16.79 -4.14
N GLU A 402 11.30 16.57 -4.71
CA GLU A 402 11.02 17.08 -6.05
C GLU A 402 11.07 18.61 -6.08
N GLY A 403 10.54 19.26 -5.04
CA GLY A 403 10.60 20.70 -4.99
C GLY A 403 12.02 21.24 -4.92
N LEU A 404 12.92 20.51 -4.27
CA LEU A 404 14.32 20.94 -4.19
C LEU A 404 14.95 20.95 -5.59
N PHE A 405 14.66 19.93 -6.40
CA PHE A 405 15.19 19.90 -7.76
C PHE A 405 14.62 21.02 -8.61
N LYS A 406 13.37 21.41 -8.38
CA LYS A 406 12.77 22.49 -9.15
C LYS A 406 13.48 23.81 -8.89
N ARG A 407 13.85 24.07 -7.64
CA ARG A 407 14.53 25.32 -7.31
C ARG A 407 15.94 25.38 -7.89
N HIS A 408 16.50 24.26 -8.30
CA HIS A 408 17.83 24.20 -8.91
C HIS A 408 17.76 23.53 -10.28
N PHE A 409 16.76 23.90 -11.08
CA PHE A 409 16.57 23.27 -12.38
C PHE A 409 17.70 23.60 -13.35
N THR A 410 18.34 24.75 -13.18
CA THR A 410 19.37 25.17 -14.11
C THR A 410 20.71 24.47 -13.88
N THR A 411 20.90 23.81 -12.74
CA THR A 411 22.17 23.19 -12.42
C THR A 411 22.05 21.77 -11.89
N VAL A 412 20.85 21.28 -11.63
CA VAL A 412 20.64 19.96 -11.06
C VAL A 412 19.65 19.19 -11.92
N GLU A 413 20.02 17.97 -12.31
CA GLU A 413 19.15 17.09 -13.07
C GLU A 413 19.14 15.71 -12.43
N PHE A 414 17.98 15.06 -12.47
CA PHE A 414 17.78 13.76 -11.87
C PHE A 414 17.51 12.72 -12.95
N PHE A 415 18.09 11.53 -12.77
CA PHE A 415 17.88 10.42 -13.69
C PHE A 415 17.62 9.16 -12.88
N GLN A 416 16.60 8.40 -13.26
CA GLN A 416 16.24 7.18 -12.56
C GLN A 416 17.08 6.02 -13.09
N GLY A 417 17.79 5.36 -12.19
CA GLY A 417 18.64 4.25 -12.58
C GLY A 417 19.50 3.80 -11.41
N THR A 418 20.35 2.83 -11.69
CA THR A 418 21.26 2.26 -10.71
C THR A 418 22.69 2.45 -11.18
N ILE A 419 23.56 2.90 -10.27
CA ILE A 419 24.97 3.06 -10.60
C ILE A 419 25.62 1.73 -10.93
N MET A 420 25.04 0.62 -10.47
CA MET A 420 25.57 -0.70 -10.75
C MET A 420 25.27 -1.17 -12.16
N ASN A 421 24.24 -0.61 -12.81
CA ASN A 421 23.89 -1.01 -14.16
C ASN A 421 24.81 -0.32 -15.16
N PRO A 422 25.54 -1.06 -15.99
CA PRO A 422 26.39 -0.41 -17.01
C PRO A 422 25.60 0.44 -17.98
N ILE A 423 24.35 0.07 -18.28
CA ILE A 423 23.53 0.87 -19.17
C ILE A 423 23.24 2.23 -18.55
N ASP A 424 22.91 2.26 -17.26
CA ASP A 424 22.64 3.53 -16.59
C ASP A 424 23.91 4.37 -16.45
N LEU A 425 25.08 3.72 -16.40
CA LEU A 425 26.33 4.46 -16.36
C LEU A 425 26.53 5.25 -17.65
N GLN A 426 26.16 4.65 -18.79
CA GLN A 426 26.25 5.35 -20.07
C GLN A 426 25.27 6.51 -20.13
N ARG A 427 24.10 6.35 -19.51
CA ARG A 427 23.08 7.40 -19.57
C ARG A 427 23.56 8.68 -18.90
N VAL A 428 24.24 8.57 -17.75
CA VAL A 428 24.72 9.74 -17.04
C VAL A 428 26.08 10.21 -17.53
N LYS A 429 26.64 9.57 -18.56
CA LYS A 429 27.90 9.99 -19.17
C LYS A 429 29.03 10.03 -18.15
N VAL A 430 29.35 8.85 -17.61
CA VAL A 430 30.33 8.75 -16.53
C VAL A 430 31.70 9.22 -16.99
N HIS A 431 32.14 8.80 -18.17
CA HIS A 431 33.47 9.16 -18.65
C HIS A 431 33.63 10.67 -18.87
N GLU A 432 32.53 11.39 -19.07
CA GLU A 432 32.57 12.85 -19.16
C GLU A 432 32.54 13.52 -17.79
N ALA A 433 32.19 12.79 -16.74
CA ALA A 433 32.06 13.38 -15.42
C ALA A 433 33.43 13.70 -14.83
N ASP A 434 33.51 14.82 -14.11
CA ASP A 434 34.75 15.19 -13.46
C ASP A 434 35.03 14.28 -12.26
N ALA A 435 34.00 14.01 -11.45
CA ALA A 435 34.14 13.16 -10.29
C ALA A 435 32.81 12.49 -9.98
N CYS A 436 32.88 11.40 -9.24
CA CYS A 436 31.71 10.64 -8.82
C CYS A 436 31.63 10.67 -7.30
N LEU A 437 30.46 10.98 -6.77
CA LEU A 437 30.24 11.13 -5.35
C LEU A 437 29.23 10.10 -4.88
N VAL A 438 29.57 9.38 -3.81
CA VAL A 438 28.71 8.34 -3.25
C VAL A 438 28.32 8.76 -1.84
N LEU A 439 27.02 8.80 -1.57
CA LEU A 439 26.49 9.19 -0.27
C LEU A 439 26.04 7.95 0.51
N ALA A 440 26.18 8.02 1.82
CA ALA A 440 25.89 6.90 2.70
C ALA A 440 24.62 7.16 3.51
N ASN A 441 23.87 6.10 3.76
CA ASN A 441 22.67 6.17 4.58
C ASN A 441 23.08 6.19 6.04
N LYS A 442 22.97 7.36 6.67
CA LYS A 442 23.35 7.47 8.08
C LYS A 442 22.42 6.68 8.99
N TYR A 443 21.15 6.59 8.63
CA TYR A 443 20.15 5.90 9.45
C TYR A 443 19.95 4.50 8.88
N CYS A 444 20.92 3.63 9.17
CA CYS A 444 20.89 2.24 8.71
C CYS A 444 21.06 1.31 9.89
N GLN A 445 20.32 0.21 9.89
CA GLN A 445 20.42 -0.75 10.98
C GLN A 445 21.79 -1.41 11.03
N ASP A 446 22.35 -1.76 9.88
CA ASP A 446 23.65 -2.41 9.79
C ASP A 446 24.63 -1.53 9.03
N PRO A 447 25.52 -0.80 9.73
CA PRO A 447 26.52 -0.01 9.01
C PRO A 447 27.44 -0.84 8.14
N ASP A 448 27.76 -2.06 8.54
CA ASP A 448 28.65 -2.90 7.73
C ASP A 448 28.00 -3.26 6.40
N ALA A 449 26.71 -3.58 6.41
CA ALA A 449 26.01 -3.88 5.16
C ALA A 449 25.95 -2.66 4.25
N GLU A 450 25.69 -1.49 4.83
CA GLU A 450 25.65 -0.26 4.03
C GLU A 450 27.02 0.05 3.44
N ASP A 451 28.08 -0.13 4.22
CA ASP A 451 29.42 0.13 3.72
C ASP A 451 29.79 -0.82 2.59
N ALA A 452 29.42 -2.10 2.73
CA ALA A 452 29.73 -3.07 1.68
C ALA A 452 29.03 -2.70 0.38
N ALA A 453 27.76 -2.30 0.45
CA ALA A 453 27.04 -1.88 -0.75
C ALA A 453 27.66 -0.63 -1.35
N ASN A 454 28.06 0.33 -0.52
CA ASN A 454 28.67 1.55 -1.02
C ASN A 454 30.01 1.27 -1.68
N ILE A 455 30.82 0.39 -1.07
CA ILE A 455 32.11 0.04 -1.65
C ILE A 455 31.91 -0.66 -3.00
N MET A 456 30.94 -1.56 -3.06
CA MET A 456 30.66 -2.28 -4.31
C MET A 456 30.20 -1.33 -5.42
N ARG A 457 29.60 -0.20 -5.06
CA ARG A 457 29.28 0.81 -6.07
C ARG A 457 30.54 1.41 -6.67
N VAL A 458 31.57 1.62 -5.85
CA VAL A 458 32.82 2.17 -6.36
C VAL A 458 33.48 1.20 -7.33
N ILE A 459 33.38 -0.09 -7.07
CA ILE A 459 33.95 -1.09 -7.97
C ILE A 459 33.30 -0.99 -9.34
N SER A 460 31.98 -0.83 -9.39
CA SER A 460 31.29 -0.71 -10.66
C SER A 460 31.73 0.54 -11.41
N ILE A 461 31.87 1.66 -10.71
CA ILE A 461 32.32 2.90 -11.35
C ILE A 461 33.76 2.75 -11.84
N LYS A 462 34.63 2.16 -11.01
CA LYS A 462 36.02 1.98 -11.42
C LYS A 462 36.14 0.99 -12.56
N ASN A 463 35.28 -0.04 -12.57
CA ASN A 463 35.30 -1.00 -13.68
C ASN A 463 34.91 -0.32 -14.99
N TYR A 464 33.91 0.56 -14.95
CA TYR A 464 33.49 1.26 -16.16
C TYR A 464 34.58 2.19 -16.68
N SER A 465 35.15 3.01 -15.79
CA SER A 465 36.22 3.95 -16.14
C SER A 465 37.30 3.88 -15.09
N ASP A 466 38.54 3.64 -15.53
CA ASP A 466 39.66 3.55 -14.60
C ASP A 466 40.04 4.91 -14.05
N ASP A 467 40.13 5.91 -14.91
CA ASP A 467 40.62 7.24 -14.52
C ASP A 467 39.47 8.18 -14.14
N ILE A 468 38.69 7.73 -13.16
CA ILE A 468 37.58 8.52 -12.63
C ILE A 468 37.85 8.79 -11.15
N ARG A 469 37.56 10.01 -10.72
CA ARG A 469 37.74 10.40 -9.34
C ARG A 469 36.48 10.07 -8.54
N VAL A 470 36.65 9.30 -7.47
CA VAL A 470 35.54 8.83 -6.66
C VAL A 470 35.76 9.30 -5.22
N ILE A 471 34.74 9.90 -4.64
CA ILE A 471 34.73 10.28 -3.23
C ILE A 471 33.53 9.62 -2.59
N ILE A 472 33.76 8.85 -1.52
CA ILE A 472 32.75 8.01 -0.92
C ILE A 472 32.60 8.34 0.56
N GLN A 473 31.35 8.36 1.02
CA GLN A 473 31.04 8.44 2.44
C GLN A 473 31.00 7.02 3.01
N LEU A 474 31.79 6.78 4.06
CA LEU A 474 31.91 5.46 4.65
C LEU A 474 31.46 5.51 6.09
N MET A 475 30.62 4.55 6.50
CA MET A 475 30.04 4.58 7.83
C MET A 475 31.06 4.23 8.90
N GLN A 476 31.85 3.18 8.67
CA GLN A 476 32.76 2.66 9.68
C GLN A 476 34.21 2.78 9.22
N TYR A 477 35.10 2.97 10.20
CA TYR A 477 36.51 3.16 9.88
C TYR A 477 37.17 1.86 9.44
N HIS A 478 36.78 0.73 10.04
CA HIS A 478 37.42 -0.53 9.72
C HIS A 478 37.11 -1.03 8.32
N ASN A 479 36.16 -0.41 7.62
CA ASN A 479 35.83 -0.76 6.25
C ASN A 479 36.70 -0.02 5.24
N LYS A 480 37.59 0.86 5.69
CA LYS A 480 38.46 1.57 4.76
C LYS A 480 39.44 0.63 4.06
N ALA A 481 39.80 -0.48 4.71
CA ALA A 481 40.77 -1.39 4.13
C ALA A 481 40.23 -2.06 2.87
N TYR A 482 38.91 -2.27 2.78
CA TYR A 482 38.34 -2.90 1.60
C TYR A 482 38.53 -2.03 0.37
N LEU A 483 38.45 -0.72 0.52
CA LEU A 483 38.65 0.18 -0.61
C LEU A 483 40.09 0.12 -1.11
N LEU A 484 41.04 -0.22 -0.24
CA LEU A 484 42.43 -0.35 -0.67
C LEU A 484 42.66 -1.60 -1.50
N ASN A 485 41.75 -2.57 -1.46
CA ASN A 485 41.89 -3.78 -2.24
C ASN A 485 41.57 -3.57 -3.72
N ILE A 486 40.89 -2.48 -4.06
CA ILE A 486 40.58 -2.17 -5.45
C ILE A 486 41.85 -1.71 -6.14
N PRO A 487 42.28 -2.39 -7.20
CA PRO A 487 43.52 -1.96 -7.88
C PRO A 487 43.46 -0.57 -8.47
N SER A 488 42.28 -0.12 -8.90
CA SER A 488 42.13 1.18 -9.53
C SER A 488 42.00 2.32 -8.51
N TRP A 489 41.95 2.01 -7.23
CA TRP A 489 41.82 3.04 -6.20
C TRP A 489 43.18 3.66 -5.92
N ASP A 490 43.34 4.93 -6.27
CA ASP A 490 44.59 5.66 -6.06
C ASP A 490 44.30 6.92 -5.27
N TRP A 491 44.92 7.04 -4.10
CA TRP A 491 44.73 8.24 -3.28
C TRP A 491 45.37 9.45 -3.93
N LYS A 492 46.51 9.27 -4.59
CA LYS A 492 47.21 10.39 -5.22
C LYS A 492 46.46 10.91 -6.44
N GLN A 493 45.69 10.05 -7.10
CA GLN A 493 44.96 10.48 -8.29
C GLN A 493 43.78 11.37 -7.94
N GLY A 494 43.25 11.25 -6.73
CA GLY A 494 42.16 12.09 -6.31
C GLY A 494 41.09 11.37 -5.52
N ASP A 495 41.14 10.04 -5.50
CA ASP A 495 40.18 9.26 -4.73
C ASP A 495 40.39 9.50 -3.24
N ASP A 496 39.28 9.67 -2.52
CA ASP A 496 39.36 10.00 -1.10
C ASP A 496 38.16 9.39 -0.40
N VAL A 497 38.33 9.10 0.90
CA VAL A 497 37.32 8.47 1.71
C VAL A 497 36.96 9.41 2.85
N ILE A 498 35.66 9.65 3.02
CA ILE A 498 35.15 10.47 4.12
C ILE A 498 34.45 9.52 5.09
N CYS A 499 35.09 9.24 6.21
CA CYS A 499 34.54 8.34 7.23
C CYS A 499 33.74 9.18 8.23
N LEU A 500 32.43 8.98 8.25
CA LEU A 500 31.57 9.75 9.15
C LEU A 500 31.90 9.48 10.61
N ALA A 501 32.11 8.21 10.97
CA ALA A 501 32.40 7.88 12.36
C ALA A 501 33.70 8.50 12.83
N GLU A 502 34.74 8.44 11.99
CA GLU A 502 36.04 8.98 12.37
C GLU A 502 36.01 10.50 12.46
N LEU A 503 35.34 11.16 11.49
CA LEU A 503 35.33 12.62 11.47
C LEU A 503 34.42 13.19 12.54
N LYS A 504 33.25 12.58 12.75
CA LYS A 504 32.31 13.12 13.73
C LYS A 504 32.87 13.03 15.14
N LEU A 505 33.35 11.86 15.54
CA LEU A 505 33.89 11.70 16.87
C LEU A 505 35.29 12.29 17.02
N GLY A 506 36.01 12.47 15.90
CA GLY A 506 37.27 13.19 15.98
C GLY A 506 37.10 14.65 16.32
N PHE A 507 36.07 15.29 15.76
CA PHE A 507 35.78 16.68 16.10
C PHE A 507 35.41 16.81 17.57
N ILE A 508 34.61 15.87 18.09
CA ILE A 508 34.21 15.93 19.49
C ILE A 508 35.40 15.67 20.40
N ALA A 509 36.28 14.75 20.00
CA ALA A 509 37.45 14.44 20.82
C ALA A 509 38.36 15.64 20.96
N GLN A 510 38.56 16.40 19.87
CA GLN A 510 39.37 17.60 19.94
C GLN A 510 38.72 18.68 20.80
N SER A 511 37.38 18.68 20.85
CA SER A 511 36.68 19.65 21.70
C SER A 511 36.94 19.38 23.18
N CYS A 512 37.15 18.12 23.55
CA CYS A 512 37.47 17.81 24.95
C CYS A 512 38.81 18.43 25.34
N LEU A 513 39.80 18.38 24.44
CA LEU A 513 41.08 19.01 24.72
C LEU A 513 40.99 20.53 24.65
N ALA A 514 40.29 21.05 23.64
CA ALA A 514 40.13 22.49 23.46
C ALA A 514 38.67 22.77 23.13
N PRO A 515 37.88 23.23 24.10
CA PRO A 515 36.47 23.51 23.83
C PRO A 515 36.30 24.58 22.76
N GLY A 516 35.26 24.40 21.94
CA GLY A 516 34.99 25.29 20.83
C GLY A 516 35.75 24.98 19.56
N PHE A 517 36.59 23.95 19.55
CA PHE A 517 37.37 23.62 18.38
C PHE A 517 36.50 23.09 17.24
N SER A 518 35.43 22.38 17.58
CA SER A 518 34.54 21.84 16.55
C SER A 518 33.91 22.95 15.73
N THR A 519 33.50 24.04 16.39
CA THR A 519 32.95 25.18 15.66
C THR A 519 34.00 25.82 14.77
N MET A 520 35.25 25.89 15.24
CA MET A 520 36.32 26.52 14.47
C MET A 520 36.56 25.79 13.15
N MET A 521 36.60 24.46 13.18
CA MET A 521 36.68 23.68 11.95
C MET A 521 35.40 23.68 11.14
N ALA A 522 34.23 23.73 11.78
CA ALA A 522 32.99 23.72 11.02
C ALA A 522 32.87 24.95 10.12
N ASN A 523 33.25 26.12 10.63
CA ASN A 523 33.21 27.33 9.83
C ASN A 523 34.39 27.42 8.87
N LEU A 524 35.55 26.91 9.25
CA LEU A 524 36.75 27.05 8.42
C LEU A 524 36.60 26.33 7.09
N PHE A 525 36.03 25.12 7.11
CA PHE A 525 35.92 24.27 5.93
C PHE A 525 34.51 24.26 5.37
N ALA A 526 33.83 25.40 5.42
CA ALA A 526 32.47 25.49 4.90
C ALA A 526 32.25 26.88 4.31
N MET A 527 31.25 26.97 3.44
CA MET A 527 30.88 28.22 2.79
C MET A 527 30.06 29.05 3.75
N ARG A 528 30.61 30.18 4.20
CA ARG A 528 29.93 31.07 5.13
C ARG A 528 29.64 32.39 4.46
N SER A 529 28.38 32.82 4.50
CA SER A 529 27.96 34.07 3.87
C SER A 529 28.06 35.20 4.87
N PHE A 530 28.94 36.16 4.60
CA PHE A 530 29.10 37.32 5.46
C PHE A 530 27.86 38.21 5.38
N LYS A 531 27.43 38.72 6.53
CA LYS A 531 26.24 39.55 6.61
C LYS A 531 26.59 40.91 7.22
N THR A 532 26.03 41.96 6.63
CA THR A 532 26.24 43.32 7.09
C THR A 532 24.90 43.92 7.51
N SER A 533 24.83 44.45 8.72
CA SER A 533 23.63 45.09 9.23
C SER A 533 23.97 45.99 10.41
N PRO A 534 23.41 47.20 10.47
CA PRO A 534 23.72 48.08 11.60
C PRO A 534 23.23 47.55 12.95
N ASP A 535 22.27 46.63 12.95
CA ASP A 535 21.67 46.13 14.20
C ASP A 535 22.26 44.76 14.51
N MET A 536 23.43 44.76 15.12
CA MET A 536 24.02 43.55 15.68
C MET A 536 25.02 43.95 16.75
N GLN A 537 25.23 43.04 17.70
CA GLN A 537 26.11 43.31 18.83
C GLN A 537 27.58 43.23 18.39
N SER A 538 28.47 43.63 19.30
CA SER A 538 29.89 43.60 19.00
C SER A 538 30.42 42.19 18.85
N TRP A 539 29.85 41.23 19.59
CA TRP A 539 30.30 39.86 19.49
C TRP A 539 30.02 39.28 18.11
N THR A 540 28.89 39.65 17.51
CA THR A 540 28.56 39.15 16.18
C THR A 540 29.49 39.71 15.12
N ASN A 541 29.97 40.96 15.30
CA ASN A 541 30.87 41.55 14.33
C ASN A 541 32.19 40.77 14.26
N ASP A 542 32.74 40.41 15.41
CA ASP A 542 34.01 39.68 15.43
C ASP A 542 33.81 38.23 15.00
N TYR A 543 32.72 37.60 15.43
CA TYR A 543 32.47 36.21 15.07
C TYR A 543 32.24 36.06 13.56
N LEU A 544 31.49 36.98 12.96
CA LEU A 544 31.17 36.86 11.54
C LEU A 544 32.42 36.99 10.69
N ARG A 545 33.34 37.89 11.06
CA ARG A 545 34.58 38.02 10.31
C ARG A 545 35.39 36.74 10.35
N GLY A 546 35.40 36.06 11.50
CA GLY A 546 36.12 34.80 11.60
C GLY A 546 35.52 33.71 10.72
N THR A 547 34.19 33.71 10.57
CA THR A 547 33.54 32.70 9.75
C THR A 547 33.93 32.81 8.29
N GLY A 548 34.40 33.97 7.84
CA GLY A 548 34.83 34.12 6.47
C GLY A 548 36.22 33.59 6.18
N MET A 549 36.92 33.10 7.18
CA MET A 549 38.26 32.55 6.99
C MET A 549 38.17 31.20 6.32
N GLU A 550 39.10 30.93 5.41
CA GLU A 550 39.08 29.70 4.62
C GLU A 550 40.52 29.21 4.45
N MET A 551 40.65 27.91 4.18
CA MET A 551 41.96 27.28 4.02
C MET A 551 42.30 27.19 2.54
N TYR A 552 43.52 27.60 2.19
CA TYR A 552 44.00 27.56 0.81
C TYR A 552 45.42 27.01 0.77
N THR A 553 45.77 26.43 -0.37
CA THR A 553 47.10 25.87 -0.59
C THR A 553 47.78 26.67 -1.70
N GLU A 554 49.04 27.05 -1.47
CA GLU A 554 49.79 27.82 -2.44
C GLU A 554 51.28 27.54 -2.27
N THR A 555 51.99 27.49 -3.40
CA THR A 555 53.43 27.30 -3.37
C THR A 555 54.11 28.54 -2.80
N LEU A 556 55.12 28.31 -1.96
CA LEU A 556 55.82 29.41 -1.32
C LEU A 556 56.71 30.15 -2.31
N SER A 557 57.00 31.40 -1.98
CA SER A 557 57.84 32.23 -2.82
C SER A 557 59.28 31.72 -2.81
N PRO A 558 60.04 32.00 -3.88
CA PRO A 558 61.46 31.64 -3.87
C PRO A 558 62.25 32.35 -2.78
N THR A 559 61.76 33.46 -2.25
CA THR A 559 62.42 34.11 -1.14
C THR A 559 62.34 33.29 0.13
N PHE A 560 61.26 32.52 0.30
CA PHE A 560 61.02 31.76 1.51
C PHE A 560 61.92 30.54 1.66
N ILE A 561 62.67 30.18 0.62
CA ILE A 561 63.47 28.95 0.68
C ILE A 561 64.66 29.15 1.59
N GLY A 562 65.04 28.09 2.31
CA GLY A 562 66.22 28.10 3.13
C GLY A 562 66.09 28.72 4.51
N ILE A 563 64.86 28.96 4.97
CA ILE A 563 64.66 29.54 6.30
C ILE A 563 63.72 28.61 7.08
N PRO A 564 63.79 28.59 8.41
CA PRO A 564 62.93 27.70 9.18
C PRO A 564 61.47 28.10 9.07
N PHE A 565 60.60 27.12 9.36
CA PHE A 565 59.16 27.34 9.28
C PHE A 565 58.71 28.42 10.26
N ALA A 566 59.28 28.43 11.47
CA ALA A 566 58.85 29.38 12.48
C ALA A 566 59.08 30.82 12.01
N GLN A 567 60.23 31.09 11.40
CA GLN A 567 60.49 32.44 10.90
C GLN A 567 59.67 32.74 9.66
N ALA A 568 59.29 31.71 8.89
CA ALA A 568 58.54 31.94 7.66
C ALA A 568 57.10 32.31 7.96
N THR A 569 56.46 31.62 8.92
CA THR A 569 55.05 31.86 9.17
C THR A 569 54.82 33.17 9.93
N GLU A 570 55.78 33.61 10.73
CA GLU A 570 55.65 34.90 11.39
C GLU A 570 55.84 36.05 10.41
N LEU A 571 56.64 35.84 9.36
CA LEU A 571 56.81 36.85 8.34
C LEU A 571 55.52 37.06 7.56
N CYS A 572 54.81 35.97 7.26
CA CYS A 572 53.53 36.09 6.55
C CYS A 572 52.51 36.83 7.41
N PHE A 573 52.46 36.52 8.70
CA PHE A 573 51.51 37.19 9.59
C PHE A 573 51.83 38.67 9.75
N SER A 574 53.12 39.01 9.89
CA SER A 574 53.50 40.39 10.14
C SER A 574 53.34 41.25 8.88
N LYS A 575 53.77 40.75 7.73
CA LYS A 575 53.79 41.53 6.50
C LYS A 575 52.67 41.15 5.54
N LEU A 576 52.58 39.87 5.19
CA LEU A 576 51.61 39.43 4.20
C LEU A 576 50.20 39.26 4.76
N LYS A 577 50.02 39.38 6.08
CA LYS A 577 48.72 39.21 6.73
C LYS A 577 48.11 37.85 6.40
N LEU A 578 48.91 36.81 6.52
CA LEU A 578 48.48 35.44 6.28
C LEU A 578 48.86 34.56 7.45
N LEU A 579 48.05 33.53 7.69
CA LEU A 579 48.30 32.55 8.74
C LEU A 579 48.74 31.25 8.07
N LEU A 580 50.03 30.94 8.18
CA LEU A 580 50.59 29.71 7.65
C LEU A 580 50.75 28.71 8.78
N LEU A 581 50.04 27.59 8.69
CA LEU A 581 50.01 26.61 9.76
C LEU A 581 50.58 25.25 9.38
N ALA A 582 50.73 24.94 8.10
CA ALA A 582 51.27 23.65 7.69
C ALA A 582 51.98 23.79 6.36
N ILE A 583 52.91 22.87 6.10
CA ILE A 583 53.66 22.83 4.86
C ILE A 583 53.70 21.38 4.36
N GLU A 584 54.06 21.23 3.09
CA GLU A 584 54.19 19.93 2.45
C GLU A 584 55.63 19.45 2.59
N ILE A 585 55.81 18.28 3.17
CA ILE A 585 57.14 17.70 3.38
C ILE A 585 57.18 16.36 2.67
N LYS A 586 58.20 16.17 1.83
CA LYS A 586 58.36 14.92 1.09
C LYS A 586 59.07 13.87 1.93
N SER A 594 54.68 14.59 0.71
CA SER A 594 54.02 13.34 1.03
C SER A 594 53.45 13.37 2.44
N LYS A 595 54.09 14.14 3.31
CA LYS A 595 53.69 14.26 4.71
C LYS A 595 53.16 15.66 4.97
N ILE A 596 52.24 15.76 5.94
CA ILE A 596 51.70 17.04 6.39
C ILE A 596 52.26 17.31 7.78
N SER A 597 52.91 18.45 7.95
CA SER A 597 53.49 18.85 9.22
C SER A 597 52.76 20.09 9.71
N ILE A 598 52.02 19.95 10.81
CA ILE A 598 51.29 21.05 11.42
C ILE A 598 52.26 21.80 12.33
N ASN A 599 52.64 23.00 11.92
CA ASN A 599 53.59 23.84 12.67
C ASN A 599 54.87 23.07 13.01
N PRO A 600 55.65 22.67 12.01
CA PRO A 600 56.88 21.93 12.28
C PRO A 600 57.91 22.80 13.01
N ARG A 601 58.72 22.15 13.83
CA ARG A 601 59.76 22.82 14.60
C ARG A 601 61.11 22.50 13.99
N GLY A 602 61.84 23.53 13.59
CA GLY A 602 63.16 23.34 13.00
C GLY A 602 63.14 22.59 11.69
N ALA A 603 62.17 22.88 10.82
CA ALA A 603 62.06 22.26 9.51
C ALA A 603 62.31 23.31 8.45
N LYS A 604 63.39 23.14 7.68
CA LYS A 604 63.71 24.08 6.63
C LYS A 604 62.75 23.93 5.46
N ILE A 605 62.61 25.00 4.69
CA ILE A 605 61.72 25.00 3.53
C ILE A 605 62.52 24.57 2.30
N GLN A 606 62.01 23.57 1.59
CA GLN A 606 62.66 23.07 0.38
C GLN A 606 62.15 23.85 -0.83
N ALA A 607 62.49 23.38 -2.03
CA ALA A 607 62.06 24.05 -3.25
C ALA A 607 60.66 23.63 -3.63
N ASN A 608 59.79 24.61 -3.86
CA ASN A 608 58.41 24.39 -4.29
C ASN A 608 57.65 23.50 -3.31
N THR A 609 57.52 24.00 -2.08
CA THR A 609 56.81 23.31 -1.01
C THR A 609 55.42 23.92 -0.86
N GLN A 610 54.39 23.09 -0.95
CA GLN A 610 53.03 23.57 -0.76
C GLN A 610 52.82 24.00 0.69
N GLY A 611 52.13 25.13 0.86
CA GLY A 611 51.84 25.65 2.18
C GLY A 611 50.35 25.82 2.37
N PHE A 612 49.88 25.57 3.59
CA PHE A 612 48.48 25.70 3.94
C PHE A 612 48.27 27.03 4.64
N PHE A 613 47.38 27.85 4.09
CA PHE A 613 47.14 29.20 4.60
C PHE A 613 45.69 29.35 5.00
N ILE A 614 45.44 30.25 5.95
CA ILE A 614 44.11 30.65 6.36
C ILE A 614 43.95 32.13 6.05
N ALA A 615 42.97 32.47 5.22
CA ALA A 615 42.78 33.84 4.78
C ALA A 615 41.31 34.02 4.40
N GLN A 616 40.92 35.30 4.26
CA GLN A 616 39.54 35.61 3.89
C GLN A 616 39.20 35.05 2.51
N SER A 617 40.12 35.18 1.56
CA SER A 617 39.92 34.66 0.21
C SER A 617 41.28 34.28 -0.36
N ALA A 618 41.31 34.02 -1.66
CA ALA A 618 42.55 33.66 -2.34
C ALA A 618 43.37 34.88 -2.74
N ASP A 619 42.87 36.09 -2.50
CA ASP A 619 43.62 37.28 -2.87
C ASP A 619 44.90 37.42 -2.06
N GLU A 620 44.80 37.30 -0.73
CA GLU A 620 46.00 37.35 0.10
C GLU A 620 46.86 36.10 -0.10
N VAL A 621 46.23 34.96 -0.39
CA VAL A 621 46.98 33.72 -0.54
C VAL A 621 47.92 33.80 -1.74
N LYS A 622 47.46 34.39 -2.84
CA LYS A 622 48.32 34.57 -4.01
C LYS A 622 49.52 35.44 -3.71
N ARG A 623 49.44 36.33 -2.72
CA ARG A 623 50.60 37.14 -2.36
C ARG A 623 51.73 36.31 -1.79
N ALA A 624 51.46 35.07 -1.36
CA ALA A 624 52.52 34.21 -0.86
C ALA A 624 53.36 33.64 -2.00
N TRP A 625 52.78 33.45 -3.18
CA TRP A 625 53.52 32.87 -4.29
C TRP A 625 54.59 33.84 -4.80
N PHE A 626 54.21 35.08 -5.02
CA PHE A 626 55.15 36.12 -5.47
C PHE A 626 55.38 37.10 -4.33
N TYR A 627 56.63 37.22 -3.91
CA TYR A 627 57.01 38.11 -2.81
C TYR A 627 58.51 38.30 -2.78
N CYS A 628 58.97 39.55 -2.78
CA CYS A 628 60.39 39.86 -2.74
C CYS A 628 60.61 41.03 -1.79
N LYS A 629 61.82 41.07 -1.21
CA LYS A 629 62.17 42.16 -0.32
C LYS A 629 62.33 43.49 -1.04
N ALA A 630 62.55 43.47 -2.36
CA ALA A 630 62.70 44.69 -3.13
C ALA A 630 61.35 45.13 -3.70
N MET A 778 57.07 -2.31 26.35
CA MET A 778 55.83 -2.25 25.60
C MET A 778 54.93 -1.15 26.14
N LYS A 779 55.14 0.07 25.66
CA LYS A 779 54.41 1.24 26.12
C LYS A 779 53.47 1.83 25.07
N TYR A 780 53.91 1.94 23.83
CA TYR A 780 53.13 2.51 22.75
C TYR A 780 52.79 1.43 21.74
N ASP A 781 52.01 1.82 20.73
CA ASP A 781 51.60 0.89 19.69
C ASP A 781 52.72 0.70 18.66
N SER A 782 52.44 -0.09 17.63
CA SER A 782 53.45 -0.41 16.63
C SER A 782 53.91 0.84 15.88
N THR A 783 52.98 1.72 15.53
CA THR A 783 53.34 2.95 14.83
C THR A 783 53.99 3.97 15.75
N GLY A 784 53.81 3.83 17.07
CA GLY A 784 54.37 4.77 18.01
C GLY A 784 53.58 6.05 18.19
N MET A 785 52.38 6.14 17.62
CA MET A 785 51.58 7.35 17.68
C MET A 785 50.48 7.30 18.73
N PHE A 786 50.37 6.20 19.47
CA PHE A 786 49.32 6.06 20.46
C PHE A 786 49.85 5.27 21.66
N HIS A 787 49.22 5.48 22.81
CA HIS A 787 49.53 4.71 23.99
C HIS A 787 48.93 3.31 23.88
N TRP A 788 49.53 2.37 24.60
CA TRP A 788 49.11 0.98 24.55
C TRP A 788 48.99 0.41 25.96
N SER A 789 48.12 -0.59 26.10
CA SER A 789 47.89 -1.27 27.36
C SER A 789 47.80 -2.77 27.11
N PRO A 790 48.15 -3.60 28.10
CA PRO A 790 48.16 -5.06 27.93
C PRO A 790 46.79 -5.73 27.94
N ALA A 791 45.87 -5.20 27.13
CA ALA A 791 44.57 -5.82 26.85
C ALA A 791 43.78 -6.06 28.14
N LYS A 792 43.41 -4.96 28.78
CA LYS A 792 42.60 -5.03 29.99
C LYS A 792 41.22 -5.62 29.68
N SER A 793 40.72 -6.43 30.60
CA SER A 793 39.43 -7.08 30.41
C SER A 793 38.29 -6.11 30.65
N LEU A 794 37.15 -6.37 29.99
CA LEU A 794 35.98 -5.52 30.15
C LEU A 794 35.43 -5.59 31.57
N GLU A 795 35.41 -6.78 32.16
CA GLU A 795 34.85 -6.94 33.49
C GLU A 795 35.63 -6.14 34.53
N ASP A 796 36.95 -6.05 34.37
CA ASP A 796 37.76 -5.28 35.30
C ASP A 796 37.49 -3.78 35.20
N CYS A 797 36.97 -3.31 34.08
CA CYS A 797 36.72 -1.89 33.87
C CYS A 797 35.30 -1.48 34.21
N ILE A 798 34.44 -2.41 34.61
CA ILE A 798 33.06 -2.08 34.95
C ILE A 798 33.02 -1.56 36.38
N LEU A 799 32.42 -0.39 36.56
CA LEU A 799 32.30 0.26 37.86
C LEU A 799 30.84 0.31 38.28
N ASP A 800 30.56 -0.12 39.51
CA ASP A 800 29.23 -0.04 40.06
C ASP A 800 28.95 1.38 40.55
N ARG A 801 27.69 1.66 40.86
CA ARG A 801 27.33 2.97 41.41
C ARG A 801 28.05 3.23 42.71
N ASN A 802 28.12 2.22 43.60
CA ASN A 802 28.86 2.37 44.84
C ASN A 802 30.35 2.54 44.57
N GLN A 803 30.90 1.77 43.62
CA GLN A 803 32.32 1.88 43.31
C GLN A 803 32.66 3.26 42.77
N ALA A 804 31.81 3.81 41.89
CA ALA A 804 32.04 5.15 41.38
C ALA A 804 31.87 6.20 42.46
N ALA A 805 30.97 5.97 43.41
CA ALA A 805 30.76 6.93 44.49
C ALA A 805 31.97 7.02 45.40
N MET A 806 32.62 5.90 45.70
CA MET A 806 33.73 5.89 46.63
C MET A 806 35.05 6.34 45.99
N THR A 807 35.07 6.56 44.68
CA THR A 807 36.23 7.09 43.99
C THR A 807 35.93 8.49 43.48
N VAL A 808 36.98 9.29 43.35
CA VAL A 808 36.85 10.69 42.92
C VAL A 808 37.54 10.84 41.57
N LEU A 809 36.80 11.34 40.58
CA LEU A 809 37.32 11.61 39.25
C LEU A 809 37.34 13.11 39.01
N ASN A 810 38.50 13.63 38.65
CA ASN A 810 38.68 15.05 38.40
C ASN A 810 39.39 15.24 37.06
N GLY A 811 38.90 16.20 36.28
CA GLY A 811 39.51 16.47 34.98
C GLY A 811 39.40 15.31 34.02
N HIS A 812 38.27 14.62 34.00
CA HIS A 812 38.04 13.46 33.16
C HIS A 812 37.03 13.79 32.07
N VAL A 813 36.76 12.81 31.22
CA VAL A 813 35.82 12.94 30.12
C VAL A 813 34.69 11.93 30.34
N VAL A 814 33.46 12.42 30.34
CA VAL A 814 32.28 11.60 30.52
C VAL A 814 31.60 11.45 29.16
N VAL A 815 31.37 10.21 28.75
CA VAL A 815 30.74 9.91 27.47
C VAL A 815 29.35 9.38 27.76
N CYS A 816 28.34 10.23 27.60
CA CYS A 816 26.96 9.83 27.81
C CYS A 816 26.45 9.17 26.54
N LEU A 817 26.16 7.87 26.61
CA LEU A 817 25.78 7.08 25.45
C LEU A 817 24.33 6.65 25.56
N PHE A 818 23.54 6.97 24.54
CA PHE A 818 22.16 6.52 24.41
C PHE A 818 22.14 5.41 23.37
N ALA A 819 22.11 4.16 23.82
CA ALA A 819 22.19 3.04 22.91
C ALA A 819 21.45 1.84 23.47
N ASP A 820 20.75 1.13 22.60
CA ASP A 820 20.09 -0.13 22.91
C ASP A 820 21.07 -1.29 22.67
N PRO A 821 20.81 -2.46 23.25
CA PRO A 821 21.69 -3.61 22.99
C PRO A 821 21.78 -3.99 21.53
N ASP A 822 20.74 -3.74 20.75
CA ASP A 822 20.73 -4.05 19.33
C ASP A 822 21.03 -2.85 18.44
N SER A 823 21.45 -1.73 19.04
CA SER A 823 21.71 -0.52 18.28
C SER A 823 22.91 -0.72 17.36
N PRO A 824 22.95 -0.03 16.23
CA PRO A 824 24.11 -0.13 15.34
C PRO A 824 25.36 0.38 16.02
N LEU A 825 26.49 -0.23 15.69
CA LEU A 825 27.76 0.09 16.32
C LEU A 825 28.31 1.39 15.74
N ILE A 826 28.56 2.36 16.60
CA ILE A 826 29.32 3.56 16.25
C ILE A 826 30.67 3.45 16.91
N GLY A 827 31.73 3.57 16.12
CA GLY A 827 33.06 3.32 16.63
C GLY A 827 33.47 4.24 17.76
N LEU A 828 33.47 3.72 18.98
CA LEU A 828 33.88 4.51 20.13
C LEU A 828 35.39 4.72 20.18
N ARG A 829 36.15 3.93 19.43
CA ARG A 829 37.59 4.13 19.37
C ARG A 829 37.93 5.45 18.70
N ASN A 830 37.09 5.91 17.77
CA ASN A 830 37.34 7.18 17.07
C ASN A 830 37.26 8.37 18.01
N LEU A 831 36.70 8.19 19.20
CA LEU A 831 36.69 9.25 20.20
C LEU A 831 37.83 9.11 21.21
N VAL A 832 38.21 7.87 21.53
CA VAL A 832 39.23 7.66 22.55
C VAL A 832 40.64 7.67 21.97
N MET A 833 40.81 7.19 20.73
CA MET A 833 42.13 7.19 20.12
C MET A 833 42.75 8.58 20.03
N PRO A 834 42.03 9.63 19.59
CA PRO A 834 42.62 10.98 19.65
C PRO A 834 43.00 11.39 21.07
N LEU A 835 42.26 10.95 22.08
CA LEU A 835 42.59 11.26 23.46
C LEU A 835 43.74 10.43 24.00
N ARG A 836 44.17 9.41 23.27
CA ARG A 836 45.28 8.55 23.69
C ARG A 836 46.49 8.72 22.76
N ALA A 837 46.62 9.88 22.15
CA ALA A 837 47.73 10.12 21.24
C ALA A 837 49.05 10.19 22.00
N SER A 838 50.14 9.87 21.29
CA SER A 838 51.46 9.87 21.90
C SER A 838 51.95 11.27 22.25
N ASN A 839 51.28 12.32 21.79
CA ASN A 839 51.70 13.68 22.16
C ASN A 839 51.55 13.90 23.65
N PHE A 840 50.45 13.44 24.25
CA PHE A 840 50.20 13.67 25.66
C PHE A 840 51.03 12.70 26.51
N HIS A 841 51.58 13.23 27.59
CA HIS A 841 52.25 12.37 28.56
C HIS A 841 51.22 11.51 29.30
N TYR A 842 51.70 10.40 29.86
CA TYR A 842 50.79 9.48 30.55
C TYR A 842 50.12 10.14 31.75
N HIS A 843 50.81 11.08 32.40
CA HIS A 843 50.21 11.75 33.56
C HIS A 843 49.13 12.73 33.16
N GLU A 844 49.22 13.33 31.97
CA GLU A 844 48.25 14.31 31.52
C GLU A 844 47.12 13.71 30.71
N LEU A 845 47.10 12.39 30.55
CA LEU A 845 46.00 11.75 29.84
C LEU A 845 44.70 11.93 30.62
N LYS A 846 43.60 12.07 29.89
CA LYS A 846 42.30 12.31 30.50
C LYS A 846 41.57 10.98 30.68
N HIS A 847 41.12 10.72 31.90
CA HIS A 847 40.34 9.52 32.17
C HIS A 847 39.01 9.57 31.42
N VAL A 848 38.60 8.43 30.87
CA VAL A 848 37.38 8.35 30.08
C VAL A 848 36.44 7.39 30.79
N VAL A 849 35.24 7.86 31.11
CA VAL A 849 34.19 7.06 31.72
C VAL A 849 32.99 7.07 30.80
N ILE A 850 32.44 5.89 30.52
CA ILE A 850 31.33 5.73 29.60
C ILE A 850 30.10 5.29 30.40
N VAL A 851 29.02 6.03 30.27
CA VAL A 851 27.76 5.73 30.93
C VAL A 851 26.81 5.17 29.89
N GLY A 852 26.46 3.89 30.03
CA GLY A 852 25.57 3.26 29.07
C GLY A 852 25.44 1.79 29.39
N SER A 853 24.72 1.09 28.51
CA SER A 853 24.49 -0.33 28.70
C SER A 853 25.75 -1.12 28.38
N VAL A 854 26.12 -2.04 29.29
CA VAL A 854 27.30 -2.87 29.05
C VAL A 854 27.08 -3.80 27.88
N ASP A 855 25.83 -4.17 27.60
CA ASP A 855 25.55 -5.05 26.47
C ASP A 855 25.98 -4.43 25.16
N TYR A 856 25.70 -3.12 24.98
CA TYR A 856 26.13 -2.45 23.77
C TYR A 856 27.64 -2.25 23.75
N ILE A 857 28.23 -1.89 24.89
CA ILE A 857 29.67 -1.64 24.94
C ILE A 857 30.46 -2.92 24.73
N ARG A 858 29.95 -4.05 25.25
CA ARG A 858 30.65 -5.31 25.09
C ARG A 858 30.78 -5.69 23.61
N ARG A 859 29.79 -5.33 22.80
CA ARG A 859 29.82 -5.66 21.39
C ARG A 859 30.95 -4.96 20.65
N GLU A 860 31.50 -3.89 21.21
CA GLU A 860 32.59 -3.15 20.56
C GLU A 860 33.78 -2.91 21.50
N TRP A 861 33.86 -3.63 22.61
CA TRP A 861 34.96 -3.44 23.55
C TRP A 861 36.29 -3.96 23.00
N LYS A 862 36.26 -4.70 21.89
CA LYS A 862 37.47 -5.34 21.40
C LYS A 862 38.54 -4.30 21.05
N MET A 863 38.14 -3.18 20.47
CA MET A 863 39.12 -2.17 20.08
C MET A 863 39.48 -1.21 21.22
N LEU A 864 38.82 -1.32 22.37
CA LEU A 864 39.14 -0.50 23.53
C LEU A 864 39.94 -1.22 24.59
N GLN A 865 40.34 -2.47 24.33
CA GLN A 865 41.08 -3.24 25.34
C GLN A 865 42.43 -2.61 25.64
N ASN A 866 43.14 -2.18 24.60
CA ASN A 866 44.52 -1.72 24.74
C ASN A 866 44.64 -0.23 25.02
N LEU A 867 43.52 0.47 25.17
CA LEU A 867 43.56 1.91 25.41
C LEU A 867 43.49 2.17 26.91
N PRO A 868 44.49 2.82 27.50
CA PRO A 868 44.52 2.98 28.96
C PRO A 868 43.45 3.93 29.47
N LYS A 869 43.12 3.74 30.76
CA LYS A 869 42.24 4.64 31.50
C LYS A 869 40.86 4.74 30.86
N ILE A 870 40.16 3.61 30.82
CA ILE A 870 38.79 3.53 30.34
C ILE A 870 37.94 2.86 31.41
N SER A 871 36.83 3.49 31.76
CA SER A 871 35.91 2.97 32.77
C SER A 871 34.50 2.92 32.20
N VAL A 872 33.76 1.88 32.57
CA VAL A 872 32.40 1.66 32.09
C VAL A 872 31.47 1.57 33.30
N LEU A 873 30.38 2.34 33.25
CA LEU A 873 29.39 2.36 34.32
C LEU A 873 28.04 1.94 33.77
N ASN A 874 27.38 1.03 34.47
CA ASN A 874 26.05 0.58 34.09
C ASN A 874 25.01 1.61 34.50
N GLY A 875 24.15 1.99 33.56
CA GLY A 875 23.10 2.93 33.83
C GLY A 875 22.76 3.72 32.59
N SER A 876 21.91 4.73 32.77
CA SER A 876 21.50 5.61 31.69
C SER A 876 21.93 7.04 31.99
N PRO A 877 22.37 7.77 30.98
CA PRO A 877 22.76 9.17 31.21
C PRO A 877 21.61 10.06 31.67
N LEU A 878 20.36 9.65 31.43
CA LEU A 878 19.23 10.45 31.88
C LEU A 878 19.10 10.41 33.40
N SER A 879 19.47 9.31 34.04
CA SER A 879 19.35 9.21 35.49
C SER A 879 20.39 10.09 36.17
N ARG A 880 19.94 10.87 37.16
CA ARG A 880 20.83 11.77 37.87
C ARG A 880 21.73 11.03 38.85
N ALA A 881 21.35 9.81 39.26
CA ALA A 881 22.19 9.06 40.19
C ALA A 881 23.53 8.70 39.56
N ASP A 882 23.52 8.24 38.30
CA ASP A 882 24.76 7.89 37.64
C ASP A 882 25.65 9.11 37.41
N LEU A 883 25.04 10.23 37.02
CA LEU A 883 25.83 11.43 36.73
C LEU A 883 26.51 11.97 37.99
N ARG A 884 25.81 11.93 39.12
CA ARG A 884 26.44 12.33 40.37
C ARG A 884 27.54 11.38 40.78
N ALA A 885 27.39 10.08 40.46
CA ALA A 885 28.40 9.10 40.82
C ALA A 885 29.72 9.36 40.10
N VAL A 886 29.66 9.66 38.79
CA VAL A 886 30.85 9.89 38.00
C VAL A 886 31.36 11.33 38.11
N ASN A 887 30.66 12.19 38.84
CA ASN A 887 31.09 13.56 39.09
C ASN A 887 31.28 14.34 37.80
N VAL A 888 30.18 14.50 37.05
CA VAL A 888 30.26 15.30 35.84
C VAL A 888 30.41 16.79 36.14
N ASN A 889 30.16 17.20 37.39
CA ASN A 889 30.36 18.59 37.77
C ASN A 889 31.83 18.99 37.73
N LEU A 890 32.75 18.02 37.75
CA LEU A 890 34.18 18.30 37.74
C LEU A 890 34.88 17.81 36.48
N CYS A 891 34.14 17.26 35.52
CA CYS A 891 34.76 16.74 34.31
C CYS A 891 35.19 17.89 33.39
N ASP A 892 36.18 17.59 32.54
CA ASP A 892 36.63 18.57 31.56
C ASP A 892 35.65 18.72 30.40
N MET A 893 34.94 17.66 30.05
CA MET A 893 33.97 17.72 28.97
C MET A 893 33.03 16.54 29.08
N CYS A 894 31.73 16.81 28.95
CA CYS A 894 30.70 15.78 28.94
C CYS A 894 30.14 15.67 27.53
N CYS A 895 30.25 14.50 26.93
CA CYS A 895 29.79 14.27 25.56
C CYS A 895 28.52 13.44 25.58
N ILE A 896 27.50 13.90 24.87
CA ILE A 896 26.22 13.22 24.79
C ILE A 896 26.08 12.70 23.37
N LEU A 897 26.08 11.37 23.21
CA LEU A 897 25.97 10.74 21.91
C LEU A 897 24.82 9.75 21.91
N SER A 898 24.21 9.59 20.74
CA SER A 898 23.09 8.67 20.57
C SER A 898 23.40 7.72 19.43
N ALA A 899 23.33 6.42 19.70
CA ALA A 899 23.52 5.39 18.70
C ALA A 899 22.23 4.74 18.26
N LYS A 900 21.09 5.18 18.80
CA LYS A 900 19.81 4.55 18.49
C LYS A 900 19.32 4.99 17.11
N VAL A 901 18.81 4.03 16.36
CA VAL A 901 18.21 4.34 15.05
C VAL A 901 16.90 5.07 15.27
N PRO A 902 16.68 6.23 14.64
CA PRO A 902 15.42 6.95 14.85
C PRO A 902 14.23 6.15 14.31
N SER A 903 13.08 6.36 14.95
CA SER A 903 11.87 5.67 14.54
C SER A 903 11.33 6.16 13.20
N ASN A 904 11.87 7.26 12.67
CA ASN A 904 11.50 7.85 11.39
C ASN A 904 10.06 8.37 11.36
N ASP A 905 9.39 8.40 12.52
CA ASP A 905 8.05 8.98 12.58
C ASP A 905 8.09 10.47 12.27
N ASP A 906 9.08 11.17 12.81
CA ASP A 906 9.25 12.60 12.58
C ASP A 906 10.74 12.89 12.48
N PRO A 907 11.21 13.48 11.39
CA PRO A 907 12.64 13.82 11.29
C PRO A 907 13.12 14.77 12.36
N THR A 908 12.25 15.68 12.82
CA THR A 908 12.68 16.64 13.84
C THR A 908 12.82 15.99 15.22
N LEU A 909 11.99 14.99 15.51
CA LEU A 909 12.03 14.30 16.80
C LEU A 909 13.04 13.17 16.82
N ALA A 910 14.06 13.21 15.96
CA ALA A 910 15.07 12.15 15.93
C ALA A 910 15.87 12.13 17.22
N ASP A 911 16.18 13.31 17.77
CA ASP A 911 17.04 13.43 18.94
C ASP A 911 16.21 13.96 20.11
N LYS A 912 15.56 13.04 20.82
CA LYS A 912 14.80 13.41 22.02
C LYS A 912 15.65 13.22 23.27
N GLU A 913 16.34 12.08 23.38
CA GLU A 913 17.16 11.82 24.55
C GLU A 913 18.31 12.81 24.64
N ALA A 914 18.90 13.18 23.51
CA ALA A 914 20.01 14.13 23.51
C ALA A 914 19.59 15.48 24.06
N ILE A 915 18.42 15.98 23.64
CA ILE A 915 17.96 17.27 24.11
C ILE A 915 17.54 17.19 25.58
N LEU A 916 16.81 16.14 25.94
CA LEU A 916 16.35 15.99 27.33
C LEU A 916 17.52 15.83 28.28
N ALA A 917 18.52 15.03 27.91
CA ALA A 917 19.70 14.87 28.75
C ALA A 917 20.50 16.17 28.83
N SER A 918 20.55 16.92 27.74
CA SER A 918 21.28 18.18 27.74
C SER A 918 20.65 19.17 28.72
N LEU A 919 19.33 19.28 28.71
CA LEU A 919 18.66 20.20 29.64
C LEU A 919 18.66 19.64 31.06
N ASN A 920 18.67 18.32 31.20
CA ASN A 920 18.70 17.72 32.54
C ASN A 920 19.98 18.08 33.29
N ILE A 921 21.13 18.03 32.60
CA ILE A 921 22.39 18.31 33.26
C ILE A 921 22.49 19.79 33.64
N LYS A 922 21.96 20.67 32.79
CA LYS A 922 22.05 22.11 33.05
C LYS A 922 21.28 22.48 34.31
N ALA A 923 20.19 21.76 34.60
CA ALA A 923 19.37 22.06 35.77
C ALA A 923 19.88 21.41 37.05
N MET A 924 20.84 20.50 36.97
CA MET A 924 21.33 19.85 38.18
C MET A 924 22.13 20.81 39.04
N THR A 925 22.02 20.63 40.36
CA THR A 925 22.74 21.42 41.33
C THR A 925 23.59 20.49 42.20
N PHE A 926 24.82 20.91 42.47
CA PHE A 926 25.76 20.11 43.25
C PHE A 926 26.15 20.87 44.51
N ASP A 927 26.49 20.11 45.54
CA ASP A 927 26.88 20.70 46.82
C ASP A 927 28.29 21.27 46.75
N VAL A 959 28.95 22.69 41.11
CA VAL A 959 27.88 23.25 41.93
C VAL A 959 26.66 23.61 41.08
N TYR A 960 26.90 24.25 39.94
CA TYR A 960 25.83 24.63 39.02
C TYR A 960 25.98 23.83 37.73
N GLY A 961 24.88 23.25 37.26
CA GLY A 961 24.91 22.45 36.04
C GLY A 961 25.18 23.26 34.78
N ALA A 962 24.68 24.50 34.74
CA ALA A 962 24.91 25.36 33.58
C ALA A 962 26.38 25.68 33.37
N ASN A 963 27.19 25.56 34.42
CA ASN A 963 28.63 25.80 34.33
C ASN A 963 29.41 24.56 33.90
N VAL A 964 28.75 23.42 33.77
CA VAL A 964 29.45 22.19 33.37
C VAL A 964 29.76 22.26 31.88
N PRO A 965 31.03 22.09 31.47
CA PRO A 965 31.33 22.00 30.04
C PRO A 965 30.60 20.83 29.40
N MET A 966 30.08 21.05 28.20
CA MET A 966 29.16 20.09 27.60
C MET A 966 29.20 20.22 26.09
N ILE A 967 29.10 19.08 25.41
CA ILE A 967 28.94 19.04 23.96
C ILE A 967 27.87 18.01 23.63
N THR A 968 27.01 18.34 22.67
CA THR A 968 25.88 17.50 22.32
C THR A 968 25.89 17.21 20.82
N GLU A 969 25.79 15.94 20.46
CA GLU A 969 25.69 15.54 19.06
C GLU A 969 24.25 15.66 18.61
N LEU A 970 23.97 16.58 17.70
CA LEU A 970 22.62 16.85 17.21
C LEU A 970 22.54 16.42 15.75
N VAL A 971 21.63 15.48 15.46
CA VAL A 971 21.44 15.01 14.09
C VAL A 971 20.48 15.88 13.31
N ASN A 972 19.91 16.91 13.93
CA ASN A 972 19.00 17.84 13.26
C ASN A 972 19.50 19.25 13.44
N ASP A 973 19.36 20.06 12.37
CA ASP A 973 19.85 21.42 12.40
C ASP A 973 18.93 22.35 13.19
N GLY A 974 17.62 22.11 13.16
CA GLY A 974 16.67 22.98 13.80
C GLY A 974 16.57 22.83 15.30
N ASN A 975 17.15 21.77 15.88
CA ASN A 975 17.10 21.53 17.31
C ASN A 975 18.27 22.16 18.05
N VAL A 976 19.18 22.83 17.35
CA VAL A 976 20.34 23.44 18.01
C VAL A 976 19.91 24.56 18.93
N GLN A 977 18.95 25.37 18.50
CA GLN A 977 18.51 26.51 19.30
C GLN A 977 17.85 26.10 20.61
N PHE A 978 17.39 24.85 20.73
CA PHE A 978 16.76 24.40 21.96
C PHE A 978 17.73 24.30 23.12
N LEU A 979 19.03 24.12 22.85
CA LEU A 979 20.01 24.01 23.92
C LEU A 979 20.11 25.30 24.72
N ASP A 980 20.08 26.44 24.04
CA ASP A 980 20.16 27.74 24.69
C ASP A 980 18.77 28.30 24.92
N GLN A 981 18.65 29.18 25.92
CA GLN A 981 17.33 29.66 26.34
C GLN A 981 17.28 31.18 26.45
N ASP A 982 18.41 31.82 26.76
CA ASP A 982 18.45 33.27 26.96
C ASP A 982 18.92 34.01 25.72
N ASP A 983 18.54 33.52 24.54
CA ASP A 983 18.89 34.16 23.27
C ASP A 983 17.74 35.01 22.76
N ASP A 984 18.07 35.86 21.78
CA ASP A 984 17.09 36.71 21.11
C ASP A 984 16.97 36.40 19.62
N ASP A 985 17.34 35.18 19.22
CA ASP A 985 17.39 34.82 17.81
C ASP A 985 16.01 34.40 17.33
N ASP A 986 15.57 35.00 16.23
CA ASP A 986 14.34 34.56 15.56
C ASP A 986 14.56 33.15 15.03
N PRO A 987 13.65 32.20 15.32
CA PRO A 987 13.87 30.79 14.93
C PRO A 987 14.27 30.54 13.49
N ASP A 988 14.14 31.55 12.62
CA ASP A 988 14.62 31.43 11.25
C ASP A 988 16.12 31.70 11.12
N THR A 989 16.83 31.79 12.23
CA THR A 989 18.25 32.10 12.22
C THR A 989 19.05 30.95 11.58
N GLU A 990 20.10 31.32 10.86
CA GLU A 990 20.97 30.33 10.23
C GLU A 990 21.68 29.50 11.29
N LEU A 991 22.16 28.32 10.87
CA LEU A 991 22.79 27.40 11.81
C LEU A 991 24.05 28.02 12.44
N TYR A 992 24.93 28.57 11.60
CA TYR A 992 26.21 29.05 12.11
C TYR A 992 26.07 30.32 12.92
N LEU A 993 24.93 30.98 12.90
CA LEU A 993 24.67 32.14 13.74
C LEU A 993 23.91 31.76 15.01
N THR A 994 23.57 30.50 15.20
CA THR A 994 22.84 30.05 16.37
C THR A 994 23.76 30.07 17.59
N GLN A 995 23.17 30.29 18.77
CA GLN A 995 23.96 30.45 19.98
C GLN A 995 24.81 29.24 20.35
N PRO A 996 24.25 28.03 20.50
CA PRO A 996 25.11 26.89 20.85
C PRO A 996 26.17 26.57 19.81
N PHE A 997 25.88 26.77 18.52
CA PHE A 997 26.87 26.45 17.50
C PHE A 997 28.08 27.37 17.58
N ALA A 998 27.84 28.68 17.62
CA ALA A 998 28.94 29.63 17.67
C ALA A 998 29.75 29.50 18.96
N CYS A 999 29.19 28.84 19.97
CA CYS A 999 29.82 28.74 21.28
C CYS A 999 30.51 27.42 21.50
N GLY A 1000 30.40 26.47 20.58
CA GLY A 1000 31.06 25.20 20.68
C GLY A 1000 30.35 24.15 21.51
N THR A 1001 29.16 24.43 22.03
CA THR A 1001 28.45 23.49 22.87
C THR A 1001 27.58 22.52 22.09
N ALA A 1002 27.38 22.74 20.80
CA ALA A 1002 26.55 21.88 19.98
C ALA A 1002 27.31 21.49 18.72
N PHE A 1003 27.28 20.20 18.38
CA PHE A 1003 27.90 19.69 17.17
C PHE A 1003 26.80 19.17 16.25
N ALA A 1004 26.77 19.67 15.02
CA ALA A 1004 25.78 19.26 14.04
C ALA A 1004 26.43 18.35 13.01
N VAL A 1005 25.85 17.17 12.81
CA VAL A 1005 26.39 16.21 11.86
C VAL A 1005 26.19 16.66 10.42
N SER A 1006 25.42 17.73 10.18
CA SER A 1006 25.23 18.24 8.84
C SER A 1006 26.51 18.78 8.24
N VAL A 1007 27.49 19.18 9.07
CA VAL A 1007 28.74 19.71 8.55
C VAL A 1007 29.53 18.62 7.82
N LEU A 1008 29.32 17.35 8.19
CA LEU A 1008 29.97 16.27 7.48
C LEU A 1008 29.49 16.18 6.03
N ASP A 1009 28.18 16.35 5.82
CA ASP A 1009 27.65 16.36 4.46
C ASP A 1009 28.18 17.55 3.68
N SER A 1010 28.30 18.71 4.32
CA SER A 1010 28.88 19.88 3.67
C SER A 1010 30.36 19.69 3.36
N LEU A 1011 31.04 18.83 4.12
CA LEU A 1011 32.46 18.58 3.88
C LEU A 1011 32.68 17.78 2.60
N MET A 1012 31.64 17.13 2.08
CA MET A 1012 31.74 16.47 0.78
C MET A 1012 32.07 17.48 -0.33
N SER A 1013 31.40 18.63 -0.31
CA SER A 1013 31.68 19.66 -1.31
C SER A 1013 33.10 20.22 -1.15
N THR A 1014 33.55 20.40 0.08
CA THR A 1014 34.89 20.94 0.32
C THR A 1014 35.97 20.02 -0.22
N THR A 1015 35.79 18.71 -0.04
CA THR A 1015 36.81 17.76 -0.51
C THR A 1015 36.94 17.78 -2.02
N TYR A 1016 35.81 17.88 -2.73
CA TYR A 1016 35.86 17.88 -4.19
C TYR A 1016 36.63 19.06 -4.74
N PHE A 1017 36.41 20.26 -4.17
CA PHE A 1017 37.05 21.45 -4.68
C PHE A 1017 38.52 21.53 -4.28
N ASN A 1018 38.88 20.99 -3.12
CA ASN A 1018 40.26 20.97 -2.66
C ASN A 1018 40.57 19.57 -2.15
N GLN A 1019 41.46 18.87 -2.86
CA GLN A 1019 41.82 17.51 -2.45
C GLN A 1019 42.57 17.50 -1.14
N ASN A 1020 43.36 18.53 -0.86
CA ASN A 1020 44.15 18.60 0.37
C ASN A 1020 43.33 19.03 1.58
N ALA A 1021 42.05 19.36 1.39
CA ALA A 1021 41.24 19.82 2.52
C ALA A 1021 41.08 18.73 3.57
N LEU A 1022 40.79 17.50 3.14
CA LEU A 1022 40.59 16.42 4.10
C LEU A 1022 41.90 15.93 4.68
N THR A 1023 43.00 16.07 3.93
CA THR A 1023 44.30 15.67 4.46
C THR A 1023 44.69 16.51 5.68
N LEU A 1024 44.45 17.81 5.62
CA LEU A 1024 44.72 18.67 6.75
C LEU A 1024 43.79 18.37 7.93
N ILE A 1025 42.52 18.12 7.63
CA ILE A 1025 41.55 17.86 8.69
C ILE A 1025 41.90 16.58 9.44
N ARG A 1026 42.22 15.52 8.69
CA ARG A 1026 42.53 14.24 9.32
C ARG A 1026 43.80 14.34 10.16
N SER A 1027 44.79 15.09 9.69
CA SER A 1027 46.03 15.27 10.43
C SER A 1027 45.85 16.10 11.70
N LEU A 1028 44.71 16.75 11.87
CA LEU A 1028 44.48 17.62 13.01
C LEU A 1028 43.50 17.05 14.04
N ILE A 1029 42.62 16.13 13.64
CA ILE A 1029 41.59 15.62 14.53
C ILE A 1029 41.79 14.16 14.91
N THR A 1030 42.58 13.40 14.16
CA THR A 1030 42.79 11.99 14.46
C THR A 1030 43.96 11.75 15.40
N GLY A 1031 44.73 12.77 15.73
CA GLY A 1031 45.91 12.58 16.56
C GLY A 1031 47.06 11.91 15.86
N GLY A 1032 46.99 11.76 14.54
CA GLY A 1032 48.01 11.06 13.79
C GLY A 1032 47.57 9.66 13.42
N ALA A 1033 47.10 9.49 12.19
CA ALA A 1033 46.60 8.22 11.69
C ALA A 1033 47.37 7.89 10.41
N THR A 1034 48.49 7.21 10.56
CA THR A 1034 49.31 6.86 9.41
C THR A 1034 48.56 5.87 8.52
N PRO A 1035 48.84 5.88 7.21
CA PRO A 1035 48.17 4.91 6.32
C PRO A 1035 48.43 3.46 6.69
N GLU A 1036 49.61 3.14 7.22
CA GLU A 1036 49.92 1.78 7.62
C GLU A 1036 49.21 1.36 8.90
N LEU A 1037 48.66 2.32 9.66
CA LEU A 1037 47.88 1.95 10.84
C LEU A 1037 46.62 1.19 10.44
N GLU A 1038 46.01 1.56 9.32
CA GLU A 1038 44.86 0.81 8.81
C GLU A 1038 45.27 -0.61 8.45
N LEU A 1039 46.47 -0.79 7.89
CA LEU A 1039 46.95 -2.12 7.56
C LEU A 1039 47.11 -2.97 8.81
N ILE A 1040 47.60 -2.38 9.90
CA ILE A 1040 47.73 -3.11 11.16
C ILE A 1040 46.37 -3.55 11.67
N LEU A 1041 45.38 -2.65 11.62
CA LEU A 1041 44.04 -2.99 12.05
C LEU A 1041 43.35 -3.96 11.09
N ALA A 1042 43.80 -4.03 9.84
CA ALA A 1042 43.19 -4.92 8.87
C ALA A 1042 43.44 -6.39 9.19
N GLU A 1043 44.41 -6.68 10.05
CA GLU A 1043 44.72 -8.07 10.41
C GLU A 1043 43.78 -8.63 11.46
N GLY A 1044 42.91 -7.81 12.05
CA GLY A 1044 41.95 -8.30 13.01
C GLY A 1044 42.49 -8.53 14.41
N ALA A 1045 43.75 -8.20 14.67
CA ALA A 1045 44.34 -8.39 15.98
C ALA A 1045 44.20 -7.17 16.89
N GLY A 1046 43.51 -6.13 16.43
CA GLY A 1046 43.37 -4.93 17.22
C GLY A 1046 44.63 -4.08 17.20
N LEU A 1047 44.70 -3.17 18.16
CA LEU A 1047 45.84 -2.26 18.28
C LEU A 1047 47.01 -3.04 18.86
N ARG A 1048 47.90 -3.51 17.98
CA ARG A 1048 49.07 -4.26 18.43
C ARG A 1048 50.17 -3.30 18.85
N GLY A 1049 50.72 -3.52 20.05
CA GLY A 1049 51.79 -2.71 20.56
C GLY A 1049 53.14 -3.09 19.97
N GLY A 1050 54.15 -2.30 20.33
CA GLY A 1050 55.50 -2.54 19.86
C GLY A 1050 56.51 -1.98 20.82
N TYR A 1051 57.70 -2.57 20.78
CA TYR A 1051 58.79 -2.11 21.63
C TYR A 1051 59.32 -0.78 21.14
N SER A 1052 59.46 0.17 22.06
CA SER A 1052 59.88 1.52 21.68
C SER A 1052 61.37 1.55 21.37
N THR A 1053 61.72 2.13 20.22
CA THR A 1053 63.10 2.34 19.83
C THR A 1053 63.38 3.84 19.75
N VAL A 1054 64.63 4.17 19.41
CA VAL A 1054 65.04 5.57 19.42
C VAL A 1054 64.32 6.36 18.32
N GLU A 1055 64.26 5.82 17.10
CA GLU A 1055 63.65 6.56 16.00
C GLU A 1055 62.16 6.28 15.91
N SER A 1056 61.66 5.27 16.62
CA SER A 1056 60.22 5.12 16.77
C SER A 1056 59.66 6.19 17.70
N LEU A 1057 60.38 6.52 18.77
CA LEU A 1057 59.95 7.56 19.70
C LEU A 1057 60.00 8.96 19.09
N SER A 1058 60.66 9.14 17.95
CA SER A 1058 60.68 10.44 17.30
C SER A 1058 59.31 10.84 16.76
N ASN A 1059 58.41 9.86 16.57
CA ASN A 1059 57.08 10.17 16.09
C ASN A 1059 56.25 10.93 17.12
N ARG A 1060 56.64 10.90 18.39
CA ARG A 1060 55.92 11.64 19.41
C ARG A 1060 56.10 13.16 19.26
N ASP A 1061 57.11 13.60 18.53
CA ASP A 1061 57.41 15.03 18.40
C ASP A 1061 56.58 15.60 17.27
N ARG A 1062 55.34 15.99 17.59
CA ARG A 1062 54.49 16.68 16.64
C ARG A 1062 53.53 17.58 17.41
N CYS A 1063 53.01 18.57 16.72
CA CYS A 1063 52.14 19.55 17.36
C CYS A 1063 50.78 18.93 17.69
N ARG A 1064 50.13 19.50 18.71
CA ARG A 1064 48.83 19.05 19.15
C ARG A 1064 47.93 20.26 19.38
N VAL A 1065 46.63 20.03 19.28
CA VAL A 1065 45.65 21.09 19.48
C VAL A 1065 45.44 21.30 20.98
N GLY A 1066 45.57 22.55 21.43
CA GLY A 1066 45.42 22.87 22.83
C GLY A 1066 44.87 24.26 23.02
N GLN A 1067 44.53 24.57 24.26
CA GLN A 1067 43.97 25.86 24.64
C GLN A 1067 44.75 26.43 25.82
N ILE A 1068 45.02 27.72 25.77
CA ILE A 1068 45.75 28.41 26.83
C ILE A 1068 44.95 29.64 27.26
N SER A 1069 45.25 30.11 28.47
CA SER A 1069 44.57 31.26 29.05
C SER A 1069 45.59 32.34 29.40
N LEU A 1070 45.14 33.59 29.33
CA LEU A 1070 45.97 34.74 29.66
C LEU A 1070 45.78 35.21 31.09
N TYR A 1071 45.13 34.39 31.93
CA TYR A 1071 44.91 34.79 33.31
C TYR A 1071 46.22 34.92 34.08
N ASP A 1072 47.12 33.95 33.90
CA ASP A 1072 48.37 33.92 34.64
C ASP A 1072 49.49 33.47 33.70
N GLY A 1073 50.68 33.28 34.26
CA GLY A 1073 51.83 32.89 33.48
C GLY A 1073 52.59 34.08 32.93
N PRO A 1074 53.82 33.84 32.47
CA PRO A 1074 54.61 34.94 31.90
C PRO A 1074 54.00 35.54 30.65
N LEU A 1075 53.12 34.82 29.96
CA LEU A 1075 52.46 35.32 28.76
C LEU A 1075 51.23 36.14 29.08
N ALA A 1076 50.83 36.23 30.35
CA ALA A 1076 49.60 36.90 30.74
C ALA A 1076 49.67 38.42 30.55
N GLN A 1077 50.86 38.99 30.36
CA GLN A 1077 50.97 40.44 30.25
C GLN A 1077 50.40 40.97 28.95
N PHE A 1078 50.05 40.10 28.00
CA PHE A 1078 49.34 40.52 26.80
C PHE A 1078 47.84 40.66 27.01
N GLY A 1079 47.33 40.27 28.18
CA GLY A 1079 45.89 40.29 28.39
C GLY A 1079 45.30 41.68 28.36
N GLU A 1080 45.97 42.64 28.99
CA GLU A 1080 45.47 44.00 29.08
C GLU A 1080 46.25 44.90 28.13
N CYS A 1081 45.52 45.69 27.34
CA CYS A 1081 46.10 46.63 26.38
C CYS A 1081 47.08 45.94 25.43
N GLY A 1082 46.79 44.69 25.10
CA GLY A 1082 47.67 43.89 24.24
C GLY A 1082 46.99 43.59 22.92
N LYS A 1083 47.79 43.55 21.85
CA LYS A 1083 47.30 43.25 20.51
C LYS A 1083 47.52 41.78 20.20
N TYR A 1084 46.65 41.24 19.33
CA TYR A 1084 46.75 39.84 18.96
C TYR A 1084 48.06 39.54 18.24
N GLY A 1085 48.50 40.46 17.37
CA GLY A 1085 49.75 40.25 16.66
C GLY A 1085 50.94 40.16 17.58
N ASP A 1086 50.97 40.99 18.62
CA ASP A 1086 52.04 40.93 19.60
C ASP A 1086 52.03 39.59 20.33
N LEU A 1087 50.84 39.09 20.68
CA LEU A 1087 50.73 37.77 21.29
C LEU A 1087 51.19 36.67 20.34
N PHE A 1088 50.83 36.78 19.06
CA PHE A 1088 51.19 35.76 18.09
C PHE A 1088 52.69 35.69 17.89
N VAL A 1089 53.36 36.84 17.80
CA VAL A 1089 54.80 36.86 17.53
C VAL A 1089 55.57 36.36 18.75
N ALA A 1090 55.20 36.83 19.95
CA ALA A 1090 55.94 36.47 21.15
C ALA A 1090 55.83 34.97 21.46
N ALA A 1091 54.64 34.41 21.31
CA ALA A 1091 54.45 32.99 21.59
C ALA A 1091 55.23 32.11 20.63
N LEU A 1092 55.27 32.49 19.35
CA LEU A 1092 55.96 31.69 18.35
C LEU A 1092 57.47 31.71 18.55
N LYS A 1093 58.04 32.89 18.84
CA LYS A 1093 59.49 33.00 18.98
C LYS A 1093 59.99 32.32 20.25
N SER A 1094 59.24 32.42 21.34
CA SER A 1094 59.70 31.93 22.62
C SER A 1094 59.24 30.49 22.90
N TYR A 1095 57.98 30.18 22.61
CA TYR A 1095 57.42 28.87 22.92
C TYR A 1095 57.15 28.02 21.69
N GLY A 1096 57.09 28.62 20.51
CA GLY A 1096 56.75 27.88 19.31
C GLY A 1096 55.28 27.62 19.10
N MET A 1097 54.43 28.08 20.02
CA MET A 1097 53.00 27.92 19.85
C MET A 1097 52.49 28.82 18.72
N LEU A 1098 51.54 28.30 17.95
CA LEU A 1098 50.94 29.03 16.84
C LEU A 1098 49.51 29.38 17.22
N CYS A 1099 49.25 30.67 17.39
CA CYS A 1099 47.92 31.12 17.78
C CYS A 1099 46.98 31.04 16.58
N ILE A 1100 45.87 30.31 16.75
CA ILE A 1100 44.91 30.11 15.68
C ILE A 1100 43.70 31.02 15.84
N GLY A 1101 43.20 31.19 17.06
CA GLY A 1101 42.04 32.01 17.28
C GLY A 1101 41.84 32.32 18.74
N LEU A 1102 40.69 32.91 19.04
CA LEU A 1102 40.36 33.36 20.39
C LEU A 1102 39.06 32.71 20.86
N TYR A 1103 38.95 32.53 22.17
CA TYR A 1103 37.76 32.00 22.81
C TYR A 1103 37.37 33.01 23.89
N ARG A 1104 36.56 34.00 23.51
CA ARG A 1104 36.29 35.18 24.32
C ARG A 1104 34.90 35.10 24.94
N PHE A 1105 34.80 35.62 26.17
CA PHE A 1105 33.53 35.65 26.88
C PHE A 1105 32.50 36.45 26.10
N ARG A 1106 31.24 36.02 26.20
CA ARG A 1106 30.14 36.78 25.62
C ARG A 1106 30.03 38.18 26.21
N ASP A 1107 30.01 38.26 27.54
CA ASP A 1107 29.78 39.51 28.24
C ASP A 1107 31.06 39.95 28.91
N THR A 1108 31.44 41.23 28.71
CA THR A 1108 32.64 41.76 29.35
C THR A 1108 32.49 41.78 30.87
N SER A 1109 31.30 42.15 31.35
CA SER A 1109 31.01 42.20 32.78
C SER A 1109 31.99 43.10 33.53
N ALA A 1114 31.32 37.70 31.51
CA ALA A 1114 31.83 36.56 32.29
C ALA A 1114 30.69 35.64 32.69
N SER A 1115 29.84 35.29 31.72
CA SER A 1115 28.71 34.41 31.95
C SER A 1115 29.05 32.93 31.78
N SER A 1116 30.34 32.59 31.81
CA SER A 1116 30.82 31.21 31.71
C SER A 1116 30.34 30.53 30.42
N LYS A 1117 30.28 31.30 29.32
CA LYS A 1117 29.84 30.77 28.04
C LYS A 1117 30.41 31.66 26.94
N ARG A 1118 31.40 31.14 26.22
CA ARG A 1118 32.23 31.94 25.33
C ARG A 1118 31.90 31.64 23.87
N TYR A 1119 32.36 32.51 22.98
CA TYR A 1119 32.24 32.32 21.54
C TYR A 1119 33.62 32.37 20.89
N VAL A 1120 33.76 31.72 19.75
CA VAL A 1120 35.04 31.54 19.09
C VAL A 1120 35.24 32.61 18.03
N ILE A 1121 36.46 33.11 17.94
CA ILE A 1121 36.88 34.05 16.91
C ILE A 1121 38.06 33.44 16.18
N THR A 1122 37.92 33.24 14.87
CA THR A 1122 38.94 32.57 14.08
C THR A 1122 39.88 33.60 13.47
N ASN A 1123 41.16 33.54 13.84
CA ASN A 1123 42.22 34.38 13.30
C ASN A 1123 41.85 35.86 13.37
N PRO A 1124 41.83 36.47 14.54
CA PRO A 1124 41.55 37.90 14.65
C PRO A 1124 42.63 38.72 13.97
N PRO A 1125 42.32 39.93 13.52
CA PRO A 1125 43.31 40.73 12.79
C PRO A 1125 44.49 41.12 13.66
N ASP A 1126 45.48 41.72 13.01
CA ASP A 1126 46.70 42.14 13.70
C ASP A 1126 46.41 43.18 14.76
N ASP A 1127 45.54 44.15 14.45
CA ASP A 1127 45.22 45.25 15.36
C ASP A 1127 44.09 44.91 16.33
N PHE A 1128 43.78 43.63 16.50
CA PHE A 1128 42.72 43.22 17.41
C PHE A 1128 43.12 43.51 18.86
N SER A 1129 42.12 43.85 19.68
CA SER A 1129 42.33 44.16 21.08
C SER A 1129 41.99 42.95 21.93
N LEU A 1130 42.87 42.61 22.87
CA LEU A 1130 42.70 41.44 23.70
C LEU A 1130 42.03 41.81 25.03
N LEU A 1131 41.65 40.77 25.78
CA LEU A 1131 41.04 40.92 27.09
C LEU A 1131 41.76 40.01 28.08
N PRO A 1132 41.80 40.39 29.36
CA PRO A 1132 42.48 39.55 30.35
C PRO A 1132 41.83 38.19 30.55
N THR A 1133 40.56 38.03 30.21
CA THR A 1133 39.85 36.77 30.37
C THR A 1133 39.61 36.06 29.05
N ASP A 1134 40.58 36.13 28.14
CA ASP A 1134 40.47 35.53 26.82
C ASP A 1134 41.31 34.27 26.75
N GLN A 1135 40.82 33.28 26.02
CA GLN A 1135 41.54 32.02 25.79
C GLN A 1135 41.91 31.93 24.32
N VAL A 1136 43.09 31.38 24.05
CA VAL A 1136 43.69 31.37 22.72
C VAL A 1136 43.81 29.93 22.25
N PHE A 1137 43.36 29.67 21.02
CA PHE A 1137 43.56 28.38 20.39
C PHE A 1137 44.99 28.32 19.84
N VAL A 1138 45.77 27.35 20.32
CA VAL A 1138 47.17 27.24 19.94
C VAL A 1138 47.48 25.81 19.56
N LEU A 1139 48.54 25.64 18.77
CA LEU A 1139 49.07 24.34 18.38
C LEU A 1139 50.39 24.16 19.14
N MET A 1140 50.29 23.61 20.35
CA MET A 1140 51.45 23.47 21.20
C MET A 1140 52.35 22.33 20.73
N GLN A 1141 53.65 22.50 20.96
CA GLN A 1141 54.63 21.49 20.60
C GLN A 1141 54.70 20.41 21.69
N PHE A 1142 55.60 19.45 21.50
CA PHE A 1142 55.79 18.36 22.45
C PHE A 1142 57.06 18.63 23.25
N ASP A 1143 56.92 18.61 24.57
CA ASP A 1143 58.06 18.84 25.46
C ASP A 1143 58.40 17.55 26.19
N PRO A 1144 59.50 16.87 25.85
CA PRO A 1144 59.87 15.65 26.56
C PRO A 1144 60.22 15.93 28.02
N GLY A 1145 59.91 14.96 28.86
CA GLY A 1145 60.16 15.09 30.29
C GLY A 1145 59.83 13.83 31.08
N LEU B 44 -30.69 58.50 -32.62
CA LEU B 44 -29.28 58.63 -32.28
C LEU B 44 -28.61 59.70 -33.14
N LYS B 45 -28.45 60.91 -32.58
CA LYS B 45 -27.81 61.99 -33.31
C LYS B 45 -26.30 61.80 -33.33
N VAL B 46 -25.68 61.79 -32.14
CA VAL B 46 -24.25 61.54 -31.99
C VAL B 46 -24.07 60.56 -30.84
N ARG B 47 -22.96 59.81 -30.89
CA ARG B 47 -22.67 58.87 -29.82
C ARG B 47 -22.51 59.59 -28.50
N LYS B 48 -23.15 59.06 -27.46
CA LYS B 48 -23.13 59.68 -26.14
C LYS B 48 -22.74 58.72 -25.03
N TYR B 49 -22.69 57.41 -25.29
CA TYR B 49 -22.25 56.48 -24.27
C TYR B 49 -20.76 56.60 -23.96
N TRP B 50 -20.00 57.21 -24.87
CA TRP B 50 -18.56 57.38 -24.63
C TRP B 50 -18.30 58.26 -23.41
N CYS B 51 -19.05 59.37 -23.28
CA CYS B 51 -18.95 60.20 -22.10
C CYS B 51 -19.63 59.58 -20.89
N PHE B 52 -20.65 58.75 -21.11
CA PHE B 52 -21.25 57.99 -20.01
C PHE B 52 -20.24 57.02 -19.42
N LEU B 53 -19.48 56.32 -20.29
CA LEU B 53 -18.40 55.48 -19.82
C LEU B 53 -17.23 56.32 -19.31
N LEU B 54 -17.00 57.48 -19.91
CA LEU B 54 -15.97 58.38 -19.40
C LEU B 54 -16.30 58.86 -18.00
N SER B 55 -17.58 59.14 -17.74
CA SER B 55 -18.01 59.43 -16.37
C SER B 55 -17.75 58.23 -15.46
N SER B 56 -18.04 57.02 -15.96
CA SER B 56 -17.65 55.82 -15.24
C SER B 56 -16.14 55.72 -15.12
N ILE B 57 -15.41 56.07 -16.19
CA ILE B 57 -13.95 56.10 -16.14
C ILE B 57 -13.47 57.17 -15.17
N PHE B 58 -14.13 58.33 -15.15
CA PHE B 58 -13.72 59.41 -14.26
C PHE B 58 -13.77 58.97 -12.80
N THR B 59 -14.90 58.39 -12.39
CA THR B 59 -15.04 57.96 -10.99
C THR B 59 -14.17 56.75 -10.70
N PHE B 60 -14.07 55.80 -11.63
CA PHE B 60 -13.22 54.64 -11.41
C PHE B 60 -11.75 55.04 -11.25
N LEU B 61 -11.28 55.97 -12.10
CA LEU B 61 -9.92 56.47 -11.97
C LEU B 61 -9.79 57.55 -10.90
N ALA B 62 -10.90 58.05 -10.36
CA ALA B 62 -10.82 59.00 -9.26
C ALA B 62 -10.17 58.35 -8.04
N GLY B 63 -10.56 57.12 -7.73
CA GLY B 63 -9.90 56.40 -6.64
C GLY B 63 -8.44 56.15 -6.92
N LEU B 64 -8.10 55.92 -8.19
CA LEU B 64 -6.70 55.78 -8.59
C LEU B 64 -5.88 57.04 -8.31
N LEU B 65 -6.52 58.20 -8.21
CA LEU B 65 -5.82 59.45 -8.01
C LEU B 65 -5.98 60.03 -6.62
N VAL B 66 -7.19 59.98 -6.04
CA VAL B 66 -7.42 60.62 -4.75
C VAL B 66 -6.81 59.79 -3.62
N VAL B 67 -6.63 58.49 -3.83
CA VAL B 67 -6.15 57.62 -2.76
C VAL B 67 -4.64 57.46 -2.83
N LEU B 68 -4.11 57.17 -4.01
CA LEU B 68 -2.68 56.93 -4.18
C LEU B 68 -1.83 58.18 -3.93
N LEU B 69 -2.43 59.37 -3.96
CA LEU B 69 -1.69 60.61 -3.78
C LEU B 69 -1.62 61.07 -2.33
N TRP B 70 -2.46 60.53 -1.45
CA TRP B 70 -2.59 61.04 -0.10
C TRP B 70 -2.20 60.05 0.99
N ARG B 71 -2.34 58.75 0.76
CA ARG B 71 -2.18 57.78 1.84
C ARG B 71 -0.74 57.66 2.30
N ALA B 72 0.22 57.68 1.37
CA ALA B 72 1.59 57.32 1.71
C ALA B 72 2.41 58.48 2.29
N PHE B 73 1.82 59.66 2.42
CA PHE B 73 2.59 60.82 2.87
C PHE B 73 2.72 60.91 4.39
N ALA B 74 1.96 60.13 5.15
CA ALA B 74 1.90 60.29 6.59
C ALA B 74 2.84 59.35 7.34
N PHE B 75 3.64 58.53 6.66
CA PHE B 75 4.48 57.58 7.35
C PHE B 75 5.70 58.23 7.98
N VAL B 76 6.28 59.24 7.31
CA VAL B 76 7.56 59.79 7.75
C VAL B 76 7.42 60.45 9.12
N CYS B 77 6.35 61.22 9.32
CA CYS B 77 6.15 61.92 10.59
C CYS B 77 4.66 61.97 10.97
N THR B 106 -15.69 58.66 13.71
CA THR B 106 -14.35 58.88 13.16
C THR B 106 -13.95 57.74 12.24
N PHE B 107 -12.78 57.87 11.62
CA PHE B 107 -12.23 56.77 10.84
C PHE B 107 -11.93 55.56 11.70
N MET B 108 -11.43 55.78 12.92
CA MET B 108 -10.95 54.68 13.74
C MET B 108 -12.08 54.01 14.51
N THR B 109 -13.10 54.78 14.92
CA THR B 109 -14.20 54.20 15.69
C THR B 109 -15.23 53.55 14.78
N GLU B 110 -15.60 54.22 13.69
CA GLU B 110 -16.65 53.69 12.82
C GLU B 110 -16.20 52.45 12.07
N ALA B 111 -14.88 52.28 11.90
CA ALA B 111 -14.38 51.08 11.23
C ALA B 111 -14.72 49.82 12.01
N LYS B 112 -14.63 49.89 13.35
CA LYS B 112 -15.00 48.74 14.18
C LYS B 112 -16.48 48.40 14.01
N ASP B 113 -17.33 49.42 13.97
CA ASP B 113 -18.75 49.18 13.70
C ASP B 113 -18.97 48.66 12.29
N TRP B 114 -18.32 49.29 11.30
CA TRP B 114 -18.55 48.92 9.90
C TRP B 114 -18.14 47.48 9.63
N ALA B 115 -17.08 47.01 10.28
CA ALA B 115 -16.68 45.61 10.12
C ALA B 115 -17.78 44.67 10.56
N GLY B 116 -18.54 45.03 11.59
CA GLY B 116 -19.68 44.25 12.01
C GLY B 116 -20.97 44.72 11.37
N GLU B 117 -21.02 45.99 10.96
CA GLU B 117 -22.22 46.52 10.33
C GLU B 117 -22.43 45.94 8.93
N LEU B 118 -21.37 45.48 8.28
CA LEU B 118 -21.46 44.99 6.91
C LEU B 118 -21.05 43.52 6.78
N ILE B 119 -20.01 43.09 7.48
CA ILE B 119 -19.47 41.75 7.28
C ILE B 119 -19.73 40.87 8.49
N SER B 120 -19.24 41.29 9.65
CA SER B 120 -19.23 40.44 10.85
C SER B 120 -20.49 40.57 11.68
N GLY B 121 -21.61 40.96 11.08
CA GLY B 121 -22.85 41.06 11.83
C GLY B 121 -23.42 39.68 12.15
N GLN B 122 -23.87 39.52 13.39
CA GLN B 122 -24.42 38.26 13.87
C GLN B 122 -25.94 38.27 13.90
N THR B 123 -26.54 39.20 14.66
CA THR B 123 -27.98 39.25 14.82
C THR B 123 -28.63 40.35 13.97
N THR B 124 -28.23 41.61 14.18
CA THR B 124 -28.85 42.72 13.47
C THR B 124 -27.87 43.76 12.95
N THR B 125 -26.64 43.84 13.47
CA THR B 125 -25.71 44.87 13.02
C THR B 125 -25.37 44.71 11.54
N GLY B 126 -25.12 43.49 11.11
CA GLY B 126 -24.73 43.24 9.73
C GLY B 126 -25.84 42.67 8.87
N ARG B 127 -26.67 41.81 9.45
CA ARG B 127 -27.71 41.14 8.67
C ARG B 127 -28.70 42.14 8.09
N ILE B 128 -29.15 43.11 8.90
CA ILE B 128 -30.14 44.08 8.44
C ILE B 128 -29.58 44.88 7.27
N LEU B 129 -28.33 45.34 7.38
CA LEU B 129 -27.71 46.07 6.29
C LEU B 129 -27.52 45.17 5.06
N VAL B 130 -27.15 43.91 5.28
CA VAL B 130 -26.90 43.00 4.18
C VAL B 130 -28.19 42.69 3.42
N VAL B 131 -29.30 42.55 4.14
CA VAL B 131 -30.56 42.17 3.49
C VAL B 131 -30.98 43.22 2.47
N LEU B 132 -30.75 44.50 2.77
CA LEU B 132 -31.24 45.57 1.92
C LEU B 132 -30.31 45.90 0.74
N VAL B 133 -29.19 45.19 0.60
CA VAL B 133 -28.25 45.52 -0.46
C VAL B 133 -28.33 44.49 -1.59
N PHE B 134 -28.70 43.25 -1.27
CA PHE B 134 -28.80 42.22 -2.29
C PHE B 134 -30.23 41.96 -2.75
N ILE B 135 -31.20 42.05 -1.85
CA ILE B 135 -32.60 41.91 -2.26
C ILE B 135 -32.99 43.02 -3.22
N LEU B 136 -32.60 44.26 -2.89
CA LEU B 136 -32.93 45.38 -3.77
C LEU B 136 -32.06 45.38 -5.02
N SER B 137 -30.84 44.82 -4.94
CA SER B 137 -30.05 44.62 -6.14
C SER B 137 -30.74 43.64 -7.09
N ILE B 138 -31.33 42.58 -6.53
CA ILE B 138 -32.16 41.69 -7.33
C ILE B 138 -33.37 42.45 -7.87
N ALA B 139 -33.98 43.27 -7.03
CA ALA B 139 -35.05 44.15 -7.50
C ALA B 139 -34.53 45.13 -8.55
N SER B 140 -33.31 45.63 -8.37
CA SER B 140 -32.68 46.46 -9.40
C SER B 140 -32.47 45.67 -10.68
N LEU B 141 -32.12 44.38 -10.56
CA LEU B 141 -32.01 43.53 -11.73
C LEU B 141 -33.37 43.33 -12.39
N ILE B 142 -34.42 43.17 -11.59
CA ILE B 142 -35.76 42.95 -12.15
C ILE B 142 -36.22 44.16 -12.95
N ILE B 143 -36.05 45.36 -12.38
CA ILE B 143 -36.41 46.57 -13.10
C ILE B 143 -35.43 46.90 -14.22
N TYR B 144 -34.26 46.24 -14.24
CA TYR B 144 -33.40 46.33 -15.40
C TYR B 144 -33.91 45.47 -16.56
N PHE B 145 -34.63 44.39 -16.25
CA PHE B 145 -35.10 43.48 -17.29
C PHE B 145 -36.17 44.14 -18.15
N VAL B 146 -37.00 45.00 -17.56
CA VAL B 146 -38.09 45.61 -18.31
C VAL B 146 -37.54 46.55 -19.38
N ASP B 147 -36.44 47.24 -19.09
CA ASP B 147 -35.78 48.04 -20.10
C ASP B 147 -34.82 47.23 -20.97
N ALA B 148 -34.34 46.09 -20.45
CA ALA B 148 -33.53 45.20 -21.28
C ALA B 148 -34.35 44.61 -22.41
N SER B 149 -35.61 44.26 -22.14
CA SER B 149 -36.49 43.74 -23.18
C SER B 149 -36.90 44.80 -24.19
N SER B 150 -36.68 46.08 -23.89
CA SER B 150 -37.00 47.14 -24.82
C SER B 150 -36.11 47.06 -26.06
N GLU B 151 -36.70 47.36 -27.21
CA GLU B 151 -35.95 47.29 -28.47
C GLU B 151 -34.83 48.32 -28.51
N GLU B 152 -35.09 49.54 -28.03
CA GLU B 152 -34.11 50.60 -28.11
C GLU B 152 -32.97 50.38 -27.12
N VAL B 153 -31.76 50.68 -27.57
CA VAL B 153 -30.60 50.58 -26.68
C VAL B 153 -30.33 51.90 -25.95
N GLU B 154 -30.60 53.04 -26.60
CA GLU B 154 -30.44 54.37 -25.98
C GLU B 154 -31.70 55.15 -26.31
N ARG B 155 -32.67 55.13 -25.39
CA ARG B 155 -33.96 55.77 -25.60
C ARG B 155 -34.07 57.03 -24.75
N CYS B 156 -34.88 57.97 -25.21
CA CYS B 156 -35.12 59.24 -24.54
C CYS B 156 -36.54 59.28 -24.02
N GLN B 157 -36.71 59.68 -22.76
CA GLN B 157 -38.04 59.75 -22.16
C GLN B 157 -37.98 60.74 -21.00
N LYS B 158 -39.13 61.35 -20.71
CA LYS B 158 -39.24 62.27 -19.59
C LYS B 158 -39.17 61.50 -18.29
N TRP B 159 -38.11 61.72 -17.51
CA TRP B 159 -37.85 60.97 -16.29
C TRP B 159 -38.65 61.45 -15.09
N SER B 160 -39.74 62.20 -15.32
CA SER B 160 -40.51 62.75 -14.21
C SER B 160 -41.32 61.66 -13.51
N ASN B 161 -42.21 61.00 -14.24
CA ASN B 161 -43.18 60.08 -13.66
C ASN B 161 -43.26 58.78 -14.46
N ASN B 162 -42.11 58.20 -14.76
CA ASN B 162 -42.11 56.89 -15.42
C ASN B 162 -42.50 55.80 -14.42
N ILE B 163 -42.71 54.60 -14.95
CA ILE B 163 -43.09 53.47 -14.11
C ILE B 163 -41.92 53.03 -13.24
N THR B 164 -40.71 52.97 -13.81
CA THR B 164 -39.56 52.46 -13.08
C THR B 164 -38.31 53.35 -13.16
N GLN B 165 -38.40 54.52 -13.80
CA GLN B 165 -37.22 55.38 -13.90
C GLN B 165 -36.87 56.01 -12.57
N GLN B 166 -37.87 56.24 -11.70
CA GLN B 166 -37.59 56.83 -10.40
C GLN B 166 -36.99 55.80 -9.43
N ILE B 167 -37.43 54.55 -9.53
CA ILE B 167 -37.06 53.55 -8.54
C ILE B 167 -35.58 53.18 -8.65
N ASP B 168 -35.10 52.97 -9.87
CA ASP B 168 -33.71 52.55 -10.06
C ASP B 168 -32.74 53.60 -9.55
N LEU B 169 -33.02 54.88 -9.84
CA LEU B 169 -32.22 55.96 -9.26
C LEU B 169 -32.41 56.01 -7.75
N ALA B 170 -33.64 55.87 -7.27
CA ALA B 170 -33.90 55.91 -5.83
C ALA B 170 -33.21 54.77 -5.11
N PHE B 171 -33.25 53.56 -5.70
CA PHE B 171 -32.53 52.44 -5.12
C PHE B 171 -31.03 52.71 -5.05
N ASN B 172 -30.47 53.31 -6.10
CA ASN B 172 -29.07 53.65 -6.12
C ASN B 172 -28.73 54.86 -5.25
N ILE B 173 -29.73 55.64 -4.84
CA ILE B 173 -29.46 56.80 -3.97
C ILE B 173 -28.86 56.34 -2.65
N PHE B 174 -29.46 55.32 -2.03
CA PHE B 174 -28.93 54.74 -0.80
C PHE B 174 -27.99 53.57 -1.08
N PHE B 175 -27.55 53.41 -2.33
CA PHE B 175 -26.51 52.46 -2.68
C PHE B 175 -25.17 53.13 -2.92
N MET B 176 -25.17 54.34 -3.47
CA MET B 176 -23.93 55.06 -3.70
C MET B 176 -23.46 55.82 -2.48
N VAL B 177 -24.34 56.04 -1.50
CA VAL B 177 -23.87 56.42 -0.17
C VAL B 177 -23.58 55.18 0.66
N TYR B 178 -24.18 54.04 0.27
CA TYR B 178 -23.84 52.77 0.90
C TYR B 178 -22.39 52.39 0.63
N PHE B 179 -21.91 52.65 -0.58
CA PHE B 179 -20.51 52.40 -0.88
C PHE B 179 -19.59 53.31 -0.08
N PHE B 180 -20.10 54.45 0.36
CA PHE B 180 -19.28 55.37 1.16
C PHE B 180 -18.86 54.72 2.48
N ILE B 181 -19.80 54.04 3.16
CA ILE B 181 -19.46 53.41 4.43
C ILE B 181 -18.41 52.33 4.23
N ARG B 182 -18.36 51.72 3.05
CA ARG B 182 -17.28 50.79 2.73
C ARG B 182 -15.98 51.52 2.49
N PHE B 183 -16.03 52.62 1.74
CA PHE B 183 -14.83 53.39 1.38
C PHE B 183 -14.32 54.25 2.52
N ILE B 184 -15.22 54.80 3.35
CA ILE B 184 -14.79 55.69 4.43
C ILE B 184 -13.93 54.94 5.43
N ALA B 185 -14.32 53.73 5.80
CA ALA B 185 -13.63 52.94 6.82
C ALA B 185 -13.10 51.64 6.25
N ALA B 186 -12.50 51.70 5.06
CA ALA B 186 -11.88 50.53 4.47
C ALA B 186 -10.56 50.25 5.17
N SER B 187 -10.36 48.99 5.57
CA SER B 187 -9.11 48.60 6.22
C SER B 187 -7.92 48.78 5.28
N ASP B 188 -8.08 48.41 4.02
CA ASP B 188 -7.06 48.61 3.00
C ASP B 188 -7.52 49.74 2.08
N LYS B 189 -6.80 50.86 2.10
CA LYS B 189 -7.19 52.00 1.28
C LYS B 189 -6.87 51.79 -0.19
N LEU B 190 -5.87 50.97 -0.51
CA LEU B 190 -5.47 50.73 -1.88
C LEU B 190 -5.95 49.39 -2.42
N TRP B 191 -5.88 48.33 -1.62
CA TRP B 191 -6.26 47.01 -2.11
C TRP B 191 -7.77 46.92 -2.32
N PHE B 192 -8.54 47.81 -1.67
CA PHE B 192 -9.98 47.82 -1.82
C PHE B 192 -10.43 48.37 -3.16
N MET B 193 -9.50 48.95 -3.93
CA MET B 193 -9.84 49.54 -5.22
C MET B 193 -10.35 48.49 -6.21
N LEU B 194 -9.75 47.30 -6.23
CA LEU B 194 -10.10 46.30 -7.23
C LEU B 194 -10.95 45.17 -6.67
N GLU B 195 -11.51 45.32 -5.47
CA GLU B 195 -12.33 44.25 -4.92
C GLU B 195 -13.55 44.04 -5.82
N MET B 196 -13.97 42.77 -5.92
CA MET B 196 -14.93 42.38 -6.95
C MET B 196 -16.24 43.15 -6.80
N TYR B 197 -16.69 43.34 -5.56
CA TYR B 197 -18.00 43.95 -5.35
C TYR B 197 -17.92 45.46 -5.52
N SER B 198 -16.79 46.05 -5.14
CA SER B 198 -16.57 47.48 -5.34
C SER B 198 -16.26 47.78 -6.80
N PHE B 199 -15.66 46.83 -7.51
CA PHE B 199 -15.33 47.05 -8.93
C PHE B 199 -16.60 47.26 -9.75
N VAL B 200 -17.65 46.50 -9.46
CA VAL B 200 -18.90 46.63 -10.20
C VAL B 200 -19.50 48.01 -10.01
N ASP B 201 -19.49 48.52 -8.78
CA ASP B 201 -20.15 49.78 -8.48
C ASP B 201 -19.54 50.94 -9.26
N TYR B 202 -18.21 50.98 -9.36
CA TYR B 202 -17.55 52.08 -10.05
C TYR B 202 -17.99 52.16 -11.51
N PHE B 203 -18.44 51.03 -12.08
CA PHE B 203 -18.96 51.05 -13.44
C PHE B 203 -20.47 51.22 -13.49
N THR B 204 -21.15 51.27 -12.35
CA THR B 204 -22.60 51.44 -12.31
C THR B 204 -23.06 52.68 -11.55
N ILE B 205 -22.27 53.18 -10.59
CA ILE B 205 -22.67 54.39 -9.88
C ILE B 205 -22.72 55.62 -10.79
N PRO B 206 -21.71 55.91 -11.60
CA PRO B 206 -21.78 57.09 -12.49
C PRO B 206 -22.94 56.99 -13.48
N PRO B 207 -23.31 55.80 -13.96
CA PRO B 207 -24.54 55.72 -14.77
C PRO B 207 -25.78 56.26 -14.07
N SER B 208 -25.83 56.22 -12.73
CA SER B 208 -26.94 56.85 -12.03
C SER B 208 -26.95 58.35 -12.27
N PHE B 209 -25.79 58.98 -12.27
CA PHE B 209 -25.69 60.41 -12.57
C PHE B 209 -25.89 60.70 -14.06
N VAL B 210 -25.80 59.68 -14.91
CA VAL B 210 -25.96 59.89 -16.35
C VAL B 210 -27.37 60.33 -16.69
N SER B 211 -28.37 59.66 -16.12
CA SER B 211 -29.76 59.90 -16.48
C SER B 211 -30.37 61.12 -15.80
N ILE B 212 -29.57 61.96 -15.15
CA ILE B 212 -30.09 63.12 -14.44
C ILE B 212 -29.71 64.45 -15.08
N TYR B 213 -28.71 64.47 -15.96
CA TYR B 213 -28.23 65.72 -16.54
C TYR B 213 -28.50 65.84 -18.03
N LEU B 214 -29.00 64.79 -18.68
CA LEU B 214 -29.29 64.87 -20.12
C LEU B 214 -30.61 64.22 -20.49
N ASP B 215 -31.39 63.74 -19.52
CA ASP B 215 -32.73 63.20 -19.70
C ASP B 215 -32.77 61.96 -20.59
N ARG B 216 -31.62 61.37 -20.90
CA ARG B 216 -31.54 60.19 -21.75
C ARG B 216 -30.89 59.05 -20.98
N THR B 217 -31.53 57.88 -21.01
CA THR B 217 -31.00 56.68 -20.38
C THR B 217 -30.84 55.59 -21.43
N TRP B 218 -29.81 54.75 -21.23
CA TRP B 218 -29.50 53.67 -22.14
C TRP B 218 -29.48 52.35 -21.38
N ILE B 219 -29.05 51.28 -22.07
CA ILE B 219 -29.01 49.97 -21.43
C ILE B 219 -28.02 49.96 -20.27
N GLY B 220 -26.94 50.72 -20.38
CA GLY B 220 -26.00 50.88 -19.28
C GLY B 220 -25.23 49.62 -18.93
N LEU B 221 -24.42 49.70 -17.89
CA LEU B 221 -23.70 48.55 -17.36
C LEU B 221 -24.37 47.96 -16.13
N ARG B 222 -25.65 48.28 -15.91
CA ARG B 222 -26.38 47.80 -14.74
C ARG B 222 -26.61 46.30 -14.77
N PHE B 223 -26.37 45.64 -15.90
CA PHE B 223 -26.41 44.18 -15.93
C PHE B 223 -25.33 43.56 -15.05
N LEU B 224 -24.29 44.32 -14.72
CA LEU B 224 -23.25 43.84 -13.81
C LEU B 224 -23.76 43.64 -12.40
N ARG B 225 -24.96 44.14 -12.08
CA ARG B 225 -25.56 43.90 -10.77
C ARG B 225 -25.87 42.41 -10.56
N ALA B 226 -25.87 41.62 -11.63
CA ALA B 226 -26.08 40.18 -11.48
C ALA B 226 -24.95 39.51 -10.72
N LEU B 227 -23.79 40.16 -10.62
CA LEU B 227 -22.70 39.62 -9.82
C LEU B 227 -23.01 39.64 -8.33
N ARG B 228 -24.04 40.39 -7.91
CA ARG B 228 -24.47 40.36 -6.52
C ARG B 228 -25.11 39.04 -6.14
N LEU B 229 -25.45 38.20 -7.12
CA LEU B 229 -26.00 36.88 -6.82
C LEU B 229 -24.98 35.97 -6.14
N MET B 230 -23.69 36.29 -6.25
CA MET B 230 -22.67 35.48 -5.59
C MET B 230 -22.70 35.63 -4.07
N THR B 231 -23.34 36.69 -3.56
CA THR B 231 -23.53 36.81 -2.13
C THR B 231 -24.78 36.08 -1.63
N VAL B 232 -25.66 35.65 -2.54
CA VAL B 232 -26.92 35.02 -2.13
C VAL B 232 -26.70 33.84 -1.19
N PRO B 233 -25.78 32.90 -1.45
CA PRO B 233 -25.57 31.81 -0.48
C PRO B 233 -25.13 32.29 0.89
N ASP B 234 -24.47 33.45 0.98
CA ASP B 234 -24.01 33.94 2.27
C ASP B 234 -25.19 34.27 3.18
N ILE B 235 -26.24 34.89 2.63
CA ILE B 235 -27.43 35.16 3.43
C ILE B 235 -28.12 33.87 3.85
N LEU B 236 -28.09 32.85 2.98
CA LEU B 236 -28.67 31.57 3.33
C LEU B 236 -28.03 30.99 4.59
N GLN B 237 -26.75 31.27 4.82
CA GLN B 237 -26.13 30.89 6.09
C GLN B 237 -26.73 31.68 7.25
N TYR B 238 -27.02 32.96 7.04
CA TYR B 238 -27.60 33.78 8.10
C TYR B 238 -28.98 33.27 8.49
N LEU B 239 -29.78 32.88 7.51
CA LEU B 239 -31.12 32.37 7.76
C LEU B 239 -31.13 30.89 8.12
N ASN B 240 -29.95 30.24 8.13
CA ASN B 240 -29.81 28.84 8.49
C ASN B 240 -30.62 27.93 7.56
N VAL B 241 -30.76 28.35 6.29
CA VAL B 241 -31.44 27.50 5.31
C VAL B 241 -30.57 26.27 5.00
N LEU B 242 -29.27 26.48 4.82
CA LEU B 242 -28.32 25.41 4.55
C LEU B 242 -27.31 25.39 5.71
N LYS B 243 -27.62 24.57 6.72
CA LYS B 243 -26.76 24.52 7.90
C LYS B 243 -25.46 23.78 7.63
N THR B 244 -25.52 22.68 6.88
CA THR B 244 -24.35 21.86 6.65
C THR B 244 -23.34 22.59 5.77
N SER B 245 -22.05 22.36 6.05
CA SER B 245 -20.98 22.99 5.28
C SER B 245 -20.88 22.40 3.87
N SER B 246 -21.17 21.10 3.73
CA SER B 246 -21.09 20.47 2.42
C SER B 246 -22.09 21.09 1.44
N SER B 247 -23.31 21.35 1.92
CA SER B 247 -24.30 22.01 1.07
C SER B 247 -23.90 23.43 0.73
N ILE B 248 -23.22 24.13 1.65
CA ILE B 248 -22.79 25.49 1.38
C ILE B 248 -21.76 25.51 0.25
N ARG B 249 -20.81 24.58 0.27
CA ARG B 249 -19.75 24.56 -0.74
C ARG B 249 -20.32 24.36 -2.14
N LEU B 250 -21.28 23.44 -2.29
CA LEU B 250 -21.90 23.25 -3.59
C LEU B 250 -22.84 24.42 -3.93
N ALA B 251 -23.44 25.03 -2.92
CA ALA B 251 -24.27 26.22 -3.16
C ALA B 251 -23.42 27.40 -3.63
N GLN B 252 -22.15 27.44 -3.23
CA GLN B 252 -21.26 28.49 -3.71
C GLN B 252 -21.05 28.38 -5.22
N LEU B 253 -20.69 27.19 -5.70
CA LEU B 253 -20.31 27.03 -7.10
C LEU B 253 -21.47 27.36 -8.04
N VAL B 254 -22.68 26.92 -7.70
CA VAL B 254 -23.84 27.23 -8.52
C VAL B 254 -24.13 28.73 -8.55
N SER B 255 -23.70 29.46 -7.53
CA SER B 255 -23.96 30.90 -7.49
C SER B 255 -23.09 31.65 -8.49
N ILE B 256 -21.80 31.33 -8.54
CA ILE B 256 -20.93 31.94 -9.53
C ILE B 256 -21.33 31.49 -10.94
N PHE B 257 -21.75 30.24 -11.09
CA PHE B 257 -22.14 29.74 -12.40
C PHE B 257 -23.31 30.53 -12.97
N ILE B 258 -24.32 30.79 -12.15
CA ILE B 258 -25.46 31.59 -12.60
C ILE B 258 -25.06 33.05 -12.78
N SER B 259 -24.28 33.59 -11.84
CA SER B 259 -23.88 34.99 -11.92
C SER B 259 -23.03 35.25 -13.15
N VAL B 260 -22.06 34.38 -13.43
CA VAL B 260 -21.22 34.55 -14.61
C VAL B 260 -22.05 34.40 -15.88
N TRP B 261 -22.96 33.42 -15.90
CA TRP B 261 -23.80 33.19 -17.07
C TRP B 261 -24.67 34.40 -17.37
N LEU B 262 -25.28 34.99 -16.33
CA LEU B 262 -26.16 36.13 -16.54
C LEU B 262 -25.39 37.38 -16.92
N THR B 263 -24.26 37.64 -16.25
CA THR B 263 -23.52 38.86 -16.55
C THR B 263 -22.87 38.81 -17.93
N ALA B 264 -22.52 37.61 -18.41
CA ALA B 264 -21.98 37.48 -19.76
C ALA B 264 -23.06 37.70 -20.80
N ALA B 265 -24.31 37.29 -20.50
CA ALA B 265 -25.41 37.55 -21.42
C ALA B 265 -25.67 39.04 -21.54
N GLY B 266 -25.51 39.78 -20.45
CA GLY B 266 -25.65 41.23 -20.53
C GLY B 266 -24.62 41.87 -21.42
N ILE B 267 -23.38 41.38 -21.35
CA ILE B 267 -22.33 41.87 -22.25
C ILE B 267 -22.66 41.56 -23.69
N ILE B 268 -23.16 40.34 -23.95
CA ILE B 268 -23.57 39.97 -25.30
C ILE B 268 -24.69 40.87 -25.78
N HIS B 269 -25.66 41.13 -24.90
CA HIS B 269 -26.78 42.00 -25.27
C HIS B 269 -26.27 43.40 -25.63
N LEU B 270 -25.34 43.93 -24.84
CA LEU B 270 -24.82 45.27 -25.09
C LEU B 270 -23.92 45.30 -26.32
N LEU B 271 -23.05 44.31 -26.47
CA LEU B 271 -22.10 44.31 -27.58
C LEU B 271 -22.76 44.04 -28.93
N GLU B 272 -24.00 43.58 -28.96
CA GLU B 272 -24.68 43.28 -30.20
C GLU B 272 -25.72 44.34 -30.59
N ASN B 273 -26.55 44.77 -29.63
CA ASN B 273 -27.58 45.76 -29.94
C ASN B 273 -26.97 47.13 -30.21
N SER B 274 -25.97 47.52 -29.40
CA SER B 274 -25.34 48.82 -29.60
C SER B 274 -24.61 48.90 -30.94
N GLY B 275 -23.92 47.82 -31.32
CA GLY B 275 -23.16 47.79 -32.54
C GLY B 275 -21.74 48.32 -32.37
N ASP B 276 -20.96 48.18 -33.45
CA ASP B 276 -19.58 48.61 -33.42
C ASP B 276 -19.50 50.14 -33.34
N PRO B 277 -18.56 50.68 -32.57
CA PRO B 277 -18.45 52.14 -32.45
C PRO B 277 -18.04 52.84 -33.74
N LEU B 278 -17.45 52.12 -34.69
CA LEU B 278 -16.93 52.77 -35.89
C LEU B 278 -18.04 53.07 -36.88
N ASP B 279 -18.76 52.05 -37.34
CA ASP B 279 -19.78 52.21 -38.37
C ASP B 279 -21.19 52.35 -37.80
N PHE B 280 -21.50 51.63 -36.71
CA PHE B 280 -22.81 51.71 -36.07
C PHE B 280 -23.94 51.38 -37.04
N ASP B 281 -23.71 50.39 -37.90
CA ASP B 281 -24.73 49.96 -38.85
C ASP B 281 -24.96 48.46 -38.78
N ASN B 282 -23.93 47.71 -38.40
CA ASN B 282 -24.00 46.25 -38.30
C ASN B 282 -24.47 45.82 -36.91
N ALA B 283 -25.64 46.33 -36.53
CA ALA B 283 -26.25 46.02 -35.25
C ALA B 283 -27.41 45.05 -35.46
N HIS B 284 -27.39 43.94 -34.74
CA HIS B 284 -28.41 42.92 -34.83
C HIS B 284 -29.27 42.95 -33.57
N ARG B 285 -30.59 42.97 -33.77
CA ARG B 285 -31.52 43.03 -32.64
C ARG B 285 -31.57 41.68 -31.94
N LEU B 286 -31.12 41.65 -30.69
CA LEU B 286 -31.12 40.44 -29.87
C LEU B 286 -31.71 40.74 -28.52
N SER B 287 -32.50 39.80 -28.01
CA SER B 287 -33.17 39.97 -26.72
C SER B 287 -32.38 39.27 -25.61
N TYR B 288 -32.60 39.75 -24.38
CA TYR B 288 -31.94 39.16 -23.23
C TYR B 288 -32.41 37.72 -23.01
N TRP B 289 -33.67 37.44 -23.31
CA TRP B 289 -34.16 36.06 -23.31
C TRP B 289 -33.43 35.20 -24.34
N THR B 290 -32.99 35.79 -25.45
CA THR B 290 -32.21 35.04 -26.43
C THR B 290 -30.75 34.92 -26.01
N CYS B 291 -30.22 35.95 -25.35
CA CYS B 291 -28.81 35.94 -24.97
C CYS B 291 -28.51 34.84 -23.96
N VAL B 292 -29.40 34.64 -23.00
CA VAL B 292 -29.20 33.56 -22.03
C VAL B 292 -29.29 32.20 -22.71
N TYR B 293 -30.20 32.07 -23.69
CA TYR B 293 -30.26 30.85 -24.48
C TYR B 293 -29.04 30.71 -25.37
N PHE B 294 -28.44 31.82 -25.78
CA PHE B 294 -27.24 31.78 -26.62
C PHE B 294 -26.07 31.15 -25.87
N LEU B 295 -25.85 31.56 -24.62
CA LEU B 295 -24.69 31.08 -23.87
C LEU B 295 -24.90 29.71 -23.25
N ILE B 296 -26.15 29.32 -22.96
CA ILE B 296 -26.37 28.02 -22.33
C ILE B 296 -26.01 26.90 -23.29
N VAL B 297 -26.25 27.09 -24.59
CA VAL B 297 -25.84 26.09 -25.58
C VAL B 297 -24.38 26.23 -25.97
N THR B 298 -23.79 27.41 -25.74
CA THR B 298 -22.35 27.57 -26.00
C THR B 298 -21.53 26.88 -24.92
N MET B 299 -21.94 27.02 -23.66
CA MET B 299 -21.21 26.38 -22.57
C MET B 299 -21.29 24.87 -22.69
N SER B 300 -22.44 24.34 -23.13
CA SER B 300 -22.62 22.92 -23.34
C SER B 300 -21.97 22.43 -24.63
N THR B 301 -21.35 23.32 -25.41
CA THR B 301 -20.67 22.97 -26.66
C THR B 301 -21.61 22.26 -27.63
N VAL B 302 -22.85 22.73 -27.71
CA VAL B 302 -23.80 22.19 -28.67
C VAL B 302 -23.77 23.00 -29.97
N GLY B 303 -24.03 24.31 -29.88
CA GLY B 303 -23.89 25.18 -31.01
C GLY B 303 -24.92 24.96 -32.11
N TYR B 304 -26.18 25.27 -31.83
CA TYR B 304 -27.22 25.10 -32.84
C TYR B 304 -26.96 26.00 -34.05
N GLY B 305 -26.54 27.23 -33.81
CA GLY B 305 -26.29 28.17 -34.89
C GLY B 305 -27.48 28.95 -35.38
N ASP B 306 -28.67 28.70 -34.82
CA ASP B 306 -29.84 29.49 -35.19
C ASP B 306 -29.66 30.95 -34.82
N VAL B 307 -29.06 31.22 -33.67
CA VAL B 307 -28.70 32.56 -33.25
C VAL B 307 -27.18 32.62 -33.12
N TYR B 308 -26.59 33.70 -33.61
CA TYR B 308 -25.13 33.86 -33.56
C TYR B 308 -24.80 35.34 -33.52
N CYS B 309 -23.59 35.64 -33.06
CA CYS B 309 -23.11 37.01 -32.95
C CYS B 309 -22.60 37.50 -34.30
N GLU B 310 -22.99 38.72 -34.66
CA GLU B 310 -22.59 39.32 -35.93
C GLU B 310 -21.63 40.48 -35.79
N THR B 311 -21.71 41.23 -34.69
CA THR B 311 -20.83 42.38 -34.49
C THR B 311 -19.38 41.92 -34.32
N VAL B 312 -18.46 42.68 -34.90
CA VAL B 312 -17.05 42.35 -34.81
C VAL B 312 -16.58 42.39 -33.36
N LEU B 313 -17.00 43.41 -32.61
CA LEU B 313 -16.65 43.49 -31.20
C LEU B 313 -17.24 42.33 -30.42
N GLY B 314 -18.49 41.95 -30.74
CA GLY B 314 -19.09 40.80 -30.07
C GLY B 314 -18.38 39.50 -30.39
N ARG B 315 -17.94 39.34 -31.64
CA ARG B 315 -17.21 38.13 -32.02
C ARG B 315 -15.89 38.02 -31.26
N THR B 316 -15.24 39.15 -31.00
CA THR B 316 -14.00 39.13 -30.24
C THR B 316 -14.23 38.62 -28.82
N PHE B 317 -15.39 38.94 -28.23
CA PHE B 317 -15.70 38.47 -26.89
C PHE B 317 -15.88 36.95 -26.86
N LEU B 318 -16.53 36.38 -27.88
CA LEU B 318 -16.71 34.93 -27.91
C LEU B 318 -15.36 34.22 -27.95
N VAL B 319 -14.39 34.77 -28.69
CA VAL B 319 -13.06 34.17 -28.73
C VAL B 319 -12.41 34.24 -27.35
N PHE B 320 -12.50 35.39 -26.68
CA PHE B 320 -11.88 35.54 -25.38
C PHE B 320 -12.61 34.72 -24.31
N PHE B 321 -13.94 34.83 -24.26
CA PHE B 321 -14.67 34.27 -23.13
C PHE B 321 -14.67 32.75 -23.17
N LEU B 322 -14.69 32.16 -24.37
CA LEU B 322 -14.51 30.70 -24.47
C LEU B 322 -13.14 30.30 -23.96
N LEU B 323 -12.10 31.06 -24.32
CA LEU B 323 -10.75 30.72 -23.89
C LEU B 323 -10.60 30.83 -22.38
N VAL B 324 -11.04 31.96 -21.80
CA VAL B 324 -10.95 32.12 -20.35
C VAL B 324 -11.98 31.25 -19.65
N GLY B 325 -13.14 31.03 -20.26
CA GLY B 325 -14.14 30.17 -19.65
C GLY B 325 -13.70 28.73 -19.57
N LEU B 326 -13.12 28.20 -20.65
CA LEU B 326 -12.62 26.83 -20.63
C LEU B 326 -11.51 26.66 -19.61
N ALA B 327 -10.59 27.62 -19.55
CA ALA B 327 -9.52 27.55 -18.56
C ALA B 327 -10.06 27.63 -17.14
N ILE B 328 -11.02 28.53 -16.90
CA ILE B 328 -11.63 28.63 -15.58
C ILE B 328 -12.41 27.36 -15.26
N PHE B 329 -13.15 26.83 -16.25
CA PHE B 329 -13.90 25.60 -16.03
C PHE B 329 -12.97 24.43 -15.72
N ALA B 330 -11.83 24.35 -16.39
CA ALA B 330 -10.88 23.27 -16.21
C ALA B 330 -9.86 23.54 -15.11
N SER B 331 -10.08 24.56 -14.28
CA SER B 331 -9.15 24.88 -13.20
C SER B 331 -9.68 24.52 -11.82
N CYS B 332 -10.99 24.57 -11.63
CA CYS B 332 -11.59 24.28 -10.32
C CYS B 332 -12.55 23.11 -10.34
N ILE B 333 -13.40 23.00 -11.38
CA ILE B 333 -14.35 21.89 -11.44
C ILE B 333 -13.66 20.53 -11.47
N PRO B 334 -12.61 20.30 -12.28
CA PRO B 334 -12.00 18.96 -12.28
C PRO B 334 -11.40 18.54 -10.95
N GLU B 335 -11.12 19.47 -10.04
CA GLU B 335 -10.44 19.12 -8.80
C GLU B 335 -11.40 19.07 -7.61
N ILE B 336 -12.39 19.96 -7.56
CA ILE B 336 -13.27 19.99 -6.40
C ILE B 336 -14.64 19.36 -6.68
N ILE B 337 -15.14 19.47 -7.91
CA ILE B 337 -16.42 18.85 -8.24
C ILE B 337 -16.28 17.32 -8.25
N ASP B 338 -15.14 16.81 -8.72
CA ASP B 338 -14.94 15.37 -8.79
C ASP B 338 -14.95 14.73 -7.41
N LEU B 339 -14.47 15.44 -6.39
CA LEU B 339 -14.46 14.89 -5.04
C LEU B 339 -15.87 14.68 -4.51
N ILE B 340 -16.78 15.60 -4.82
CA ILE B 340 -18.15 15.51 -4.31
C ILE B 340 -18.86 14.29 -4.90
N GLY B 341 -18.57 13.96 -6.15
CA GLY B 341 -19.30 12.88 -6.81
C GLY B 341 -19.06 11.52 -6.19
N THR B 342 -17.82 11.24 -5.79
CA THR B 342 -17.48 9.92 -5.26
C THR B 342 -18.17 9.68 -3.92
N ARG B 343 -18.77 8.51 -3.77
CA ARG B 343 -19.46 8.14 -2.54
C ARG B 343 -19.39 6.62 -2.38
N ALA B 344 -19.62 6.17 -1.14
CA ALA B 344 -19.57 4.75 -0.84
C ALA B 344 -20.75 4.01 -1.44
N LYS B 345 -20.57 2.72 -1.69
CA LYS B 345 -21.59 1.90 -2.32
C LYS B 345 -22.25 0.92 -1.36
N TYR B 346 -21.66 0.68 -0.19
CA TYR B 346 -22.20 -0.26 0.79
C TYR B 346 -22.68 0.50 2.02
N GLY B 347 -23.93 0.28 2.39
CA GLY B 347 -24.52 0.95 3.52
C GLY B 347 -26.03 1.00 3.36
N GLY B 348 -26.66 1.72 4.27
CA GLY B 348 -28.09 1.91 4.25
C GLY B 348 -28.83 0.86 5.06
N THR B 349 -30.04 1.23 5.48
CA THR B 349 -30.87 0.32 6.26
C THR B 349 -31.35 -0.83 5.38
N LEU B 350 -31.39 -2.03 5.98
CA LEU B 350 -31.88 -3.20 5.26
C LEU B 350 -33.32 -2.99 4.80
N LYS B 351 -33.58 -3.37 3.56
CA LYS B 351 -34.92 -3.23 2.99
C LYS B 351 -35.90 -4.15 3.72
N ASN B 352 -37.08 -3.62 4.01
CA ASN B 352 -38.10 -4.35 4.73
C ASN B 352 -39.14 -4.92 3.77
N GLU B 353 -39.61 -6.14 4.07
CA GLU B 353 -40.61 -6.81 3.28
C GLU B 353 -41.67 -7.42 4.20
N LYS B 354 -42.88 -7.54 3.68
CA LYS B 354 -43.96 -8.13 4.46
C LYS B 354 -43.74 -9.63 4.62
N GLY B 355 -43.82 -10.10 5.87
CA GLY B 355 -43.57 -11.51 6.15
C GLY B 355 -42.18 -11.97 5.77
N ARG B 356 -41.17 -11.15 6.05
CA ARG B 356 -39.80 -11.43 5.66
C ARG B 356 -39.06 -12.09 6.82
N ARG B 357 -38.53 -13.28 6.57
CA ARG B 357 -37.70 -14.00 7.54
C ARG B 357 -36.25 -13.95 7.08
N HIS B 358 -35.36 -13.55 7.98
CA HIS B 358 -33.96 -13.39 7.63
C HIS B 358 -33.09 -13.69 8.84
N ILE B 359 -31.82 -13.97 8.58
CA ILE B 359 -30.83 -14.21 9.62
C ILE B 359 -29.64 -13.29 9.37
N VAL B 360 -28.92 -12.98 10.44
CA VAL B 360 -27.76 -12.09 10.37
C VAL B 360 -26.52 -12.91 10.64
N VAL B 361 -25.54 -12.80 9.74
CA VAL B 361 -24.27 -13.52 9.84
C VAL B 361 -23.18 -12.48 10.04
N CYS B 362 -22.43 -12.62 11.13
CA CYS B 362 -21.35 -11.70 11.47
C CYS B 362 -20.10 -12.48 11.84
N GLY B 363 -19.01 -11.76 12.04
CA GLY B 363 -17.75 -12.38 12.40
C GLY B 363 -16.75 -12.40 11.25
N HIS B 364 -16.15 -13.56 10.99
CA HIS B 364 -15.18 -13.71 9.93
C HIS B 364 -15.92 -13.97 8.63
N ILE B 365 -15.80 -13.04 7.68
CA ILE B 365 -16.50 -13.12 6.41
C ILE B 365 -15.43 -13.20 5.32
N THR B 366 -15.18 -14.41 4.82
CA THR B 366 -14.25 -14.61 3.72
C THR B 366 -14.91 -15.45 2.63
N TYR B 367 -14.17 -15.73 1.56
CA TYR B 367 -14.76 -16.46 0.43
C TYR B 367 -15.03 -17.92 0.81
N GLU B 368 -13.99 -18.65 1.20
CA GLU B 368 -14.10 -20.08 1.45
C GLU B 368 -14.78 -20.39 2.77
N SER B 369 -15.21 -19.39 3.53
CA SER B 369 -16.02 -19.59 4.72
C SER B 369 -17.49 -19.31 4.47
N VAL B 370 -17.81 -18.24 3.75
CA VAL B 370 -19.19 -17.94 3.40
C VAL B 370 -19.72 -18.94 2.38
N SER B 371 -18.89 -19.31 1.41
CA SER B 371 -19.34 -20.19 0.33
C SER B 371 -19.78 -21.54 0.88
N HIS B 372 -19.02 -22.10 1.81
CA HIS B 372 -19.39 -23.40 2.38
C HIS B 372 -20.71 -23.31 3.13
N PHE B 373 -20.94 -22.22 3.86
CA PHE B 373 -22.21 -22.05 4.56
C PHE B 373 -23.36 -21.87 3.58
N LEU B 374 -23.12 -21.14 2.48
CA LEU B 374 -24.19 -20.88 1.52
C LEU B 374 -24.54 -22.13 0.71
N LYS B 375 -23.59 -23.06 0.57
CA LYS B 375 -23.87 -24.28 -0.17
C LYS B 375 -24.96 -25.11 0.51
N ASP B 376 -24.93 -25.18 1.83
CA ASP B 376 -25.89 -25.96 2.59
C ASP B 376 -27.15 -25.18 2.92
N PHE B 377 -27.01 -23.91 3.31
CA PHE B 377 -28.17 -23.12 3.67
C PHE B 377 -29.09 -22.88 2.48
N LEU B 378 -28.52 -22.57 1.31
CA LEU B 378 -29.26 -22.34 0.08
C LEU B 378 -29.15 -23.51 -0.88
N HIS B 379 -29.17 -24.74 -0.34
CA HIS B 379 -28.91 -25.92 -1.15
C HIS B 379 -30.00 -26.13 -2.19
N GLU B 380 -29.65 -26.86 -3.24
CA GLU B 380 -30.58 -27.10 -4.35
C GLU B 380 -31.77 -27.93 -3.90
N ASP B 381 -31.53 -28.97 -3.11
CA ASP B 381 -32.58 -29.94 -2.78
C ASP B 381 -33.36 -29.60 -1.53
N ARG B 382 -33.02 -28.51 -0.85
CA ARG B 382 -33.73 -28.15 0.38
C ARG B 382 -35.18 -27.79 0.05
N GLU B 383 -36.11 -28.31 0.86
CA GLU B 383 -37.52 -28.03 0.64
C GLU B 383 -37.81 -26.54 0.84
N ASP B 384 -38.88 -26.09 0.21
CA ASP B 384 -39.06 -24.66 -0.05
C ASP B 384 -39.34 -23.86 1.21
N VAL B 385 -38.29 -23.27 1.78
CA VAL B 385 -38.39 -22.24 2.81
C VAL B 385 -37.48 -21.10 2.41
N ASP B 386 -38.01 -19.88 2.45
CA ASP B 386 -37.28 -18.69 1.99
C ASP B 386 -36.83 -17.89 3.21
N VAL B 387 -35.54 -17.93 3.50
CA VAL B 387 -34.94 -17.15 4.57
C VAL B 387 -33.77 -16.37 3.99
N GLU B 388 -33.84 -15.05 4.08
CA GLU B 388 -32.77 -14.21 3.57
C GLU B 388 -31.55 -14.27 4.48
N VAL B 389 -30.38 -14.04 3.91
CA VAL B 389 -29.12 -14.07 4.64
C VAL B 389 -28.51 -12.67 4.57
N VAL B 390 -28.23 -12.08 5.73
CA VAL B 390 -27.67 -10.74 5.83
C VAL B 390 -26.27 -10.87 6.41
N PHE B 391 -25.28 -10.35 5.69
CA PHE B 391 -23.89 -10.36 6.11
C PHE B 391 -23.47 -8.97 6.55
N LEU B 392 -22.95 -8.88 7.77
CA LEU B 392 -22.51 -7.60 8.35
C LEU B 392 -21.04 -7.72 8.70
N HIS B 393 -20.18 -7.16 7.85
CA HIS B 393 -18.74 -7.18 8.06
C HIS B 393 -18.19 -5.76 8.03
N ARG B 394 -17.15 -5.52 8.83
CA ARG B 394 -16.58 -4.19 8.92
C ARG B 394 -15.83 -3.81 7.65
N LYS B 395 -15.18 -4.77 6.99
CA LYS B 395 -14.42 -4.45 5.79
C LYS B 395 -15.24 -4.74 4.54
N PRO B 396 -15.09 -3.91 3.50
CA PRO B 396 -15.81 -4.17 2.26
C PRO B 396 -15.34 -5.45 1.61
N PRO B 397 -16.22 -6.18 0.93
CA PRO B 397 -15.82 -7.45 0.33
C PRO B 397 -14.85 -7.26 -0.82
N ASP B 398 -13.98 -8.24 -0.99
CA ASP B 398 -13.03 -8.22 -2.09
C ASP B 398 -13.67 -8.78 -3.36
N LEU B 399 -12.90 -8.81 -4.45
CA LEU B 399 -13.43 -9.27 -5.73
C LEU B 399 -13.78 -10.75 -5.69
N GLU B 400 -13.02 -11.55 -4.95
CA GLU B 400 -13.31 -12.98 -4.86
C GLU B 400 -14.67 -13.23 -4.24
N LEU B 401 -15.00 -12.50 -3.17
CA LEU B 401 -16.27 -12.67 -2.48
C LEU B 401 -17.40 -11.85 -3.09
N GLU B 402 -17.08 -10.77 -3.82
CA GLU B 402 -18.11 -9.97 -4.44
C GLU B 402 -18.88 -10.78 -5.48
N GLY B 403 -18.17 -11.61 -6.26
CA GLY B 403 -18.84 -12.45 -7.24
C GLY B 403 -19.78 -13.45 -6.61
N LEU B 404 -19.44 -13.96 -5.43
CA LEU B 404 -20.32 -14.90 -4.73
C LEU B 404 -21.64 -14.25 -4.37
N PHE B 405 -21.60 -12.99 -3.91
CA PHE B 405 -22.83 -12.29 -3.57
C PHE B 405 -23.67 -12.00 -4.81
N LYS B 406 -23.02 -11.79 -5.96
CA LYS B 406 -23.77 -11.54 -7.20
C LYS B 406 -24.57 -12.76 -7.61
N ARG B 407 -24.00 -13.95 -7.45
CA ARG B 407 -24.70 -15.18 -7.83
C ARG B 407 -25.88 -15.48 -6.93
N HIS B 408 -25.94 -14.86 -5.75
CA HIS B 408 -27.04 -15.04 -4.81
C HIS B 408 -27.67 -13.70 -4.45
N PHE B 409 -27.88 -12.85 -5.47
CA PHE B 409 -28.43 -11.52 -5.23
C PHE B 409 -29.86 -11.57 -4.72
N THR B 410 -30.61 -12.61 -5.07
CA THR B 410 -32.01 -12.68 -4.68
C THR B 410 -32.22 -13.10 -3.23
N THR B 411 -31.19 -13.64 -2.58
CA THR B 411 -31.34 -14.14 -1.21
C THR B 411 -30.23 -13.69 -0.26
N VAL B 412 -29.19 -13.03 -0.75
CA VAL B 412 -28.05 -12.63 0.06
C VAL B 412 -27.80 -11.15 -0.14
N GLU B 413 -27.70 -10.40 0.95
CA GLU B 413 -27.38 -8.99 0.92
C GLU B 413 -26.27 -8.69 1.92
N PHE B 414 -25.40 -7.75 1.55
CA PHE B 414 -24.25 -7.38 2.36
C PHE B 414 -24.40 -5.94 2.84
N PHE B 415 -24.02 -5.71 4.09
CA PHE B 415 -24.05 -4.38 4.69
C PHE B 415 -22.75 -4.14 5.44
N GLN B 416 -22.14 -2.99 5.23
CA GLN B 416 -20.88 -2.65 5.88
C GLN B 416 -21.15 -2.07 7.26
N GLY B 417 -20.57 -2.69 8.29
CA GLY B 417 -20.77 -2.22 9.64
C GLY B 417 -20.17 -3.21 10.62
N THR B 418 -20.37 -2.90 11.90
CA THR B 418 -19.88 -3.72 12.99
C THR B 418 -21.04 -4.18 13.85
N ILE B 419 -21.05 -5.47 14.19
CA ILE B 419 -22.10 -6.00 15.05
C ILE B 419 -22.05 -5.38 16.44
N MET B 420 -20.90 -4.82 16.83
CA MET B 420 -20.76 -4.18 18.13
C MET B 420 -21.39 -2.79 18.17
N ASN B 421 -21.58 -2.16 17.01
CA ASN B 421 -22.18 -0.83 16.97
C ASN B 421 -23.70 -0.95 17.08
N PRO B 422 -24.32 -0.32 18.08
CA PRO B 422 -25.79 -0.37 18.15
C PRO B 422 -26.48 0.24 16.95
N ILE B 423 -25.86 1.25 16.31
CA ILE B 423 -26.45 1.83 15.11
C ILE B 423 -26.50 0.81 13.99
N ASP B 424 -25.41 0.05 13.81
CA ASP B 424 -25.38 -0.97 12.76
C ASP B 424 -26.34 -2.12 13.07
N LEU B 425 -26.60 -2.37 14.35
CA LEU B 425 -27.58 -3.39 14.71
C LEU B 425 -28.97 -3.00 14.23
N GLN B 426 -29.32 -1.71 14.34
CA GLN B 426 -30.60 -1.25 13.84
C GLN B 426 -30.68 -1.35 12.32
N ARG B 427 -29.55 -1.13 11.64
CA ARG B 427 -29.55 -1.17 10.18
C ARG B 427 -29.92 -2.54 9.65
N VAL B 428 -29.40 -3.61 10.27
CA VAL B 428 -29.69 -4.97 9.83
C VAL B 428 -30.97 -5.52 10.43
N LYS B 429 -31.69 -4.73 11.22
CA LYS B 429 -32.99 -5.13 11.78
C LYS B 429 -32.86 -6.41 12.60
N VAL B 430 -32.09 -6.31 13.69
CA VAL B 430 -31.78 -7.48 14.51
C VAL B 430 -33.05 -8.07 15.13
N HIS B 431 -33.92 -7.22 15.67
CA HIS B 431 -35.12 -7.72 16.32
C HIS B 431 -36.05 -8.45 15.36
N GLU B 432 -35.98 -8.17 14.06
CA GLU B 432 -36.74 -8.91 13.06
C GLU B 432 -36.06 -10.20 12.64
N ALA B 433 -34.78 -10.38 12.96
CA ALA B 433 -34.05 -11.55 12.52
C ALA B 433 -34.48 -12.79 13.30
N ASP B 434 -34.53 -13.92 12.61
CA ASP B 434 -34.89 -15.18 13.26
C ASP B 434 -33.75 -15.66 14.16
N ALA B 435 -32.52 -15.58 13.67
CA ALA B 435 -31.36 -16.00 14.43
C ALA B 435 -30.14 -15.23 13.98
N CYS B 436 -29.13 -15.18 14.85
CA CYS B 436 -27.86 -14.52 14.57
C CYS B 436 -26.74 -15.55 14.59
N LEU B 437 -25.90 -15.53 13.55
CA LEU B 437 -24.84 -16.50 13.37
C LEU B 437 -23.50 -15.79 13.42
N VAL B 438 -22.57 -16.32 14.22
CA VAL B 438 -21.24 -15.74 14.38
C VAL B 438 -20.23 -16.76 13.88
N LEU B 439 -19.38 -16.34 12.95
CA LEU B 439 -18.35 -17.20 12.37
C LEU B 439 -16.99 -16.86 12.97
N ALA B 440 -16.16 -17.88 13.09
CA ALA B 440 -14.85 -17.77 13.72
C ALA B 440 -13.74 -17.85 12.69
N ASN B 441 -12.67 -17.11 12.92
CA ASN B 441 -11.49 -17.14 12.06
C ASN B 441 -10.67 -18.37 12.42
N LYS B 442 -10.70 -19.38 11.55
CA LYS B 442 -9.95 -20.60 11.82
C LYS B 442 -8.45 -20.36 11.76
N TYR B 443 -8.00 -19.46 10.90
CA TYR B 443 -6.57 -19.17 10.73
C TYR B 443 -6.22 -17.94 11.55
N CYS B 444 -6.11 -18.13 12.86
CA CYS B 444 -5.79 -17.07 13.79
C CYS B 444 -4.59 -17.49 14.63
N GLN B 445 -3.69 -16.54 14.89
CA GLN B 445 -2.51 -16.82 15.69
C GLN B 445 -2.89 -17.17 17.13
N ASP B 446 -3.83 -16.44 17.71
CA ASP B 446 -4.27 -16.65 19.09
C ASP B 446 -5.73 -17.07 19.11
N PRO B 447 -6.04 -18.36 19.27
CA PRO B 447 -7.45 -18.77 19.38
C PRO B 447 -8.17 -18.16 20.56
N ASP B 448 -7.47 -17.94 21.67
CA ASP B 448 -8.11 -17.35 22.85
C ASP B 448 -8.56 -15.93 22.58
N ALA B 449 -7.74 -15.14 21.88
CA ALA B 449 -8.12 -13.77 21.54
C ALA B 449 -9.31 -13.76 20.58
N GLU B 450 -9.31 -14.67 19.61
CA GLU B 450 -10.44 -14.75 18.67
C GLU B 450 -11.72 -15.16 19.39
N ASP B 451 -11.62 -16.11 20.31
CA ASP B 451 -12.80 -16.55 21.05
C ASP B 451 -13.35 -15.44 21.92
N ALA B 452 -12.48 -14.67 22.57
CA ALA B 452 -12.93 -13.57 23.40
C ALA B 452 -13.66 -12.52 22.59
N ALA B 453 -13.14 -12.18 21.41
CA ALA B 453 -13.82 -11.23 20.54
C ALA B 453 -15.16 -11.77 20.07
N ASN B 454 -15.22 -13.05 19.71
CA ASN B 454 -16.47 -13.65 19.26
C ASN B 454 -17.50 -13.68 20.38
N ILE B 455 -17.08 -14.02 21.59
CA ILE B 455 -18.00 -14.04 22.72
C ILE B 455 -18.53 -12.65 23.00
N MET B 456 -17.66 -11.64 22.94
CA MET B 456 -18.07 -10.27 23.18
C MET B 456 -19.06 -9.77 22.14
N ARG B 457 -19.02 -10.34 20.92
CA ARG B 457 -20.04 -10.03 19.93
C ARG B 457 -21.41 -10.53 20.37
N VAL B 458 -21.46 -11.71 20.99
CA VAL B 458 -22.73 -12.26 21.46
C VAL B 458 -23.33 -11.37 22.56
N ILE B 459 -22.47 -10.81 23.42
CA ILE B 459 -22.95 -9.93 24.47
C ILE B 459 -23.64 -8.71 23.87
N SER B 460 -23.05 -8.13 22.83
CA SER B 460 -23.66 -6.97 22.18
C SER B 460 -25.02 -7.33 21.57
N ILE B 461 -25.11 -8.49 20.91
CA ILE B 461 -26.38 -8.92 20.33
C ILE B 461 -27.40 -9.18 21.42
N LYS B 462 -27.00 -9.87 22.50
CA LYS B 462 -27.92 -10.16 23.59
C LYS B 462 -28.33 -8.89 24.31
N ASN B 463 -27.42 -7.91 24.43
CA ASN B 463 -27.78 -6.64 25.05
C ASN B 463 -28.83 -5.90 24.23
N TYR B 464 -28.69 -5.93 22.90
CA TYR B 464 -29.66 -5.25 22.05
C TYR B 464 -31.03 -5.91 22.14
N SER B 465 -31.08 -7.24 22.01
CA SER B 465 -32.32 -8.00 22.08
C SER B 465 -32.11 -9.23 22.95
N ASP B 466 -32.96 -9.38 23.98
CA ASP B 466 -32.82 -10.51 24.88
C ASP B 466 -33.26 -11.81 24.22
N ASP B 467 -34.39 -11.78 23.53
CA ASP B 467 -34.99 -13.00 22.97
C ASP B 467 -34.56 -13.22 21.52
N ILE B 468 -33.25 -13.28 21.32
CA ILE B 468 -32.66 -13.55 20.02
C ILE B 468 -31.86 -14.84 20.09
N ARG B 469 -31.97 -15.66 19.05
CA ARG B 469 -31.25 -16.92 18.98
C ARG B 469 -29.89 -16.69 18.37
N VAL B 470 -28.85 -17.11 19.09
CA VAL B 470 -27.46 -16.90 18.68
C VAL B 470 -26.77 -18.25 18.58
N ILE B 471 -26.10 -18.49 17.46
CA ILE B 471 -25.26 -19.67 17.26
C ILE B 471 -23.87 -19.18 16.92
N ILE B 472 -22.88 -19.64 17.67
CA ILE B 472 -21.52 -19.11 17.59
C ILE B 472 -20.54 -20.24 17.33
N GLN B 473 -19.57 -19.98 16.46
CA GLN B 473 -18.43 -20.87 16.26
C GLN B 473 -17.34 -20.49 17.26
N LEU B 474 -16.89 -21.47 18.04
CA LEU B 474 -15.92 -21.23 19.10
C LEU B 474 -14.67 -22.05 18.82
N MET B 475 -13.50 -21.42 18.93
CA MET B 475 -12.25 -22.09 18.57
C MET B 475 -11.85 -23.13 19.60
N GLN B 476 -11.94 -22.79 20.88
CA GLN B 476 -11.45 -23.65 21.95
C GLN B 476 -12.58 -24.09 22.86
N TYR B 477 -12.44 -25.30 23.41
CA TYR B 477 -13.50 -25.86 24.25
C TYR B 477 -13.55 -25.17 25.61
N HIS B 478 -12.39 -24.80 26.16
CA HIS B 478 -12.36 -24.21 27.50
C HIS B 478 -12.98 -22.82 27.54
N ASN B 479 -13.26 -22.21 26.39
CA ASN B 479 -13.91 -20.91 26.34
C ASN B 479 -15.44 -21.01 26.38
N LYS B 480 -15.99 -22.22 26.41
CA LYS B 480 -17.44 -22.37 26.48
C LYS B 480 -18.00 -21.86 27.79
N ALA B 481 -17.21 -21.89 28.87
CA ALA B 481 -17.69 -21.45 30.17
C ALA B 481 -18.01 -19.96 30.19
N TYR B 482 -17.28 -19.17 29.40
CA TYR B 482 -17.53 -17.73 29.37
C TYR B 482 -18.92 -17.42 28.84
N LEU B 483 -19.38 -18.19 27.84
CA LEU B 483 -20.72 -17.98 27.31
C LEU B 483 -21.80 -18.28 28.33
N LEU B 484 -21.51 -19.17 29.29
CA LEU B 484 -22.49 -19.47 30.34
C LEU B 484 -22.62 -18.33 31.34
N ASN B 485 -21.65 -17.42 31.38
CA ASN B 485 -21.73 -16.29 32.30
C ASN B 485 -22.71 -15.22 31.84
N ILE B 486 -23.11 -15.23 30.57
CA ILE B 486 -24.08 -14.28 30.06
C ILE B 486 -25.46 -14.65 30.60
N PRO B 487 -26.13 -13.76 31.31
CA PRO B 487 -27.45 -14.11 31.86
C PRO B 487 -28.50 -14.41 30.80
N SER B 488 -28.39 -13.78 29.63
CA SER B 488 -29.37 -13.98 28.57
C SER B 488 -29.12 -15.22 27.73
N TRP B 489 -28.03 -15.94 27.99
CA TRP B 489 -27.70 -17.13 27.22
C TRP B 489 -28.50 -18.31 27.76
N ASP B 490 -29.43 -18.82 26.96
CA ASP B 490 -30.26 -19.96 27.34
C ASP B 490 -30.14 -21.03 26.29
N TRP B 491 -29.68 -22.22 26.70
CA TRP B 491 -29.55 -23.33 25.76
C TRP B 491 -30.92 -23.85 25.33
N LYS B 492 -31.90 -23.82 26.24
CA LYS B 492 -33.23 -24.31 25.91
C LYS B 492 -33.96 -23.38 24.95
N GLN B 493 -33.63 -22.09 24.97
CA GLN B 493 -34.31 -21.15 24.08
C GLN B 493 -33.85 -21.31 22.64
N GLY B 494 -32.66 -21.84 22.42
CA GLY B 494 -32.17 -22.05 21.06
C GLY B 494 -30.72 -21.70 20.86
N ASP B 495 -30.12 -21.03 21.85
CA ASP B 495 -28.70 -20.69 21.76
C ASP B 495 -27.85 -21.95 21.80
N ASP B 496 -26.84 -22.02 20.95
CA ASP B 496 -26.03 -23.21 20.85
C ASP B 496 -24.61 -22.81 20.47
N VAL B 497 -23.65 -23.64 20.87
CA VAL B 497 -22.23 -23.38 20.64
C VAL B 497 -21.67 -24.51 19.78
N ILE B 498 -20.99 -24.14 18.71
CA ILE B 498 -20.32 -25.09 17.83
C ILE B 498 -18.82 -24.93 18.05
N CYS B 499 -18.21 -25.87 18.76
CA CYS B 499 -16.79 -25.82 19.06
C CYS B 499 -16.04 -26.59 17.97
N LEU B 500 -15.24 -25.86 17.18
CA LEU B 500 -14.53 -26.49 16.07
C LEU B 500 -13.52 -27.52 16.58
N ALA B 501 -12.78 -27.20 17.64
CA ALA B 501 -11.78 -28.12 18.15
C ALA B 501 -12.42 -29.41 18.66
N GLU B 502 -13.53 -29.29 19.39
CA GLU B 502 -14.18 -30.48 19.95
C GLU B 502 -14.81 -31.32 18.86
N LEU B 503 -15.46 -30.69 17.88
CA LEU B 503 -16.15 -31.44 16.84
C LEU B 503 -15.18 -32.06 15.85
N LYS B 504 -14.14 -31.32 15.46
CA LYS B 504 -13.20 -31.83 14.47
C LYS B 504 -12.44 -33.05 15.00
N LEU B 505 -11.86 -32.92 16.19
CA LEU B 505 -11.11 -34.03 16.77
C LEU B 505 -12.02 -35.12 17.33
N GLY B 506 -13.27 -34.78 17.65
CA GLY B 506 -14.21 -35.81 18.05
C GLY B 506 -14.55 -36.76 16.91
N PHE B 507 -14.72 -36.21 15.70
CA PHE B 507 -14.97 -37.06 14.54
C PHE B 507 -13.79 -37.97 14.26
N ILE B 508 -12.57 -37.45 14.38
CA ILE B 508 -11.38 -38.26 14.14
C ILE B 508 -11.23 -39.32 15.22
N ALA B 509 -11.53 -38.98 16.47
CA ALA B 509 -11.41 -39.95 17.55
C ALA B 509 -12.36 -41.12 17.36
N GLN B 510 -13.58 -40.86 16.91
CA GLN B 510 -14.52 -41.95 16.64
C GLN B 510 -14.07 -42.79 15.46
N SER B 511 -13.35 -42.20 14.51
CA SER B 511 -12.82 -42.98 13.39
C SER B 511 -11.78 -43.99 13.84
N CYS B 512 -11.02 -43.67 14.89
CA CYS B 512 -10.06 -44.63 15.42
C CYS B 512 -10.76 -45.88 15.94
N LEU B 513 -11.88 -45.70 16.63
CA LEU B 513 -12.65 -46.85 17.11
C LEU B 513 -13.36 -47.56 15.97
N ALA B 514 -13.97 -46.80 15.06
CA ALA B 514 -14.68 -47.37 13.92
C ALA B 514 -14.29 -46.59 12.67
N PRO B 515 -13.40 -47.13 11.84
CA PRO B 515 -12.99 -46.41 10.63
C PRO B 515 -14.16 -46.16 9.69
N GLY B 516 -14.13 -45.00 9.04
CA GLY B 516 -15.20 -44.57 8.17
C GLY B 516 -16.35 -43.88 8.85
N PHE B 517 -16.31 -43.73 10.18
CA PHE B 517 -17.41 -43.11 10.89
C PHE B 517 -17.52 -41.62 10.58
N SER B 518 -16.39 -40.96 10.35
CA SER B 518 -16.42 -39.53 10.05
C SER B 518 -17.20 -39.25 8.77
N THR B 519 -17.02 -40.08 7.75
CA THR B 519 -17.78 -39.93 6.52
C THR B 519 -19.27 -40.16 6.77
N MET B 520 -19.61 -41.13 7.62
CA MET B 520 -21.01 -41.43 7.89
C MET B 520 -21.74 -40.24 8.50
N MET B 521 -21.11 -39.55 9.47
CA MET B 521 -21.67 -38.33 10.01
C MET B 521 -21.59 -37.15 9.06
N ALA B 522 -20.55 -37.06 8.24
CA ALA B 522 -20.44 -35.93 7.33
C ALA B 522 -21.60 -35.90 6.33
N ASN B 523 -21.97 -37.07 5.81
CA ASN B 523 -23.09 -37.15 4.87
C ASN B 523 -24.43 -37.09 5.59
N LEU B 524 -24.53 -37.64 6.80
CA LEU B 524 -25.80 -37.70 7.49
C LEU B 524 -26.34 -36.32 7.83
N PHE B 525 -25.47 -35.41 8.28
CA PHE B 525 -25.87 -34.09 8.73
C PHE B 525 -25.52 -33.01 7.71
N ALA B 526 -25.66 -33.34 6.42
CA ALA B 526 -25.37 -32.38 5.37
C ALA B 526 -26.33 -32.59 4.22
N MET B 527 -26.48 -31.55 3.40
CA MET B 527 -27.34 -31.59 2.21
C MET B 527 -26.60 -32.32 1.10
N ARG B 528 -27.10 -33.50 0.72
CA ARG B 528 -26.49 -34.30 -0.34
C ARG B 528 -27.44 -34.39 -1.51
N SER B 529 -26.96 -34.05 -2.70
CA SER B 529 -27.76 -34.06 -3.91
C SER B 529 -27.63 -35.42 -4.58
N PHE B 530 -28.74 -36.17 -4.65
CA PHE B 530 -28.73 -37.46 -5.31
C PHE B 530 -28.57 -37.28 -6.82
N LYS B 531 -27.76 -38.15 -7.43
CA LYS B 531 -27.46 -38.08 -8.85
C LYS B 531 -27.85 -39.40 -9.52
N THR B 532 -28.47 -39.28 -10.70
CA THR B 532 -28.88 -40.43 -11.49
C THR B 532 -28.17 -40.39 -12.83
N SER B 533 -27.51 -41.49 -13.18
CA SER B 533 -26.82 -41.61 -14.46
C SER B 533 -26.58 -43.08 -14.78
N PRO B 534 -26.81 -43.50 -16.03
CA PRO B 534 -26.56 -44.91 -16.38
C PRO B 534 -25.10 -45.32 -16.28
N ASP B 535 -24.17 -44.38 -16.31
CA ASP B 535 -22.74 -44.69 -16.31
C ASP B 535 -22.18 -44.45 -14.91
N MET B 536 -22.36 -45.45 -14.05
CA MET B 536 -21.69 -45.47 -12.75
C MET B 536 -21.64 -46.91 -12.26
N GLN B 537 -20.63 -47.19 -11.43
CA GLN B 537 -20.42 -48.54 -10.93
C GLN B 537 -21.45 -48.89 -9.85
N SER B 538 -21.45 -50.17 -9.47
CA SER B 538 -22.40 -50.63 -8.46
C SER B 538 -22.12 -50.02 -7.09
N TRP B 539 -20.85 -49.75 -6.78
CA TRP B 539 -20.51 -49.17 -5.49
C TRP B 539 -21.08 -47.76 -5.36
N THR B 540 -21.10 -47.00 -6.46
CA THR B 540 -21.64 -45.65 -6.41
C THR B 540 -23.16 -45.66 -6.20
N ASN B 541 -23.84 -46.67 -6.74
CA ASN B 541 -25.29 -46.75 -6.57
C ASN B 541 -25.67 -46.91 -5.10
N ASP B 542 -24.96 -47.79 -4.38
CA ASP B 542 -25.26 -48.01 -2.97
C ASP B 542 -24.78 -46.86 -2.11
N TYR B 543 -23.63 -46.29 -2.42
CA TYR B 543 -23.10 -45.18 -1.63
C TYR B 543 -23.98 -43.94 -1.76
N LEU B 544 -24.45 -43.65 -2.98
CA LEU B 544 -25.25 -42.44 -3.20
C LEU B 544 -26.58 -42.52 -2.46
N ARG B 545 -27.20 -43.69 -2.41
CA ARG B 545 -28.45 -43.84 -1.68
C ARG B 545 -28.24 -43.58 -0.19
N GLY B 546 -27.12 -44.01 0.35
CA GLY B 546 -26.82 -43.75 1.75
C GLY B 546 -26.63 -42.28 2.05
N THR B 547 -26.04 -41.54 1.10
CA THR B 547 -25.82 -40.11 1.31
C THR B 547 -27.12 -39.33 1.42
N GLY B 548 -28.23 -39.87 0.92
CA GLY B 548 -29.50 -39.21 1.05
C GLY B 548 -30.19 -39.37 2.38
N MET B 549 -29.61 -40.16 3.28
CA MET B 549 -30.19 -40.37 4.60
C MET B 549 -29.99 -39.13 5.45
N GLU B 550 -31.00 -38.80 6.27
CA GLU B 550 -30.98 -37.60 7.07
C GLU B 550 -31.62 -37.90 8.42
N MET B 551 -31.28 -37.08 9.42
CA MET B 551 -31.78 -37.26 10.77
C MET B 551 -32.97 -36.34 11.01
N TYR B 552 -34.04 -36.89 11.56
CA TYR B 552 -35.25 -36.15 11.85
C TYR B 552 -35.77 -36.51 13.23
N THR B 553 -36.50 -35.57 13.84
CA THR B 553 -37.10 -35.76 15.15
C THR B 553 -38.61 -35.74 15.02
N GLU B 554 -39.27 -36.71 15.65
CA GLU B 554 -40.72 -36.81 15.58
C GLU B 554 -41.24 -37.48 16.84
N THR B 555 -42.40 -37.01 17.32
CA THR B 555 -43.04 -37.62 18.47
C THR B 555 -43.57 -39.00 18.12
N LEU B 556 -43.38 -39.95 19.03
CA LEU B 556 -43.79 -41.32 18.79
C LEU B 556 -45.31 -41.45 18.84
N SER B 557 -45.81 -42.49 18.19
CA SER B 557 -47.24 -42.75 18.15
C SER B 557 -47.75 -43.16 19.52
N PRO B 558 -49.03 -42.94 19.80
CA PRO B 558 -49.60 -43.44 21.06
C PRO B 558 -49.56 -44.95 21.18
N THR B 559 -49.45 -45.67 20.07
CA THR B 559 -49.30 -47.12 20.15
C THR B 559 -47.96 -47.52 20.74
N PHE B 560 -46.92 -46.70 20.52
CA PHE B 560 -45.57 -47.04 20.96
C PHE B 560 -45.37 -46.91 22.46
N ILE B 561 -46.34 -46.36 23.19
CA ILE B 561 -46.14 -46.13 24.62
C ILE B 561 -46.19 -47.45 25.37
N GLY B 562 -45.39 -47.56 26.42
CA GLY B 562 -45.42 -48.70 27.30
C GLY B 562 -44.65 -49.93 26.84
N ILE B 563 -43.80 -49.80 25.83
CA ILE B 563 -43.00 -50.92 25.36
C ILE B 563 -41.53 -50.53 25.39
N PRO B 564 -40.61 -51.48 25.53
CA PRO B 564 -39.18 -51.13 25.59
C PRO B 564 -38.68 -50.56 24.26
N PHE B 565 -37.57 -49.83 24.36
CA PHE B 565 -36.99 -49.20 23.17
C PHE B 565 -36.56 -50.24 22.16
N ALA B 566 -35.99 -51.35 22.62
CA ALA B 566 -35.49 -52.37 21.69
C ALA B 566 -36.61 -52.93 20.82
N GLN B 567 -37.78 -53.19 21.41
CA GLN B 567 -38.89 -53.68 20.62
C GLN B 567 -39.50 -52.58 19.75
N ALA B 568 -39.38 -51.32 20.17
CA ALA B 568 -39.97 -50.23 19.40
C ALA B 568 -39.18 -49.95 18.14
N THR B 569 -37.84 -49.93 18.23
CA THR B 569 -37.03 -49.56 17.07
C THR B 569 -36.99 -50.67 16.04
N GLU B 570 -37.12 -51.94 16.45
CA GLU B 570 -37.17 -53.02 15.48
C GLU B 570 -38.52 -53.04 14.75
N LEU B 571 -39.58 -52.59 15.41
CA LEU B 571 -40.88 -52.50 14.75
C LEU B 571 -40.86 -51.45 13.66
N CYS B 572 -40.20 -50.31 13.90
CA CYS B 572 -40.10 -49.28 12.88
C CYS B 572 -39.29 -49.77 11.69
N PHE B 573 -38.20 -50.49 11.93
CA PHE B 573 -37.38 -51.00 10.84
C PHE B 573 -38.14 -52.07 10.03
N SER B 574 -38.86 -52.95 10.72
CA SER B 574 -39.52 -54.05 10.03
C SER B 574 -40.73 -53.56 9.23
N LYS B 575 -41.54 -52.69 9.84
CA LYS B 575 -42.80 -52.27 9.22
C LYS B 575 -42.73 -50.86 8.65
N LEU B 576 -42.33 -49.88 9.47
CA LEU B 576 -42.33 -48.49 9.04
C LEU B 576 -41.12 -48.12 8.19
N LYS B 577 -40.14 -49.02 8.06
CA LYS B 577 -38.93 -48.76 7.29
C LYS B 577 -38.21 -47.51 7.80
N LEU B 578 -38.05 -47.42 9.10
CA LEU B 578 -37.36 -46.31 9.75
C LEU B 578 -36.31 -46.85 10.71
N LEU B 579 -35.24 -46.07 10.88
CA LEU B 579 -34.16 -46.40 11.80
C LEU B 579 -34.25 -45.45 12.99
N LEU B 580 -34.70 -45.98 14.13
CA LEU B 580 -34.81 -45.22 15.37
C LEU B 580 -33.61 -45.55 16.24
N LEU B 581 -32.79 -44.54 16.52
CA LEU B 581 -31.55 -44.76 17.26
C LEU B 581 -31.48 -44.04 18.59
N ALA B 582 -32.32 -43.06 18.85
CA ALA B 582 -32.30 -42.34 20.12
C ALA B 582 -33.68 -41.83 20.45
N ILE B 583 -33.92 -41.61 21.74
CA ILE B 583 -35.18 -41.07 22.24
C ILE B 583 -34.88 -39.97 23.25
N GLU B 584 -35.91 -39.19 23.55
CA GLU B 584 -35.83 -38.11 24.52
C GLU B 584 -36.27 -38.64 25.88
N ILE B 585 -35.39 -38.51 26.88
CA ILE B 585 -35.66 -38.97 28.23
C ILE B 585 -35.56 -37.79 29.18
N LYS B 586 -36.61 -37.58 29.98
CA LYS B 586 -36.64 -36.48 30.94
C LYS B 586 -35.91 -36.84 32.22
N SER B 594 -34.84 -34.28 28.54
CA SER B 594 -33.69 -33.51 28.96
C SER B 594 -32.39 -34.24 28.63
N LYS B 595 -32.46 -35.56 28.58
CA LYS B 595 -31.30 -36.41 28.29
C LYS B 595 -31.50 -37.09 26.95
N ILE B 596 -30.38 -37.38 26.27
CA ILE B 596 -30.38 -38.11 25.02
C ILE B 596 -29.79 -39.49 25.29
N SER B 597 -30.55 -40.53 24.96
CA SER B 597 -30.12 -41.91 25.15
C SER B 597 -29.97 -42.56 23.79
N ILE B 598 -28.73 -42.90 23.43
CA ILE B 598 -28.43 -43.56 22.17
C ILE B 598 -28.63 -45.06 22.38
N ASN B 599 -29.68 -45.60 21.77
CA ASN B 599 -30.03 -47.02 21.90
C ASN B 599 -30.10 -47.47 23.36
N PRO B 600 -31.03 -46.92 24.14
CA PRO B 600 -31.13 -47.32 25.55
C PRO B 600 -31.55 -48.77 25.70
N ARG B 601 -31.09 -49.39 26.78
CA ARG B 601 -31.38 -50.78 27.08
C ARG B 601 -32.38 -50.83 28.24
N GLY B 602 -33.52 -51.45 27.99
CA GLY B 602 -34.54 -51.57 29.03
C GLY B 602 -35.12 -50.25 29.48
N ALA B 603 -35.37 -49.34 28.54
CA ALA B 603 -35.95 -48.03 28.83
C ALA B 603 -37.34 -47.98 28.21
N LYS B 604 -38.37 -47.87 29.05
CA LYS B 604 -39.74 -47.80 28.56
C LYS B 604 -40.00 -46.43 27.92
N ILE B 605 -40.98 -46.40 27.02
CA ILE B 605 -41.34 -45.17 26.33
C ILE B 605 -42.44 -44.46 27.13
N GLN B 606 -42.22 -43.19 27.44
CA GLN B 606 -43.17 -42.40 28.18
C GLN B 606 -44.14 -41.73 27.21
N ALA B 607 -44.96 -40.80 27.71
CA ALA B 607 -45.92 -40.11 26.87
C ALA B 607 -45.27 -38.94 26.15
N ASN B 608 -45.44 -38.89 24.83
CA ASN B 608 -44.93 -37.80 24.00
C ASN B 608 -43.42 -37.65 24.14
N THR B 609 -42.71 -38.71 23.76
CA THR B 609 -41.25 -38.75 23.80
C THR B 609 -40.70 -38.53 22.40
N GLN B 610 -39.84 -37.52 22.25
CA GLN B 610 -39.22 -37.26 20.96
C GLN B 610 -38.28 -38.38 20.58
N GLY B 611 -38.33 -38.79 19.32
CA GLY B 611 -37.48 -39.84 18.81
C GLY B 611 -36.64 -39.35 17.64
N PHE B 612 -35.41 -39.84 17.56
CA PHE B 612 -34.49 -39.48 16.51
C PHE B 612 -34.49 -40.58 15.45
N PHE B 613 -34.81 -40.22 14.21
CA PHE B 613 -34.95 -41.16 13.12
C PHE B 613 -33.98 -40.83 12.00
N ILE B 614 -33.59 -41.86 11.25
CA ILE B 614 -32.79 -41.72 10.05
C ILE B 614 -33.62 -42.21 8.88
N ALA B 615 -33.86 -41.35 7.90
CA ALA B 615 -34.71 -41.68 6.77
C ALA B 615 -34.32 -40.82 5.58
N GLN B 616 -34.80 -41.21 4.40
CA GLN B 616 -34.50 -40.45 3.19
C GLN B 616 -35.05 -39.03 3.26
N SER B 617 -36.27 -38.88 3.78
CA SER B 617 -36.88 -37.57 3.93
C SER B 617 -37.82 -37.62 5.12
N ALA B 618 -38.65 -36.59 5.27
CA ALA B 618 -39.61 -36.52 6.35
C ALA B 618 -40.89 -37.28 6.06
N ASP B 619 -41.02 -37.86 4.85
CA ASP B 619 -42.24 -38.59 4.52
C ASP B 619 -42.38 -39.84 5.37
N GLU B 620 -41.32 -40.65 5.46
CA GLU B 620 -41.38 -41.84 6.33
C GLU B 620 -41.39 -41.45 7.79
N VAL B 621 -40.74 -40.34 8.14
CA VAL B 621 -40.65 -39.92 9.54
C VAL B 621 -42.03 -39.59 10.08
N LYS B 622 -42.86 -38.91 9.27
CA LYS B 622 -44.22 -38.60 9.70
C LYS B 622 -45.05 -39.85 9.95
N ARG B 623 -44.71 -40.98 9.33
CA ARG B 623 -45.42 -42.22 9.58
C ARG B 623 -45.22 -42.72 11.01
N ALA B 624 -44.20 -42.23 11.71
CA ALA B 624 -44.00 -42.61 13.09
C ALA B 624 -44.98 -41.93 14.03
N TRP B 625 -45.43 -40.72 13.68
CA TRP B 625 -46.34 -40.00 14.57
C TRP B 625 -47.71 -40.66 14.61
N PHE B 626 -48.26 -40.99 13.45
CA PHE B 626 -49.55 -41.69 13.36
C PHE B 626 -49.31 -43.12 12.89
N TYR B 627 -49.72 -44.08 13.71
CA TYR B 627 -49.54 -45.49 13.41
C TYR B 627 -50.40 -46.34 14.35
N CYS B 628 -51.22 -47.22 13.77
CA CYS B 628 -52.07 -48.10 14.56
C CYS B 628 -52.05 -49.49 13.96
N LYS B 629 -52.29 -50.49 14.81
CA LYS B 629 -52.34 -51.87 14.33
C LYS B 629 -53.56 -52.14 13.47
N ALA B 630 -54.60 -51.32 13.58
CA ALA B 630 -55.80 -51.50 12.78
C ALA B 630 -55.72 -50.70 11.48
N MET B 778 -9.86 -44.26 43.55
CA MET B 778 -9.77 -43.18 42.58
C MET B 778 -9.44 -43.71 41.19
N LYS B 779 -10.47 -44.12 40.45
CA LYS B 779 -10.29 -44.72 39.13
C LYS B 779 -10.83 -43.86 38.00
N TYR B 780 -12.00 -43.27 38.17
CA TYR B 780 -12.64 -42.44 37.16
C TYR B 780 -12.68 -40.99 37.61
N ASP B 781 -13.18 -40.11 36.74
CA ASP B 781 -13.27 -38.70 37.06
C ASP B 781 -14.50 -38.43 37.92
N SER B 782 -14.73 -37.15 38.23
CA SER B 782 -15.82 -36.77 39.11
C SER B 782 -17.17 -37.14 38.52
N THR B 783 -17.35 -36.91 37.21
CA THR B 783 -18.61 -37.26 36.57
C THR B 783 -18.77 -38.75 36.36
N GLY B 784 -17.66 -39.51 36.39
CA GLY B 784 -17.72 -40.94 36.18
C GLY B 784 -17.79 -41.37 34.73
N MET B 785 -17.61 -40.45 33.79
CA MET B 785 -17.72 -40.76 32.37
C MET B 785 -16.37 -40.92 31.69
N PHE B 786 -15.26 -40.80 32.42
CA PHE B 786 -13.94 -40.91 31.84
C PHE B 786 -12.99 -41.57 32.83
N HIS B 787 -11.94 -42.19 32.29
CA HIS B 787 -10.90 -42.75 33.13
C HIS B 787 -10.01 -41.64 33.68
N TRP B 788 -9.37 -41.93 34.81
CA TRP B 788 -8.53 -40.95 35.49
C TRP B 788 -7.20 -41.57 35.89
N SER B 789 -6.18 -40.72 35.99
CA SER B 789 -4.85 -41.12 36.37
C SER B 789 -4.29 -40.10 37.35
N PRO B 790 -3.36 -40.52 38.24
CA PRO B 790 -2.82 -39.63 39.27
C PRO B 790 -1.77 -38.62 38.77
N ALA B 791 -2.12 -37.90 37.70
CA ALA B 791 -1.36 -36.75 37.21
C ALA B 791 0.09 -37.13 36.89
N LYS B 792 0.23 -37.99 35.88
CA LYS B 792 1.54 -38.40 35.42
C LYS B 792 2.30 -37.22 34.85
N SER B 793 3.61 -37.18 35.12
CA SER B 793 4.45 -36.09 34.66
C SER B 793 4.76 -36.23 33.16
N LEU B 794 5.01 -35.09 32.52
CA LEU B 794 5.33 -35.08 31.10
C LEU B 794 6.66 -35.77 30.83
N GLU B 795 7.65 -35.53 31.69
CA GLU B 795 8.97 -36.12 31.47
C GLU B 795 8.94 -37.64 31.53
N ASP B 796 8.09 -38.20 32.39
CA ASP B 796 7.98 -39.67 32.47
C ASP B 796 7.35 -40.26 31.21
N CYS B 797 6.59 -39.48 30.45
CA CYS B 797 5.92 -39.97 29.27
C CYS B 797 6.70 -39.75 27.99
N ILE B 798 7.87 -39.12 28.06
CA ILE B 798 8.69 -38.87 26.87
C ILE B 798 9.49 -40.12 26.54
N LEU B 799 9.37 -40.59 25.31
CA LEU B 799 10.07 -41.78 24.84
C LEU B 799 11.10 -41.40 23.79
N ASP B 800 12.32 -41.89 23.96
CA ASP B 800 13.37 -41.68 22.98
C ASP B 800 13.21 -42.65 21.83
N ARG B 801 13.96 -42.41 20.75
CA ARG B 801 13.93 -43.31 19.60
C ARG B 801 14.37 -44.71 20.01
N ASN B 802 15.43 -44.82 20.81
CA ASN B 802 15.86 -46.12 21.30
C ASN B 802 14.82 -46.74 22.22
N GLN B 803 14.21 -45.93 23.09
CA GLN B 803 13.20 -46.46 24.00
C GLN B 803 11.99 -46.98 23.24
N ALA B 804 11.55 -46.25 22.21
CA ALA B 804 10.43 -46.72 21.40
C ALA B 804 10.81 -47.96 20.59
N ALA B 805 12.07 -48.07 20.16
CA ALA B 805 12.49 -49.23 19.40
C ALA B 805 12.47 -50.49 20.24
N MET B 806 12.88 -50.40 21.51
CA MET B 806 12.96 -51.58 22.36
C MET B 806 11.62 -52.00 22.93
N THR B 807 10.56 -51.22 22.72
CA THR B 807 9.22 -51.59 23.14
C THR B 807 8.35 -51.83 21.90
N VAL B 808 7.34 -52.67 22.07
CA VAL B 808 6.45 -53.06 20.98
C VAL B 808 5.06 -52.52 21.29
N LEU B 809 4.50 -51.75 20.35
CA LEU B 809 3.16 -51.22 20.46
C LEU B 809 2.28 -51.86 19.40
N ASN B 810 1.16 -52.44 19.84
CA ASN B 810 0.23 -53.11 18.94
C ASN B 810 -1.18 -52.62 19.23
N GLY B 811 -1.94 -52.36 18.18
CA GLY B 811 -3.31 -51.88 18.34
C GLY B 811 -3.40 -50.54 19.04
N HIS B 812 -2.50 -49.62 18.71
CA HIS B 812 -2.45 -48.31 19.33
C HIS B 812 -2.85 -47.23 18.32
N VAL B 813 -2.85 -45.99 18.78
CA VAL B 813 -3.22 -44.84 17.96
C VAL B 813 -2.01 -43.92 17.89
N VAL B 814 -1.60 -43.59 16.66
CA VAL B 814 -0.46 -42.71 16.43
C VAL B 814 -1.01 -41.36 15.97
N VAL B 815 -0.62 -40.30 16.67
CA VAL B 815 -1.07 -38.95 16.37
C VAL B 815 0.12 -38.20 15.78
N CYS B 816 0.14 -38.07 14.46
CA CYS B 816 1.19 -37.33 13.77
C CYS B 816 0.85 -35.85 13.80
N LEU B 817 1.66 -35.07 14.51
CA LEU B 817 1.39 -33.65 14.75
C LEU B 817 2.43 -32.80 14.03
N PHE B 818 1.96 -31.89 13.19
CA PHE B 818 2.80 -30.90 12.52
C PHE B 818 2.58 -29.57 13.23
N ALA B 819 3.51 -29.20 14.12
CA ALA B 819 3.33 -28.00 14.92
C ALA B 819 4.69 -27.40 15.27
N ASP B 820 4.76 -26.08 15.23
CA ASP B 820 5.90 -25.31 15.68
C ASP B 820 5.76 -24.99 17.16
N PRO B 821 6.86 -24.65 17.84
CA PRO B 821 6.75 -24.28 19.26
C PRO B 821 5.84 -23.10 19.51
N ASP B 822 5.70 -22.18 18.56
CA ASP B 822 4.84 -21.02 18.70
C ASP B 822 3.49 -21.20 18.00
N SER B 823 3.18 -22.41 17.56
CA SER B 823 1.94 -22.65 16.85
C SER B 823 0.74 -22.48 17.79
N PRO B 824 -0.41 -22.07 17.25
CA PRO B 824 -1.61 -21.96 18.10
C PRO B 824 -2.01 -23.31 18.66
N LEU B 825 -2.54 -23.29 19.88
CA LEU B 825 -2.90 -24.51 20.58
C LEU B 825 -4.21 -25.06 20.01
N ILE B 826 -4.18 -26.30 19.56
CA ILE B 826 -5.38 -27.06 19.23
C ILE B 826 -5.57 -28.11 20.31
N GLY B 827 -6.74 -28.13 20.92
CA GLY B 827 -6.94 -28.99 22.08
C GLY B 827 -6.78 -30.46 21.77
N LEU B 828 -5.66 -31.04 22.21
CA LEU B 828 -5.43 -32.46 22.00
C LEU B 828 -6.27 -33.32 22.92
N ARG B 829 -6.83 -32.75 23.98
CA ARG B 829 -7.73 -33.50 24.85
C ARG B 829 -9.00 -33.90 24.11
N ASN B 830 -9.44 -33.10 23.15
CA ASN B 830 -10.65 -33.41 22.40
C ASN B 830 -10.50 -34.66 21.56
N LEU B 831 -9.27 -35.13 21.34
CA LEU B 831 -9.04 -36.38 20.64
C LEU B 831 -8.85 -37.55 21.60
N VAL B 832 -8.24 -37.31 22.76
CA VAL B 832 -7.94 -38.39 23.68
C VAL B 832 -9.10 -38.67 24.65
N MET B 833 -9.85 -37.63 25.04
CA MET B 833 -10.98 -37.83 25.94
C MET B 833 -12.01 -38.80 25.38
N PRO B 834 -12.43 -38.72 24.12
CA PRO B 834 -13.33 -39.77 23.60
C PRO B 834 -12.71 -41.15 23.65
N LEU B 835 -11.40 -41.27 23.48
CA LEU B 835 -10.72 -42.55 23.57
C LEU B 835 -10.55 -43.04 24.99
N ARG B 836 -10.81 -42.19 25.99
CA ARG B 836 -10.70 -42.55 27.40
C ARG B 836 -12.06 -42.58 28.09
N ALA B 837 -13.12 -42.84 27.32
CA ALA B 837 -14.46 -42.86 27.90
C ALA B 837 -14.63 -44.06 28.81
N SER B 838 -15.55 -43.91 29.77
CA SER B 838 -15.81 -44.97 30.74
C SER B 838 -16.45 -46.21 30.12
N ASN B 839 -16.93 -46.13 28.87
CA ASN B 839 -17.52 -47.30 28.23
C ASN B 839 -16.47 -48.39 28.05
N PHE B 840 -15.27 -48.02 27.63
CA PHE B 840 -14.23 -49.01 27.38
C PHE B 840 -13.60 -49.49 28.69
N HIS B 841 -13.36 -50.78 28.77
CA HIS B 841 -12.62 -51.32 29.90
C HIS B 841 -11.15 -50.90 29.81
N TYR B 842 -10.49 -50.92 30.96
CA TYR B 842 -9.10 -50.48 31.01
C TYR B 842 -8.20 -51.34 30.14
N HIS B 843 -8.52 -52.62 29.98
CA HIS B 843 -7.69 -53.50 29.17
C HIS B 843 -7.87 -53.23 27.68
N GLU B 844 -9.05 -52.77 27.27
CA GLU B 844 -9.33 -52.52 25.86
C GLU B 844 -9.04 -51.08 25.45
N LEU B 845 -8.53 -50.25 26.35
CA LEU B 845 -8.15 -48.89 25.99
C LEU B 845 -7.01 -48.91 24.99
N LYS B 846 -7.03 -47.96 24.07
CA LYS B 846 -6.03 -47.87 23.01
C LYS B 846 -4.90 -46.94 23.44
N HIS B 847 -3.67 -47.44 23.38
CA HIS B 847 -2.51 -46.61 23.69
C HIS B 847 -2.38 -45.49 22.66
N VAL B 848 -2.04 -44.30 23.14
CA VAL B 848 -1.92 -43.11 22.31
C VAL B 848 -0.47 -42.65 22.36
N VAL B 849 0.16 -42.55 21.19
CA VAL B 849 1.52 -42.04 21.05
C VAL B 849 1.48 -40.82 20.13
N ILE B 850 2.11 -39.74 20.57
CA ILE B 850 2.12 -38.48 19.85
C ILE B 850 3.52 -38.21 19.34
N VAL B 851 3.64 -37.99 18.03
CA VAL B 851 4.92 -37.70 17.39
C VAL B 851 4.93 -36.22 17.07
N GLY B 852 5.81 -35.47 17.71
CA GLY B 852 5.88 -34.04 17.49
C GLY B 852 6.86 -33.41 18.44
N SER B 853 6.93 -32.09 18.39
CA SER B 853 7.86 -31.34 19.24
C SER B 853 7.34 -31.30 20.67
N VAL B 854 8.22 -31.62 21.63
CA VAL B 854 7.83 -31.59 23.03
C VAL B 854 7.54 -30.16 23.48
N ASP B 855 8.17 -29.17 22.83
CA ASP B 855 7.91 -27.78 23.19
C ASP B 855 6.45 -27.40 22.98
N TYR B 856 5.86 -27.84 21.86
CA TYR B 856 4.45 -27.56 21.62
C TYR B 856 3.57 -28.37 22.56
N ILE B 857 3.91 -29.65 22.78
CA ILE B 857 3.07 -30.51 23.61
C ILE B 857 3.12 -30.05 25.07
N ARG B 858 4.27 -29.57 25.53
CA ARG B 858 4.38 -29.11 26.91
C ARG B 858 3.43 -27.96 27.18
N ARG B 859 3.20 -27.10 26.18
CA ARG B 859 2.33 -25.96 26.37
C ARG B 859 0.88 -26.35 26.63
N GLU B 860 0.49 -27.59 26.30
CA GLU B 860 -0.87 -28.05 26.51
C GLU B 860 -0.92 -29.39 27.23
N TRP B 861 0.16 -29.83 27.86
CA TRP B 861 0.16 -31.11 28.55
C TRP B 861 -0.67 -31.09 29.82
N LYS B 862 -1.10 -29.90 30.26
CA LYS B 862 -1.80 -29.80 31.55
C LYS B 862 -3.07 -30.62 31.56
N MET B 863 -3.81 -30.63 30.46
CA MET B 863 -5.07 -31.37 30.40
C MET B 863 -4.89 -32.84 30.05
N LEU B 864 -3.68 -33.27 29.73
CA LEU B 864 -3.40 -34.67 29.42
C LEU B 864 -2.72 -35.41 30.56
N GLN B 865 -2.52 -34.76 31.71
CA GLN B 865 -1.82 -35.39 32.83
C GLN B 865 -2.61 -36.59 33.36
N ASN B 866 -3.92 -36.44 33.50
CA ASN B 866 -4.76 -37.44 34.16
C ASN B 866 -5.32 -38.48 33.21
N LEU B 867 -4.96 -38.43 31.93
CA LEU B 867 -5.47 -39.39 30.95
C LEU B 867 -4.48 -40.54 30.81
N PRO B 868 -4.89 -41.78 31.09
CA PRO B 868 -3.93 -42.89 31.08
C PRO B 868 -3.45 -43.25 29.68
N LYS B 869 -2.28 -43.88 29.64
CA LYS B 869 -1.70 -44.45 28.43
C LYS B 869 -1.49 -43.39 27.34
N ILE B 870 -0.62 -42.44 27.66
CA ILE B 870 -0.22 -41.40 26.71
C ILE B 870 1.30 -41.38 26.65
N SER B 871 1.84 -41.43 25.43
CA SER B 871 3.28 -41.41 25.20
C SER B 871 3.63 -40.31 24.21
N VAL B 872 4.76 -39.66 24.44
CA VAL B 872 5.23 -38.56 23.61
C VAL B 872 6.61 -38.90 23.08
N LEU B 873 6.80 -38.77 21.77
CA LEU B 873 8.06 -39.05 21.11
C LEU B 873 8.57 -37.79 20.42
N ASN B 874 9.85 -37.48 20.63
CA ASN B 874 10.48 -36.33 19.98
C ASN B 874 10.82 -36.67 18.54
N GLY B 875 10.42 -35.81 17.63
CA GLY B 875 10.73 -35.99 16.23
C GLY B 875 9.64 -35.38 15.37
N SER B 876 9.75 -35.64 14.07
CA SER B 876 8.78 -35.17 13.10
C SER B 876 8.11 -36.34 12.41
N PRO B 877 6.80 -36.25 12.15
CA PRO B 877 6.11 -37.34 11.44
C PRO B 877 6.62 -37.58 10.04
N LEU B 878 7.29 -36.59 9.43
CA LEU B 878 7.84 -36.79 8.09
C LEU B 878 8.99 -37.78 8.10
N SER B 879 9.78 -37.80 9.18
CA SER B 879 10.93 -38.70 9.25
C SER B 879 10.46 -40.14 9.39
N ARG B 880 11.05 -41.03 8.58
CA ARG B 880 10.68 -42.44 8.62
C ARG B 880 11.25 -43.15 9.82
N ALA B 881 12.30 -42.61 10.44
CA ALA B 881 12.88 -43.26 11.61
C ALA B 881 11.90 -43.27 12.78
N ASP B 882 11.23 -42.15 13.02
CA ASP B 882 10.26 -42.09 14.12
C ASP B 882 9.08 -43.01 13.87
N LEU B 883 8.58 -43.04 12.63
CA LEU B 883 7.41 -43.86 12.33
C LEU B 883 7.70 -45.34 12.49
N ARG B 884 8.89 -45.78 12.08
CA ARG B 884 9.28 -47.17 12.31
C ARG B 884 9.44 -47.47 13.79
N ALA B 885 9.90 -46.49 14.57
CA ALA B 885 10.08 -46.70 16.00
C ALA B 885 8.76 -46.95 16.71
N VAL B 886 7.72 -46.18 16.38
CA VAL B 886 6.42 -46.33 17.03
C VAL B 886 5.57 -47.41 16.38
N ASN B 887 6.05 -48.04 15.31
CA ASN B 887 5.37 -49.16 14.66
C ASN B 887 3.98 -48.77 14.18
N VAL B 888 3.94 -47.81 13.25
CA VAL B 888 2.66 -47.42 12.67
C VAL B 888 2.11 -48.51 11.76
N ASN B 889 2.94 -49.47 11.36
CA ASN B 889 2.46 -50.57 10.54
C ASN B 889 1.47 -51.46 11.29
N LEU B 890 1.46 -51.40 12.62
CA LEU B 890 0.59 -52.23 13.43
C LEU B 890 -0.45 -51.43 14.21
N CYS B 891 -0.51 -50.11 14.02
CA CYS B 891 -1.45 -49.28 14.76
C CYS B 891 -2.86 -49.46 14.21
N ASP B 892 -3.85 -49.18 15.07
CA ASP B 892 -5.24 -49.25 14.64
C ASP B 892 -5.63 -48.05 13.79
N MET B 893 -5.02 -46.89 14.01
CA MET B 893 -5.32 -45.71 13.23
C MET B 893 -4.19 -44.70 13.40
N CYS B 894 -3.73 -44.14 12.29
CA CYS B 894 -2.72 -43.08 12.28
C CYS B 894 -3.40 -41.78 11.87
N CYS B 895 -3.34 -40.78 12.75
CA CYS B 895 -3.97 -39.49 12.52
C CYS B 895 -2.90 -38.45 12.21
N ILE B 896 -3.09 -37.72 11.12
CA ILE B 896 -2.17 -36.67 10.70
C ILE B 896 -2.87 -35.34 10.88
N LEU B 897 -2.36 -34.53 11.81
CA LEU B 897 -2.95 -33.23 12.12
C LEU B 897 -1.88 -32.15 11.99
N SER B 898 -2.32 -30.96 11.61
CA SER B 898 -1.44 -29.81 11.46
C SER B 898 -1.97 -28.66 12.29
N ALA B 899 -1.14 -28.12 13.17
CA ALA B 899 -1.48 -26.97 13.98
C ALA B 899 -0.80 -25.69 13.49
N LYS B 900 -0.03 -25.75 12.42
CA LYS B 900 0.69 -24.59 11.93
C LYS B 900 -0.24 -23.63 11.20
N VAL B 901 -0.07 -22.35 11.47
CA VAL B 901 -0.82 -21.31 10.77
C VAL B 901 -0.33 -21.23 9.33
N PRO B 902 -1.21 -21.30 8.33
CA PRO B 902 -0.74 -21.23 6.95
C PRO B 902 -0.14 -19.86 6.63
N SER B 903 0.82 -19.86 5.72
CA SER B 903 1.49 -18.63 5.31
C SER B 903 0.58 -17.70 4.52
N ASN B 904 -0.59 -18.18 4.09
CA ASN B 904 -1.59 -17.42 3.35
C ASN B 904 -1.10 -16.99 1.96
N ASP B 905 0.06 -17.49 1.52
CA ASP B 905 0.52 -17.20 0.17
C ASP B 905 -0.40 -17.80 -0.86
N ASP B 906 -0.87 -19.03 -0.62
CA ASP B 906 -1.79 -19.71 -1.53
C ASP B 906 -2.77 -20.52 -0.69
N PRO B 907 -4.07 -20.29 -0.83
CA PRO B 907 -5.04 -21.08 -0.06
C PRO B 907 -4.96 -22.57 -0.33
N THR B 908 -4.61 -22.97 -1.57
CA THR B 908 -4.55 -24.39 -1.88
C THR B 908 -3.34 -25.07 -1.25
N LEU B 909 -2.23 -24.35 -1.12
CA LEU B 909 -1.01 -24.89 -0.54
C LEU B 909 -0.99 -24.79 0.99
N ALA B 910 -2.16 -24.68 1.62
CA ALA B 910 -2.21 -24.60 3.08
C ALA B 910 -1.69 -25.88 3.73
N ASP B 911 -2.01 -27.02 3.16
CA ASP B 911 -1.67 -28.32 3.74
C ASP B 911 -0.65 -29.02 2.84
N LYS B 912 0.62 -28.71 3.06
CA LYS B 912 1.69 -29.38 2.34
C LYS B 912 2.24 -30.55 3.14
N GLU B 913 2.48 -30.35 4.43
CA GLU B 913 3.02 -31.43 5.25
C GLU B 913 2.03 -32.57 5.38
N ALA B 914 0.74 -32.25 5.47
CA ALA B 914 -0.28 -33.30 5.60
C ALA B 914 -0.29 -34.20 4.37
N ILE B 915 -0.23 -33.62 3.17
CA ILE B 915 -0.25 -34.41 1.96
C ILE B 915 1.06 -35.18 1.80
N LEU B 916 2.19 -34.52 2.04
CA LEU B 916 3.48 -35.19 1.89
C LEU B 916 3.63 -36.34 2.89
N ALA B 917 3.22 -36.13 4.14
CA ALA B 917 3.29 -37.19 5.13
C ALA B 917 2.33 -38.33 4.79
N SER B 918 1.16 -37.99 4.24
CA SER B 918 0.20 -39.02 3.85
C SER B 918 0.75 -39.93 2.77
N LEU B 919 1.39 -39.36 1.75
CA LEU B 919 1.98 -40.16 0.70
C LEU B 919 3.25 -40.86 1.15
N ASN B 920 3.97 -40.26 2.11
CA ASN B 920 5.18 -40.88 2.63
C ASN B 920 4.89 -42.20 3.32
N ILE B 921 3.83 -42.25 4.13
CA ILE B 921 3.50 -43.46 4.85
C ILE B 921 3.04 -44.56 3.90
N LYS B 922 2.28 -44.19 2.86
CA LYS B 922 1.77 -45.18 1.92
C LYS B 922 2.89 -45.89 1.18
N ALA B 923 4.00 -45.20 0.94
CA ALA B 923 5.12 -45.77 0.21
C ALA B 923 6.09 -46.55 1.09
N MET B 924 5.94 -46.48 2.41
CA MET B 924 6.86 -47.20 3.29
C MET B 924 6.61 -48.70 3.21
N THR B 925 7.69 -49.47 3.34
CA THR B 925 7.64 -50.92 3.34
C THR B 925 8.26 -51.43 4.64
N PHE B 926 7.62 -52.43 5.24
CA PHE B 926 8.05 -53.00 6.50
C PHE B 926 8.40 -54.47 6.32
N ASP B 927 9.32 -54.95 7.14
CA ASP B 927 9.76 -56.34 7.08
C ASP B 927 8.71 -57.28 7.67
N VAL B 959 3.66 -54.41 6.83
CA VAL B 959 4.55 -54.78 5.73
C VAL B 959 4.41 -53.79 4.57
N TYR B 960 3.17 -53.44 4.22
CA TYR B 960 2.88 -52.49 3.14
C TYR B 960 2.27 -51.24 3.75
N GLY B 961 2.77 -50.07 3.34
CA GLY B 961 2.25 -48.81 3.86
C GLY B 961 0.84 -48.50 3.41
N ALA B 962 0.48 -48.90 2.19
CA ALA B 962 -0.86 -48.65 1.67
C ALA B 962 -1.93 -49.39 2.48
N ASN B 963 -1.55 -50.44 3.20
CA ASN B 963 -2.47 -51.20 4.04
C ASN B 963 -2.61 -50.62 5.44
N VAL B 964 -1.83 -49.59 5.78
CA VAL B 964 -1.90 -48.99 7.11
C VAL B 964 -3.16 -48.14 7.20
N PRO B 965 -4.03 -48.37 8.20
CA PRO B 965 -5.18 -47.47 8.38
C PRO B 965 -4.71 -46.06 8.67
N MET B 966 -5.40 -45.08 8.07
CA MET B 966 -4.89 -43.72 8.08
C MET B 966 -6.05 -42.75 7.93
N ILE B 967 -5.96 -41.62 8.62
CA ILE B 967 -6.89 -40.51 8.46
C ILE B 967 -6.09 -39.22 8.41
N THR B 968 -6.49 -38.31 7.52
CA THR B 968 -5.75 -37.07 7.30
C THR B 968 -6.70 -35.88 7.42
N GLU B 969 -6.31 -34.91 8.24
CA GLU B 969 -7.07 -33.68 8.37
C GLU B 969 -6.69 -32.73 7.24
N LEU B 970 -7.64 -32.46 6.35
CA LEU B 970 -7.41 -31.61 5.18
C LEU B 970 -8.21 -30.33 5.34
N VAL B 971 -7.51 -29.19 5.35
CA VAL B 971 -8.17 -27.90 5.48
C VAL B 971 -8.63 -27.34 4.13
N ASN B 972 -8.37 -28.06 3.04
CA ASN B 972 -8.81 -27.65 1.71
C ASN B 972 -9.61 -28.78 1.07
N ASP B 973 -10.67 -28.39 0.35
CA ASP B 973 -11.55 -29.38 -0.26
C ASP B 973 -10.94 -29.98 -1.53
N GLY B 974 -10.17 -29.20 -2.28
CA GLY B 974 -9.61 -29.67 -3.54
C GLY B 974 -8.42 -30.58 -3.41
N ASN B 975 -7.82 -30.68 -2.23
CA ASN B 975 -6.66 -31.54 -2.03
C ASN B 975 -7.03 -32.95 -1.60
N VAL B 976 -8.32 -33.25 -1.47
CA VAL B 976 -8.73 -34.58 -1.04
C VAL B 976 -8.37 -35.63 -2.08
N GLN B 977 -8.55 -35.30 -3.36
CA GLN B 977 -8.29 -36.26 -4.43
C GLN B 977 -6.82 -36.64 -4.53
N PHE B 978 -5.92 -35.83 -3.97
CA PHE B 978 -4.49 -36.14 -4.03
C PHE B 978 -4.11 -37.36 -3.21
N LEU B 979 -4.91 -37.70 -2.19
CA LEU B 979 -4.59 -38.85 -1.35
C LEU B 979 -4.68 -40.15 -2.15
N ASP B 980 -5.67 -40.28 -3.02
CA ASP B 980 -5.86 -41.46 -3.84
C ASP B 980 -5.23 -41.25 -5.21
N GLN B 981 -4.86 -42.36 -5.85
CA GLN B 981 -4.11 -42.28 -7.10
C GLN B 981 -4.72 -43.14 -8.21
N ASP B 982 -5.37 -44.24 -7.84
CA ASP B 982 -5.93 -45.17 -8.82
C ASP B 982 -7.41 -44.93 -9.07
N ASP B 983 -7.83 -43.66 -9.07
CA ASP B 983 -9.21 -43.29 -9.34
C ASP B 983 -9.38 -42.84 -10.78
N ASP B 984 -10.65 -42.75 -11.20
CA ASP B 984 -11.00 -42.28 -12.53
C ASP B 984 -11.87 -41.02 -12.47
N ASP B 985 -11.78 -40.27 -11.36
CA ASP B 985 -12.64 -39.12 -11.17
C ASP B 985 -12.07 -37.89 -11.88
N ASP B 986 -12.92 -37.24 -12.66
CA ASP B 986 -12.54 -35.96 -13.25
C ASP B 986 -12.38 -34.93 -12.12
N PRO B 987 -11.25 -34.20 -12.09
CA PRO B 987 -10.99 -33.28 -10.96
C PRO B 987 -12.12 -32.33 -10.58
N ASP B 988 -13.15 -32.20 -11.43
CA ASP B 988 -14.32 -31.41 -11.09
C ASP B 988 -15.31 -32.17 -10.22
N THR B 989 -14.93 -33.35 -9.72
CA THR B 989 -15.83 -34.17 -8.93
C THR B 989 -16.16 -33.50 -7.60
N GLU B 990 -17.40 -33.71 -7.15
CA GLU B 990 -17.83 -33.15 -5.88
C GLU B 990 -17.07 -33.79 -4.73
N LEU B 991 -17.05 -33.10 -3.58
CA LEU B 991 -16.29 -33.58 -2.44
C LEU B 991 -16.78 -34.93 -1.95
N TYR B 992 -18.10 -35.06 -1.76
CA TYR B 992 -18.63 -36.28 -1.17
C TYR B 992 -18.56 -37.48 -2.11
N LEU B 993 -18.29 -37.25 -3.40
CA LEU B 993 -18.08 -38.34 -4.35
C LEU B 993 -16.61 -38.66 -4.56
N THR B 994 -15.72 -37.96 -3.88
CA THR B 994 -14.29 -38.18 -4.02
C THR B 994 -13.90 -39.48 -3.32
N GLN B 995 -12.86 -40.13 -3.83
CA GLN B 995 -12.48 -41.46 -3.32
C GLN B 995 -12.09 -41.46 -1.84
N PRO B 996 -11.13 -40.64 -1.37
CA PRO B 996 -10.79 -40.69 0.06
C PRO B 996 -11.94 -40.32 0.98
N PHE B 997 -12.80 -39.39 0.56
CA PHE B 997 -13.89 -38.98 1.43
C PHE B 997 -14.90 -40.10 1.63
N ALA B 998 -15.36 -40.71 0.55
CA ALA B 998 -16.33 -41.79 0.66
C ALA B 998 -15.77 -43.00 1.38
N CYS B 999 -14.45 -43.08 1.52
CA CYS B 999 -13.79 -44.25 2.09
C CYS B 999 -13.37 -44.03 3.54
N GLY B 1000 -13.54 -42.82 4.08
CA GLY B 1000 -13.21 -42.53 5.45
C GLY B 1000 -11.76 -42.21 5.74
N THR B 1001 -10.91 -42.16 4.71
CA THR B 1001 -9.49 -41.90 4.92
C THR B 1001 -9.14 -40.42 4.95
N ALA B 1002 -10.07 -39.54 4.58
CA ALA B 1002 -9.83 -38.10 4.56
C ALA B 1002 -10.94 -37.38 5.30
N PHE B 1003 -10.57 -36.47 6.17
CA PHE B 1003 -11.52 -35.64 6.91
C PHE B 1003 -11.35 -34.19 6.45
N ALA B 1004 -12.45 -33.58 6.00
CA ALA B 1004 -12.45 -32.21 5.53
C ALA B 1004 -13.10 -31.32 6.59
N VAL B 1005 -12.38 -30.27 7.00
CA VAL B 1005 -12.91 -29.35 7.99
C VAL B 1005 -14.04 -28.49 7.47
N SER B 1006 -14.31 -28.53 6.16
CA SER B 1006 -15.41 -27.78 5.59
C SER B 1006 -16.76 -28.27 6.08
N VAL B 1007 -16.86 -29.52 6.52
CA VAL B 1007 -18.13 -30.03 7.02
C VAL B 1007 -18.55 -29.33 8.30
N LEU B 1008 -17.58 -28.81 9.06
CA LEU B 1008 -17.93 -28.05 10.26
C LEU B 1008 -18.67 -26.76 9.90
N ASP B 1009 -18.22 -26.08 8.84
CA ASP B 1009 -18.92 -24.88 8.39
C ASP B 1009 -20.32 -25.23 7.89
N SER B 1010 -20.46 -26.35 7.18
CA SER B 1010 -21.76 -26.79 6.73
C SER B 1010 -22.67 -27.20 7.89
N LEU B 1011 -22.08 -27.59 9.03
CA LEU B 1011 -22.88 -27.96 10.19
C LEU B 1011 -23.55 -26.75 10.84
N MET B 1012 -23.06 -25.54 10.53
CA MET B 1012 -23.74 -24.34 11.00
C MET B 1012 -25.16 -24.26 10.46
N SER B 1013 -25.34 -24.58 9.18
CA SER B 1013 -26.69 -24.56 8.59
C SER B 1013 -27.57 -25.63 9.22
N THR B 1014 -27.00 -26.82 9.47
CA THR B 1014 -27.78 -27.91 10.05
C THR B 1014 -28.31 -27.55 11.43
N THR B 1015 -27.48 -26.90 12.25
CA THR B 1015 -27.88 -26.56 13.61
C THR B 1015 -29.04 -25.57 13.60
N TYR B 1016 -29.02 -24.60 12.69
CA TYR B 1016 -30.09 -23.59 12.65
C TYR B 1016 -31.44 -24.23 12.33
N PHE B 1017 -31.47 -25.14 11.36
CA PHE B 1017 -32.73 -25.74 10.95
C PHE B 1017 -33.24 -26.76 11.95
N ASN B 1018 -32.35 -27.46 12.65
CA ASN B 1018 -32.72 -28.43 13.67
C ASN B 1018 -31.87 -28.18 14.91
N GLN B 1019 -32.51 -27.74 15.99
CA GLN B 1019 -31.78 -27.46 17.22
C GLN B 1019 -31.21 -28.74 17.83
N ASN B 1020 -31.91 -29.86 17.67
CA ASN B 1020 -31.48 -31.13 18.25
C ASN B 1020 -30.38 -31.81 17.43
N ALA B 1021 -30.01 -31.25 16.28
CA ALA B 1021 -29.00 -31.88 15.45
C ALA B 1021 -27.66 -31.96 16.16
N LEU B 1022 -27.23 -30.87 16.80
CA LEU B 1022 -25.94 -30.86 17.47
C LEU B 1022 -25.98 -31.63 18.78
N THR B 1023 -27.15 -31.72 19.42
CA THR B 1023 -27.27 -32.50 20.65
C THR B 1023 -26.99 -33.97 20.40
N LEU B 1024 -27.51 -34.51 19.30
CA LEU B 1024 -27.24 -35.90 18.96
C LEU B 1024 -25.77 -36.10 18.58
N ILE B 1025 -25.20 -35.15 17.83
CA ILE B 1025 -23.82 -35.29 17.38
C ILE B 1025 -22.87 -35.29 18.58
N ARG B 1026 -23.08 -34.36 19.51
CA ARG B 1026 -22.20 -34.27 20.67
C ARG B 1026 -22.31 -35.51 21.54
N SER B 1027 -23.51 -36.06 21.68
CA SER B 1027 -23.70 -37.26 22.47
C SER B 1027 -23.08 -38.50 21.84
N LEU B 1028 -22.68 -38.43 20.57
CA LEU B 1028 -22.14 -39.57 19.85
C LEU B 1028 -20.64 -39.51 19.62
N ILE B 1029 -20.04 -38.32 19.63
CA ILE B 1029 -18.63 -38.17 19.31
C ILE B 1029 -17.79 -37.77 20.50
N THR B 1030 -18.36 -37.21 21.55
CA THR B 1030 -17.60 -36.77 22.71
C THR B 1030 -17.43 -37.86 23.76
N GLY B 1031 -18.07 -39.00 23.60
CA GLY B 1031 -18.00 -40.03 24.61
C GLY B 1031 -18.79 -39.75 25.87
N GLY B 1032 -19.63 -38.71 25.85
CA GLY B 1032 -20.37 -38.31 27.02
C GLY B 1032 -19.75 -37.10 27.68
N ALA B 1033 -20.31 -35.92 27.39
CA ALA B 1033 -19.81 -34.65 27.92
C ALA B 1033 -20.97 -33.96 28.62
N THR B 1034 -21.13 -34.23 29.91
CA THR B 1034 -22.21 -33.63 30.67
C THR B 1034 -22.00 -32.12 30.79
N PRO B 1035 -23.08 -31.35 30.91
CA PRO B 1035 -22.92 -29.89 31.07
C PRO B 1035 -22.11 -29.50 32.29
N GLU B 1036 -22.21 -30.27 33.38
CA GLU B 1036 -21.45 -29.97 34.58
C GLU B 1036 -19.97 -30.29 34.44
N LEU B 1037 -19.57 -31.07 33.43
CA LEU B 1037 -18.16 -31.32 33.20
C LEU B 1037 -17.43 -30.04 32.82
N GLU B 1038 -18.09 -29.17 32.06
CA GLU B 1038 -17.51 -27.86 31.76
C GLU B 1038 -17.32 -27.04 33.02
N LEU B 1039 -18.26 -27.14 33.97
CA LEU B 1039 -18.13 -26.42 35.23
C LEU B 1039 -16.91 -26.92 36.02
N ILE B 1040 -16.67 -28.23 36.00
CA ILE B 1040 -15.50 -28.78 36.68
C ILE B 1040 -14.22 -28.24 36.06
N LEU B 1041 -14.16 -28.22 34.72
CA LEU B 1041 -12.98 -27.69 34.04
C LEU B 1041 -12.86 -26.19 34.17
N ALA B 1042 -13.96 -25.49 34.48
CA ALA B 1042 -13.92 -24.04 34.62
C ALA B 1042 -13.13 -23.60 35.84
N GLU B 1043 -12.88 -24.50 36.79
CA GLU B 1043 -12.15 -24.16 38.01
C GLU B 1043 -10.64 -24.14 37.80
N GLY B 1044 -10.15 -24.57 36.64
CA GLY B 1044 -8.73 -24.53 36.35
C GLY B 1044 -7.91 -25.64 36.97
N ALA B 1045 -8.53 -26.60 37.64
CA ALA B 1045 -7.82 -27.70 38.27
C ALA B 1045 -7.66 -28.90 37.36
N GLY B 1046 -8.11 -28.81 36.11
CA GLY B 1046 -8.03 -29.94 35.20
C GLY B 1046 -9.10 -30.98 35.49
N LEU B 1047 -8.88 -32.17 34.95
CA LEU B 1047 -9.81 -33.28 35.12
C LEU B 1047 -9.64 -33.83 36.53
N ARG B 1048 -10.52 -33.40 37.44
CA ARG B 1048 -10.45 -33.87 38.82
C ARG B 1048 -11.17 -35.20 38.96
N GLY B 1049 -10.49 -36.17 39.56
CA GLY B 1049 -11.07 -37.48 39.77
C GLY B 1049 -12.00 -37.52 40.97
N GLY B 1050 -12.65 -38.67 41.14
CA GLY B 1050 -13.57 -38.86 42.24
C GLY B 1050 -13.67 -40.32 42.61
N TYR B 1051 -14.05 -40.55 43.87
CA TYR B 1051 -14.22 -41.91 44.37
C TYR B 1051 -15.47 -42.53 43.76
N SER B 1052 -15.33 -43.75 43.24
CA SER B 1052 -16.45 -44.40 42.57
C SER B 1052 -17.45 -44.91 43.58
N THR B 1053 -18.73 -44.59 43.35
CA THR B 1053 -19.83 -45.09 44.16
C THR B 1053 -20.73 -45.96 43.31
N VAL B 1054 -21.78 -46.50 43.93
CA VAL B 1054 -22.65 -47.46 43.23
C VAL B 1054 -23.42 -46.77 42.11
N GLU B 1055 -24.00 -45.61 42.39
CA GLU B 1055 -24.82 -44.94 41.38
C GLU B 1055 -23.98 -44.02 40.50
N SER B 1056 -22.74 -43.73 40.91
CA SER B 1056 -21.81 -43.07 40.00
C SER B 1056 -21.36 -44.01 38.89
N LEU B 1057 -21.12 -45.28 39.24
CA LEU B 1057 -20.72 -46.28 38.25
C LEU B 1057 -21.83 -46.63 37.28
N SER B 1058 -23.08 -46.23 37.55
CA SER B 1058 -24.16 -46.50 36.61
C SER B 1058 -24.02 -45.67 35.34
N ASN B 1059 -23.24 -44.59 35.37
CA ASN B 1059 -23.03 -43.78 34.17
C ASN B 1059 -22.22 -44.50 33.11
N ARG B 1060 -21.50 -45.56 33.49
CA ARG B 1060 -20.74 -46.33 32.51
C ARG B 1060 -21.63 -47.11 31.56
N ASP B 1061 -22.90 -47.33 31.93
CA ASP B 1061 -23.81 -48.15 31.12
C ASP B 1061 -24.46 -47.25 30.07
N ARG B 1062 -23.77 -47.10 28.94
CA ARG B 1062 -24.32 -46.40 27.79
C ARG B 1062 -23.69 -46.96 26.53
N CYS B 1063 -24.37 -46.75 25.41
CA CYS B 1063 -23.92 -47.30 24.15
C CYS B 1063 -22.69 -46.56 23.64
N ARG B 1064 -21.90 -47.26 22.83
CA ARG B 1064 -20.68 -46.70 22.26
C ARG B 1064 -20.61 -47.08 20.78
N VAL B 1065 -19.90 -46.26 20.02
CA VAL B 1065 -19.74 -46.49 18.58
C VAL B 1065 -18.67 -47.55 18.37
N GLY B 1066 -19.00 -48.60 17.61
CA GLY B 1066 -18.06 -49.66 17.35
C GLY B 1066 -18.29 -50.28 15.99
N GLN B 1067 -17.37 -51.15 15.61
CA GLN B 1067 -17.41 -51.83 14.33
C GLN B 1067 -17.24 -53.33 14.53
N ILE B 1068 -18.02 -54.12 13.80
CA ILE B 1068 -17.96 -55.58 13.89
C ILE B 1068 -17.80 -56.14 12.50
N SER B 1069 -17.32 -57.38 12.43
CA SER B 1069 -17.09 -58.07 11.17
C SER B 1069 -17.87 -59.38 11.15
N LEU B 1070 -18.27 -59.78 9.95
CA LEU B 1070 -19.01 -61.02 9.74
C LEU B 1070 -18.10 -62.18 9.35
N TYR B 1071 -16.79 -62.03 9.51
CA TYR B 1071 -15.86 -63.09 9.16
C TYR B 1071 -16.05 -64.32 10.04
N ASP B 1072 -16.20 -64.11 11.33
CA ASP B 1072 -16.30 -65.21 12.29
C ASP B 1072 -17.35 -64.85 13.34
N GLY B 1073 -17.48 -65.70 14.34
CA GLY B 1073 -18.45 -65.51 15.40
C GLY B 1073 -19.79 -66.12 15.06
N PRO B 1074 -20.65 -66.26 16.08
CA PRO B 1074 -21.99 -66.84 15.82
C PRO B 1074 -22.84 -66.00 14.90
N LEU B 1075 -22.55 -64.71 14.76
CA LEU B 1075 -23.29 -63.83 13.88
C LEU B 1075 -22.80 -63.89 12.43
N ALA B 1076 -21.73 -64.63 12.17
CA ALA B 1076 -21.13 -64.67 10.84
C ALA B 1076 -22.00 -65.38 9.81
N GLN B 1077 -23.03 -66.13 10.24
CA GLN B 1077 -23.84 -66.88 9.29
C GLN B 1077 -24.72 -65.97 8.44
N PHE B 1078 -24.82 -64.69 8.76
CA PHE B 1078 -25.51 -63.73 7.89
C PHE B 1078 -24.63 -63.23 6.75
N GLY B 1079 -23.35 -63.60 6.73
CA GLY B 1079 -22.45 -63.07 5.71
C GLY B 1079 -22.82 -63.50 4.30
N GLU B 1080 -23.17 -64.78 4.13
CA GLU B 1080 -23.48 -65.33 2.82
C GLU B 1080 -24.98 -65.52 2.69
N CYS B 1081 -25.53 -65.03 1.57
CA CYS B 1081 -26.96 -65.16 1.27
C CYS B 1081 -27.83 -64.60 2.41
N GLY B 1082 -27.34 -63.55 3.06
CA GLY B 1082 -28.03 -62.95 4.20
C GLY B 1082 -28.49 -61.54 3.85
N LYS B 1083 -29.64 -61.16 4.39
CA LYS B 1083 -30.20 -59.83 4.18
C LYS B 1083 -29.86 -58.93 5.36
N TYR B 1084 -29.78 -57.63 5.08
CA TYR B 1084 -29.44 -56.67 6.12
C TYR B 1084 -30.50 -56.63 7.21
N GLY B 1085 -31.78 -56.73 6.83
CA GLY B 1085 -32.83 -56.71 7.82
C GLY B 1085 -32.76 -57.89 8.77
N ASP B 1086 -32.41 -59.07 8.26
CA ASP B 1086 -32.24 -60.23 9.12
C ASP B 1086 -31.09 -60.02 10.10
N LEU B 1087 -29.99 -59.42 9.63
CA LEU B 1087 -28.88 -59.10 10.52
C LEU B 1087 -29.29 -58.07 11.56
N PHE B 1088 -30.06 -57.06 11.16
CA PHE B 1088 -30.47 -56.01 12.08
C PHE B 1088 -31.36 -56.55 13.19
N VAL B 1089 -32.31 -57.43 12.84
CA VAL B 1089 -33.25 -57.94 13.84
C VAL B 1089 -32.55 -58.90 14.79
N ALA B 1090 -31.72 -59.79 14.27
CA ALA B 1090 -31.08 -60.80 15.12
C ALA B 1090 -30.11 -60.16 16.10
N ALA B 1091 -29.32 -59.18 15.65
CA ALA B 1091 -28.37 -58.53 16.53
C ALA B 1091 -29.05 -57.77 17.65
N LEU B 1092 -30.17 -57.09 17.34
CA LEU B 1092 -30.87 -56.31 18.34
C LEU B 1092 -31.51 -57.18 19.41
N LYS B 1093 -32.15 -58.28 18.99
CA LYS B 1093 -32.86 -59.13 19.95
C LYS B 1093 -31.89 -59.90 20.85
N SER B 1094 -30.77 -60.34 20.30
CA SER B 1094 -29.86 -61.20 21.05
C SER B 1094 -28.76 -60.41 21.75
N TYR B 1095 -28.16 -59.44 21.06
CA TYR B 1095 -27.04 -58.69 21.61
C TYR B 1095 -27.39 -57.24 21.96
N GLY B 1096 -28.47 -56.71 21.42
CA GLY B 1096 -28.82 -55.32 21.65
C GLY B 1096 -28.07 -54.33 20.77
N MET B 1097 -27.19 -54.81 19.89
CA MET B 1097 -26.49 -53.92 18.98
C MET B 1097 -27.45 -53.37 17.94
N LEU B 1098 -27.28 -52.09 17.60
CA LEU B 1098 -28.09 -51.42 16.59
C LEU B 1098 -27.24 -51.20 15.35
N CYS B 1099 -27.58 -51.87 14.26
CA CYS B 1099 -26.82 -51.75 13.02
C CYS B 1099 -27.15 -50.43 12.35
N ILE B 1100 -26.12 -49.62 12.10
CA ILE B 1100 -26.29 -48.30 11.49
C ILE B 1100 -25.97 -48.33 10.00
N GLY B 1101 -24.92 -49.03 9.61
CA GLY B 1101 -24.54 -49.06 8.21
C GLY B 1101 -23.53 -50.15 7.94
N LEU B 1102 -23.00 -50.12 6.72
CA LEU B 1102 -22.07 -51.14 6.25
C LEU B 1102 -20.77 -50.50 5.81
N TYR B 1103 -19.68 -51.27 5.92
CA TYR B 1103 -18.35 -50.85 5.49
C TYR B 1103 -17.84 -51.96 4.56
N ARG B 1104 -18.15 -51.82 3.28
CA ARG B 1104 -18.00 -52.89 2.30
C ARG B 1104 -16.79 -52.64 1.41
N PHE B 1105 -16.10 -53.72 1.04
CA PHE B 1105 -14.95 -53.62 0.15
C PHE B 1105 -15.34 -53.00 -1.18
N ARG B 1106 -14.41 -52.24 -1.76
CA ARG B 1106 -14.61 -51.71 -3.11
C ARG B 1106 -14.77 -52.83 -4.13
N ASP B 1107 -13.86 -53.78 -4.14
CA ASP B 1107 -13.82 -54.83 -5.14
C ASP B 1107 -14.22 -56.15 -4.51
N THR B 1108 -15.15 -56.86 -5.16
CA THR B 1108 -15.56 -58.16 -4.66
C THR B 1108 -14.41 -59.16 -4.69
N SER B 1109 -13.61 -59.13 -5.76
CA SER B 1109 -12.47 -60.02 -5.93
C SER B 1109 -12.86 -61.49 -5.83
N ALA B 1114 -11.44 -56.87 -2.60
CA ALA B 1114 -10.62 -57.05 -1.41
C ALA B 1114 -9.30 -56.29 -1.53
N SER B 1115 -9.39 -55.02 -1.93
CA SER B 1115 -8.23 -54.17 -2.11
C SER B 1115 -7.84 -53.43 -0.82
N SER B 1116 -8.33 -53.89 0.33
CA SER B 1116 -8.01 -53.30 1.63
C SER B 1116 -8.37 -51.83 1.69
N LYS B 1117 -9.47 -51.44 1.06
CA LYS B 1117 -9.92 -50.05 1.05
C LYS B 1117 -11.41 -50.03 0.76
N ARG B 1118 -12.21 -49.73 1.79
CA ARG B 1118 -13.65 -49.92 1.77
C ARG B 1118 -14.38 -48.60 1.68
N TYR B 1119 -15.66 -48.66 1.33
CA TYR B 1119 -16.54 -47.50 1.31
C TYR B 1119 -17.74 -47.74 2.20
N VAL B 1120 -18.33 -46.65 2.70
CA VAL B 1120 -19.38 -46.72 3.70
C VAL B 1120 -20.74 -46.64 3.03
N ILE B 1121 -21.68 -47.43 3.54
CA ILE B 1121 -23.07 -47.41 3.10
C ILE B 1121 -23.93 -47.15 4.34
N THR B 1122 -24.69 -46.06 4.31
CA THR B 1122 -25.48 -45.64 5.46
C THR B 1122 -26.89 -46.22 5.35
N ASN B 1123 -27.25 -47.05 6.32
CA ASN B 1123 -28.58 -47.64 6.45
C ASN B 1123 -29.04 -48.30 5.16
N PRO B 1124 -28.47 -49.44 4.78
CA PRO B 1124 -28.92 -50.13 3.57
C PRO B 1124 -30.34 -50.62 3.73
N PRO B 1125 -31.07 -50.80 2.63
CA PRO B 1125 -32.48 -51.19 2.72
C PRO B 1125 -32.65 -52.58 3.33
N ASP B 1126 -33.93 -52.92 3.57
CA ASP B 1126 -34.24 -54.21 4.18
C ASP B 1126 -33.82 -55.37 3.28
N ASP B 1127 -34.05 -55.25 1.98
CA ASP B 1127 -33.74 -56.31 1.03
C ASP B 1127 -32.30 -56.27 0.53
N PHE B 1128 -31.42 -55.55 1.21
CA PHE B 1128 -30.03 -55.47 0.80
C PHE B 1128 -29.33 -56.81 0.96
N SER B 1129 -28.39 -57.09 0.05
CA SER B 1129 -27.64 -58.34 0.06
C SER B 1129 -26.29 -58.11 0.72
N LEU B 1130 -25.92 -59.01 1.63
CA LEU B 1130 -24.68 -58.89 2.38
C LEU B 1130 -23.56 -59.68 1.71
N LEU B 1131 -22.35 -59.47 2.22
CA LEU B 1131 -21.16 -60.18 1.77
C LEU B 1131 -20.39 -60.72 2.96
N PRO B 1132 -19.68 -61.84 2.79
CA PRO B 1132 -18.93 -62.40 3.92
C PRO B 1132 -17.83 -61.50 4.44
N THR B 1133 -17.34 -60.57 3.63
CA THR B 1133 -16.25 -59.67 4.01
C THR B 1133 -16.75 -58.26 4.29
N ASP B 1134 -17.94 -58.13 4.86
CA ASP B 1134 -18.54 -56.83 5.14
C ASP B 1134 -18.44 -56.52 6.63
N GLN B 1135 -18.24 -55.24 6.93
CA GLN B 1135 -18.20 -54.75 8.31
C GLN B 1135 -19.39 -53.86 8.57
N VAL B 1136 -19.94 -53.95 9.78
CA VAL B 1136 -21.20 -53.30 10.13
C VAL B 1136 -20.93 -52.26 11.20
N PHE B 1137 -21.45 -51.05 11.00
CA PHE B 1137 -21.41 -50.02 12.02
C PHE B 1137 -22.52 -50.28 13.04
N VAL B 1138 -22.13 -50.48 14.30
CA VAL B 1138 -23.09 -50.83 15.35
C VAL B 1138 -22.84 -49.94 16.57
N LEU B 1139 -23.89 -49.82 17.39
CA LEU B 1139 -23.83 -49.11 18.65
C LEU B 1139 -23.89 -50.16 19.76
N MET B 1140 -22.72 -50.67 20.14
CA MET B 1140 -22.65 -51.75 21.11
C MET B 1140 -22.92 -51.25 22.51
N GLN B 1141 -23.51 -52.11 23.33
CA GLN B 1141 -23.80 -51.79 24.72
C GLN B 1141 -22.55 -52.01 25.58
N PHE B 1142 -22.72 -51.79 26.88
CA PHE B 1142 -21.64 -51.97 27.85
C PHE B 1142 -21.84 -53.28 28.60
N ASP B 1143 -20.82 -54.13 28.58
CA ASP B 1143 -20.87 -55.41 29.28
C ASP B 1143 -19.93 -55.38 30.47
N PRO B 1144 -20.44 -55.31 31.70
CA PRO B 1144 -19.54 -55.33 32.85
C PRO B 1144 -18.81 -56.66 32.98
N GLY B 1145 -17.59 -56.59 33.50
CA GLY B 1145 -16.77 -57.78 33.67
C GLY B 1145 -15.44 -57.50 34.35
N LEU C 44 -6.21 38.55 -62.38
CA LEU C 44 -5.53 37.26 -62.50
C LEU C 44 -5.58 36.76 -63.94
N LYS C 45 -4.49 36.95 -64.67
CA LYS C 45 -4.42 36.48 -66.05
C LYS C 45 -4.18 34.98 -66.11
N VAL C 46 -3.05 34.54 -65.55
CA VAL C 46 -2.72 33.11 -65.44
C VAL C 46 -2.18 32.86 -64.04
N ARG C 47 -2.33 31.62 -63.58
CA ARG C 47 -1.84 31.26 -62.27
C ARG C 47 -0.33 31.45 -62.20
N LYS C 48 0.15 32.09 -61.12
CA LYS C 48 1.55 32.38 -60.96
C LYS C 48 2.12 31.93 -59.61
N TYR C 49 1.27 31.55 -58.66
CA TYR C 49 1.78 31.05 -57.39
C TYR C 49 2.43 29.68 -57.53
N TRP C 50 2.15 28.95 -58.63
CA TRP C 50 2.76 27.64 -58.82
C TRP C 50 4.27 27.76 -58.96
N CYS C 51 4.75 28.74 -59.72
CA CYS C 51 6.18 28.99 -59.81
C CYS C 51 6.74 29.67 -58.57
N PHE C 52 5.91 30.44 -57.86
CA PHE C 52 6.33 30.98 -56.57
C PHE C 52 6.58 29.85 -55.57
N LEU C 53 5.69 28.86 -55.54
CA LEU C 53 5.93 27.68 -54.72
C LEU C 53 7.02 26.81 -55.31
N LEU C 54 7.14 26.78 -56.64
CA LEU C 54 8.24 26.05 -57.26
C LEU C 54 9.59 26.66 -56.89
N SER C 55 9.64 28.00 -56.82
CA SER C 55 10.84 28.65 -56.30
C SER C 55 11.08 28.26 -54.84
N SER C 56 10.00 28.19 -54.05
CA SER C 56 10.12 27.63 -52.71
C SER C 56 10.52 26.17 -52.76
N ILE C 57 9.95 25.42 -53.70
CA ILE C 57 10.34 24.02 -53.89
C ILE C 57 11.79 23.92 -54.34
N PHE C 58 12.23 24.82 -55.23
CA PHE C 58 13.60 24.79 -55.73
C PHE C 58 14.60 24.93 -54.58
N THR C 59 14.41 25.94 -53.73
CA THR C 59 15.33 26.16 -52.62
C THR C 59 15.20 25.09 -51.56
N PHE C 60 13.97 24.64 -51.27
CA PHE C 60 13.78 23.59 -50.28
C PHE C 60 14.44 22.29 -50.73
N LEU C 61 14.29 21.93 -52.00
CA LEU C 61 14.96 20.75 -52.54
C LEU C 61 16.42 21.01 -52.91
N ALA C 62 16.86 22.27 -52.90
CA ALA C 62 18.27 22.55 -53.14
C ALA C 62 19.13 21.94 -52.03
N GLY C 63 18.70 22.07 -50.78
CA GLY C 63 19.42 21.42 -49.69
C GLY C 63 19.40 19.91 -49.80
N LEU C 64 18.30 19.35 -50.32
CA LEU C 64 18.21 17.93 -50.61
C LEU C 64 19.24 17.47 -51.62
N LEU C 65 19.75 18.36 -52.47
CA LEU C 65 20.70 17.99 -53.51
C LEU C 65 22.11 18.47 -53.24
N VAL C 66 22.29 19.69 -52.75
CA VAL C 66 23.64 20.22 -52.58
C VAL C 66 24.32 19.61 -51.36
N VAL C 67 23.55 19.10 -50.39
CA VAL C 67 24.15 18.58 -49.17
C VAL C 67 24.36 17.08 -49.26
N LEU C 68 23.33 16.35 -49.71
CA LEU C 68 23.42 14.89 -49.78
C LEU C 68 24.42 14.40 -50.81
N LEU C 69 24.84 15.25 -51.75
CA LEU C 69 25.76 14.84 -52.80
C LEU C 69 27.22 15.05 -52.43
N TRP C 70 27.51 15.86 -51.41
CA TRP C 70 28.87 16.28 -51.11
C TRP C 70 29.41 15.81 -49.77
N ARG C 71 28.53 15.62 -48.78
CA ARG C 71 29.01 15.40 -47.41
C ARG C 71 29.67 14.03 -47.26
N ALA C 72 29.11 13.00 -47.88
CA ALA C 72 29.54 11.63 -47.58
C ALA C 72 30.77 11.19 -48.35
N PHE C 73 31.33 12.04 -49.21
CA PHE C 73 32.45 11.62 -50.04
C PHE C 73 33.81 11.71 -49.34
N ALA C 74 33.88 12.37 -48.19
CA ALA C 74 35.17 12.65 -47.56
C ALA C 74 35.56 11.63 -46.49
N PHE C 75 34.77 10.58 -46.27
CA PHE C 75 35.08 9.64 -45.20
C PHE C 75 36.20 8.69 -45.58
N VAL C 76 36.26 8.27 -46.85
CA VAL C 76 37.21 7.23 -47.25
C VAL C 76 38.64 7.69 -47.09
N CYS C 77 38.95 8.92 -47.49
CA CYS C 77 40.31 9.45 -47.39
C CYS C 77 40.30 10.93 -47.04
N THR C 106 36.34 30.17 -40.20
CA THR C 106 36.28 28.87 -40.84
C THR C 106 35.03 28.10 -40.42
N PHE C 107 34.85 26.91 -41.00
CA PHE C 107 33.78 26.03 -40.56
C PHE C 107 33.98 25.58 -39.13
N MET C 108 35.22 25.31 -38.74
CA MET C 108 35.50 24.70 -37.44
C MET C 108 35.56 25.74 -36.33
N THR C 109 36.06 26.95 -36.64
CA THR C 109 36.17 27.98 -35.60
C THR C 109 34.84 28.70 -35.40
N GLU C 110 34.16 29.07 -36.48
CA GLU C 110 32.93 29.85 -36.37
C GLU C 110 31.79 29.04 -35.77
N ALA C 111 31.87 27.70 -35.87
CA ALA C 111 30.84 26.86 -35.28
C ALA C 111 30.81 27.01 -33.77
N LYS C 112 31.99 27.10 -33.14
CA LYS C 112 32.04 27.30 -31.70
C LYS C 112 31.40 28.63 -31.31
N ASP C 113 31.66 29.69 -32.08
CA ASP C 113 30.99 30.97 -31.83
C ASP C 113 29.50 30.87 -32.11
N TRP C 114 29.12 30.25 -33.23
CA TRP C 114 27.72 30.21 -33.63
C TRP C 114 26.87 29.46 -32.61
N ALA C 115 27.44 28.40 -32.00
CA ALA C 115 26.72 27.68 -30.96
C ALA C 115 26.37 28.59 -29.79
N GLY C 116 27.23 29.53 -29.47
CA GLY C 116 26.94 30.51 -28.44
C GLY C 116 26.34 31.78 -29.01
N GLU C 117 26.60 32.06 -30.28
CA GLU C 117 26.06 33.27 -30.90
C GLU C 117 24.56 33.16 -31.12
N LEU C 118 24.02 31.94 -31.21
CA LEU C 118 22.61 31.73 -31.50
C LEU C 118 21.88 31.00 -30.39
N ILE C 119 22.49 29.97 -29.79
CA ILE C 119 21.79 29.12 -28.84
C ILE C 119 22.32 29.33 -27.43
N SER C 120 23.62 29.10 -27.23
CA SER C 120 24.22 29.05 -25.90
C SER C 120 24.69 30.42 -25.40
N GLY C 121 24.12 31.50 -25.91
CA GLY C 121 24.50 32.83 -25.44
C GLY C 121 23.98 33.10 -24.04
N GLN C 122 24.85 33.66 -23.19
CA GLN C 122 24.50 33.96 -21.82
C GLN C 122 24.18 35.44 -21.62
N THR C 123 25.14 36.32 -21.92
CA THR C 123 24.96 37.76 -21.70
C THR C 123 24.64 38.51 -22.98
N THR C 124 25.52 38.44 -23.98
CA THR C 124 25.34 39.20 -25.21
C THR C 124 25.62 38.43 -26.49
N THR C 125 26.38 37.32 -26.44
CA THR C 125 26.72 36.61 -27.67
C THR C 125 25.48 36.05 -28.35
N GLY C 126 24.56 35.47 -27.57
CA GLY C 126 23.38 34.87 -28.14
C GLY C 126 22.12 35.69 -27.97
N ARG C 127 21.99 36.36 -26.82
CA ARG C 127 20.77 37.11 -26.54
C ARG C 127 20.55 38.23 -27.55
N ILE C 128 21.60 38.98 -27.89
CA ILE C 128 21.45 40.10 -28.82
C ILE C 128 20.99 39.59 -30.18
N LEU C 129 21.60 38.51 -30.67
CA LEU C 129 21.18 37.93 -31.94
C LEU C 129 19.75 37.38 -31.85
N VAL C 130 19.41 36.77 -30.71
CA VAL C 130 18.09 36.16 -30.56
C VAL C 130 17.00 37.24 -30.53
N VAL C 131 17.28 38.39 -29.90
CA VAL C 131 16.27 39.43 -29.76
C VAL C 131 15.82 39.94 -31.12
N LEU C 132 16.74 40.05 -32.07
CA LEU C 132 16.43 40.66 -33.35
C LEU C 132 15.83 39.67 -34.35
N VAL C 133 15.62 38.41 -33.99
CA VAL C 133 15.10 37.44 -34.94
C VAL C 133 13.63 37.14 -34.65
N PHE C 134 13.21 37.27 -33.40
CA PHE C 134 11.81 36.98 -33.04
C PHE C 134 10.98 38.23 -32.88
N ILE C 135 11.55 39.32 -32.37
CA ILE C 135 10.83 40.58 -32.27
C ILE C 135 10.47 41.08 -33.66
N LEU C 136 11.43 41.04 -34.59
CA LEU C 136 11.17 41.48 -35.95
C LEU C 136 10.32 40.49 -36.71
N SER C 137 10.40 39.20 -36.36
CA SER C 137 9.46 38.23 -36.92
C SER C 137 8.03 38.55 -36.50
N ILE C 138 7.84 38.94 -35.24
CA ILE C 138 6.55 39.44 -34.80
C ILE C 138 6.18 40.71 -35.57
N ALA C 139 7.16 41.60 -35.74
CA ALA C 139 6.94 42.77 -36.60
C ALA C 139 6.64 42.35 -38.03
N SER C 140 7.33 41.31 -38.51
CA SER C 140 7.01 40.77 -39.84
C SER C 140 5.59 40.21 -39.86
N LEU C 141 5.16 39.60 -38.77
CA LEU C 141 3.78 39.14 -38.67
C LEU C 141 2.81 40.32 -38.68
N ILE C 142 3.16 41.41 -37.99
CA ILE C 142 2.28 42.57 -37.92
C ILE C 142 2.09 43.19 -39.30
N ILE C 143 3.19 43.37 -40.04
CA ILE C 143 3.10 43.90 -41.38
C ILE C 143 2.55 42.88 -42.37
N TYR C 144 2.46 41.62 -41.98
CA TYR C 144 1.72 40.64 -42.77
C TYR C 144 0.22 40.79 -42.59
N PHE C 145 -0.21 41.27 -41.43
CA PHE C 145 -1.64 41.38 -41.15
C PHE C 145 -2.28 42.46 -42.02
N VAL C 146 -1.56 43.54 -42.32
CA VAL C 146 -2.15 44.63 -43.10
C VAL C 146 -2.47 44.17 -44.52
N ASP C 147 -1.63 43.30 -45.08
CA ASP C 147 -1.94 42.72 -46.39
C ASP C 147 -2.84 41.50 -46.26
N ALA C 148 -2.86 40.84 -45.10
CA ALA C 148 -3.80 39.74 -44.88
C ALA C 148 -5.23 40.25 -44.88
N SER C 149 -5.46 41.42 -44.27
CA SER C 149 -6.78 42.02 -44.26
C SER C 149 -7.22 42.52 -45.63
N SER C 150 -6.29 42.64 -46.58
CA SER C 150 -6.63 43.07 -47.92
C SER C 150 -7.51 42.03 -48.62
N GLU C 151 -8.48 42.51 -49.40
CA GLU C 151 -9.39 41.62 -50.09
C GLU C 151 -8.66 40.76 -51.13
N GLU C 152 -7.73 41.36 -51.87
CA GLU C 152 -7.06 40.64 -52.94
C GLU C 152 -6.07 39.63 -52.37
N VAL C 153 -6.01 38.46 -53.02
CA VAL C 153 -5.05 37.44 -52.62
C VAL C 153 -3.73 37.56 -53.38
N GLU C 154 -3.78 38.00 -54.64
CA GLU C 154 -2.59 38.24 -55.46
C GLU C 154 -2.76 39.59 -56.13
N ARG C 155 -2.22 40.64 -55.51
CA ARG C 155 -2.37 42.00 -55.99
C ARG C 155 -1.06 42.51 -56.59
N CYS C 156 -1.20 43.44 -57.53
CA CYS C 156 -0.05 44.04 -58.21
C CYS C 156 0.07 45.50 -57.80
N GLN C 157 1.28 45.92 -57.44
CA GLN C 157 1.53 47.29 -57.03
C GLN C 157 2.99 47.61 -57.25
N LYS C 158 3.28 48.90 -57.47
CA LYS C 158 4.65 49.37 -57.65
C LYS C 158 5.39 49.30 -56.32
N TRP C 159 6.39 48.42 -56.24
CA TRP C 159 7.10 48.16 -55.00
C TRP C 159 8.17 49.20 -54.68
N SER C 160 8.10 50.38 -55.29
CA SER C 160 9.12 51.40 -55.07
C SER C 160 8.99 52.03 -53.69
N ASN C 161 7.84 52.64 -53.40
CA ASN C 161 7.66 53.45 -52.20
C ASN C 161 6.34 53.12 -51.51
N ASN C 162 6.06 51.83 -51.32
CA ASN C 162 4.88 51.46 -50.56
C ASN C 162 5.09 51.70 -49.07
N ILE C 163 4.00 51.57 -48.31
CA ILE C 163 4.08 51.79 -46.87
C ILE C 163 4.87 50.68 -46.20
N THR C 164 4.64 49.42 -46.59
CA THR C 164 5.26 48.28 -45.94
C THR C 164 5.91 47.28 -46.89
N GLN C 165 5.92 47.54 -48.19
CA GLN C 165 6.54 46.59 -49.12
C GLN C 165 8.05 46.57 -49.00
N GLN C 166 8.65 47.70 -48.61
CA GLN C 166 10.11 47.74 -48.47
C GLN C 166 10.56 47.05 -47.18
N ILE C 167 9.76 47.18 -46.11
CA ILE C 167 10.20 46.72 -44.80
C ILE C 167 10.26 45.20 -44.74
N ASP C 168 9.23 44.52 -45.26
CA ASP C 168 9.20 43.06 -45.17
C ASP C 168 10.36 42.43 -45.92
N LEU C 169 10.68 42.95 -47.11
CA LEU C 169 11.87 42.50 -47.82
C LEU C 169 13.13 42.89 -47.05
N ALA C 170 13.18 44.12 -46.52
CA ALA C 170 14.35 44.56 -45.78
C ALA C 170 14.55 43.73 -44.53
N PHE C 171 13.47 43.41 -43.82
CA PHE C 171 13.57 42.54 -42.65
C PHE C 171 14.11 41.16 -43.04
N ASN C 172 13.64 40.63 -44.17
CA ASN C 172 14.11 39.34 -44.65
C ASN C 172 15.51 39.41 -45.25
N ILE C 173 16.02 40.61 -45.56
CA ILE C 173 17.36 40.73 -46.12
C ILE C 173 18.39 40.21 -45.12
N PHE C 174 18.28 40.64 -43.86
CA PHE C 174 19.16 40.15 -42.80
C PHE C 174 18.57 38.95 -42.08
N PHE C 175 17.54 38.32 -42.65
CA PHE C 175 17.01 37.06 -42.16
C PHE C 175 17.45 35.88 -43.03
N MET C 176 17.58 36.09 -44.34
CA MET C 176 18.02 35.02 -45.23
C MET C 176 19.53 34.91 -45.28
N VAL C 177 20.26 35.93 -44.84
CA VAL C 177 21.67 35.74 -44.53
C VAL C 177 21.82 35.29 -43.08
N TYR C 178 20.81 35.56 -42.25
CA TYR C 178 20.80 35.02 -40.89
C TYR C 178 20.72 33.50 -40.91
N PHE C 179 19.93 32.94 -41.83
CA PHE C 179 19.87 31.49 -41.95
C PHE C 179 21.21 30.91 -42.41
N PHE C 180 22.03 31.72 -43.07
CA PHE C 180 23.33 31.25 -43.53
C PHE C 180 24.23 30.87 -42.36
N ILE C 181 24.25 31.70 -41.31
CA ILE C 181 25.09 31.41 -40.15
C ILE C 181 24.63 30.11 -39.48
N ARG C 182 23.35 29.77 -39.59
CA ARG C 182 22.87 28.48 -39.11
C ARG C 182 23.33 27.35 -40.03
N PHE C 183 23.22 27.56 -41.35
CA PHE C 183 23.57 26.53 -42.32
C PHE C 183 25.08 26.39 -42.52
N ILE C 184 25.83 27.48 -42.43
CA ILE C 184 27.27 27.42 -42.67
C ILE C 184 27.95 26.54 -41.63
N ALA C 185 27.57 26.69 -40.36
CA ALA C 185 28.20 25.99 -39.26
C ALA C 185 27.21 25.10 -38.53
N ALA C 186 26.38 24.38 -39.28
CA ALA C 186 25.45 23.43 -38.67
C ALA C 186 26.21 22.18 -38.24
N SER C 187 25.98 21.77 -37.00
CA SER C 187 26.63 20.55 -36.50
C SER C 187 26.19 19.32 -37.29
N ASP C 188 24.91 19.23 -37.61
CA ASP C 188 24.37 18.15 -38.45
C ASP C 188 24.06 18.74 -39.82
N LYS C 189 24.79 18.30 -40.84
CA LYS C 189 24.56 18.84 -42.19
C LYS C 189 23.29 18.29 -42.82
N LEU C 190 22.86 17.09 -42.43
CA LEU C 190 21.67 16.46 -43.00
C LEU C 190 20.46 16.56 -42.09
N TRP C 191 20.63 16.34 -40.79
CA TRP C 191 19.49 16.36 -39.88
C TRP C 191 18.92 17.76 -39.71
N PHE C 192 19.72 18.79 -40.04
CA PHE C 192 19.28 20.17 -39.92
C PHE C 192 18.30 20.54 -41.04
N MET C 193 18.15 19.69 -42.05
CA MET C 193 17.28 19.98 -43.17
C MET C 193 15.82 20.10 -42.75
N LEU C 194 15.36 19.24 -41.84
CA LEU C 194 13.96 19.22 -41.46
C LEU C 194 13.67 19.86 -40.11
N GLU C 195 14.63 20.59 -39.53
CA GLU C 195 14.38 21.21 -38.25
C GLU C 195 13.24 22.22 -38.38
N MET C 196 12.44 22.33 -37.31
CA MET C 196 11.16 23.03 -37.40
C MET C 196 11.35 24.48 -37.80
N TYR C 197 12.39 25.13 -37.25
CA TYR C 197 12.57 26.56 -37.49
C TYR C 197 13.18 26.81 -38.86
N SER C 198 14.05 25.89 -39.30
CA SER C 198 14.63 25.98 -40.64
C SER C 198 13.62 25.56 -41.70
N PHE C 199 12.69 24.67 -41.35
CA PHE C 199 11.68 24.22 -42.31
C PHE C 199 10.80 25.38 -42.75
N VAL C 200 10.43 26.27 -41.83
CA VAL C 200 9.59 27.40 -42.17
C VAL C 200 10.28 28.32 -43.16
N ASP C 201 11.57 28.59 -42.94
CA ASP C 201 12.28 29.56 -43.77
C ASP C 201 12.34 29.13 -45.23
N TYR C 202 12.58 27.84 -45.48
CA TYR C 202 12.68 27.36 -46.86
C TYR C 202 11.39 27.62 -47.63
N PHE C 203 10.26 27.71 -46.93
CA PHE C 203 9.00 28.05 -47.58
C PHE C 203 8.69 29.53 -47.55
N THR C 204 9.53 30.35 -46.91
CA THR C 204 9.31 31.79 -46.84
C THR C 204 10.45 32.62 -47.44
N ILE C 205 11.68 32.10 -47.46
CA ILE C 205 12.78 32.86 -48.06
C ILE C 205 12.60 33.06 -49.56
N PRO C 206 12.30 32.04 -50.36
CA PRO C 206 12.10 32.27 -51.81
C PRO C 206 10.95 33.23 -52.10
N PRO C 207 9.88 33.25 -51.30
CA PRO C 207 8.89 34.32 -51.48
C PRO C 207 9.45 35.73 -51.42
N SER C 208 10.54 35.94 -50.68
CA SER C 208 11.19 37.25 -50.69
C SER C 208 11.72 37.58 -52.09
N PHE C 209 12.28 36.59 -52.78
CA PHE C 209 12.75 36.79 -54.15
C PHE C 209 11.60 36.85 -55.14
N VAL C 210 10.40 36.43 -54.73
CA VAL C 210 9.26 36.42 -55.65
C VAL C 210 8.86 37.85 -56.02
N SER C 211 8.78 38.74 -55.03
CA SER C 211 8.28 40.08 -55.24
C SER C 211 9.30 41.04 -55.83
N ILE C 212 10.45 40.54 -56.30
CA ILE C 212 11.50 41.41 -56.84
C ILE C 212 11.69 41.26 -58.34
N TYR C 213 11.19 40.18 -58.96
CA TYR C 213 11.42 39.93 -60.36
C TYR C 213 10.16 40.02 -61.22
N LEU C 214 8.99 40.18 -60.61
CA LEU C 214 7.76 40.29 -61.39
C LEU C 214 6.81 41.37 -60.87
N ASP C 215 7.22 42.13 -59.86
CA ASP C 215 6.49 43.28 -59.33
C ASP C 215 5.13 42.92 -58.74
N ARG C 216 4.85 41.63 -58.55
CA ARG C 216 3.58 41.19 -58.01
C ARG C 216 3.82 40.40 -56.73
N THR C 217 3.08 40.74 -55.68
CA THR C 217 3.14 40.04 -54.41
C THR C 217 1.76 39.49 -54.06
N TRP C 218 1.76 38.34 -53.39
CA TRP C 218 0.53 37.67 -53.00
C TRP C 218 0.54 37.46 -51.48
N ILE C 219 -0.47 36.71 -50.99
CA ILE C 219 -0.57 36.45 -49.56
C ILE C 219 0.64 35.65 -49.07
N GLY C 220 1.17 34.76 -49.91
CA GLY C 220 2.39 34.04 -49.59
C GLY C 220 2.23 33.05 -48.44
N LEU C 221 3.35 32.42 -48.06
CA LEU C 221 3.39 31.53 -46.92
C LEU C 221 3.99 32.21 -45.69
N ARG C 222 4.03 33.54 -45.69
CA ARG C 222 4.61 34.29 -44.57
C ARG C 222 3.81 34.16 -43.29
N PHE C 223 2.58 33.64 -43.36
CA PHE C 223 1.84 33.34 -42.14
C PHE C 223 2.52 32.27 -41.29
N LEU C 224 3.42 31.48 -41.90
CA LEU C 224 4.18 30.49 -41.15
C LEU C 224 5.16 31.12 -40.17
N ARG C 225 5.39 32.43 -40.28
CA ARG C 225 6.24 33.13 -39.31
C ARG C 225 5.63 33.12 -37.92
N ALA C 226 4.33 32.80 -37.80
CA ALA C 226 3.71 32.69 -36.48
C ALA C 226 4.29 31.55 -35.66
N LEU C 227 4.96 30.59 -36.30
CA LEU C 227 5.61 29.52 -35.57
C LEU C 227 6.80 30.02 -34.77
N ARG C 228 7.29 31.22 -35.06
CA ARG C 228 8.35 31.82 -34.25
C ARG C 228 7.87 32.19 -32.85
N LEU C 229 6.56 32.20 -32.61
CA LEU C 229 6.05 32.47 -31.27
C LEU C 229 6.40 31.37 -30.29
N MET C 230 6.77 30.17 -30.78
CA MET C 230 7.16 29.10 -29.88
C MET C 230 8.50 29.36 -29.22
N THR C 231 9.30 30.28 -29.75
CA THR C 231 10.53 30.69 -29.08
C THR C 231 10.30 31.79 -28.04
N VAL C 232 9.13 32.42 -28.04
CA VAL C 232 8.87 33.54 -27.14
C VAL C 232 9.14 33.19 -25.67
N PRO C 233 8.68 32.05 -25.14
CA PRO C 233 9.01 31.73 -23.74
C PRO C 233 10.50 31.58 -23.48
N ASP C 234 11.29 31.22 -24.50
CA ASP C 234 12.72 31.07 -24.30
C ASP C 234 13.39 32.40 -23.95
N ILE C 235 12.97 33.48 -24.61
CA ILE C 235 13.51 34.80 -24.28
C ILE C 235 13.07 35.22 -22.89
N LEU C 236 11.84 34.85 -22.49
CA LEU C 236 11.39 35.16 -21.14
C LEU C 236 12.31 34.58 -20.08
N GLN C 237 12.94 33.44 -20.36
CA GLN C 237 13.96 32.92 -19.46
C GLN C 237 15.19 33.82 -19.44
N TYR C 238 15.57 34.36 -20.59
CA TYR C 238 16.73 35.25 -20.65
C TYR C 238 16.50 36.52 -19.85
N LEU C 239 15.29 37.09 -19.93
CA LEU C 239 14.95 38.29 -19.19
C LEU C 239 14.52 38.00 -17.75
N ASN C 240 14.50 36.73 -17.35
CA ASN C 240 14.14 36.31 -15.99
C ASN C 240 12.72 36.76 -15.62
N VAL C 241 11.83 36.83 -16.61
CA VAL C 241 10.44 37.15 -16.32
C VAL C 241 9.77 36.00 -15.57
N LEU C 242 10.02 34.76 -16.00
CA LEU C 242 9.49 33.57 -15.36
C LEU C 242 10.68 32.75 -14.87
N LYS C 243 11.07 32.98 -13.61
CA LYS C 243 12.24 32.30 -13.06
C LYS C 243 11.94 30.85 -12.74
N THR C 244 10.76 30.56 -12.21
CA THR C 244 10.43 29.20 -11.79
C THR C 244 10.28 28.28 -12.99
N SER C 245 10.70 27.02 -12.81
CA SER C 245 10.60 26.05 -13.89
C SER C 245 9.16 25.62 -14.14
N SER C 246 8.34 25.58 -13.08
CA SER C 246 6.94 25.19 -13.25
C SER C 246 6.19 26.17 -14.15
N SER C 247 6.44 27.47 -13.97
CA SER C 247 5.82 28.46 -14.83
C SER C 247 6.32 28.36 -16.26
N ILE C 248 7.59 27.99 -16.45
CA ILE C 248 8.13 27.84 -17.80
C ILE C 248 7.42 26.71 -18.54
N ARG C 249 7.20 25.58 -17.86
CA ARG C 249 6.59 24.42 -18.52
C ARG C 249 5.18 24.75 -19.00
N LEU C 250 4.39 25.43 -18.18
CA LEU C 250 3.05 25.83 -18.63
C LEU C 250 3.12 26.94 -19.67
N ALA C 251 4.14 27.81 -19.59
CA ALA C 251 4.32 28.84 -20.60
C ALA C 251 4.70 28.23 -21.94
N GLN C 252 5.34 27.06 -21.94
CA GLN C 252 5.65 26.39 -23.19
C GLN C 252 4.38 25.97 -23.91
N LEU C 253 3.47 25.28 -23.20
CA LEU C 253 2.31 24.69 -23.85
C LEU C 253 1.40 25.77 -24.47
N VAL C 254 1.21 26.88 -23.77
CA VAL C 254 0.40 27.96 -24.31
C VAL C 254 1.04 28.57 -25.55
N SER C 255 2.36 28.47 -25.69
CA SER C 255 3.03 29.05 -26.85
C SER C 255 2.76 28.25 -28.11
N ILE C 256 2.86 26.92 -28.03
CA ILE C 256 2.51 26.09 -29.18
C ILE C 256 1.03 26.20 -29.49
N PHE C 257 0.18 26.29 -28.46
CA PHE C 257 -1.26 26.38 -28.68
C PHE C 257 -1.61 27.62 -29.49
N ILE C 258 -1.03 28.76 -29.14
CA ILE C 258 -1.29 29.98 -29.90
C ILE C 258 -0.64 29.90 -31.29
N SER C 259 0.60 29.40 -31.34
CA SER C 259 1.31 29.32 -32.62
C SER C 259 0.60 28.40 -33.60
N VAL C 260 0.16 27.23 -33.13
CA VAL C 260 -0.56 26.31 -34.01
C VAL C 260 -1.89 26.91 -34.43
N TRP C 261 -2.59 27.56 -33.50
CA TRP C 261 -3.88 28.17 -33.81
C TRP C 261 -3.73 29.25 -34.87
N LEU C 262 -2.72 30.10 -34.75
CA LEU C 262 -2.55 31.19 -35.70
C LEU C 262 -2.07 30.68 -37.06
N THR C 263 -1.13 29.73 -37.08
CA THR C 263 -0.62 29.25 -38.35
C THR C 263 -1.65 28.43 -39.11
N ALA C 264 -2.56 27.76 -38.41
CA ALA C 264 -3.63 27.04 -39.07
C ALA C 264 -4.66 27.99 -39.66
N ALA C 265 -4.89 29.14 -39.00
CA ALA C 265 -5.79 30.14 -39.56
C ALA C 265 -5.23 30.72 -40.84
N GLY C 266 -3.91 30.87 -40.92
CA GLY C 266 -3.30 31.33 -42.15
C GLY C 266 -3.49 30.36 -43.30
N ILE C 267 -3.40 29.06 -43.00
CA ILE C 267 -3.66 28.05 -44.02
C ILE C 267 -5.11 28.12 -44.47
N ILE C 268 -6.04 28.27 -43.52
CA ILE C 268 -7.45 28.41 -43.86
C ILE C 268 -7.67 29.64 -44.72
N HIS C 269 -7.04 30.75 -44.36
CA HIS C 269 -7.17 31.97 -45.15
C HIS C 269 -6.68 31.76 -46.57
N LEU C 270 -5.53 31.08 -46.72
CA LEU C 270 -4.98 30.85 -48.05
C LEU C 270 -5.79 29.83 -48.83
N LEU C 271 -6.20 28.74 -48.19
CA LEU C 271 -6.92 27.68 -48.90
C LEU C 271 -8.33 28.08 -49.29
N GLU C 272 -8.87 29.18 -48.76
CA GLU C 272 -10.23 29.60 -49.07
C GLU C 272 -10.26 30.78 -50.03
N ASN C 273 -9.44 31.81 -49.78
CA ASN C 273 -9.46 32.99 -50.64
C ASN C 273 -8.87 32.69 -52.02
N SER C 274 -7.79 31.91 -52.07
CA SER C 274 -7.16 31.58 -53.34
C SER C 274 -8.09 30.71 -54.19
N GLY C 275 -8.76 29.75 -53.58
CA GLY C 275 -9.64 28.85 -54.30
C GLY C 275 -8.92 27.63 -54.83
N ASP C 276 -9.72 26.71 -55.37
CA ASP C 276 -9.16 25.48 -55.90
C ASP C 276 -8.34 25.75 -57.15
N PRO C 277 -7.19 25.07 -57.32
CA PRO C 277 -6.36 25.32 -58.51
C PRO C 277 -7.01 24.92 -59.82
N LEU C 278 -8.02 24.05 -59.79
CA LEU C 278 -8.60 23.54 -61.03
C LEU C 278 -9.55 24.55 -61.67
N ASP C 279 -10.59 24.95 -60.96
CA ASP C 279 -11.62 25.84 -61.49
C ASP C 279 -11.40 27.30 -61.13
N PHE C 280 -10.90 27.58 -59.93
CA PHE C 280 -10.62 28.95 -59.48
C PHE C 280 -11.86 29.84 -59.56
N ASP C 281 -13.02 29.28 -59.21
CA ASP C 281 -14.26 30.03 -59.21
C ASP C 281 -14.97 29.93 -57.87
N ASN C 282 -14.78 28.81 -57.19
CA ASN C 282 -15.44 28.57 -55.90
C ASN C 282 -14.58 29.10 -54.75
N ALA C 283 -14.29 30.39 -54.83
CA ALA C 283 -13.50 31.08 -53.82
C ALA C 283 -14.41 31.95 -52.97
N HIS C 284 -14.33 31.76 -51.65
CA HIS C 284 -15.14 32.51 -50.70
C HIS C 284 -14.28 33.51 -49.97
N ARG C 285 -14.73 34.76 -49.91
CA ARG C 285 -13.96 35.82 -49.26
C ARG C 285 -14.04 35.65 -47.75
N LEU C 286 -12.90 35.38 -47.13
CA LEU C 286 -12.81 35.20 -45.68
C LEU C 286 -11.65 36.03 -45.15
N SER C 287 -11.86 36.63 -43.98
CA SER C 287 -10.86 37.49 -43.37
C SER C 287 -10.07 36.72 -42.30
N TYR C 288 -8.86 37.20 -42.03
CA TYR C 288 -8.03 36.57 -41.02
C TYR C 288 -8.65 36.73 -39.63
N TRP C 289 -9.33 37.84 -39.39
CA TRP C 289 -10.11 37.99 -38.16
C TRP C 289 -11.23 36.96 -38.07
N THR C 290 -11.78 36.53 -39.20
CA THR C 290 -12.79 35.47 -39.19
C THR C 290 -12.16 34.09 -39.05
N CYS C 291 -10.98 33.90 -39.65
CA CYS C 291 -10.34 32.59 -39.62
C CYS C 291 -9.97 32.18 -38.20
N VAL C 292 -9.46 33.13 -37.40
CA VAL C 292 -9.12 32.81 -36.02
C VAL C 292 -10.38 32.50 -35.22
N TYR C 293 -11.47 33.22 -35.51
CA TYR C 293 -12.75 32.89 -34.88
C TYR C 293 -13.29 31.56 -35.39
N PHE C 294 -12.95 31.19 -36.62
CA PHE C 294 -13.41 29.92 -37.18
C PHE C 294 -12.81 28.75 -36.40
N LEU C 295 -11.51 28.78 -36.13
CA LEU C 295 -10.84 27.66 -35.48
C LEU C 295 -11.04 27.63 -33.97
N ILE C 296 -11.27 28.77 -33.33
CA ILE C 296 -11.43 28.78 -31.88
C ILE C 296 -12.71 28.04 -31.48
N VAL C 297 -13.75 28.15 -32.30
CA VAL C 297 -14.98 27.40 -32.02
C VAL C 297 -14.91 25.97 -32.53
N THR C 298 -14.02 25.69 -33.49
CA THR C 298 -13.82 24.32 -33.93
C THR C 298 -13.05 23.51 -32.90
N MET C 299 -12.01 24.10 -32.31
CA MET C 299 -11.25 23.40 -31.28
C MET C 299 -12.10 23.11 -30.05
N SER C 300 -12.99 24.04 -29.71
CA SER C 300 -13.91 23.85 -28.59
C SER C 300 -15.08 22.94 -28.93
N THR C 301 -15.16 22.47 -30.18
CA THR C 301 -16.22 21.56 -30.62
C THR C 301 -17.61 22.17 -30.41
N VAL C 302 -17.73 23.46 -30.68
CA VAL C 302 -19.03 24.13 -30.62
C VAL C 302 -19.71 24.14 -31.98
N GLY C 303 -19.06 24.69 -33.00
CA GLY C 303 -19.55 24.60 -34.36
C GLY C 303 -20.83 25.40 -34.61
N TYR C 304 -20.72 26.72 -34.55
CA TYR C 304 -21.90 27.56 -34.81
C TYR C 304 -22.42 27.36 -36.23
N GLY C 305 -21.51 27.26 -37.20
CA GLY C 305 -21.91 27.08 -38.59
C GLY C 305 -22.21 28.36 -39.34
N ASP C 306 -22.14 29.52 -38.69
CA ASP C 306 -22.34 30.78 -39.40
C ASP C 306 -21.27 30.98 -40.47
N VAL C 307 -20.04 30.62 -40.15
CA VAL C 307 -18.94 30.63 -41.11
C VAL C 307 -18.45 29.19 -41.29
N TYR C 308 -18.20 28.80 -42.54
CA TYR C 308 -17.75 27.45 -42.83
C TYR C 308 -16.91 27.47 -44.10
N CYS C 309 -16.11 26.43 -44.27
CA CYS C 309 -15.24 26.30 -45.43
C CYS C 309 -16.02 25.73 -46.61
N GLU C 310 -15.82 26.34 -47.78
CA GLU C 310 -16.50 25.93 -48.99
C GLU C 310 -15.59 25.29 -50.03
N THR C 311 -14.32 25.68 -50.07
CA THR C 311 -13.39 25.11 -51.05
C THR C 311 -13.14 23.64 -50.76
N VAL C 312 -13.04 22.84 -51.83
CA VAL C 312 -12.80 21.41 -51.67
C VAL C 312 -11.45 21.17 -51.01
N LEU C 313 -10.42 21.90 -51.43
CA LEU C 313 -9.11 21.78 -50.80
C LEU C 313 -9.16 22.18 -49.33
N GLY C 314 -9.89 23.25 -49.02
CA GLY C 314 -10.04 23.66 -47.63
C GLY C 314 -10.77 22.63 -46.80
N ARG C 315 -11.81 22.01 -47.37
CA ARG C 315 -12.55 20.98 -46.63
C ARG C 315 -11.67 19.78 -46.31
N THR C 316 -10.75 19.44 -47.22
CA THR C 316 -9.82 18.34 -46.95
C THR C 316 -8.92 18.63 -45.77
N PHE C 317 -8.55 19.90 -45.58
CA PHE C 317 -7.72 20.27 -44.44
C PHE C 317 -8.47 20.09 -43.12
N LEU C 318 -9.75 20.46 -43.08
CA LEU C 318 -10.53 20.29 -41.86
C LEU C 318 -10.61 18.83 -41.45
N VAL C 319 -10.74 17.93 -42.42
CA VAL C 319 -10.75 16.51 -42.11
C VAL C 319 -9.42 16.07 -41.54
N PHE C 320 -8.31 16.51 -42.14
CA PHE C 320 -7.00 16.11 -41.66
C PHE C 320 -6.66 16.77 -40.33
N PHE C 321 -6.87 18.09 -40.23
CA PHE C 321 -6.36 18.81 -39.07
C PHE C 321 -7.14 18.44 -37.81
N LEU C 322 -8.44 18.18 -37.92
CA LEU C 322 -9.19 17.67 -36.79
C LEU C 322 -8.65 16.31 -36.35
N LEU C 323 -8.33 15.44 -37.31
CA LEU C 323 -7.83 14.11 -36.97
C LEU C 323 -6.47 14.20 -36.29
N VAL C 324 -5.54 14.94 -36.89
CA VAL C 324 -4.22 15.09 -36.27
C VAL C 324 -4.29 15.97 -35.04
N GLY C 325 -5.18 16.96 -35.03
CA GLY C 325 -5.31 17.82 -33.86
C GLY C 325 -5.84 17.08 -32.65
N LEU C 326 -6.88 16.25 -32.85
CA LEU C 326 -7.43 15.46 -31.75
C LEU C 326 -6.39 14.48 -31.21
N ALA C 327 -5.65 13.82 -32.11
CA ALA C 327 -4.61 12.90 -31.67
C ALA C 327 -3.50 13.63 -30.92
N ILE C 328 -3.08 14.78 -31.43
CA ILE C 328 -2.06 15.57 -30.74
C ILE C 328 -2.59 16.08 -29.40
N PHE C 329 -3.84 16.54 -29.39
CA PHE C 329 -4.44 17.02 -28.15
C PHE C 329 -4.54 15.90 -27.11
N ALA C 330 -4.88 14.69 -27.55
CA ALA C 330 -5.03 13.55 -26.66
C ALA C 330 -3.75 12.77 -26.45
N SER C 331 -2.60 13.32 -26.84
CA SER C 331 -1.32 12.64 -26.67
C SER C 331 -0.46 13.25 -25.57
N CYS C 332 -0.57 14.55 -25.34
CA CYS C 332 0.25 15.24 -24.35
C CYS C 332 -0.56 15.89 -23.24
N ILE C 333 -1.67 16.54 -23.59
CA ILE C 333 -2.49 17.20 -22.56
C ILE C 333 -3.02 16.22 -21.52
N PRO C 334 -3.56 15.05 -21.88
CA PRO C 334 -4.09 14.16 -20.82
C PRO C 334 -3.04 13.66 -19.85
N GLU C 335 -1.75 13.72 -20.20
CA GLU C 335 -0.72 13.15 -19.34
C GLU C 335 0.04 14.22 -18.56
N ILE C 336 0.29 15.38 -19.15
CA ILE C 336 1.08 16.40 -18.47
C ILE C 336 0.22 17.52 -17.90
N ILE C 337 -0.88 17.88 -18.58
CA ILE C 337 -1.75 18.93 -18.05
C ILE C 337 -2.47 18.45 -16.79
N ASP C 338 -2.85 17.17 -16.76
CA ASP C 338 -3.57 16.64 -15.61
C ASP C 338 -2.73 16.68 -14.34
N LEU C 339 -1.41 16.51 -14.48
CA LEU C 339 -0.54 16.55 -13.30
C LEU C 339 -0.52 17.93 -12.67
N ILE C 340 -0.54 18.98 -13.48
CA ILE C 340 -0.48 20.34 -12.96
C ILE C 340 -1.72 20.68 -12.15
N GLY C 341 -2.88 20.16 -12.57
CA GLY C 341 -4.12 20.53 -11.91
C GLY C 341 -4.20 20.07 -10.47
N THR C 342 -3.73 18.86 -10.18
CA THR C 342 -3.84 18.30 -8.84
C THR C 342 -2.99 19.08 -7.85
N ARG C 343 -3.58 19.42 -6.70
CA ARG C 343 -2.88 20.15 -5.66
C ARG C 343 -3.47 19.77 -4.30
N ALA C 344 -2.70 20.05 -3.26
CA ALA C 344 -3.12 19.71 -1.90
C ALA C 344 -4.26 20.62 -1.44
N LYS C 345 -5.06 20.11 -0.51
CA LYS C 345 -6.23 20.83 -0.01
C LYS C 345 -6.04 21.36 1.41
N TYR C 346 -5.05 20.88 2.14
CA TYR C 346 -4.80 21.32 3.51
C TYR C 346 -3.51 22.12 3.57
N GLY C 347 -3.59 23.32 4.12
CA GLY C 347 -2.44 24.19 4.22
C GLY C 347 -2.89 25.64 4.29
N GLY C 348 -1.92 26.54 4.23
CA GLY C 348 -2.18 27.96 4.25
C GLY C 348 -2.19 28.53 5.65
N THR C 349 -1.93 29.84 5.71
CA THR C 349 -1.91 30.53 6.99
C THR C 349 -3.30 30.62 7.57
N LEU C 350 -3.41 30.46 8.89
CA LEU C 350 -4.69 30.58 9.57
C LEU C 350 -5.31 31.95 9.34
N LYS C 351 -6.60 31.96 9.03
CA LYS C 351 -7.31 33.21 8.80
C LYS C 351 -7.37 34.03 10.07
N ASN C 352 -7.15 35.34 9.94
CA ASN C 352 -7.13 36.26 11.06
C ASN C 352 -8.46 37.00 11.17
N GLU C 353 -8.90 37.20 12.41
CA GLU C 353 -10.13 37.92 12.69
C GLU C 353 -9.89 38.91 13.83
N LYS C 354 -10.67 39.98 13.82
CA LYS C 354 -10.54 41.00 14.85
C LYS C 354 -11.08 40.47 16.18
N GLY C 355 -10.29 40.59 17.22
CA GLY C 355 -10.68 40.08 18.53
C GLY C 355 -10.90 38.57 18.54
N ARG C 356 -10.04 37.82 17.87
CA ARG C 356 -10.19 36.39 17.73
C ARG C 356 -9.38 35.68 18.80
N ARG C 357 -10.04 34.85 19.60
CA ARG C 357 -9.38 34.02 20.59
C ARG C 357 -9.41 32.57 20.13
N HIS C 358 -8.25 31.92 20.15
CA HIS C 358 -8.14 30.56 19.65
C HIS C 358 -7.07 29.82 20.43
N ILE C 359 -7.14 28.49 20.37
CA ILE C 359 -6.15 27.62 20.99
C ILE C 359 -5.64 26.66 19.93
N VAL C 360 -4.42 26.16 20.14
CA VAL C 360 -3.78 25.25 19.21
C VAL C 360 -3.68 23.88 19.88
N VAL C 361 -4.15 22.85 19.19
CA VAL C 361 -4.12 21.48 19.69
C VAL C 361 -3.19 20.69 18.77
N CYS C 362 -2.18 20.07 19.36
CA CYS C 362 -1.19 19.29 18.62
C CYS C 362 -0.98 17.95 19.33
N GLY C 363 -0.21 17.09 18.67
CA GLY C 363 0.07 15.78 19.23
C GLY C 363 -0.66 14.66 18.51
N HIS C 364 -1.31 13.79 19.28
CA HIS C 364 -2.05 12.67 18.72
C HIS C 364 -3.45 13.15 18.36
N ILE C 365 -3.76 13.14 17.06
CA ILE C 365 -5.04 13.62 16.55
C ILE C 365 -5.74 12.43 15.92
N THR C 366 -6.70 11.85 16.64
CA THR C 366 -7.51 10.76 16.11
C THR C 366 -8.98 11.06 16.33
N TYR C 367 -9.87 10.16 15.92
CA TYR C 367 -11.30 10.41 16.02
C TYR C 367 -11.76 10.38 17.48
N GLU C 368 -11.55 9.25 18.16
CA GLU C 368 -12.06 9.07 19.51
C GLU C 368 -11.26 9.83 20.56
N SER C 369 -10.22 10.57 20.16
CA SER C 369 -9.50 11.47 21.05
C SER C 369 -9.92 12.92 20.89
N VAL C 370 -10.08 13.37 19.63
CA VAL C 370 -10.53 14.73 19.38
C VAL C 370 -12.01 14.87 19.76
N SER C 371 -12.82 13.86 19.45
CA SER C 371 -14.25 13.96 19.69
C SER C 371 -14.56 14.14 21.17
N HIS C 372 -13.87 13.41 22.04
CA HIS C 372 -14.10 13.54 23.47
C HIS C 372 -13.74 14.93 23.96
N PHE C 373 -12.64 15.49 23.46
CA PHE C 373 -12.26 16.86 23.83
C PHE C 373 -13.27 17.87 23.32
N LEU C 374 -13.78 17.67 22.11
CA LEU C 374 -14.71 18.64 21.52
C LEU C 374 -16.08 18.58 22.19
N LYS C 375 -16.44 17.43 22.77
CA LYS C 375 -17.72 17.33 23.46
C LYS C 375 -17.80 18.28 24.65
N ASP C 376 -16.70 18.40 25.39
CA ASP C 376 -16.68 19.25 26.58
C ASP C 376 -16.30 20.69 26.25
N PHE C 377 -15.32 20.89 25.36
CA PHE C 377 -14.89 22.25 25.04
C PHE C 377 -16.00 23.02 24.33
N LEU C 378 -16.69 22.39 23.40
CA LEU C 378 -17.79 23.00 22.64
C LEU C 378 -19.14 22.50 23.12
N HIS C 379 -19.29 22.31 24.43
CA HIS C 379 -20.50 21.68 24.97
C HIS C 379 -21.73 22.56 24.75
N GLU C 380 -22.89 21.91 24.77
CA GLU C 380 -24.15 22.61 24.51
C GLU C 380 -24.45 23.63 25.59
N ASP C 381 -24.23 23.26 26.86
CA ASP C 381 -24.68 24.09 27.97
C ASP C 381 -23.63 25.09 28.44
N ARG C 382 -22.45 25.10 27.83
CA ARG C 382 -21.41 26.03 28.27
C ARG C 382 -21.84 27.47 27.98
N GLU C 383 -21.62 28.35 28.96
CA GLU C 383 -22.00 29.74 28.80
C GLU C 383 -21.17 30.38 27.69
N ASP C 384 -21.73 31.45 27.10
CA ASP C 384 -21.29 31.91 25.79
C ASP C 384 -19.90 32.53 25.80
N VAL C 385 -18.88 31.71 25.48
CA VAL C 385 -17.55 32.19 25.17
C VAL C 385 -17.11 31.52 23.87
N ASP C 386 -16.61 32.31 22.94
CA ASP C 386 -16.25 31.82 21.61
C ASP C 386 -14.73 31.74 21.51
N VAL C 387 -14.20 30.51 21.51
CA VAL C 387 -12.78 30.25 21.35
C VAL C 387 -12.62 29.22 20.24
N GLU C 388 -11.92 29.60 19.18
CA GLU C 388 -11.69 28.70 18.07
C GLU C 388 -10.67 27.63 18.45
N VAL C 389 -10.78 26.47 17.80
CA VAL C 389 -9.88 25.35 18.03
C VAL C 389 -9.13 25.07 16.75
N VAL C 390 -7.80 25.09 16.83
CA VAL C 390 -6.93 24.86 15.68
C VAL C 390 -6.17 23.55 15.91
N PHE C 391 -6.31 22.63 14.96
CA PHE C 391 -5.64 21.34 15.03
C PHE C 391 -4.49 21.31 14.03
N LEU C 392 -3.29 20.99 14.52
CA LEU C 392 -2.09 20.94 13.69
C LEU C 392 -1.52 19.53 13.79
N HIS C 393 -1.75 18.72 12.75
CA HIS C 393 -1.26 17.36 12.70
C HIS C 393 -0.46 17.16 11.41
N ARG C 394 0.56 16.30 11.50
CA ARG C 394 1.42 16.05 10.35
C ARG C 394 0.71 15.26 9.27
N LYS C 395 -0.17 14.32 9.66
CA LYS C 395 -0.85 13.51 8.66
C LYS C 395 -2.23 14.08 8.35
N PRO C 396 -2.67 13.98 7.09
CA PRO C 396 -4.00 14.46 6.75
C PRO C 396 -5.07 13.62 7.43
N PRO C 397 -6.20 14.22 7.80
CA PRO C 397 -7.24 13.47 8.51
C PRO C 397 -7.88 12.42 7.62
N ASP C 398 -8.31 11.33 8.25
CA ASP C 398 -9.01 10.27 7.53
C ASP C 398 -10.49 10.61 7.42
N LEU C 399 -11.25 9.71 6.78
CA LEU C 399 -12.67 9.95 6.56
C LEU C 399 -13.44 9.96 7.87
N GLU C 400 -13.03 9.14 8.84
CA GLU C 400 -13.73 9.10 10.12
C GLU C 400 -13.64 10.44 10.85
N LEU C 401 -12.46 11.06 10.82
CA LEU C 401 -12.24 12.34 11.49
C LEU C 401 -12.62 13.53 10.63
N GLU C 402 -12.63 13.37 9.30
CA GLU C 402 -13.02 14.49 8.43
C GLU C 402 -14.46 14.90 8.67
N GLY C 403 -15.35 13.93 8.86
CA GLY C 403 -16.74 14.25 9.15
C GLY C 403 -16.92 15.01 10.44
N LEU C 404 -16.09 14.71 11.45
CA LEU C 404 -16.17 15.45 12.71
C LEU C 404 -15.84 16.92 12.52
N PHE C 405 -14.83 17.22 11.71
CA PHE C 405 -14.49 18.61 11.44
C PHE C 405 -15.59 19.33 10.66
N LYS C 406 -16.30 18.60 9.79
CA LYS C 406 -17.39 19.22 9.03
C LYS C 406 -18.52 19.66 9.96
N ARG C 407 -18.83 18.85 10.97
CA ARG C 407 -19.91 19.19 11.89
C ARG C 407 -19.57 20.38 12.77
N HIS C 408 -18.30 20.74 12.86
CA HIS C 408 -17.84 21.88 13.65
C HIS C 408 -17.03 22.84 12.79
N PHE C 409 -17.52 23.11 11.58
CA PHE C 409 -16.79 23.97 10.65
C PHE C 409 -16.72 25.41 11.14
N THR C 410 -17.70 25.85 11.93
CA THR C 410 -17.72 27.24 12.37
C THR C 410 -16.76 27.53 13.50
N THR C 411 -16.23 26.51 14.18
CA THR C 411 -15.36 26.70 15.32
C THR C 411 -14.09 25.86 15.30
N VAL C 412 -13.95 24.95 14.36
CA VAL C 412 -12.79 24.05 14.30
C VAL C 412 -12.19 24.11 12.91
N GLU C 413 -10.88 24.33 12.84
CA GLU C 413 -10.14 24.34 11.59
C GLU C 413 -8.90 23.48 11.72
N PHE C 414 -8.55 22.80 10.63
CA PHE C 414 -7.42 21.88 10.59
C PHE C 414 -6.35 22.42 9.66
N PHE C 415 -5.09 22.26 10.07
CA PHE C 415 -3.94 22.67 9.26
C PHE C 415 -2.90 21.57 9.29
N GLN C 416 -2.38 21.23 8.12
CA GLN C 416 -1.38 20.17 8.01
C GLN C 416 0.00 20.74 8.29
N GLY C 417 0.70 20.18 9.26
CA GLY C 417 2.03 20.65 9.62
C GLY C 417 2.50 19.98 10.88
N THR C 418 3.69 20.40 11.31
CA THR C 418 4.32 19.88 12.51
C THR C 418 4.55 21.01 13.50
N ILE C 419 4.21 20.77 14.77
CA ILE C 419 4.43 21.78 15.80
C ILE C 419 5.92 22.05 15.98
N MET C 420 6.78 21.12 15.57
CA MET C 420 8.21 21.30 15.70
C MET C 420 8.78 22.24 14.64
N ASN C 421 8.08 22.41 13.52
CA ASN C 421 8.55 23.29 12.45
C ASN C 421 8.23 24.74 12.80
N PRO C 422 9.25 25.62 12.88
CA PRO C 422 8.95 27.04 13.15
C PRO C 422 8.07 27.68 12.09
N ILE C 423 8.16 27.23 10.84
CA ILE C 423 7.31 27.77 9.79
C ILE C 423 5.84 27.43 10.07
N ASP C 424 5.58 26.19 10.48
CA ASP C 424 4.20 25.80 10.78
C ASP C 424 3.68 26.49 12.03
N LEU C 425 4.58 26.86 12.95
CA LEU C 425 4.16 27.62 14.12
C LEU C 425 3.63 28.98 13.72
N GLN C 426 4.26 29.62 12.74
CA GLN C 426 3.78 30.91 12.25
C GLN C 426 2.43 30.75 11.55
N ARG C 427 2.21 29.63 10.86
CA ARG C 427 0.97 29.43 10.13
C ARG C 427 -0.23 29.41 11.06
N VAL C 428 -0.10 28.74 12.21
CA VAL C 428 -1.21 28.66 13.17
C VAL C 428 -1.27 29.84 14.12
N LYS C 429 -0.38 30.82 13.95
CA LYS C 429 -0.40 32.05 14.75
C LYS C 429 -0.30 31.74 16.24
N VAL C 430 0.85 31.17 16.63
CA VAL C 430 1.03 30.70 18.00
C VAL C 430 0.97 31.87 18.99
N HIS C 431 1.64 32.99 18.66
CA HIS C 431 1.66 34.12 19.58
C HIS C 431 0.29 34.73 19.81
N GLU C 432 -0.65 34.55 18.88
CA GLU C 432 -2.02 34.98 19.08
C GLU C 432 -2.85 33.97 19.87
N ALA C 433 -2.37 32.74 20.01
CA ALA C 433 -3.15 31.71 20.68
C ALA C 433 -3.20 31.95 22.18
N ASP C 434 -4.35 31.65 22.79
CA ASP C 434 -4.49 31.78 24.23
C ASP C 434 -3.71 30.70 24.96
N ALA C 435 -3.80 29.46 24.47
CA ALA C 435 -3.10 28.34 25.09
C ALA C 435 -2.81 27.28 24.04
N CYS C 436 -1.84 26.44 24.33
CA CYS C 436 -1.45 25.33 23.47
C CYS C 436 -1.69 24.03 24.19
N LEU C 437 -2.35 23.08 23.52
CA LEU C 437 -2.73 21.80 24.11
C LEU C 437 -2.04 20.68 23.36
N VAL C 438 -1.41 19.77 24.11
CA VAL C 438 -0.69 18.64 23.54
C VAL C 438 -1.37 17.36 24.00
N LEU C 439 -1.76 16.52 23.05
CA LEU C 439 -2.43 15.26 23.34
C LEU C 439 -1.46 14.10 23.20
N ALA C 440 -1.65 13.08 24.02
CA ALA C 440 -0.76 11.93 24.08
C ALA C 440 -1.43 10.70 23.47
N ASN C 441 -0.62 9.87 22.82
CA ASN C 441 -1.09 8.62 22.25
C ASN C 441 -1.20 7.59 23.37
N LYS C 442 -2.43 7.27 23.77
CA LYS C 442 -2.63 6.31 24.84
C LYS C 442 -2.21 4.90 24.42
N TYR C 443 -2.40 4.56 23.14
CA TYR C 443 -2.07 3.22 22.64
C TYR C 443 -0.70 3.27 21.98
N CYS C 444 0.34 3.30 22.82
CA CYS C 444 1.72 3.35 22.36
C CYS C 444 2.50 2.21 23.00
N GLN C 445 3.38 1.60 22.21
CA GLN C 445 4.19 0.49 22.73
C GLN C 445 5.14 0.96 23.83
N ASP C 446 5.76 2.13 23.64
CA ASP C 446 6.73 2.67 24.59
C ASP C 446 6.21 4.00 25.14
N PRO C 447 5.64 4.02 26.35
CA PRO C 447 5.20 5.29 26.93
C PRO C 447 6.33 6.28 27.13
N ASP C 448 7.55 5.81 27.44
CA ASP C 448 8.68 6.71 27.64
C ASP C 448 9.04 7.44 26.36
N ALA C 449 9.02 6.73 25.23
CA ALA C 449 9.31 7.37 23.95
C ALA C 449 8.24 8.39 23.59
N GLU C 450 6.97 8.06 23.83
CA GLU C 450 5.89 9.00 23.55
C GLU C 450 6.00 10.24 24.44
N ASP C 451 6.33 10.05 25.72
CA ASP C 451 6.47 11.18 26.62
C ASP C 451 7.62 12.09 26.21
N ALA C 452 8.74 11.50 25.79
CA ALA C 452 9.88 12.30 25.36
C ALA C 452 9.53 13.14 24.15
N ALA C 453 8.82 12.56 23.18
CA ALA C 453 8.41 13.32 22.00
C ALA C 453 7.43 14.43 22.38
N ASN C 454 6.50 14.13 23.29
CA ASN C 454 5.54 15.15 23.71
C ASN C 454 6.22 16.28 24.46
N ILE C 455 7.18 15.95 25.33
CA ILE C 455 7.90 16.99 26.06
C ILE C 455 8.70 17.86 25.09
N MET C 456 9.35 17.23 24.10
CA MET C 456 10.12 17.97 23.12
C MET C 456 9.25 18.91 22.28
N ARG C 457 7.96 18.59 22.13
CA ARG C 457 7.05 19.51 21.48
C ARG C 457 6.86 20.78 22.30
N VAL C 458 6.80 20.64 23.63
CA VAL C 458 6.64 21.80 24.50
C VAL C 458 7.85 22.71 24.40
N ILE C 459 9.05 22.13 24.27
CA ILE C 459 10.26 22.93 24.14
C ILE C 459 10.19 23.80 22.89
N SER C 460 9.72 23.23 21.78
CA SER C 460 9.60 24.00 20.54
C SER C 460 8.60 25.15 20.70
N ILE C 461 7.47 24.88 21.34
CA ILE C 461 6.48 25.94 21.56
C ILE C 461 7.03 27.00 22.49
N LYS C 462 7.69 26.60 23.58
CA LYS C 462 8.26 27.56 24.51
C LYS C 462 9.39 28.35 23.87
N ASN C 463 10.17 27.71 22.99
CA ASN C 463 11.23 28.42 22.29
C ASN C 463 10.66 29.49 21.38
N TYR C 464 9.57 29.19 20.69
CA TYR C 464 8.96 30.16 19.79
C TYR C 464 8.38 31.35 20.58
N SER C 465 7.62 31.07 21.63
CA SER C 465 7.03 32.10 22.46
C SER C 465 7.21 31.73 23.93
N ASP C 466 7.80 32.65 24.70
CA ASP C 466 8.05 32.37 26.11
C ASP C 466 6.76 32.42 26.92
N ASP C 467 5.92 33.43 26.69
CA ASP C 467 4.72 33.66 27.49
C ASP C 467 3.49 33.00 26.86
N ILE C 468 3.60 31.69 26.64
CA ILE C 468 2.50 30.89 26.10
C ILE C 468 2.12 29.84 27.14
N ARG C 469 0.82 29.62 27.30
CA ARG C 469 0.30 28.63 28.23
C ARG C 469 0.22 27.28 27.53
N VAL C 470 0.86 26.28 28.13
CA VAL C 470 0.93 24.95 27.55
C VAL C 470 0.35 23.95 28.57
N ILE C 471 -0.55 23.11 28.09
CA ILE C 471 -1.10 22.01 28.87
C ILE C 471 -0.84 20.72 28.10
N ILE C 472 -0.20 19.76 28.76
CA ILE C 472 0.31 18.56 28.10
C ILE C 472 -0.24 17.32 28.79
N GLN C 473 -0.63 16.33 27.99
CA GLN C 473 -0.96 15.01 28.48
C GLN C 473 0.31 14.17 28.55
N LEU C 474 0.60 13.62 29.72
CA LEU C 474 1.82 12.87 29.95
C LEU C 474 1.48 11.44 30.34
N MET C 475 2.14 10.48 29.70
CA MET C 475 1.80 9.08 29.92
C MET C 475 2.25 8.58 31.29
N GLN C 476 3.48 8.91 31.68
CA GLN C 476 4.06 8.38 32.91
C GLN C 476 4.36 9.49 33.89
N TYR C 477 4.27 9.15 35.18
CA TYR C 477 4.47 10.15 36.23
C TYR C 477 5.93 10.54 36.38
N HIS C 478 6.84 9.57 36.20
CA HIS C 478 8.26 9.86 36.40
C HIS C 478 8.84 10.77 35.32
N ASN C 479 8.11 11.04 34.25
CA ASN C 479 8.55 11.96 33.21
C ASN C 479 8.17 13.40 33.51
N LYS C 480 7.48 13.67 34.63
CA LYS C 480 7.13 15.04 34.97
C LYS C 480 8.36 15.87 35.30
N ALA C 481 9.43 15.24 35.78
CA ALA C 481 10.63 15.98 36.16
C ALA C 481 11.31 16.63 34.95
N TYR C 482 11.19 16.01 33.78
CA TYR C 482 11.81 16.57 32.58
C TYR C 482 11.20 17.91 32.21
N LEU C 483 9.88 18.05 32.41
CA LEU C 483 9.22 19.32 32.12
C LEU C 483 9.69 20.42 33.05
N LEU C 484 10.14 20.07 34.27
CA LEU C 484 10.64 21.08 35.19
C LEU C 484 12.02 21.59 34.77
N ASN C 485 12.72 20.88 33.90
CA ASN C 485 14.03 21.32 33.44
C ASN C 485 13.93 22.46 32.43
N ILE C 486 12.77 22.67 31.82
CA ILE C 486 12.58 23.76 30.87
C ILE C 486 12.52 25.08 31.65
N PRO C 487 13.42 26.03 31.36
CA PRO C 487 13.40 27.29 32.11
C PRO C 487 12.12 28.09 31.94
N SER C 488 11.46 27.99 30.78
CA SER C 488 10.25 28.75 30.52
C SER C 488 9.00 28.11 31.09
N TRP C 489 9.11 26.93 31.69
CA TRP C 489 7.96 26.23 32.26
C TRP C 489 7.66 26.81 33.64
N ASP C 490 6.52 27.48 33.76
CA ASP C 490 6.10 28.08 35.02
C ASP C 490 4.70 27.57 35.37
N TRP C 491 4.59 26.91 36.52
CA TRP C 491 3.28 26.42 36.96
C TRP C 491 2.35 27.56 37.34
N LYS C 492 2.91 28.63 37.92
CA LYS C 492 2.08 29.76 38.33
C LYS C 492 1.56 30.55 37.14
N GLN C 493 2.28 30.53 36.02
CA GLN C 493 1.84 31.28 34.85
C GLN C 493 0.65 30.62 34.17
N GLY C 494 0.48 29.31 34.34
CA GLY C 494 -0.65 28.62 33.75
C GLY C 494 -0.31 27.27 33.17
N ASP C 495 0.98 26.97 33.04
CA ASP C 495 1.39 25.68 32.53
C ASP C 495 1.02 24.58 33.51
N ASP C 496 0.49 23.47 32.98
CA ASP C 496 0.01 22.39 33.83
C ASP C 496 0.22 21.07 33.11
N VAL C 497 0.37 20.00 33.90
CA VAL C 497 0.63 18.67 33.38
C VAL C 497 -0.52 17.76 33.80
N ILE C 498 -1.08 17.04 32.84
CA ILE C 498 -2.13 16.06 33.10
C ILE C 498 -1.53 14.69 32.88
N CYS C 499 -1.25 13.98 33.98
CA CYS C 499 -0.65 12.65 33.91
C CYS C 499 -1.77 11.62 33.89
N LEU C 500 -1.90 10.91 32.77
CA LEU C 500 -2.97 9.93 32.62
C LEU C 500 -2.82 8.79 33.62
N ALA C 501 -1.60 8.30 33.82
CA ALA C 501 -1.39 7.18 34.73
C ALA C 501 -1.73 7.58 36.16
N GLU C 502 -1.31 8.76 36.59
CA GLU C 502 -1.56 9.19 37.96
C GLU C 502 -3.05 9.48 38.19
N LEU C 503 -3.71 10.11 37.22
CA LEU C 503 -5.12 10.47 37.41
C LEU C 503 -6.02 9.26 37.28
N LYS C 504 -5.76 8.38 36.32
CA LYS C 504 -6.63 7.22 36.11
C LYS C 504 -6.60 6.29 37.31
N LEU C 505 -5.40 5.91 37.75
CA LEU C 505 -5.28 5.01 38.89
C LEU C 505 -5.54 5.71 40.22
N GLY C 506 -5.40 7.03 40.28
CA GLY C 506 -5.78 7.76 41.47
C GLY C 506 -7.28 7.73 41.71
N PHE C 507 -8.07 7.85 40.64
CA PHE C 507 -9.52 7.75 40.77
C PHE C 507 -9.92 6.37 41.25
N ILE C 508 -9.29 5.32 40.72
CA ILE C 508 -9.62 3.96 41.12
C ILE C 508 -9.19 3.70 42.56
N ALA C 509 -8.04 4.25 42.96
CA ALA C 509 -7.57 4.05 44.33
C ALA C 509 -8.53 4.66 45.34
N GLN C 510 -9.07 5.85 45.03
CA GLN C 510 -10.03 6.47 45.94
C GLN C 510 -11.34 5.68 45.98
N SER C 511 -11.68 5.00 44.88
CA SER C 511 -12.89 4.17 44.88
C SER C 511 -12.76 2.99 45.83
N CYS C 512 -11.54 2.47 46.02
CA CYS C 512 -11.35 1.40 46.98
C CYS C 512 -11.68 1.86 48.40
N LEU C 513 -11.27 3.07 48.76
CA LEU C 513 -11.60 3.61 50.07
C LEU C 513 -13.07 3.98 50.17
N ALA C 514 -13.61 4.62 49.13
CA ALA C 514 -15.01 5.04 49.10
C ALA C 514 -15.59 4.68 47.75
N PRO C 515 -16.35 3.58 47.65
CA PRO C 515 -16.93 3.19 46.36
C PRO C 515 -17.85 4.25 45.80
N GLY C 516 -17.83 4.40 44.48
CA GLY C 516 -18.61 5.41 43.81
C GLY C 516 -17.96 6.78 43.73
N PHE C 517 -16.76 6.95 44.29
CA PHE C 517 -16.11 8.24 44.28
C PHE C 517 -15.66 8.65 42.88
N SER C 518 -15.28 7.68 42.06
CA SER C 518 -14.84 7.99 40.70
C SER C 518 -15.95 8.64 39.88
N THR C 519 -17.18 8.15 40.04
CA THR C 519 -18.32 8.75 39.37
C THR C 519 -18.57 10.17 39.88
N MET C 520 -18.39 10.38 41.18
CA MET C 520 -18.64 11.70 41.75
C MET C 520 -17.71 12.76 41.17
N MET C 521 -16.41 12.44 41.02
CA MET C 521 -15.49 13.33 40.34
C MET C 521 -15.70 13.40 38.84
N ALA C 522 -16.10 12.30 38.20
CA ALA C 522 -16.30 12.34 36.75
C ALA C 522 -17.39 13.33 36.36
N ASN C 523 -18.49 13.35 37.12
CA ASN C 523 -19.56 14.29 36.83
C ASN C 523 -19.25 15.70 37.33
N LEU C 524 -18.51 15.82 38.44
CA LEU C 524 -18.26 17.13 39.02
C LEU C 524 -17.42 18.01 38.10
N PHE C 525 -16.40 17.43 37.46
CA PHE C 525 -15.46 18.18 36.64
C PHE C 525 -15.72 17.95 35.16
N ALA C 526 -16.99 17.85 34.77
CA ALA C 526 -17.34 17.65 33.38
C ALA C 526 -18.65 18.37 33.07
N MET C 527 -18.86 18.64 31.78
CA MET C 527 -20.06 19.31 31.31
C MET C 527 -21.19 18.29 31.25
N ARG C 528 -22.20 18.44 32.10
CA ARG C 528 -23.34 17.54 32.14
C ARG C 528 -24.60 18.29 31.74
N SER C 529 -25.32 17.74 30.75
CA SER C 529 -26.53 18.36 30.23
C SER C 529 -27.73 17.83 31.01
N PHE C 530 -28.41 18.72 31.74
CA PHE C 530 -29.59 18.34 32.49
C PHE C 530 -30.73 18.02 31.53
N LYS C 531 -31.49 16.96 31.85
CA LYS C 531 -32.58 16.51 31.01
C LYS C 531 -33.87 16.49 31.81
N THR C 532 -34.96 16.96 31.18
CA THR C 532 -36.28 16.99 31.78
C THR C 532 -37.22 16.15 30.96
N SER C 533 -37.91 15.21 31.61
CA SER C 533 -38.88 14.35 30.96
C SER C 533 -39.81 13.73 32.00
N PRO C 534 -41.12 13.70 31.72
CA PRO C 534 -42.05 13.10 32.70
C PRO C 534 -41.83 11.60 32.92
N ASP C 535 -41.18 10.92 31.98
CA ASP C 535 -41.00 9.47 32.06
C ASP C 535 -39.58 9.16 32.52
N MET C 536 -39.38 9.22 33.84
CA MET C 536 -38.15 8.74 34.45
C MET C 536 -38.42 8.42 35.91
N GLN C 537 -37.63 7.50 36.46
CA GLN C 537 -37.82 7.06 37.82
C GLN C 537 -37.32 8.11 38.81
N SER C 538 -37.62 7.87 40.10
CA SER C 538 -37.22 8.81 41.14
C SER C 538 -35.70 8.86 41.29
N TRP C 539 -35.02 7.73 41.07
CA TRP C 539 -33.57 7.71 41.20
C TRP C 539 -32.90 8.60 40.16
N THR C 540 -33.46 8.65 38.95
CA THR C 540 -32.89 9.48 37.91
C THR C 540 -33.06 10.97 38.22
N ASN C 541 -34.17 11.33 38.88
CA ASN C 541 -34.39 12.74 39.23
C ASN C 541 -33.31 13.25 40.18
N ASP C 542 -32.98 12.47 41.20
CA ASP C 542 -31.98 12.88 42.16
C ASP C 542 -30.57 12.81 41.58
N TYR C 543 -30.29 11.77 40.80
CA TYR C 543 -28.97 11.62 40.20
C TYR C 543 -28.68 12.74 39.20
N LEU C 544 -29.67 13.10 38.38
CA LEU C 544 -29.45 14.12 37.35
C LEU C 544 -29.16 15.47 37.97
N ARG C 545 -29.85 15.81 39.06
CA ARG C 545 -29.58 17.08 39.73
C ARG C 545 -28.16 17.14 40.27
N GLY C 546 -27.65 16.02 40.77
CA GLY C 546 -26.27 15.98 41.25
C GLY C 546 -25.26 16.17 40.14
N THR C 547 -25.56 15.65 38.95
CA THR C 547 -24.64 15.79 37.82
C THR C 547 -24.46 17.24 37.39
N GLY C 548 -25.40 18.12 37.73
CA GLY C 548 -25.27 19.52 37.39
C GLY C 548 -24.37 20.31 38.32
N MET C 549 -23.88 19.69 39.38
CA MET C 549 -23.00 20.37 40.32
C MET C 549 -21.62 20.57 39.70
N GLU C 550 -21.02 21.73 39.98
CA GLU C 550 -19.75 22.10 39.38
C GLU C 550 -18.91 22.81 40.42
N MET C 551 -17.59 22.81 40.21
CA MET C 551 -16.65 23.42 41.13
C MET C 551 -16.28 24.82 40.63
N TYR C 552 -16.33 25.80 41.53
CA TYR C 552 -16.00 27.18 41.21
C TYR C 552 -15.13 27.77 42.30
N THR C 553 -14.33 28.76 41.93
CA THR C 553 -13.45 29.47 42.84
C THR C 553 -13.90 30.92 42.95
N GLU C 554 -13.98 31.42 44.18
CA GLU C 554 -14.43 32.78 44.42
C GLU C 554 -13.81 33.30 45.71
N THR C 555 -13.46 34.58 45.72
CA THR C 555 -12.92 35.22 46.91
C THR C 555 -14.03 35.36 47.95
N LEU C 556 -13.67 35.09 49.21
CA LEU C 556 -14.64 35.14 50.29
C LEU C 556 -15.01 36.58 50.62
N SER C 557 -16.19 36.74 51.22
CA SER C 557 -16.67 38.05 51.60
C SER C 557 -15.83 38.62 52.74
N PRO C 558 -15.77 39.95 52.86
CA PRO C 558 -15.09 40.55 54.01
C PRO C 558 -15.72 40.19 55.34
N THR C 559 -16.98 39.76 55.36
CA THR C 559 -17.59 39.30 56.60
C THR C 559 -16.98 37.99 57.07
N PHE C 560 -16.53 37.15 56.13
CA PHE C 560 -16.01 35.83 56.47
C PHE C 560 -14.64 35.86 57.13
N ILE C 561 -13.97 37.02 57.17
CA ILE C 561 -12.61 37.07 57.69
C ILE C 561 -12.64 36.91 59.21
N GLY C 562 -11.62 36.25 59.74
CA GLY C 562 -11.44 36.14 61.18
C GLY C 562 -12.25 35.05 61.86
N ILE C 563 -12.85 34.13 61.12
CA ILE C 563 -13.61 33.04 61.72
C ILE C 563 -13.06 31.72 61.21
N PRO C 564 -13.19 30.63 61.97
CA PRO C 564 -12.64 29.34 61.52
C PRO C 564 -13.37 28.82 60.29
N PHE C 565 -12.68 27.93 59.57
CA PHE C 565 -13.24 27.36 58.36
C PHE C 565 -14.49 26.56 58.64
N ALA C 566 -14.52 25.82 59.75
CA ALA C 566 -15.68 24.98 60.05
C ALA C 566 -16.95 25.82 60.20
N GLN C 567 -16.84 26.96 60.88
CA GLN C 567 -18.01 27.83 61.04
C GLN C 567 -18.34 28.55 59.73
N ALA C 568 -17.34 28.77 58.87
CA ALA C 568 -17.59 29.50 57.63
C ALA C 568 -18.33 28.63 56.63
N THR C 569 -17.95 27.35 56.49
CA THR C 569 -18.55 26.51 55.48
C THR C 569 -19.96 26.08 55.86
N GLU C 570 -20.25 25.97 57.16
CA GLU C 570 -21.62 25.65 57.56
C GLU C 570 -22.54 26.85 57.38
N LEU C 571 -22.02 28.07 57.48
CA LEU C 571 -22.82 29.25 57.22
C LEU C 571 -23.23 29.33 55.76
N CYS C 572 -22.32 28.98 54.85
CA CYS C 572 -22.64 28.98 53.43
C CYS C 572 -23.71 27.93 53.11
N PHE C 573 -23.60 26.75 53.71
CA PHE C 573 -24.59 25.70 53.47
C PHE C 573 -25.96 26.08 54.04
N SER C 574 -25.98 26.66 55.23
CA SER C 574 -27.25 26.97 55.88
C SER C 574 -27.95 28.14 55.21
N LYS C 575 -27.22 29.20 54.90
CA LYS C 575 -27.81 30.43 54.38
C LYS C 575 -27.58 30.61 52.88
N LEU C 576 -26.33 30.55 52.44
CA LEU C 576 -26.00 30.82 51.04
C LEU C 576 -26.27 29.62 50.13
N LYS C 577 -26.59 28.46 50.69
CA LYS C 577 -26.83 27.24 49.92
C LYS C 577 -25.63 26.89 49.04
N LEU C 578 -24.45 26.93 49.63
CA LEU C 578 -23.21 26.61 48.94
C LEU C 578 -22.42 25.60 49.75
N LEU C 579 -21.66 24.77 49.05
CA LEU C 579 -20.79 23.77 49.67
C LEU C 579 -19.36 24.24 49.52
N LEU C 580 -18.75 24.70 50.61
CA LEU C 580 -17.36 25.13 50.63
C LEU C 580 -16.51 24.01 51.21
N LEU C 581 -15.59 23.48 50.41
CA LEU C 581 -14.79 22.33 50.81
C LEU C 581 -13.30 22.61 50.90
N ALA C 582 -12.80 23.69 50.31
CA ALA C 582 -11.38 23.99 50.37
C ALA C 582 -11.17 25.49 50.29
N ILE C 583 -10.02 25.93 50.80
CA ILE C 583 -9.64 27.34 50.78
C ILE C 583 -8.18 27.43 50.35
N GLU C 584 -7.78 28.64 49.97
CA GLU C 584 -6.41 28.94 49.55
C GLU C 584 -5.62 29.41 50.77
N ILE C 585 -4.52 28.73 51.07
CA ILE C 585 -3.67 29.06 52.21
C ILE C 585 -2.28 29.36 51.69
N LYS C 586 -1.74 30.51 52.07
CA LYS C 586 -0.40 30.92 51.64
C LYS C 586 0.67 30.30 52.53
N SER C 594 -0.93 29.39 48.31
CA SER C 594 0.07 28.50 47.74
C SER C 594 -0.28 27.04 48.01
N LYS C 595 -0.98 26.79 49.11
CA LYS C 595 -1.37 25.45 49.53
C LYS C 595 -2.88 25.30 49.41
N ILE C 596 -3.32 24.08 49.16
CA ILE C 596 -4.75 23.74 49.13
C ILE C 596 -5.06 22.89 50.35
N SER C 597 -6.01 23.35 51.15
CA SER C 597 -6.43 22.65 52.36
C SER C 597 -7.86 22.16 52.17
N ILE C 598 -8.04 20.85 52.11
CA ILE C 598 -9.35 20.25 51.97
C ILE C 598 -9.95 20.13 53.37
N ASN C 599 -10.97 20.94 53.65
CA ASN C 599 -11.64 20.97 54.95
C ASN C 599 -10.64 21.12 56.10
N PRO C 600 -9.94 22.25 56.17
CA PRO C 600 -8.97 22.44 57.25
C PRO C 600 -9.64 22.53 58.60
N ARG C 601 -8.93 22.08 59.63
CA ARG C 601 -9.42 22.09 61.00
C ARG C 601 -8.71 23.19 61.77
N GLY C 602 -9.48 24.11 62.33
CA GLY C 602 -8.89 25.21 63.09
C GLY C 602 -8.01 26.13 62.29
N ALA C 603 -8.41 26.45 61.07
CA ALA C 603 -7.66 27.36 60.20
C ALA C 603 -8.47 28.63 60.00
N LYS C 604 -7.95 29.75 60.48
CA LYS C 604 -8.64 31.02 60.33
C LYS C 604 -8.57 31.51 58.89
N ILE C 605 -9.53 32.33 58.51
CA ILE C 605 -9.60 32.88 57.17
C ILE C 605 -8.84 34.20 57.13
N GLN C 606 -7.90 34.32 56.19
CA GLN C 606 -7.12 35.53 56.04
C GLN C 606 -7.83 36.48 55.08
N ALA C 607 -7.14 37.54 54.67
CA ALA C 607 -7.73 38.53 53.78
C ALA C 607 -7.61 38.07 52.32
N ASN C 608 -8.74 38.07 51.62
CA ASN C 608 -8.80 37.72 50.20
C ASN C 608 -8.26 36.30 49.96
N THR C 609 -8.94 35.33 50.56
CA THR C 609 -8.57 33.93 50.42
C THR C 609 -9.52 33.27 49.42
N GLN C 610 -8.96 32.65 48.39
CA GLN C 610 -9.78 31.94 47.42
C GLN C 610 -10.43 30.72 48.05
N GLY C 611 -11.70 30.51 47.73
CA GLY C 611 -12.45 29.38 48.24
C GLY C 611 -13.00 28.54 47.11
N PHE C 612 -13.03 27.23 47.33
CA PHE C 612 -13.52 26.27 46.35
C PHE C 612 -14.95 25.89 46.73
N PHE C 613 -15.89 26.12 45.81
CA PHE C 613 -17.30 25.90 46.07
C PHE C 613 -17.86 24.89 45.07
N ILE C 614 -18.91 24.18 45.49
CA ILE C 614 -19.66 23.29 44.63
C ILE C 614 -21.09 23.82 44.55
N ALA C 615 -21.54 24.12 43.34
CA ALA C 615 -22.85 24.72 43.14
C ALA C 615 -23.34 24.38 41.74
N GLN C 616 -24.63 24.61 41.51
CA GLN C 616 -25.22 24.33 40.21
C GLN C 616 -24.59 25.19 39.12
N SER C 617 -24.36 26.47 39.41
CA SER C 617 -23.74 27.38 38.47
C SER C 617 -22.97 28.43 39.25
N ALA C 618 -22.53 29.48 38.56
CA ALA C 618 -21.81 30.56 39.20
C ALA C 618 -22.72 31.60 39.85
N ASP C 619 -24.04 31.44 39.73
CA ASP C 619 -24.97 32.39 40.33
C ASP C 619 -24.89 32.36 41.85
N GLU C 620 -24.97 31.16 42.44
CA GLU C 620 -24.83 31.06 43.89
C GLU C 620 -23.40 31.36 44.34
N VAL C 621 -22.42 31.02 43.50
CA VAL C 621 -21.02 31.22 43.87
C VAL C 621 -20.71 32.70 44.05
N LYS C 622 -21.27 33.54 43.16
CA LYS C 622 -21.06 34.98 43.30
C LYS C 622 -21.65 35.53 44.59
N ARG C 623 -22.65 34.86 45.16
CA ARG C 623 -23.21 35.30 46.44
C ARG C 623 -22.20 35.18 47.58
N ALA C 624 -21.14 34.40 47.41
CA ALA C 624 -20.11 34.29 48.43
C ALA C 624 -19.21 35.52 48.47
N TRP C 625 -19.02 36.18 47.33
CA TRP C 625 -18.13 37.35 47.29
C TRP C 625 -18.74 38.52 48.06
N PHE C 626 -20.01 38.82 47.79
CA PHE C 626 -20.71 39.89 48.50
C PHE C 626 -21.75 39.28 49.43
N TYR C 627 -21.62 39.56 50.71
CA TYR C 627 -22.53 39.03 51.73
C TYR C 627 -22.35 39.78 53.03
N CYS C 628 -23.45 40.29 53.59
CA CYS C 628 -23.40 41.03 54.85
C CYS C 628 -24.59 40.60 55.71
N LYS C 629 -24.42 40.72 57.03
CA LYS C 629 -25.50 40.39 57.95
C LYS C 629 -26.64 41.39 57.89
N ALA C 630 -26.39 42.60 57.38
CA ALA C 630 -27.43 43.61 57.27
C ALA C 630 -28.11 43.55 55.91
N MET C 778 12.56 4.96 61.36
CA MET C 778 12.30 5.00 59.94
C MET C 778 10.95 4.37 59.62
N LYS C 779 9.89 5.17 59.71
CA LYS C 779 8.53 4.70 59.50
C LYS C 779 7.87 5.27 58.26
N TYR C 780 8.03 6.55 57.99
CA TYR C 780 7.43 7.23 56.84
C TYR C 780 8.52 7.66 55.86
N ASP C 781 8.10 8.22 54.73
CA ASP C 781 9.03 8.68 53.72
C ASP C 781 9.62 10.04 54.11
N SER C 782 10.44 10.58 53.22
CA SER C 782 11.12 11.84 53.51
C SER C 782 10.12 12.98 53.67
N THR C 783 9.10 13.05 52.82
CA THR C 783 8.10 14.09 52.94
C THR C 783 7.16 13.87 54.11
N GLY C 784 7.07 12.64 54.62
CA GLY C 784 6.19 12.34 55.72
C GLY C 784 4.74 12.12 55.34
N MET C 785 4.43 12.04 54.05
CA MET C 785 3.06 11.89 53.57
C MET C 785 2.72 10.45 53.19
N PHE C 786 3.65 9.51 53.32
CA PHE C 786 3.41 8.13 52.94
C PHE C 786 4.13 7.20 53.90
N HIS C 787 3.62 5.98 54.00
CA HIS C 787 4.29 4.95 54.78
C HIS C 787 5.51 4.42 54.02
N TRP C 788 6.46 3.88 54.76
CA TRP C 788 7.71 3.39 54.19
C TRP C 788 8.04 2.02 54.75
N SER C 789 8.77 1.24 53.96
CA SER C 789 9.21 -0.10 54.32
C SER C 789 10.66 -0.27 53.90
N PRO C 790 11.42 -1.15 54.60
CA PRO C 790 12.85 -1.33 54.32
C PRO C 790 13.14 -2.18 53.07
N ALA C 791 12.53 -1.81 51.95
CA ALA C 791 12.85 -2.35 50.63
C ALA C 791 12.72 -3.88 50.60
N LYS C 792 11.49 -4.34 50.78
CA LYS C 792 11.20 -5.76 50.72
C LYS C 792 11.46 -6.30 49.32
N SER C 793 12.00 -7.52 49.26
CA SER C 793 12.35 -8.14 47.99
C SER C 793 11.10 -8.66 47.29
N LEU C 794 11.17 -8.72 45.96
CA LEU C 794 10.05 -9.21 45.17
C LEU C 794 9.79 -10.70 45.44
N GLU C 795 10.86 -11.49 45.57
CA GLU C 795 10.70 -12.93 45.78
C GLU C 795 9.99 -13.23 47.08
N ASP C 796 10.24 -12.43 48.12
CA ASP C 796 9.57 -12.64 49.40
C ASP C 796 8.08 -12.34 49.33
N CYS C 797 7.65 -11.53 48.37
CA CYS C 797 6.25 -11.14 48.25
C CYS C 797 5.46 -12.03 47.29
N ILE C 798 6.10 -12.99 46.66
CA ILE C 798 5.41 -13.87 45.72
C ILE C 798 4.70 -14.97 46.50
N LEU C 799 3.41 -15.14 46.26
CA LEU C 799 2.60 -16.14 46.94
C LEU C 799 2.13 -17.19 45.93
N ASP C 800 2.32 -18.46 46.28
CA ASP C 800 1.85 -19.55 45.45
C ASP C 800 0.35 -19.77 45.69
N ARG C 801 -0.26 -20.58 44.81
CA ARG C 801 -1.67 -20.89 44.99
C ARG C 801 -1.92 -21.59 46.33
N ASN C 802 -1.05 -22.53 46.70
CA ASN C 802 -1.18 -23.18 47.99
C ASN C 802 -0.94 -22.20 49.13
N GLN C 803 0.05 -21.32 48.99
CA GLN C 803 0.33 -20.34 50.03
C GLN C 803 -0.85 -19.40 50.23
N ALA C 804 -1.46 -18.94 49.13
CA ALA C 804 -2.63 -18.07 49.25
C ALA C 804 -3.83 -18.82 49.82
N ALA C 805 -3.95 -20.11 49.52
CA ALA C 805 -5.06 -20.89 50.05
C ALA C 805 -4.97 -21.05 51.56
N MET C 806 -3.77 -21.25 52.09
CA MET C 806 -3.61 -21.49 53.52
C MET C 806 -3.64 -20.22 54.35
N THR C 807 -3.68 -19.04 53.71
CA THR C 807 -3.82 -17.78 54.42
C THR C 807 -5.18 -17.16 54.08
N VAL C 808 -5.68 -16.35 55.00
CA VAL C 808 -6.99 -15.73 54.87
C VAL C 808 -6.79 -14.22 54.77
N LEU C 809 -7.33 -13.64 53.70
CA LEU C 809 -7.28 -12.20 53.47
C LEU C 809 -8.69 -11.63 53.57
N ASN C 810 -8.86 -10.63 54.44
CA ASN C 810 -10.15 -10.01 54.65
C ASN C 810 -9.99 -8.49 54.58
N GLY C 811 -10.92 -7.83 53.90
CA GLY C 811 -10.87 -6.39 53.76
C GLY C 811 -9.66 -5.91 53.01
N HIS C 812 -9.28 -6.60 51.94
CA HIS C 812 -8.10 -6.28 51.15
C HIS C 812 -8.52 -5.77 49.77
N VAL C 813 -7.52 -5.43 48.97
CA VAL C 813 -7.74 -4.92 47.62
C VAL C 813 -7.07 -5.88 46.65
N VAL C 814 -7.85 -6.38 45.68
CA VAL C 814 -7.36 -7.30 44.66
C VAL C 814 -7.21 -6.52 43.36
N VAL C 815 -6.02 -6.56 42.78
CA VAL C 815 -5.71 -5.86 41.54
C VAL C 815 -5.57 -6.91 40.45
N CYS C 816 -6.62 -7.07 39.64
CA CYS C 816 -6.59 -8.01 38.53
C CYS C 816 -5.91 -7.34 37.34
N LEU C 817 -4.75 -7.84 36.95
CA LEU C 817 -3.93 -7.23 35.92
C LEU C 817 -3.88 -8.13 34.69
N PHE C 818 -4.24 -7.58 33.54
CA PHE C 818 -4.12 -8.25 32.25
C PHE C 818 -2.93 -7.65 31.53
N ALA C 819 -1.80 -8.33 31.57
CA ALA C 819 -0.57 -7.80 30.99
C ALA C 819 0.32 -8.92 30.50
N ASP C 820 0.95 -8.70 29.36
CA ASP C 820 1.97 -9.56 28.80
C ASP C 820 3.34 -9.16 29.33
N PRO C 821 4.33 -10.06 29.24
CA PRO C 821 5.68 -9.68 29.69
C PRO C 821 6.26 -8.49 28.95
N ASP C 822 5.87 -8.28 27.69
CA ASP C 822 6.36 -7.16 26.89
C ASP C 822 5.38 -6.00 26.86
N SER C 823 4.33 -6.03 27.68
CA SER C 823 3.33 -4.97 27.67
C SER C 823 3.93 -3.66 28.17
N PRO C 824 3.42 -2.52 27.70
CA PRO C 824 3.92 -1.24 28.20
C PRO C 824 3.63 -1.08 29.69
N LEU C 825 4.55 -0.41 30.37
CA LEU C 825 4.46 -0.23 31.82
C LEU C 825 3.42 0.83 32.16
N ILE C 826 2.43 0.46 32.95
CA ILE C 826 1.50 1.39 33.57
C ILE C 826 1.86 1.47 35.05
N GLY C 827 2.10 2.68 35.55
CA GLY C 827 2.61 2.83 36.89
C GLY C 827 1.67 2.30 37.95
N LEU C 828 2.01 1.15 38.52
CA LEU C 828 1.19 0.57 39.58
C LEU C 828 1.35 1.30 40.90
N ARG C 829 2.41 2.11 41.04
CA ARG C 829 2.56 2.91 42.25
C ARG C 829 1.46 3.95 42.36
N ASN C 830 0.94 4.44 41.23
CA ASN C 830 -0.12 5.44 41.27
C ASN C 830 -1.42 4.90 41.86
N LEU C 831 -1.54 3.58 41.98
CA LEU C 831 -2.69 2.98 42.64
C LEU C 831 -2.41 2.65 44.09
N VAL C 832 -1.17 2.27 44.43
CA VAL C 832 -0.85 1.86 45.78
C VAL C 832 -0.45 3.04 46.66
N MET C 833 0.22 4.05 46.10
CA MET C 833 0.62 5.20 46.89
C MET C 833 -0.56 5.92 47.54
N PRO C 834 -1.68 6.18 46.86
CA PRO C 834 -2.84 6.72 47.58
C PRO C 834 -3.34 5.83 48.70
N LEU C 835 -3.22 4.51 48.54
CA LEU C 835 -3.62 3.57 49.58
C LEU C 835 -2.61 3.48 50.71
N ARG C 836 -1.42 4.06 50.56
CA ARG C 836 -0.39 4.06 51.59
C ARG C 836 -0.14 5.45 52.14
N ALA C 837 -1.15 6.31 52.10
CA ALA C 837 -0.99 7.67 52.58
C ALA C 837 -0.83 7.69 54.11
N SER C 838 -0.17 8.73 54.60
CA SER C 838 0.07 8.86 56.03
C SER C 838 -1.20 9.13 56.82
N ASN C 839 -2.32 9.45 56.17
CA ASN C 839 -3.57 9.66 56.91
C ASN C 839 -4.02 8.38 57.59
N PHE C 840 -3.92 7.24 56.91
CA PHE C 840 -4.37 5.98 57.48
C PHE C 840 -3.36 5.44 58.47
N HIS C 841 -3.87 4.92 59.58
CA HIS C 841 -3.01 4.23 60.53
C HIS C 841 -2.54 2.91 59.93
N TYR C 842 -1.43 2.40 60.47
CA TYR C 842 -0.85 1.17 59.94
C TYR C 842 -1.80 -0.01 60.10
N HIS C 843 -2.63 0.00 61.14
CA HIS C 843 -3.55 -1.12 61.35
C HIS C 843 -4.72 -1.07 60.36
N GLU C 844 -5.11 0.12 59.92
CA GLU C 844 -6.23 0.25 59.01
C GLU C 844 -5.82 0.25 57.54
N LEU C 845 -4.53 0.07 57.24
CA LEU C 845 -4.08 -0.04 55.86
C LEU C 845 -4.69 -1.27 55.21
N LYS C 846 -4.99 -1.16 53.92
CA LYS C 846 -5.61 -2.25 53.18
C LYS C 846 -4.54 -3.06 52.47
N HIS C 847 -4.55 -4.38 52.69
CA HIS C 847 -3.62 -5.26 52.01
C HIS C 847 -3.90 -5.27 50.52
N VAL C 848 -2.83 -5.26 49.71
CA VAL C 848 -2.94 -5.21 48.27
C VAL C 848 -2.34 -6.50 47.71
N VAL C 849 -3.13 -7.23 46.93
CA VAL C 849 -2.69 -8.44 46.27
C VAL C 849 -2.88 -8.25 44.77
N ILE C 850 -1.83 -8.56 44.00
CA ILE C 850 -1.82 -8.36 42.56
C ILE C 850 -1.80 -9.73 41.89
N VAL C 851 -2.76 -9.97 41.00
CA VAL C 851 -2.86 -11.22 40.26
C VAL C 851 -2.42 -10.93 38.83
N GLY C 852 -1.30 -11.52 38.43
CA GLY C 852 -0.78 -11.29 37.10
C GLY C 852 0.56 -11.98 36.94
N SER C 853 1.18 -11.75 35.78
CA SER C 853 2.47 -12.37 35.50
C SER C 853 3.57 -11.67 36.27
N VAL C 854 4.42 -12.45 36.93
CA VAL C 854 5.54 -11.89 37.68
C VAL C 854 6.54 -11.23 36.75
N ASP C 855 6.61 -11.68 35.50
CA ASP C 855 7.55 -11.08 34.55
C ASP C 855 7.22 -9.62 34.31
N TYR C 856 5.93 -9.30 34.17
CA TYR C 856 5.54 -7.90 33.98
C TYR C 856 5.73 -7.10 35.27
N ILE C 857 5.36 -7.70 36.42
CA ILE C 857 5.46 -6.99 37.69
C ILE C 857 6.91 -6.73 38.06
N ARG C 858 7.81 -7.67 37.75
CA ARG C 858 9.22 -7.49 38.07
C ARG C 858 9.79 -6.29 37.36
N ARG C 859 9.31 -6.00 36.15
CA ARG C 859 9.83 -4.87 35.39
C ARG C 859 9.53 -3.53 36.05
N GLU C 860 8.55 -3.48 36.97
CA GLU C 860 8.19 -2.24 37.64
C GLU C 860 8.13 -2.39 39.16
N TRP C 861 8.69 -3.46 39.72
CA TRP C 861 8.65 -3.67 41.16
C TRP C 861 9.54 -2.69 41.91
N LYS C 862 10.40 -1.95 41.20
CA LYS C 862 11.37 -1.09 41.88
C LYS C 862 10.68 -0.04 42.73
N MET C 863 9.58 0.53 42.26
CA MET C 863 8.89 1.56 43.02
C MET C 863 7.91 1.01 44.04
N LEU C 864 7.71 -0.30 44.08
CA LEU C 864 6.83 -0.93 45.07
C LEU C 864 7.59 -1.60 46.20
N GLN C 865 8.93 -1.49 46.23
CA GLN C 865 9.71 -2.16 47.26
C GLN C 865 9.40 -1.61 48.64
N ASN C 866 9.30 -0.29 48.76
CA ASN C 866 9.16 0.37 50.06
C ASN C 866 7.72 0.54 50.50
N LEU C 867 6.75 0.05 49.75
CA LEU C 867 5.35 0.19 50.10
C LEU C 867 4.89 -1.04 50.88
N PRO C 868 4.43 -0.90 52.12
CA PRO C 868 4.10 -2.07 52.93
C PRO C 868 2.86 -2.80 52.43
N LYS C 869 2.79 -4.08 52.80
CA LYS C 869 1.62 -4.93 52.57
C LYS C 869 1.27 -5.03 51.09
N ILE C 870 2.20 -5.61 50.32
CA ILE C 870 1.99 -5.88 48.91
C ILE C 870 2.29 -7.35 48.66
N SER C 871 1.37 -8.05 48.01
CA SER C 871 1.52 -9.46 47.69
C SER C 871 1.30 -9.67 46.19
N VAL C 872 2.07 -10.60 45.62
CA VAL C 872 2.02 -10.90 44.20
C VAL C 872 1.72 -12.38 44.03
N LEU C 873 0.74 -12.70 43.20
CA LEU C 873 0.33 -14.08 42.94
C LEU C 873 0.47 -14.37 41.45
N ASN C 874 1.11 -15.49 41.13
CA ASN C 874 1.26 -15.93 39.76
C ASN C 874 -0.04 -16.53 39.23
N GLY C 875 -0.47 -16.06 38.08
CA GLY C 875 -1.68 -16.58 37.46
C GLY C 875 -2.36 -15.50 36.64
N SER C 876 -3.55 -15.84 36.16
CA SER C 876 -4.35 -14.93 35.38
C SER C 876 -5.66 -14.63 36.09
N PRO C 877 -6.14 -13.39 36.05
CA PRO C 877 -7.42 -13.06 36.69
C PRO C 877 -8.61 -13.79 36.08
N LEU C 878 -8.49 -14.29 34.85
CA LEU C 878 -9.59 -15.04 34.25
C LEU C 878 -9.78 -16.38 34.94
N SER C 879 -8.72 -17.01 35.42
CA SER C 879 -8.83 -18.31 36.07
C SER C 879 -9.52 -18.17 37.42
N ARG C 880 -10.50 -19.04 37.67
CA ARG C 880 -11.24 -18.99 38.92
C ARG C 880 -10.44 -19.55 40.08
N ALA C 881 -9.43 -20.37 39.82
CA ALA C 881 -8.61 -20.92 40.90
C ALA C 881 -7.86 -19.83 41.64
N ASP C 882 -7.27 -18.88 40.91
CA ASP C 882 -6.54 -17.80 41.55
C ASP C 882 -7.47 -16.90 42.35
N LEU C 883 -8.64 -16.59 41.80
CA LEU C 883 -9.56 -15.69 42.48
C LEU C 883 -10.08 -16.29 43.77
N ARG C 884 -10.36 -17.59 43.77
CA ARG C 884 -10.77 -18.25 45.02
C ARG C 884 -9.63 -18.28 46.02
N ALA C 885 -8.38 -18.39 45.54
CA ALA C 885 -7.24 -18.43 46.45
C ALA C 885 -7.07 -17.12 47.21
N VAL C 886 -7.21 -15.98 46.51
CA VAL C 886 -7.04 -14.68 47.14
C VAL C 886 -8.31 -14.19 47.82
N ASN C 887 -9.40 -14.94 47.73
CA ASN C 887 -10.66 -14.63 48.43
C ASN C 887 -11.19 -13.26 48.02
N VAL C 888 -11.51 -13.12 46.73
CA VAL C 888 -12.11 -11.88 46.27
C VAL C 888 -13.53 -11.72 46.77
N ASN C 889 -14.15 -12.78 47.27
CA ASN C 889 -15.49 -12.67 47.83
C ASN C 889 -15.52 -11.83 49.10
N LEU C 890 -14.36 -11.63 49.75
CA LEU C 890 -14.29 -10.87 50.98
C LEU C 890 -13.47 -9.59 50.85
N CYS C 891 -13.01 -9.26 49.65
CA CYS C 891 -12.20 -8.06 49.46
C CYS C 891 -13.07 -6.81 49.50
N ASP C 892 -12.44 -5.68 49.85
CA ASP C 892 -13.15 -4.41 49.85
C ASP C 892 -13.38 -3.88 48.45
N MET C 893 -12.47 -4.17 47.51
CA MET C 893 -12.64 -3.71 46.14
C MET C 893 -11.74 -4.55 45.23
N CYS C 894 -12.29 -5.01 44.12
CA CYS C 894 -11.55 -5.74 43.10
C CYS C 894 -11.41 -4.85 41.88
N CYS C 895 -10.18 -4.57 41.48
CA CYS C 895 -9.88 -3.69 40.36
C CYS C 895 -9.39 -4.52 39.18
N ILE C 896 -10.00 -4.32 38.02
CA ILE C 896 -9.63 -5.02 36.80
C ILE C 896 -8.99 -4.01 35.87
N LEU C 897 -7.69 -4.20 35.59
CA LEU C 897 -6.93 -3.30 34.74
C LEU C 897 -6.26 -4.09 33.63
N SER C 898 -6.11 -3.45 32.48
CA SER C 898 -5.48 -4.06 31.33
C SER C 898 -4.33 -3.18 30.85
N ALA C 899 -3.13 -3.74 30.75
CA ALA C 899 -1.98 -3.04 30.25
C ALA C 899 -1.60 -3.47 28.84
N LYS C 900 -2.36 -4.37 28.22
CA LYS C 900 -2.03 -4.86 26.90
C LYS C 900 -2.40 -3.84 25.82
N VAL C 901 -1.49 -3.68 24.87
CA VAL C 901 -1.77 -2.80 23.72
C VAL C 901 -2.81 -3.45 22.83
N PRO C 902 -3.90 -2.75 22.49
CA PRO C 902 -4.92 -3.37 21.64
C PRO C 902 -4.38 -3.67 20.25
N SER C 903 -4.93 -4.72 19.65
CA SER C 903 -4.52 -5.14 18.30
C SER C 903 -4.95 -4.15 17.22
N ASN C 904 -5.80 -3.19 17.56
CA ASN C 904 -6.29 -2.14 16.66
C ASN C 904 -7.13 -2.70 15.51
N ASP C 905 -7.48 -3.99 15.55
CA ASP C 905 -8.37 -4.55 14.54
C ASP C 905 -9.75 -3.92 14.63
N ASP C 906 -10.26 -3.73 15.84
CA ASP C 906 -11.56 -3.12 16.07
C ASP C 906 -11.47 -2.25 17.31
N PRO C 907 -11.78 -0.95 17.20
CA PRO C 907 -11.73 -0.09 18.41
C PRO C 907 -12.69 -0.55 19.51
N THR C 908 -13.82 -1.13 19.15
CA THR C 908 -14.77 -1.56 20.18
C THR C 908 -14.30 -2.80 20.92
N LEU C 909 -13.58 -3.69 20.24
CA LEU C 909 -13.07 -4.92 20.85
C LEU C 909 -11.73 -4.71 21.56
N ALA C 910 -11.42 -3.48 21.95
CA ALA C 910 -10.16 -3.22 22.65
C ALA C 910 -10.11 -3.92 23.99
N ASP C 911 -11.24 -3.96 24.71
CA ASP C 911 -11.30 -4.50 26.05
C ASP C 911 -12.16 -5.76 26.05
N LYS C 912 -11.53 -6.89 25.73
CA LYS C 912 -12.22 -8.18 25.78
C LYS C 912 -11.99 -8.86 27.12
N GLU C 913 -10.75 -8.89 27.60
CA GLU C 913 -10.46 -9.54 28.87
C GLU C 913 -11.14 -8.83 30.03
N ALA C 914 -11.20 -7.50 29.98
CA ALA C 914 -11.84 -6.74 31.04
C ALA C 914 -13.32 -7.08 31.17
N ILE C 915 -14.02 -7.18 30.03
CA ILE C 915 -15.45 -7.50 30.08
C ILE C 915 -15.65 -8.96 30.47
N LEU C 916 -14.87 -9.86 29.90
CA LEU C 916 -15.01 -11.29 30.22
C LEU C 916 -14.72 -11.56 31.69
N ALA C 917 -13.65 -10.95 32.22
CA ALA C 917 -13.33 -11.13 33.63
C ALA C 917 -14.38 -10.51 34.52
N SER C 918 -14.94 -9.37 34.11
CA SER C 918 -15.99 -8.73 34.90
C SER C 918 -17.22 -9.62 35.02
N LEU C 919 -17.65 -10.23 33.92
CA LEU C 919 -18.80 -11.13 33.97
C LEU C 919 -18.46 -12.45 34.64
N ASN C 920 -17.20 -12.88 34.55
CA ASN C 920 -16.80 -14.13 35.18
C ASN C 920 -16.92 -14.05 36.69
N ILE C 921 -16.50 -12.93 37.28
CA ILE C 921 -16.56 -12.81 38.75
C ILE C 921 -18.00 -12.73 39.22
N LYS C 922 -18.87 -12.05 38.46
CA LYS C 922 -20.26 -11.90 38.88
C LYS C 922 -20.98 -13.26 38.93
N ALA C 923 -20.59 -14.19 38.08
CA ALA C 923 -21.23 -15.50 38.04
C ALA C 923 -20.64 -16.49 39.04
N MET C 924 -19.53 -16.17 39.68
CA MET C 924 -18.94 -17.10 40.63
C MET C 924 -19.78 -17.21 41.89
N THR C 925 -19.80 -18.42 42.47
CA THR C 925 -20.52 -18.70 43.70
C THR C 925 -19.54 -19.23 44.72
N PHE C 926 -19.67 -18.78 45.96
CA PHE C 926 -18.77 -19.15 47.05
C PHE C 926 -19.57 -19.85 48.15
N ASP C 927 -18.91 -20.75 48.86
CA ASP C 927 -19.54 -21.48 49.94
C ASP C 927 -19.73 -20.61 51.17
N VAL C 959 -20.21 -15.20 48.97
CA VAL C 959 -21.11 -16.28 48.59
C VAL C 959 -21.63 -16.07 47.17
N TYR C 960 -22.04 -14.84 46.85
CA TYR C 960 -22.56 -14.49 45.52
C TYR C 960 -21.57 -13.53 44.86
N GLY C 961 -21.22 -13.80 43.60
CA GLY C 961 -20.29 -12.94 42.88
C GLY C 961 -20.85 -11.57 42.58
N ALA C 962 -22.15 -11.48 42.31
CA ALA C 962 -22.77 -10.20 42.01
C ALA C 962 -22.70 -9.23 43.18
N ASN C 963 -22.52 -9.74 44.40
CA ASN C 963 -22.39 -8.92 45.59
C ASN C 963 -20.96 -8.47 45.85
N VAL C 964 -20.00 -8.94 45.06
CA VAL C 964 -18.60 -8.55 45.27
C VAL C 964 -18.39 -7.13 44.77
N PRO C 965 -17.87 -6.22 45.59
CA PRO C 965 -17.53 -4.89 45.07
C PRO C 965 -16.49 -4.98 43.97
N MET C 966 -16.68 -4.18 42.93
CA MET C 966 -15.90 -4.34 41.71
C MET C 966 -15.82 -3.02 40.97
N ILE C 967 -14.66 -2.76 40.37
CA ILE C 967 -14.47 -1.62 39.47
C ILE C 967 -13.69 -2.12 38.25
N THR C 968 -14.09 -1.64 37.07
CA THR C 968 -13.50 -2.10 35.82
C THR C 968 -13.04 -0.90 35.01
N GLU C 969 -11.79 -0.95 34.56
CA GLU C 969 -11.25 0.09 33.69
C GLU C 969 -11.66 -0.21 32.25
N LEU C 970 -12.49 0.66 31.67
CA LEU C 970 -13.00 0.48 30.32
C LEU C 970 -12.43 1.55 29.43
N VAL C 971 -11.71 1.15 28.39
CA VAL C 971 -11.13 2.09 27.44
C VAL C 971 -12.09 2.48 26.34
N ASN C 972 -13.30 1.93 26.33
CA ASN C 972 -14.32 2.27 25.35
C ASN C 972 -15.59 2.70 26.07
N ASP C 973 -16.25 3.72 25.50
CA ASP C 973 -17.45 4.26 26.12
C ASP C 973 -18.67 3.37 25.89
N GLY C 974 -18.75 2.71 24.73
CA GLY C 974 -19.91 1.90 24.41
C GLY C 974 -19.98 0.55 25.09
N ASN C 975 -18.89 0.11 25.72
CA ASN C 975 -18.87 -1.19 26.39
C ASN C 975 -19.28 -1.09 27.85
N VAL C 976 -19.62 0.10 28.35
CA VAL C 976 -19.99 0.25 29.74
C VAL C 976 -21.31 -0.48 30.03
N GLN C 977 -22.27 -0.39 29.11
CA GLN C 977 -23.57 -1.00 29.33
C GLN C 977 -23.50 -2.53 29.40
N PHE C 978 -22.42 -3.13 28.90
CA PHE C 978 -22.31 -4.59 28.93
C PHE C 978 -22.12 -5.12 30.36
N LEU C 979 -21.61 -4.30 31.27
CA LEU C 979 -21.40 -4.75 32.64
C LEU C 979 -22.72 -5.07 33.33
N ASP C 980 -23.74 -4.25 33.11
CA ASP C 980 -25.05 -4.45 33.70
C ASP C 980 -25.96 -5.19 32.72
N GLN C 981 -26.96 -5.89 33.27
CA GLN C 981 -27.80 -6.75 32.46
C GLN C 981 -29.29 -6.51 32.68
N ASP C 982 -29.67 -6.07 33.88
CA ASP C 982 -31.07 -5.89 34.22
C ASP C 982 -31.51 -4.43 34.08
N ASP C 983 -30.99 -3.74 33.08
CA ASP C 983 -31.34 -2.36 32.79
C ASP C 983 -32.38 -2.28 31.67
N ASP C 984 -32.98 -1.09 31.56
CA ASP C 984 -33.95 -0.81 30.50
C ASP C 984 -33.48 0.32 29.58
N ASP C 985 -32.17 0.54 29.52
CA ASP C 985 -31.63 1.67 28.76
C ASP C 985 -31.51 1.31 27.29
N ASP C 986 -32.04 2.17 26.43
CA ASP C 986 -31.83 2.03 24.99
C ASP C 986 -30.35 2.24 24.70
N PRO C 987 -29.70 1.33 23.95
CA PRO C 987 -28.24 1.43 23.74
C PRO C 987 -27.72 2.80 23.29
N ASP C 988 -28.60 3.70 22.86
CA ASP C 988 -28.19 5.06 22.52
C ASP C 988 -28.07 5.95 23.76
N THR C 989 -28.13 5.38 24.95
CA THR C 989 -28.07 6.16 26.18
C THR C 989 -26.70 6.81 26.35
N GLU C 990 -26.71 8.02 26.91
CA GLU C 990 -25.47 8.73 27.17
C GLU C 990 -24.64 7.99 28.21
N LEU C 991 -23.33 8.29 28.23
CA LEU C 991 -22.42 7.59 29.13
C LEU C 991 -22.79 7.83 30.59
N TYR C 992 -22.99 9.08 30.98
CA TYR C 992 -23.20 9.39 32.38
C TYR C 992 -24.57 8.94 32.88
N LEU C 993 -25.47 8.55 31.99
CA LEU C 993 -26.76 7.99 32.37
C LEU C 993 -26.76 6.47 32.35
N THR C 994 -25.64 5.85 31.99
CA THR C 994 -25.55 4.40 31.92
C THR C 994 -25.50 3.83 33.34
N GLN C 995 -26.00 2.61 33.49
CA GLN C 995 -26.14 2.00 34.82
C GLN C 995 -24.80 1.81 35.54
N PRO C 996 -23.79 1.14 34.98
CA PRO C 996 -22.53 0.99 35.73
C PRO C 996 -21.84 2.29 36.04
N PHE C 997 -21.92 3.29 35.14
CA PHE C 997 -21.24 4.56 35.39
C PHE C 997 -21.85 5.29 36.58
N ALA C 998 -23.18 5.45 36.58
CA ALA C 998 -23.83 6.16 37.67
C ALA C 998 -23.68 5.44 39.00
N CYS C 999 -23.31 4.16 38.97
CA CYS C 999 -23.24 3.35 40.16
C CYS C 999 -21.82 3.17 40.68
N GLY C 1000 -20.82 3.69 39.98
CA GLY C 1000 -19.45 3.62 40.41
C GLY C 1000 -18.71 2.32 40.10
N THR C 1001 -19.36 1.38 39.40
CA THR C 1001 -18.72 0.10 39.12
C THR C 1001 -17.90 0.11 37.84
N ALA C 1002 -17.99 1.16 37.03
CA ALA C 1002 -17.25 1.24 35.77
C ALA C 1002 -16.54 2.57 35.70
N PHE C 1003 -15.26 2.53 35.33
CA PHE C 1003 -14.46 3.74 35.14
C PHE C 1003 -14.11 3.86 33.66
N ALA C 1004 -14.44 5.00 33.06
CA ALA C 1004 -14.15 5.24 31.65
C ALA C 1004 -12.98 6.21 31.54
N VAL C 1005 -11.96 5.82 30.77
CA VAL C 1005 -10.79 6.66 30.60
C VAL C 1005 -11.08 7.88 29.75
N SER C 1006 -12.26 7.95 29.13
CA SER C 1006 -12.62 9.12 28.33
C SER C 1006 -12.76 10.37 29.17
N VAL C 1007 -13.02 10.24 30.47
CA VAL C 1007 -13.15 11.42 31.32
C VAL C 1007 -11.83 12.14 31.45
N LEU C 1008 -10.71 11.44 31.30
CA LEU C 1008 -9.41 12.10 31.33
C LEU C 1008 -9.25 13.05 30.14
N ASP C 1009 -9.71 12.64 28.96
CA ASP C 1009 -9.67 13.53 27.81
C ASP C 1009 -10.57 14.73 28.01
N SER C 1010 -11.75 14.52 28.61
CA SER C 1010 -12.64 15.62 28.92
C SER C 1010 -12.07 16.55 29.98
N LEU C 1011 -11.17 16.05 30.82
CA LEU C 1011 -10.56 16.89 31.85
C LEU C 1011 -9.57 17.88 31.26
N MET C 1012 -9.13 17.66 30.01
CA MET C 1012 -8.31 18.64 29.34
C MET C 1012 -9.05 19.97 29.17
N SER C 1013 -10.32 19.90 28.78
CA SER C 1013 -11.11 21.12 28.64
C SER C 1013 -11.32 21.81 29.98
N THR C 1014 -11.55 21.03 31.04
CA THR C 1014 -11.78 21.61 32.36
C THR C 1014 -10.56 22.37 32.85
N THR C 1015 -9.37 21.83 32.62
CA THR C 1015 -8.14 22.48 33.09
C THR C 1015 -7.93 23.83 32.42
N TYR C 1016 -8.22 23.90 31.12
CA TYR C 1016 -8.00 25.16 30.39
C TYR C 1016 -8.90 26.27 30.92
N PHE C 1017 -10.17 25.97 31.19
CA PHE C 1017 -11.10 27.00 31.64
C PHE C 1017 -10.88 27.39 33.09
N ASN C 1018 -10.41 26.46 33.92
CA ASN C 1018 -10.12 26.73 35.33
C ASN C 1018 -8.75 26.13 35.66
N GLN C 1019 -7.78 26.99 35.93
CA GLN C 1019 -6.44 26.50 36.26
C GLN C 1019 -6.41 25.75 37.58
N ASN C 1020 -7.25 26.14 38.53
CA ASN C 1020 -7.29 25.51 39.85
C ASN C 1020 -8.05 24.20 39.85
N ALA C 1021 -8.67 23.81 38.73
CA ALA C 1021 -9.45 22.58 38.70
C ALA C 1021 -8.58 21.36 38.96
N LEU C 1022 -7.41 21.29 38.32
CA LEU C 1022 -6.54 20.12 38.50
C LEU C 1022 -5.83 20.16 39.84
N THR C 1023 -5.60 21.36 40.40
CA THR C 1023 -4.97 21.44 41.70
C THR C 1023 -5.83 20.82 42.78
N LEU C 1024 -7.15 21.05 42.73
CA LEU C 1024 -8.05 20.43 43.69
C LEU C 1024 -8.13 18.93 43.47
N ILE C 1025 -8.17 18.49 42.20
CA ILE C 1025 -8.29 17.06 41.91
C ILE C 1025 -7.07 16.31 42.41
N ARG C 1026 -5.88 16.83 42.14
CA ARG C 1026 -4.66 16.15 42.56
C ARG C 1026 -4.55 16.09 44.08
N SER C 1027 -4.98 17.15 44.77
CA SER C 1027 -4.95 17.16 46.22
C SER C 1027 -5.94 16.20 46.85
N LEU C 1028 -6.88 15.66 46.07
CA LEU C 1028 -7.91 14.79 46.60
C LEU C 1028 -7.73 13.33 46.23
N ILE C 1029 -7.02 13.02 45.15
CA ILE C 1029 -6.89 11.64 44.69
C ILE C 1029 -5.49 11.08 44.85
N THR C 1030 -4.46 11.91 45.01
CA THR C 1030 -3.10 11.42 45.15
C THR C 1030 -2.71 11.14 46.59
N GLY C 1031 -3.55 11.48 47.56
CA GLY C 1031 -3.19 11.31 48.95
C GLY C 1031 -2.16 12.29 49.45
N GLY C 1032 -1.87 13.34 48.69
CA GLY C 1032 -0.86 14.30 49.06
C GLY C 1032 0.43 14.07 48.30
N ALA C 1033 0.64 14.84 47.23
CA ALA C 1033 1.81 14.71 46.38
C ALA C 1033 2.47 16.09 46.30
N THR C 1034 3.39 16.34 47.22
CA THR C 1034 4.07 17.62 47.26
C THR C 1034 4.96 17.77 46.03
N PRO C 1035 5.19 19.02 45.58
CA PRO C 1035 6.07 19.21 44.41
C PRO C 1035 7.47 18.69 44.62
N GLU C 1036 8.00 18.74 45.85
CA GLU C 1036 9.33 18.23 46.12
C GLU C 1036 9.39 16.71 46.13
N LEU C 1037 8.25 16.03 46.21
CA LEU C 1037 8.26 14.57 46.12
C LEU C 1037 8.73 14.12 44.74
N GLU C 1038 8.37 14.85 43.69
CA GLU C 1038 8.89 14.55 42.36
C GLU C 1038 10.40 14.71 42.31
N LEU C 1039 10.93 15.73 43.01
CA LEU C 1039 12.36 15.92 43.04
C LEU C 1039 13.06 14.75 43.72
N ILE C 1040 12.47 14.20 44.78
CA ILE C 1040 13.04 13.04 45.45
C ILE C 1040 13.07 11.84 44.51
N LEU C 1041 11.98 11.62 43.78
CA LEU C 1041 11.92 10.52 42.84
C LEU C 1041 12.80 10.76 41.62
N ALA C 1042 13.14 12.02 41.33
CA ALA C 1042 13.99 12.33 40.18
C ALA C 1042 15.41 11.82 40.35
N GLU C 1043 15.83 11.51 41.57
CA GLU C 1043 17.18 11.03 41.82
C GLU C 1043 17.36 9.56 41.51
N GLY C 1044 16.29 8.84 41.21
CA GLY C 1044 16.39 7.44 40.83
C GLY C 1044 16.56 6.48 41.99
N ALA C 1045 16.51 6.94 43.23
CA ALA C 1045 16.67 6.08 44.39
C ALA C 1045 15.35 5.54 44.90
N GLY C 1046 14.25 5.84 44.24
CA GLY C 1046 12.95 5.38 44.70
C GLY C 1046 12.44 6.21 45.86
N LEU C 1047 11.45 5.66 46.56
CA LEU C 1047 10.84 6.32 47.71
C LEU C 1047 11.79 6.22 48.88
N ARG C 1048 12.58 7.28 49.10
CA ARG C 1048 13.52 7.29 50.22
C ARG C 1048 12.82 7.70 51.50
N GLY C 1049 13.01 6.90 52.55
CA GLY C 1049 12.42 7.19 53.83
C GLY C 1049 13.19 8.23 54.61
N GLY C 1050 12.62 8.61 55.75
CA GLY C 1050 13.25 9.60 56.60
C GLY C 1050 12.83 9.42 58.05
N TYR C 1051 13.68 9.90 58.95
CA TYR C 1051 13.40 9.81 60.37
C TYR C 1051 12.31 10.80 60.74
N SER C 1052 11.30 10.32 61.47
CA SER C 1052 10.16 11.16 61.82
C SER C 1052 10.54 12.16 62.91
N THR C 1053 10.21 13.43 62.69
CA THR C 1053 10.39 14.47 63.67
C THR C 1053 9.04 15.03 64.07
N VAL C 1054 9.06 16.00 65.00
CA VAL C 1054 7.81 16.53 65.53
C VAL C 1054 7.02 17.28 64.47
N GLU C 1055 7.68 18.15 63.71
CA GLU C 1055 6.97 18.96 62.72
C GLU C 1055 6.88 18.24 61.38
N SER C 1056 7.65 17.17 61.19
CA SER C 1056 7.42 16.30 60.04
C SER C 1056 6.13 15.51 60.20
N LEU C 1057 5.85 15.04 61.41
CA LEU C 1057 4.63 14.29 61.68
C LEU C 1057 3.38 15.15 61.62
N SER C 1058 3.52 16.48 61.59
CA SER C 1058 2.36 17.34 61.45
C SER C 1058 1.71 17.23 60.07
N ASN C 1059 2.45 16.72 59.09
CA ASN C 1059 1.89 16.55 57.75
C ASN C 1059 0.83 15.46 57.70
N ARG C 1060 0.78 14.58 58.70
CA ARG C 1060 -0.24 13.55 58.73
C ARG C 1060 -1.62 14.11 59.00
N ASP C 1061 -1.72 15.32 59.55
CA ASP C 1061 -3.00 15.90 59.93
C ASP C 1061 -3.60 16.60 58.71
N ARG C 1062 -4.31 15.82 57.90
CA ARG C 1062 -5.06 16.37 56.78
C ARG C 1062 -6.26 15.47 56.51
N CYS C 1063 -7.26 16.03 55.84
CA CYS C 1063 -8.48 15.30 55.58
C CYS C 1063 -8.26 14.21 54.53
N ARG C 1064 -9.10 13.18 54.60
CA ARG C 1064 -9.04 12.07 53.67
C ARG C 1064 -10.44 11.72 53.21
N VAL C 1065 -10.53 11.11 52.03
CA VAL C 1065 -11.82 10.72 51.46
C VAL C 1065 -12.26 9.42 52.10
N GLY C 1066 -13.49 9.40 52.62
CA GLY C 1066 -14.02 8.21 53.27
C GLY C 1066 -15.51 8.12 53.09
N GLN C 1067 -16.05 6.98 53.52
CA GLN C 1067 -17.47 6.69 53.42
C GLN C 1067 -17.98 6.22 54.78
N ILE C 1068 -19.17 6.70 55.16
CA ILE C 1068 -19.79 6.32 56.42
C ILE C 1068 -21.21 5.86 56.15
N SER C 1069 -21.75 5.11 57.10
CA SER C 1069 -23.10 4.56 56.99
C SER C 1069 -23.93 5.00 58.18
N LEU C 1070 -25.23 5.14 57.95
CA LEU C 1070 -26.18 5.55 58.97
C LEU C 1070 -26.88 4.36 59.63
N TYR C 1071 -26.35 3.14 59.41
CA TYR C 1071 -26.96 1.96 60.00
C TYR C 1071 -26.87 1.98 61.52
N ASP C 1072 -25.70 2.34 62.05
CA ASP C 1072 -25.46 2.31 63.49
C ASP C 1072 -24.64 3.54 63.86
N GLY C 1073 -24.24 3.61 65.13
CA GLY C 1073 -23.49 4.72 65.64
C GLY C 1073 -24.37 5.84 66.15
N PRO C 1074 -23.79 6.76 66.92
CA PRO C 1074 -24.58 7.89 67.44
C PRO C 1074 -25.15 8.78 66.35
N LEU C 1075 -24.57 8.77 65.16
CA LEU C 1075 -25.05 9.58 64.05
C LEU C 1075 -26.19 8.91 63.29
N ALA C 1076 -26.52 7.67 63.63
CA ALA C 1076 -27.53 6.90 62.90
C ALA C 1076 -28.94 7.45 63.07
N GLN C 1077 -29.18 8.32 64.05
CA GLN C 1077 -30.53 8.82 64.29
C GLN C 1077 -31.01 9.75 63.20
N PHE C 1078 -30.14 10.19 62.29
CA PHE C 1078 -30.56 10.95 61.12
C PHE C 1078 -31.07 10.08 59.99
N GLY C 1079 -30.98 8.75 60.13
CA GLY C 1079 -31.36 7.87 59.03
C GLY C 1079 -32.84 7.94 58.71
N GLU C 1080 -33.69 7.96 59.73
CA GLU C 1080 -35.14 7.97 59.56
C GLU C 1080 -35.69 9.37 59.84
N CYS C 1081 -36.52 9.86 58.92
CA CYS C 1081 -37.16 11.17 59.05
C CYS C 1081 -36.13 12.28 59.27
N GLY C 1082 -34.95 12.14 58.68
CA GLY C 1082 -33.86 13.08 58.85
C GLY C 1082 -33.57 13.80 57.55
N LYS C 1083 -33.20 15.07 57.66
CA LYS C 1083 -32.86 15.89 56.50
C LYS C 1083 -31.34 15.93 56.31
N TYR C 1084 -30.93 16.11 55.06
CA TYR C 1084 -29.50 16.13 54.74
C TYR C 1084 -28.81 17.30 55.43
N GLY C 1085 -29.47 18.46 55.47
CA GLY C 1085 -28.87 19.62 56.11
C GLY C 1085 -28.63 19.40 57.59
N ASP C 1086 -29.56 18.73 58.28
CA ASP C 1086 -29.35 18.42 59.68
C ASP C 1086 -28.17 17.48 59.86
N LEU C 1087 -28.02 16.49 58.98
CA LEU C 1087 -26.86 15.61 59.02
C LEU C 1087 -25.57 16.38 58.76
N PHE C 1088 -25.60 17.30 57.79
CA PHE C 1088 -24.39 18.05 57.44
C PHE C 1088 -23.93 18.94 58.61
N VAL C 1089 -24.87 19.61 59.27
CA VAL C 1089 -24.50 20.53 60.34
C VAL C 1089 -24.00 19.76 61.56
N ALA C 1090 -24.69 18.68 61.94
CA ALA C 1090 -24.32 17.95 63.15
C ALA C 1090 -22.96 17.29 63.00
N ALA C 1091 -22.68 16.70 61.84
CA ALA C 1091 -21.40 16.03 61.62
C ALA C 1091 -20.24 17.01 61.65
N LEU C 1092 -20.42 18.19 61.07
CA LEU C 1092 -19.36 19.19 61.02
C LEU C 1092 -19.05 19.75 62.40
N LYS C 1093 -20.07 20.06 63.20
CA LYS C 1093 -19.84 20.68 64.50
C LYS C 1093 -19.24 19.69 65.49
N SER C 1094 -19.67 18.43 65.44
CA SER C 1094 -19.23 17.45 66.44
C SER C 1094 -18.00 16.67 65.99
N TYR C 1095 -17.98 16.21 64.73
CA TYR C 1095 -16.90 15.38 64.24
C TYR C 1095 -15.97 16.09 63.26
N GLY C 1096 -16.41 17.19 62.67
CA GLY C 1096 -15.63 17.86 61.65
C GLY C 1096 -15.70 17.26 60.28
N MET C 1097 -16.48 16.19 60.10
CA MET C 1097 -16.65 15.60 58.78
C MET C 1097 -17.48 16.50 57.90
N LEU C 1098 -17.11 16.58 56.61
CA LEU C 1098 -17.81 17.39 55.63
C LEU C 1098 -18.55 16.46 54.69
N CYS C 1099 -19.88 16.50 54.74
CA CYS C 1099 -20.68 15.63 53.89
C CYS C 1099 -20.68 16.16 52.46
N ILE C 1100 -20.27 15.31 51.51
CA ILE C 1100 -20.17 15.70 50.11
C ILE C 1100 -21.36 15.19 49.30
N GLY C 1101 -21.80 13.97 49.56
CA GLY C 1101 -22.91 13.41 48.80
C GLY C 1101 -23.44 12.16 49.45
N LEU C 1102 -24.33 11.49 48.72
CA LEU C 1102 -25.00 10.30 49.21
C LEU C 1102 -24.76 9.12 48.28
N TYR C 1103 -24.79 7.92 48.85
CA TYR C 1103 -24.65 6.66 48.10
C TYR C 1103 -25.85 5.81 48.49
N ARG C 1104 -26.94 5.97 47.74
CA ARG C 1104 -28.24 5.45 48.11
C ARG C 1104 -28.60 4.23 47.26
N PHE C 1105 -29.28 3.27 47.89
CA PHE C 1105 -29.71 2.06 47.19
C PHE C 1105 -30.63 2.40 46.03
N ARG C 1106 -30.53 1.61 44.97
CA ARG C 1106 -31.45 1.75 43.84
C ARG C 1106 -32.89 1.52 44.27
N ASP C 1107 -33.15 0.41 44.95
CA ASP C 1107 -34.50 0.00 45.30
C ASP C 1107 -34.70 0.16 46.80
N THR C 1108 -35.81 0.82 47.18
CA THR C 1108 -36.13 0.99 48.59
C THR C 1108 -36.37 -0.35 49.27
N SER C 1109 -37.08 -1.25 48.58
CA SER C 1109 -37.38 -2.59 49.09
C SER C 1109 -38.11 -2.52 50.43
N ALA C 1114 -32.81 -2.42 48.05
CA ALA C 1114 -31.70 -3.10 48.72
C ALA C 1114 -31.13 -4.21 47.84
N SER C 1115 -30.88 -3.89 46.57
CA SER C 1115 -30.34 -4.83 45.62
C SER C 1115 -28.81 -4.88 45.62
N SER C 1116 -28.18 -4.36 46.67
CA SER C 1116 -26.72 -4.37 46.82
C SER C 1116 -26.03 -3.67 45.64
N LYS C 1117 -26.63 -2.60 45.14
CA LYS C 1117 -26.07 -1.86 44.01
C LYS C 1117 -26.64 -0.44 44.04
N ARG C 1118 -25.81 0.52 44.43
CA ARG C 1118 -26.25 1.86 44.77
C ARG C 1118 -25.85 2.86 43.69
N TYR C 1119 -26.46 4.04 43.74
CA TYR C 1119 -26.12 5.14 42.85
C TYR C 1119 -25.76 6.37 43.68
N VAL C 1120 -24.94 7.24 43.09
CA VAL C 1120 -24.37 8.38 43.81
C VAL C 1120 -25.21 9.62 43.57
N ILE C 1121 -25.39 10.42 44.63
CA ILE C 1121 -26.06 11.70 44.56
C ILE C 1121 -25.09 12.75 45.09
N THR C 1122 -24.76 13.74 44.25
CA THR C 1122 -23.77 14.75 44.60
C THR C 1122 -24.46 15.95 45.23
N ASN C 1123 -24.13 16.23 46.48
CA ASN C 1123 -24.62 17.41 47.21
C ASN C 1123 -26.14 17.53 47.14
N PRO C 1124 -26.88 16.67 47.83
CA PRO C 1124 -28.33 16.78 47.84
C PRO C 1124 -28.77 18.06 48.53
N PRO C 1125 -29.96 18.59 48.19
CA PRO C 1125 -30.39 19.87 48.75
C PRO C 1125 -30.59 19.80 50.26
N ASP C 1126 -30.85 20.97 50.84
CA ASP C 1126 -31.04 21.08 52.28
C ASP C 1126 -32.26 20.28 52.74
N ASP C 1127 -33.35 20.35 51.97
CA ASP C 1127 -34.60 19.69 52.34
C ASP C 1127 -34.67 18.25 51.85
N PHE C 1128 -33.54 17.66 51.50
CA PHE C 1128 -33.54 16.27 51.03
C PHE C 1128 -33.90 15.32 52.16
N SER C 1129 -34.57 14.23 51.80
CA SER C 1129 -35.00 13.22 52.76
C SER C 1129 -34.03 12.05 52.74
N LEU C 1130 -33.62 11.61 53.92
CA LEU C 1130 -32.64 10.54 54.04
C LEU C 1130 -33.33 9.19 54.23
N LEU C 1131 -32.53 8.14 54.17
CA LEU C 1131 -32.99 6.77 54.37
C LEU C 1131 -32.06 6.07 55.35
N PRO C 1132 -32.59 5.10 56.11
CA PRO C 1132 -31.74 4.40 57.08
C PRO C 1132 -30.61 3.60 56.45
N THR C 1133 -30.72 3.24 55.17
CA THR C 1133 -29.71 2.44 54.48
C THR C 1133 -28.91 3.28 53.50
N ASP C 1134 -28.63 4.54 53.84
CA ASP C 1134 -27.91 5.44 52.98
C ASP C 1134 -26.48 5.62 53.48
N GLN C 1135 -25.55 5.76 52.54
CA GLN C 1135 -24.14 6.00 52.84
C GLN C 1135 -23.76 7.40 52.37
N VAL C 1136 -22.92 8.06 53.15
CA VAL C 1136 -22.59 9.48 52.95
C VAL C 1136 -21.11 9.60 52.60
N PHE C 1137 -20.82 10.35 51.55
CA PHE C 1137 -19.44 10.68 51.21
C PHE C 1137 -18.98 11.81 52.11
N VAL C 1138 -17.92 11.57 52.88
CA VAL C 1138 -17.42 12.54 53.84
C VAL C 1138 -15.91 12.67 53.70
N LEU C 1139 -15.40 13.81 54.16
CA LEU C 1139 -13.97 14.08 54.22
C LEU C 1139 -13.57 14.04 55.69
N MET C 1140 -13.23 12.84 56.17
CA MET C 1140 -12.93 12.66 57.58
C MET C 1140 -11.56 13.22 57.92
N GLN C 1141 -11.42 13.70 59.16
CA GLN C 1141 -10.16 14.23 59.64
C GLN C 1141 -9.26 13.09 60.12
N PHE C 1142 -8.10 13.47 60.65
CA PHE C 1142 -7.12 12.52 61.15
C PHE C 1142 -7.17 12.51 62.68
N ASP C 1143 -7.37 11.32 63.26
CA ASP C 1143 -7.42 11.18 64.71
C ASP C 1143 -6.19 10.42 65.19
N PRO C 1144 -5.23 11.09 65.83
CA PRO C 1144 -4.06 10.38 66.34
C PRO C 1144 -4.44 9.39 67.44
N GLY C 1145 -3.69 8.29 67.49
CA GLY C 1145 -3.93 7.25 68.47
C GLY C 1145 -2.92 6.13 68.43
N LEU D 44 -59.52 26.16 -34.64
CA LEU D 44 -59.34 26.61 -33.27
C LEU D 44 -60.10 27.91 -33.02
N LYS D 45 -61.28 27.80 -32.41
CA LYS D 45 -62.07 28.99 -32.10
C LYS D 45 -61.52 29.70 -30.87
N VAL D 46 -61.50 29.01 -29.73
CA VAL D 46 -60.93 29.53 -28.49
C VAL D 46 -60.09 28.43 -27.87
N ARG D 47 -59.09 28.83 -27.09
CA ARG D 47 -58.24 27.86 -26.41
C ARG D 47 -59.08 27.00 -25.47
N LYS D 48 -58.85 25.68 -25.53
CA LYS D 48 -59.60 24.74 -24.72
C LYS D 48 -58.72 23.77 -23.94
N TYR D 49 -57.42 23.70 -24.22
CA TYR D 49 -56.54 22.85 -23.45
C TYR D 49 -56.33 23.36 -22.02
N TRP D 50 -56.62 24.64 -21.78
CA TRP D 50 -56.45 25.18 -20.43
C TRP D 50 -57.39 24.50 -19.44
N CYS D 51 -58.65 24.28 -19.84
CA CYS D 51 -59.58 23.53 -18.99
C CYS D 51 -59.30 22.04 -19.02
N PHE D 52 -58.73 21.53 -20.11
CA PHE D 52 -58.28 20.14 -20.14
C PHE D 52 -57.17 19.92 -19.12
N LEU D 53 -56.22 20.85 -19.05
CA LEU D 53 -55.20 20.79 -18.01
C LEU D 53 -55.77 21.13 -16.65
N LEU D 54 -56.76 22.02 -16.61
CA LEU D 54 -57.44 22.33 -15.35
C LEU D 54 -58.15 21.10 -14.81
N SER D 55 -58.76 20.31 -15.69
CA SER D 55 -59.32 19.02 -15.28
C SER D 55 -58.22 18.11 -14.77
N SER D 56 -57.07 18.09 -15.44
CA SER D 56 -55.91 17.40 -14.90
C SER D 56 -55.46 18.03 -13.59
N ILE D 57 -55.48 19.36 -13.51
CA ILE D 57 -55.15 20.04 -12.27
C ILE D 57 -56.18 19.71 -11.19
N PHE D 58 -57.46 19.66 -11.56
CA PHE D 58 -58.51 19.36 -10.59
C PHE D 58 -58.29 18.01 -9.92
N THR D 59 -58.06 16.97 -10.72
CA THR D 59 -57.85 15.64 -10.17
C THR D 59 -56.52 15.52 -9.45
N PHE D 60 -55.47 16.15 -10.00
CA PHE D 60 -54.16 16.10 -9.34
C PHE D 60 -54.20 16.78 -7.98
N LEU D 61 -54.87 17.94 -7.90
CA LEU D 61 -55.04 18.63 -6.62
C LEU D 61 -56.18 18.06 -5.79
N ALA D 62 -57.00 17.17 -6.36
CA ALA D 62 -58.02 16.51 -5.56
C ALA D 62 -57.40 15.66 -4.47
N GLY D 63 -56.35 14.91 -4.80
CA GLY D 63 -55.65 14.14 -3.79
C GLY D 63 -54.99 15.04 -2.74
N LEU D 64 -54.53 16.22 -3.16
CA LEU D 64 -54.01 17.22 -2.24
C LEU D 64 -55.05 17.68 -1.23
N LEU D 65 -56.33 17.56 -1.54
CA LEU D 65 -57.39 18.04 -0.66
C LEU D 65 -58.16 16.92 0.03
N VAL D 66 -58.49 15.84 -0.68
CA VAL D 66 -59.31 14.80 -0.09
C VAL D 66 -58.51 13.95 0.89
N VAL D 67 -57.19 13.91 0.75
CA VAL D 67 -56.37 13.04 1.59
C VAL D 67 -55.84 13.80 2.79
N LEU D 68 -55.27 15.00 2.56
CA LEU D 68 -54.67 15.77 3.63
C LEU D 68 -55.69 16.28 4.65
N LEU D 69 -56.98 16.29 4.30
CA LEU D 69 -58.01 16.80 5.19
C LEU D 69 -58.62 15.73 6.10
N TRP D 70 -58.42 14.45 5.78
CA TRP D 70 -59.11 13.37 6.47
C TRP D 70 -58.21 12.42 7.24
N ARG D 71 -56.96 12.24 6.80
CA ARG D 71 -56.13 11.18 7.36
C ARG D 71 -55.72 11.48 8.80
N ALA D 72 -55.37 12.73 9.10
CA ALA D 72 -54.73 13.05 10.37
C ALA D 72 -55.72 13.23 11.54
N PHE D 73 -57.02 13.12 11.29
CA PHE D 73 -58.00 13.39 12.34
C PHE D 73 -58.25 12.21 13.27
N ALA D 74 -57.78 11.01 12.92
CA ALA D 74 -58.12 9.81 13.66
C ALA D 74 -57.08 9.41 14.71
N PHE D 75 -56.01 10.19 14.90
CA PHE D 75 -54.97 9.80 15.83
C PHE D 75 -55.38 10.03 17.28
N VAL D 76 -56.11 11.11 17.55
CA VAL D 76 -56.39 11.51 18.93
C VAL D 76 -57.23 10.44 19.63
N CYS D 77 -58.27 9.93 18.96
CA CYS D 77 -59.14 8.94 19.57
C CYS D 77 -59.60 7.90 18.54
N THR D 106 -61.80 -5.21 2.54
CA THR D 106 -61.60 -4.04 3.39
C THR D 106 -60.30 -3.34 3.07
N PHE D 107 -60.05 -2.21 3.74
CA PHE D 107 -58.76 -1.54 3.62
C PHE D 107 -57.63 -2.41 4.15
N MET D 108 -57.88 -3.12 5.25
CA MET D 108 -56.81 -3.83 5.93
C MET D 108 -56.54 -5.20 5.29
N THR D 109 -57.58 -5.86 4.79
CA THR D 109 -57.40 -7.18 4.19
C THR D 109 -56.90 -7.08 2.75
N GLU D 110 -57.50 -6.19 1.96
CA GLU D 110 -57.15 -6.11 0.55
C GLU D 110 -55.75 -5.55 0.34
N ALA D 111 -55.23 -4.80 1.32
CA ALA D 111 -53.88 -4.28 1.21
C ALA D 111 -52.86 -5.40 1.16
N LYS D 112 -53.06 -6.45 1.96
CA LYS D 112 -52.15 -7.60 1.92
C LYS D 112 -52.17 -8.27 0.56
N ASP D 113 -53.36 -8.42 -0.04
CA ASP D 113 -53.45 -8.95 -1.40
C ASP D 113 -52.82 -8.00 -2.40
N TRP D 114 -53.13 -6.69 -2.30
CA TRP D 114 -52.67 -5.73 -3.28
C TRP D 114 -51.14 -5.63 -3.29
N ALA D 115 -50.51 -5.77 -2.13
CA ALA D 115 -49.05 -5.77 -2.08
C ALA D 115 -48.46 -6.91 -2.91
N GLY D 116 -49.13 -8.06 -2.94
CA GLY D 116 -48.72 -9.15 -3.78
C GLY D 116 -49.41 -9.14 -5.13
N GLU D 117 -50.59 -8.53 -5.20
CA GLU D 117 -51.31 -8.47 -6.47
C GLU D 117 -50.64 -7.54 -7.47
N LEU D 118 -49.85 -6.58 -7.00
CA LEU D 118 -49.23 -5.59 -7.87
C LEU D 118 -47.71 -5.62 -7.82
N ILE D 119 -47.12 -5.80 -6.64
CA ILE D 119 -45.68 -5.68 -6.49
C ILE D 119 -45.04 -7.03 -6.18
N SER D 120 -45.46 -7.67 -5.10
CA SER D 120 -44.81 -8.85 -4.57
C SER D 120 -45.35 -10.15 -5.17
N GLY D 121 -45.92 -10.11 -6.37
CA GLY D 121 -46.41 -11.32 -6.99
C GLY D 121 -45.28 -12.20 -7.49
N GLN D 122 -45.38 -13.50 -7.22
CA GLN D 122 -44.37 -14.47 -7.62
C GLN D 122 -44.77 -15.24 -8.88
N THR D 123 -45.90 -15.95 -8.83
CA THR D 123 -46.33 -16.78 -9.94
C THR D 123 -47.43 -16.13 -10.78
N THR D 124 -48.56 -15.82 -10.14
CA THR D 124 -49.70 -15.26 -10.88
C THR D 124 -50.39 -14.09 -10.19
N THR D 125 -50.23 -13.90 -8.88
CA THR D 125 -50.94 -12.83 -8.19
C THR D 125 -50.51 -11.45 -8.71
N GLY D 126 -49.21 -11.26 -8.92
CA GLY D 126 -48.71 -9.97 -9.36
C GLY D 126 -48.33 -9.93 -10.82
N ARG D 127 -47.78 -11.04 -11.33
CA ARG D 127 -47.30 -11.05 -12.71
C ARG D 127 -48.43 -10.83 -13.71
N ILE D 128 -49.57 -11.49 -13.50
CA ILE D 128 -50.69 -11.36 -14.43
C ILE D 128 -51.18 -9.92 -14.48
N LEU D 129 -51.33 -9.29 -13.30
CA LEU D 129 -51.73 -7.89 -13.27
C LEU D 129 -50.67 -6.98 -13.88
N VAL D 130 -49.39 -7.29 -13.65
CA VAL D 130 -48.32 -6.44 -14.16
C VAL D 130 -48.24 -6.52 -15.67
N VAL D 131 -48.48 -7.70 -16.25
CA VAL D 131 -48.35 -7.87 -17.69
C VAL D 131 -49.32 -6.98 -18.44
N LEU D 132 -50.54 -6.81 -17.90
CA LEU D 132 -51.58 -6.08 -18.61
C LEU D 132 -51.51 -4.57 -18.41
N VAL D 133 -50.54 -4.06 -17.64
CA VAL D 133 -50.49 -2.63 -17.39
C VAL D 133 -49.38 -1.97 -18.20
N PHE D 134 -48.32 -2.71 -18.52
CA PHE D 134 -47.23 -2.15 -19.29
C PHE D 134 -47.27 -2.53 -20.76
N ILE D 135 -47.71 -3.74 -21.09
CA ILE D 135 -47.87 -4.13 -22.49
C ILE D 135 -48.92 -3.25 -23.16
N LEU D 136 -50.05 -3.04 -22.49
CA LEU D 136 -51.09 -2.20 -23.06
C LEU D 136 -50.72 -0.73 -23.00
N SER D 137 -49.90 -0.33 -22.03
CA SER D 137 -49.35 1.02 -22.04
C SER D 137 -48.47 1.25 -23.26
N ILE D 138 -47.65 0.24 -23.60
CA ILE D 138 -46.91 0.29 -24.86
C ILE D 138 -47.87 0.33 -26.04
N ALA D 139 -48.93 -0.48 -25.98
CA ALA D 139 -49.97 -0.41 -26.99
C ALA D 139 -50.64 0.96 -26.98
N SER D 140 -50.85 1.53 -25.79
CA SER D 140 -51.36 2.89 -25.70
C SER D 140 -50.39 3.88 -26.31
N LEU D 141 -49.09 3.65 -26.15
CA LEU D 141 -48.09 4.48 -26.81
C LEU D 141 -48.15 4.32 -28.33
N ILE D 142 -48.36 3.09 -28.80
CA ILE D 142 -48.40 2.84 -30.23
C ILE D 142 -49.58 3.58 -30.86
N ILE D 143 -50.76 3.47 -30.24
CA ILE D 143 -51.93 4.18 -30.76
C ILE D 143 -51.86 5.67 -30.48
N TYR D 144 -50.93 6.12 -29.63
CA TYR D 144 -50.66 7.54 -29.51
C TYR D 144 -49.81 8.05 -30.67
N PHE D 145 -48.99 7.18 -31.26
CA PHE D 145 -48.11 7.60 -32.34
C PHE D 145 -48.90 7.95 -33.60
N VAL D 146 -50.00 7.24 -33.86
CA VAL D 146 -50.76 7.49 -35.08
C VAL D 146 -51.39 8.87 -35.05
N ASP D 147 -51.83 9.33 -33.87
CA ASP D 147 -52.31 10.71 -33.75
C ASP D 147 -51.18 11.70 -33.52
N ALA D 148 -50.03 11.24 -33.01
CA ALA D 148 -48.87 12.12 -32.90
C ALA D 148 -48.37 12.53 -34.28
N SER D 149 -48.37 11.59 -35.23
CA SER D 149 -47.95 11.90 -36.60
C SER D 149 -48.95 12.80 -37.32
N SER D 150 -50.16 12.96 -36.80
CA SER D 150 -51.14 13.84 -37.41
C SER D 150 -50.68 15.29 -37.33
N GLU D 151 -50.97 16.04 -38.40
CA GLU D 151 -50.57 17.44 -38.45
C GLU D 151 -51.29 18.28 -37.38
N GLU D 152 -52.57 18.04 -37.17
CA GLU D 152 -53.34 18.84 -36.24
C GLU D 152 -52.97 18.51 -34.80
N VAL D 153 -52.91 19.55 -33.98
CA VAL D 153 -52.63 19.37 -32.55
C VAL D 153 -53.93 19.20 -31.75
N GLU D 154 -55.01 19.87 -32.15
CA GLU D 154 -56.32 19.75 -31.51
C GLU D 154 -57.35 19.59 -32.62
N ARG D 155 -57.68 18.35 -32.93
CA ARG D 155 -58.58 18.02 -34.03
C ARG D 155 -59.93 17.55 -33.48
N CYS D 156 -60.98 17.78 -34.28
CA CYS D 156 -62.34 17.38 -33.93
C CYS D 156 -62.80 16.26 -34.84
N GLN D 157 -63.38 15.23 -34.25
CA GLN D 157 -63.86 14.08 -35.02
C GLN D 157 -64.94 13.37 -34.22
N LYS D 158 -65.84 12.70 -34.93
CA LYS D 158 -66.90 11.93 -34.29
C LYS D 158 -66.30 10.69 -33.65
N TRP D 159 -66.35 10.61 -32.33
CA TRP D 159 -65.71 9.54 -31.57
C TRP D 159 -66.53 8.26 -31.54
N SER D 160 -67.49 8.10 -32.45
CA SER D 160 -68.34 6.91 -32.43
C SER D 160 -67.59 5.67 -32.89
N ASN D 161 -67.08 5.69 -34.12
CA ASN D 161 -66.51 4.50 -34.76
C ASN D 161 -65.18 4.83 -35.43
N ASN D 162 -64.29 5.52 -34.71
CA ASN D 162 -62.97 5.74 -35.26
C ASN D 162 -62.13 4.46 -35.20
N ILE D 163 -60.96 4.52 -35.84
CA ILE D 163 -60.08 3.36 -35.87
C ILE D 163 -59.47 3.11 -34.50
N THR D 164 -59.05 4.15 -33.79
CA THR D 164 -58.36 4.01 -32.52
C THR D 164 -58.90 4.89 -31.40
N GLN D 165 -59.96 5.67 -31.64
CA GLN D 165 -60.48 6.53 -30.58
C GLN D 165 -61.18 5.73 -29.49
N GLN D 166 -61.75 4.58 -29.83
CA GLN D 166 -62.41 3.76 -28.82
C GLN D 166 -61.40 3.00 -27.96
N ILE D 167 -60.30 2.57 -28.55
CA ILE D 167 -59.37 1.69 -27.86
C ILE D 167 -58.63 2.42 -26.74
N ASP D 168 -58.15 3.64 -27.03
CA ASP D 168 -57.39 4.37 -26.02
C ASP D 168 -58.23 4.68 -24.79
N LEU D 169 -59.48 5.08 -25.00
CA LEU D 169 -60.39 5.24 -23.86
C LEU D 169 -60.69 3.90 -23.20
N ALA D 170 -60.92 2.86 -24.01
CA ALA D 170 -61.20 1.54 -23.44
C ALA D 170 -60.01 1.00 -22.66
N PHE D 171 -58.80 1.19 -23.17
CA PHE D 171 -57.61 0.79 -22.42
C PHE D 171 -57.52 1.54 -21.10
N ASN D 172 -57.82 2.83 -21.11
CA ASN D 172 -57.79 3.63 -19.89
C ASN D 172 -58.98 3.35 -18.98
N ILE D 173 -60.04 2.70 -19.48
CA ILE D 173 -61.18 2.38 -18.63
C ILE D 173 -60.76 1.45 -17.48
N PHE D 174 -60.02 0.40 -17.81
CA PHE D 174 -59.48 -0.50 -16.80
C PHE D 174 -58.08 -0.08 -16.33
N PHE D 175 -57.66 1.13 -16.65
CA PHE D 175 -56.45 1.72 -16.11
C PHE D 175 -56.73 2.75 -15.01
N MET D 176 -57.83 3.49 -15.14
CA MET D 176 -58.18 4.47 -14.12
C MET D 176 -58.96 3.84 -12.96
N VAL D 177 -59.50 2.64 -13.15
CA VAL D 177 -59.92 1.86 -12.00
C VAL D 177 -58.76 1.01 -11.50
N TYR D 178 -57.76 0.77 -12.36
CA TYR D 178 -56.54 0.11 -11.93
C TYR D 178 -55.78 0.96 -10.91
N PHE D 179 -55.77 2.28 -11.12
CA PHE D 179 -55.14 3.16 -10.15
C PHE D 179 -55.88 3.16 -8.82
N PHE D 180 -57.16 2.80 -8.84
CA PHE D 180 -57.94 2.75 -7.60
C PHE D 180 -57.39 1.70 -6.65
N ILE D 181 -57.04 0.51 -7.17
CA ILE D 181 -56.51 -0.53 -6.31
C ILE D 181 -55.19 -0.11 -5.69
N ARG D 182 -54.45 0.77 -6.37
CA ARG D 182 -53.24 1.34 -5.78
C ARG D 182 -53.60 2.36 -4.70
N PHE D 183 -54.57 3.24 -4.99
CA PHE D 183 -54.96 4.29 -4.06
C PHE D 183 -55.81 3.79 -2.91
N ILE D 184 -56.67 2.79 -3.14
CA ILE D 184 -57.55 2.30 -2.08
C ILE D 184 -56.75 1.72 -0.93
N ALA D 185 -55.72 0.92 -1.24
CA ALA D 185 -54.93 0.22 -0.24
C ALA D 185 -53.47 0.66 -0.28
N ALA D 186 -53.23 1.96 -0.41
CA ALA D 186 -51.87 2.48 -0.37
C ALA D 186 -51.37 2.49 1.06
N SER D 187 -50.16 1.95 1.26
CA SER D 187 -49.57 1.93 2.59
C SER D 187 -49.33 3.34 3.11
N ASP D 188 -48.85 4.23 2.25
CA ASP D 188 -48.66 5.65 2.59
C ASP D 188 -49.74 6.45 1.88
N LYS D 189 -50.64 7.06 2.65
CA LYS D 189 -51.73 7.80 2.05
C LYS D 189 -51.27 9.15 1.50
N LEU D 190 -50.21 9.72 2.05
CA LEU D 190 -49.69 11.02 1.62
C LEU D 190 -48.46 10.91 0.74
N TRP D 191 -47.52 10.03 1.09
CA TRP D 191 -46.29 9.93 0.31
C TRP D 191 -46.54 9.35 -1.08
N PHE D 192 -47.67 8.64 -1.24
CA PHE D 192 -48.02 8.04 -2.53
C PHE D 192 -48.49 9.09 -3.54
N MET D 193 -48.72 10.32 -3.08
CA MET D 193 -49.21 11.38 -3.98
C MET D 193 -48.20 11.70 -5.08
N LEU D 194 -46.91 11.75 -4.75
CA LEU D 194 -45.90 12.16 -5.72
C LEU D 194 -45.10 11.00 -6.29
N GLU D 195 -45.53 9.77 -6.10
CA GLU D 195 -44.78 8.65 -6.65
C GLU D 195 -44.76 8.74 -8.18
N MET D 196 -43.64 8.33 -8.78
CA MET D 196 -43.37 8.62 -10.18
C MET D 196 -44.44 8.04 -11.07
N TYR D 197 -44.89 6.82 -10.77
CA TYR D 197 -45.84 6.14 -11.66
C TYR D 197 -47.25 6.68 -11.46
N SER D 198 -47.58 7.06 -10.22
CA SER D 198 -48.87 7.67 -9.96
C SER D 198 -48.91 9.11 -10.42
N PHE D 199 -47.75 9.79 -10.43
CA PHE D 199 -47.70 11.17 -10.88
C PHE D 199 -48.11 11.30 -12.34
N VAL D 200 -47.69 10.36 -13.18
CA VAL D 200 -48.02 10.39 -14.60
C VAL D 200 -49.53 10.27 -14.80
N ASP D 201 -50.16 9.36 -14.06
CA ASP D 201 -51.58 9.08 -14.28
C ASP D 201 -52.44 10.31 -14.01
N TYR D 202 -52.13 11.05 -12.94
CA TYR D 202 -52.94 12.22 -12.61
C TYR D 202 -52.95 13.25 -13.74
N PHE D 203 -51.91 13.24 -14.57
CA PHE D 203 -51.88 14.12 -15.73
C PHE D 203 -52.40 13.46 -17.00
N THR D 204 -52.77 12.18 -16.94
CA THR D 204 -53.30 11.47 -18.11
C THR D 204 -54.69 10.91 -17.91
N ILE D 205 -55.10 10.60 -16.68
CA ILE D 205 -56.45 10.10 -16.46
C ILE D 205 -57.52 11.13 -16.79
N PRO D 206 -57.46 12.37 -16.33
CA PRO D 206 -58.50 13.36 -16.71
C PRO D 206 -58.57 13.61 -18.21
N PRO D 207 -57.44 13.54 -18.95
CA PRO D 207 -57.57 13.59 -20.42
C PRO D 207 -58.49 12.51 -21.00
N SER D 208 -58.63 11.36 -20.34
CA SER D 208 -59.59 10.38 -20.80
C SER D 208 -61.01 10.92 -20.72
N PHE D 209 -61.33 11.65 -19.66
CA PHE D 209 -62.64 12.29 -19.54
C PHE D 209 -62.78 13.50 -20.44
N VAL D 210 -61.68 14.02 -20.98
CA VAL D 210 -61.74 15.20 -21.84
C VAL D 210 -62.45 14.89 -23.14
N SER D 211 -62.13 13.76 -23.76
CA SER D 211 -62.67 13.43 -25.08
C SER D 211 -64.08 12.85 -25.05
N ILE D 212 -64.77 12.91 -23.91
CA ILE D 212 -66.09 12.32 -23.81
C ILE D 212 -67.20 13.36 -23.63
N TYR D 213 -66.86 14.60 -23.26
CA TYR D 213 -67.87 15.61 -23.00
C TYR D 213 -67.87 16.76 -23.99
N LEU D 214 -66.89 16.81 -24.91
CA LEU D 214 -66.87 17.88 -25.89
C LEU D 214 -66.53 17.39 -27.30
N ASP D 215 -66.38 16.09 -27.50
CA ASP D 215 -66.17 15.46 -28.79
C ASP D 215 -64.88 15.89 -29.48
N ARG D 216 -63.98 16.57 -28.77
CA ARG D 216 -62.72 17.03 -29.33
C ARG D 216 -61.56 16.44 -28.54
N THR D 217 -60.59 15.88 -29.25
CA THR D 217 -59.39 15.33 -28.66
C THR D 217 -58.16 16.04 -29.22
N TRP D 218 -57.14 16.17 -28.40
CA TRP D 218 -55.91 16.84 -28.78
C TRP D 218 -54.73 15.89 -28.55
N ILE D 219 -53.51 16.42 -28.70
CA ILE D 219 -52.31 15.61 -28.53
C ILE D 219 -52.21 15.11 -27.09
N GLY D 220 -52.66 15.92 -26.12
CA GLY D 220 -52.72 15.50 -24.74
C GLY D 220 -51.36 15.30 -24.09
N LEU D 221 -51.37 14.83 -22.85
CA LEU D 221 -50.16 14.48 -22.13
C LEU D 221 -49.91 12.98 -22.12
N ARG D 222 -50.57 12.24 -23.03
CA ARG D 222 -50.43 10.79 -23.09
C ARG D 222 -49.03 10.34 -23.50
N PHE D 223 -48.20 11.25 -24.00
CA PHE D 223 -46.80 10.91 -24.27
C PHE D 223 -46.05 10.56 -22.99
N LEU D 224 -46.57 10.98 -21.83
CA LEU D 224 -45.96 10.61 -20.56
C LEU D 224 -46.08 9.13 -20.25
N ARG D 225 -46.89 8.40 -21.02
CA ARG D 225 -46.97 6.95 -20.86
C ARG D 225 -45.65 6.26 -21.22
N ALA D 226 -44.75 6.97 -21.91
CA ALA D 226 -43.44 6.41 -22.21
C ALA D 226 -42.62 6.16 -20.96
N LEU D 227 -42.96 6.80 -19.83
CA LEU D 227 -42.28 6.54 -18.58
C LEU D 227 -42.56 5.15 -18.05
N ARG D 228 -43.58 4.47 -18.57
CA ARG D 228 -43.84 3.09 -18.19
C ARG D 228 -42.77 2.13 -18.73
N LEU D 229 -41.92 2.58 -19.65
CA LEU D 229 -40.83 1.75 -20.13
C LEU D 229 -39.79 1.48 -19.05
N MET D 230 -39.77 2.28 -17.98
CA MET D 230 -38.82 2.04 -16.91
C MET D 230 -39.16 0.79 -16.10
N THR D 231 -40.40 0.29 -16.21
CA THR D 231 -40.76 -0.97 -15.60
C THR D 231 -40.42 -2.18 -16.48
N VAL D 232 -40.11 -1.95 -17.77
CA VAL D 232 -39.86 -3.06 -18.68
C VAL D 232 -38.79 -4.02 -18.17
N PRO D 233 -37.63 -3.57 -17.67
CA PRO D 233 -36.66 -4.54 -17.14
C PRO D 233 -37.17 -5.36 -15.97
N ASP D 234 -38.13 -4.83 -15.21
CA ASP D 234 -38.66 -5.57 -14.07
C ASP D 234 -39.38 -6.83 -14.52
N ILE D 235 -40.16 -6.75 -15.60
CA ILE D 235 -40.83 -7.94 -16.13
C ILE D 235 -39.81 -8.92 -16.67
N LEU D 236 -38.72 -8.43 -17.26
CA LEU D 236 -37.66 -9.32 -17.74
C LEU D 236 -37.11 -10.19 -16.63
N GLN D 237 -37.09 -9.69 -15.39
CA GLN D 237 -36.73 -10.53 -14.25
C GLN D 237 -37.78 -11.61 -14.01
N TYR D 238 -39.06 -11.28 -14.18
CA TYR D 238 -40.12 -12.26 -13.98
C TYR D 238 -40.03 -13.39 -15.01
N LEU D 239 -39.73 -13.05 -16.26
CA LEU D 239 -39.60 -14.04 -17.31
C LEU D 239 -38.22 -14.69 -17.34
N ASN D 240 -37.31 -14.28 -16.44
CA ASN D 240 -35.97 -14.84 -16.34
C ASN D 240 -35.18 -14.66 -17.64
N VAL D 241 -35.46 -13.58 -18.37
CA VAL D 241 -34.68 -13.29 -19.57
C VAL D 241 -33.26 -12.90 -19.21
N LEU D 242 -33.11 -12.06 -18.18
CA LEU D 242 -31.82 -11.61 -17.69
C LEU D 242 -31.69 -12.10 -16.24
N LYS D 243 -31.11 -13.29 -16.07
CA LYS D 243 -31.00 -13.87 -14.73
C LYS D 243 -29.93 -13.17 -13.90
N THR D 244 -28.80 -12.83 -14.51
CA THR D 244 -27.69 -12.25 -13.77
C THR D 244 -28.03 -10.84 -13.29
N SER D 245 -27.52 -10.50 -12.11
CA SER D 245 -27.77 -9.18 -11.54
C SER D 245 -27.00 -8.10 -12.28
N SER D 246 -25.80 -8.42 -12.78
CA SER D 246 -25.01 -7.43 -13.50
C SER D 246 -25.74 -6.97 -14.76
N SER D 247 -26.36 -7.90 -15.49
CA SER D 247 -27.11 -7.52 -16.68
C SER D 247 -28.35 -6.70 -16.32
N ILE D 248 -28.95 -6.97 -15.17
CA ILE D 248 -30.13 -6.21 -14.74
C ILE D 248 -29.75 -4.76 -14.49
N ARG D 249 -28.61 -4.53 -13.82
CA ARG D 249 -28.22 -3.17 -13.48
C ARG D 249 -27.99 -2.32 -14.72
N LEU D 250 -27.32 -2.88 -15.73
CA LEU D 250 -27.14 -2.14 -16.98
C LEU D 250 -28.44 -2.05 -17.76
N ALA D 251 -29.32 -3.05 -17.64
CA ALA D 251 -30.62 -2.97 -18.29
C ALA D 251 -31.49 -1.89 -17.66
N GLN D 252 -31.26 -1.58 -16.38
CA GLN D 252 -31.98 -0.49 -15.75
C GLN D 252 -31.64 0.85 -16.40
N LEU D 253 -30.35 1.15 -16.52
CA LEU D 253 -29.93 2.47 -16.97
C LEU D 253 -30.41 2.77 -18.38
N VAL D 254 -30.34 1.78 -19.27
CA VAL D 254 -30.81 1.98 -20.64
C VAL D 254 -32.32 2.21 -20.68
N SER D 255 -33.06 1.72 -19.67
CA SER D 255 -34.51 1.90 -19.66
C SER D 255 -34.88 3.36 -19.35
N ILE D 256 -34.24 3.96 -18.34
CA ILE D 256 -34.49 5.37 -18.06
C ILE D 256 -33.99 6.23 -19.22
N PHE D 257 -32.86 5.86 -19.83
CA PHE D 257 -32.32 6.66 -20.92
C PHE D 257 -33.30 6.74 -22.08
N ILE D 258 -33.90 5.60 -22.46
CA ILE D 258 -34.88 5.62 -23.53
C ILE D 258 -36.16 6.31 -23.08
N SER D 259 -36.61 6.03 -21.86
CA SER D 259 -37.84 6.63 -21.35
C SER D 259 -37.74 8.15 -21.26
N VAL D 260 -36.63 8.65 -20.73
CA VAL D 260 -36.44 10.09 -20.64
C VAL D 260 -36.33 10.71 -22.02
N TRP D 261 -35.62 10.04 -22.94
CA TRP D 261 -35.46 10.56 -24.29
C TRP D 261 -36.80 10.66 -25.00
N LEU D 262 -37.64 9.63 -24.87
CA LEU D 262 -38.93 9.64 -25.56
C LEU D 262 -39.90 10.64 -24.92
N THR D 263 -39.95 10.70 -23.60
CA THR D 263 -40.90 11.60 -22.96
C THR D 263 -40.51 13.06 -23.16
N ALA D 264 -39.22 13.35 -23.29
CA ALA D 264 -38.80 14.72 -23.58
C ALA D 264 -39.13 15.11 -25.01
N ALA D 265 -39.09 14.15 -25.94
CA ALA D 265 -39.50 14.44 -27.31
C ALA D 265 -40.98 14.76 -27.38
N GLY D 266 -41.79 14.10 -26.56
CA GLY D 266 -43.21 14.43 -26.51
C GLY D 266 -43.45 15.85 -26.02
N ILE D 267 -42.68 16.28 -25.02
CA ILE D 267 -42.79 17.66 -24.55
C ILE D 267 -42.38 18.63 -25.65
N ILE D 268 -41.30 18.32 -26.37
CA ILE D 268 -40.88 19.17 -27.49
C ILE D 268 -41.96 19.22 -28.56
N HIS D 269 -42.56 18.07 -28.87
CA HIS D 269 -43.63 18.04 -29.86
C HIS D 269 -44.80 18.91 -29.42
N LEU D 270 -45.17 18.84 -28.15
CA LEU D 270 -46.30 19.62 -27.66
C LEU D 270 -45.95 21.11 -27.56
N LEU D 271 -44.77 21.42 -27.04
CA LEU D 271 -44.40 22.82 -26.84
C LEU D 271 -44.13 23.57 -28.15
N GLU D 272 -43.99 22.86 -29.27
CA GLU D 272 -43.71 23.51 -30.55
C GLU D 272 -44.95 23.57 -31.46
N ASN D 273 -45.68 22.46 -31.59
CA ASN D 273 -46.84 22.45 -32.47
C ASN D 273 -47.98 23.29 -31.89
N SER D 274 -48.21 23.21 -30.59
CA SER D 274 -49.28 23.98 -29.98
C SER D 274 -49.00 25.48 -30.07
N GLY D 275 -47.75 25.88 -29.84
CA GLY D 275 -47.39 27.29 -29.87
C GLY D 275 -47.56 27.96 -28.52
N ASP D 276 -47.10 29.21 -28.46
CA ASP D 276 -47.17 29.98 -27.23
C ASP D 276 -48.62 30.31 -26.89
N PRO D 277 -49.02 30.24 -25.62
CA PRO D 277 -50.41 30.55 -25.26
C PRO D 277 -50.81 31.99 -25.51
N LEU D 278 -49.86 32.91 -25.62
CA LEU D 278 -50.19 34.33 -25.72
C LEU D 278 -50.65 34.69 -27.14
N ASP D 279 -49.78 34.47 -28.13
CA ASP D 279 -50.05 34.87 -29.51
C ASP D 279 -50.61 33.74 -30.36
N PHE D 280 -50.14 32.50 -30.15
CA PHE D 280 -50.62 31.33 -30.88
C PHE D 280 -50.45 31.51 -32.40
N ASP D 281 -49.33 32.10 -32.80
CA ASP D 281 -49.06 32.30 -34.22
C ASP D 281 -47.68 31.77 -34.59
N ASN D 282 -46.75 31.79 -33.62
CA ASN D 282 -45.38 31.33 -33.85
C ASN D 282 -45.27 29.82 -33.57
N ALA D 283 -46.09 29.06 -34.27
CA ALA D 283 -46.11 27.60 -34.14
C ALA D 283 -45.43 26.98 -35.36
N HIS D 284 -44.45 26.12 -35.11
CA HIS D 284 -43.71 25.44 -36.16
C HIS D 284 -44.11 23.98 -36.22
N ARG D 285 -44.43 23.50 -37.42
CA ARG D 285 -44.86 22.12 -37.58
C ARG D 285 -43.66 21.19 -37.44
N LEU D 286 -43.68 20.36 -36.41
CA LEU D 286 -42.62 19.39 -36.16
C LEU D 286 -43.23 18.02 -35.89
N SER D 287 -42.58 16.98 -36.40
CA SER D 287 -43.07 15.62 -36.26
C SER D 287 -42.35 14.91 -35.11
N TYR D 288 -43.01 13.89 -34.58
CA TYR D 288 -42.42 13.11 -33.49
C TYR D 288 -41.19 12.36 -33.97
N TRP D 289 -41.19 11.92 -35.24
CA TRP D 289 -39.99 11.36 -35.83
C TRP D 289 -38.86 12.37 -35.90
N THR D 290 -39.17 13.66 -36.03
CA THR D 290 -38.14 14.69 -36.02
C THR D 290 -37.71 15.02 -34.59
N CYS D 291 -38.65 14.99 -33.65
CA CYS D 291 -38.35 15.35 -32.27
C CYS D 291 -37.34 14.39 -31.65
N VAL D 292 -37.48 13.10 -31.91
CA VAL D 292 -36.52 12.14 -31.38
C VAL D 292 -35.15 12.34 -32.02
N TYR D 293 -35.13 12.68 -33.31
CA TYR D 293 -33.87 13.02 -33.96
C TYR D 293 -33.32 14.34 -33.44
N PHE D 294 -34.19 15.24 -32.99
CA PHE D 294 -33.75 16.52 -32.45
C PHE D 294 -32.95 16.32 -31.16
N LEU D 295 -33.44 15.48 -30.26
CA LEU D 295 -32.81 15.31 -28.95
C LEU D 295 -31.61 14.37 -29.00
N ILE D 296 -31.57 13.42 -29.94
CA ILE D 296 -30.46 12.48 -29.98
C ILE D 296 -29.17 13.19 -30.35
N VAL D 297 -29.25 14.21 -31.21
CA VAL D 297 -28.07 14.99 -31.55
C VAL D 297 -27.79 16.07 -30.52
N THR D 298 -28.80 16.47 -29.73
CA THR D 298 -28.57 17.42 -28.65
C THR D 298 -27.85 16.76 -27.48
N MET D 299 -28.25 15.53 -27.13
CA MET D 299 -27.58 14.83 -26.04
C MET D 299 -26.13 14.53 -26.39
N SER D 300 -25.86 14.21 -27.66
CA SER D 300 -24.50 13.97 -28.12
C SER D 300 -23.71 15.25 -28.34
N THR D 301 -24.32 16.41 -28.11
CA THR D 301 -23.66 17.71 -28.26
C THR D 301 -23.08 17.90 -29.65
N VAL D 302 -23.82 17.46 -30.66
CA VAL D 302 -23.43 17.68 -32.05
C VAL D 302 -24.04 18.96 -32.60
N GLY D 303 -25.37 19.06 -32.57
CA GLY D 303 -26.04 20.29 -32.94
C GLY D 303 -25.93 20.67 -34.41
N TYR D 304 -26.58 19.87 -35.28
CA TYR D 304 -26.54 20.17 -36.70
C TYR D 304 -27.19 21.51 -37.01
N GLY D 305 -28.31 21.82 -36.35
CA GLY D 305 -29.00 23.07 -36.56
C GLY D 305 -29.99 23.07 -37.72
N ASP D 306 -30.11 21.96 -38.44
CA ASP D 306 -31.11 21.88 -39.50
C ASP D 306 -32.52 22.01 -38.94
N VAL D 307 -32.77 21.40 -37.79
CA VAL D 307 -34.02 21.54 -37.06
C VAL D 307 -33.72 22.20 -35.73
N TYR D 308 -34.55 23.15 -35.34
CA TYR D 308 -34.36 23.86 -34.07
C TYR D 308 -35.70 24.34 -33.56
N CYS D 309 -35.74 24.63 -32.26
CA CYS D 309 -36.96 25.09 -31.61
C CYS D 309 -37.13 26.59 -31.82
N GLU D 310 -38.35 26.99 -32.17
CA GLU D 310 -38.67 28.40 -32.42
C GLU D 310 -39.57 29.02 -31.38
N THR D 311 -40.45 28.24 -30.76
CA THR D 311 -41.36 28.78 -29.75
C THR D 311 -40.58 29.24 -28.52
N VAL D 312 -41.02 30.36 -27.94
CA VAL D 312 -40.35 30.90 -26.76
C VAL D 312 -40.47 29.93 -25.59
N LEU D 313 -41.64 29.34 -25.40
CA LEU D 313 -41.81 28.35 -24.35
C LEU D 313 -40.93 27.13 -24.60
N GLY D 314 -40.84 26.68 -25.86
CA GLY D 314 -39.97 25.56 -26.17
C GLY D 314 -38.51 25.88 -25.93
N ARG D 315 -38.08 27.10 -26.26
CA ARG D 315 -36.70 27.49 -26.03
C ARG D 315 -36.36 27.48 -24.54
N THR D 316 -37.32 27.85 -23.69
CA THR D 316 -37.09 27.82 -22.25
C THR D 316 -36.84 26.39 -21.76
N PHE D 317 -37.50 25.41 -22.38
CA PHE D 317 -37.29 24.02 -21.99
C PHE D 317 -35.89 23.54 -22.34
N LEU D 318 -35.37 23.94 -23.50
CA LEU D 318 -34.01 23.55 -23.88
C LEU D 318 -32.99 24.07 -22.88
N VAL D 319 -33.19 25.29 -22.39
CA VAL D 319 -32.28 25.84 -21.39
C VAL D 319 -32.35 25.03 -20.11
N PHE D 320 -33.57 24.69 -19.66
CA PHE D 320 -33.72 23.94 -18.41
C PHE D 320 -33.25 22.50 -18.58
N PHE D 321 -33.70 21.82 -19.64
CA PHE D 321 -33.48 20.39 -19.74
C PHE D 321 -32.01 20.06 -19.97
N LEU D 322 -31.30 20.92 -20.72
CA LEU D 322 -29.84 20.74 -20.83
C LEU D 322 -29.17 20.90 -19.47
N LEU D 323 -29.60 21.88 -18.69
CA LEU D 323 -29.00 22.11 -17.37
C LEU D 323 -29.26 20.94 -16.44
N VAL D 324 -30.52 20.51 -16.33
CA VAL D 324 -30.84 19.39 -15.46
C VAL D 324 -30.34 18.08 -16.08
N GLY D 325 -30.35 17.97 -17.41
CA GLY D 325 -29.85 16.76 -18.04
C GLY D 325 -28.36 16.57 -17.84
N LEU D 326 -27.58 17.63 -18.00
CA LEU D 326 -26.14 17.54 -17.78
C LEU D 326 -25.83 17.20 -16.34
N ALA D 327 -26.53 17.82 -15.38
CA ALA D 327 -26.32 17.51 -13.98
C ALA D 327 -26.71 16.07 -13.67
N ILE D 328 -27.84 15.61 -14.20
CA ILE D 328 -28.25 14.22 -14.00
C ILE D 328 -27.27 13.27 -14.67
N PHE D 329 -26.82 13.61 -15.88
CA PHE D 329 -25.85 12.77 -16.58
C PHE D 329 -24.54 12.69 -15.81
N ALA D 330 -24.10 13.80 -15.22
CA ALA D 330 -22.84 13.86 -14.49
C ALA D 330 -22.98 13.50 -13.01
N SER D 331 -24.12 12.95 -12.60
CA SER D 331 -24.34 12.57 -11.21
C SER D 331 -24.30 11.07 -10.97
N CYS D 332 -24.69 10.26 -11.95
CA CYS D 332 -24.73 8.81 -11.81
C CYS D 332 -23.84 8.09 -12.78
N ILE D 333 -23.81 8.51 -14.06
CA ILE D 333 -22.97 7.83 -15.05
C ILE D 333 -21.49 7.87 -14.68
N PRO D 334 -20.91 9.00 -14.27
CA PRO D 334 -19.47 9.00 -13.96
C PRO D 334 -19.09 8.08 -12.81
N GLU D 335 -20.02 7.68 -11.96
CA GLU D 335 -19.68 6.89 -10.78
C GLU D 335 -20.02 5.40 -10.96
N ILE D 336 -21.13 5.09 -11.63
CA ILE D 336 -21.52 3.69 -11.75
C ILE D 336 -21.22 3.10 -13.12
N ILE D 337 -21.28 3.92 -14.19
CA ILE D 337 -20.96 3.41 -15.51
C ILE D 337 -19.46 3.12 -15.62
N ASP D 338 -18.64 3.96 -15.00
CA ASP D 338 -17.19 3.78 -15.08
C ASP D 338 -16.75 2.47 -14.45
N LEU D 339 -17.44 2.01 -13.40
CA LEU D 339 -17.08 0.76 -12.75
C LEU D 339 -17.29 -0.43 -13.67
N ILE D 340 -18.36 -0.40 -14.47
CA ILE D 340 -18.67 -1.53 -15.35
C ILE D 340 -17.61 -1.67 -16.44
N GLY D 341 -17.06 -0.55 -16.92
CA GLY D 341 -16.12 -0.61 -18.02
C GLY D 341 -14.84 -1.34 -17.68
N THR D 342 -14.31 -1.13 -16.48
CA THR D 342 -13.02 -1.72 -16.11
C THR D 342 -13.13 -3.24 -16.00
N ARG D 343 -12.17 -3.93 -16.60
CA ARG D 343 -12.13 -5.40 -16.57
C ARG D 343 -10.69 -5.86 -16.65
N ALA D 344 -10.46 -7.10 -16.24
CA ALA D 344 -9.13 -7.67 -16.25
C ALA D 344 -8.64 -7.92 -17.67
N LYS D 345 -7.32 -7.93 -17.83
CA LYS D 345 -6.70 -8.11 -19.14
C LYS D 345 -6.04 -9.47 -19.31
N TYR D 346 -5.81 -10.21 -18.23
CA TYR D 346 -5.16 -11.51 -18.30
C TYR D 346 -6.17 -12.60 -17.94
N GLY D 347 -6.31 -13.58 -18.81
CA GLY D 347 -7.24 -14.66 -18.61
C GLY D 347 -7.65 -15.26 -19.94
N GLY D 348 -8.62 -16.16 -19.87
CA GLY D 348 -9.14 -16.81 -21.07
C GLY D 348 -8.42 -18.09 -21.41
N THR D 349 -9.12 -18.96 -22.13
CA THR D 349 -8.56 -20.23 -22.55
C THR D 349 -7.46 -20.01 -23.58
N LEU D 350 -6.39 -20.80 -23.47
CA LEU D 350 -5.29 -20.73 -24.42
C LEU D 350 -5.79 -21.00 -25.84
N LYS D 351 -5.34 -20.18 -26.78
CA LYS D 351 -5.74 -20.33 -28.17
C LYS D 351 -5.19 -21.64 -28.73
N ASN D 352 -6.02 -22.34 -29.49
CA ASN D 352 -5.66 -23.63 -30.07
C ASN D 352 -5.24 -23.47 -31.53
N GLU D 353 -4.23 -24.23 -31.93
CA GLU D 353 -3.74 -24.22 -33.29
C GLU D 353 -3.53 -25.65 -33.76
N LYS D 354 -3.64 -25.85 -35.07
CA LYS D 354 -3.44 -27.18 -35.65
C LYS D 354 -1.98 -27.56 -35.59
N GLY D 355 -1.70 -28.74 -35.05
CA GLY D 355 -0.31 -29.19 -34.91
C GLY D 355 0.52 -28.30 -34.02
N ARG D 356 -0.05 -27.84 -32.91
CA ARG D 356 0.61 -26.90 -32.01
C ARG D 356 1.28 -27.67 -30.88
N ARG D 357 2.59 -27.48 -30.73
CA ARG D 357 3.36 -28.05 -29.63
C ARG D 357 3.72 -26.94 -28.67
N HIS D 358 3.45 -27.16 -27.38
CA HIS D 358 3.68 -26.14 -26.38
C HIS D 358 4.03 -26.80 -25.05
N ILE D 359 4.66 -26.02 -24.17
CA ILE D 359 4.99 -26.46 -22.82
C ILE D 359 4.44 -25.45 -21.84
N VAL D 360 4.18 -25.91 -20.62
CA VAL D 360 3.62 -25.08 -19.56
C VAL D 360 4.68 -24.88 -18.49
N VAL D 361 4.94 -23.62 -18.15
CA VAL D 361 5.92 -23.26 -17.14
C VAL D 361 5.17 -22.64 -15.96
N CYS D 362 5.35 -23.21 -14.77
CA CYS D 362 4.69 -22.75 -13.57
C CYS D 362 5.71 -22.62 -12.45
N GLY D 363 5.26 -22.07 -11.33
CA GLY D 363 6.12 -21.91 -10.17
C GLY D 363 6.52 -20.46 -9.94
N HIS D 364 7.82 -20.22 -9.75
CA HIS D 364 8.34 -18.89 -9.52
C HIS D 364 8.58 -18.22 -10.88
N ILE D 365 7.83 -17.16 -11.15
CA ILE D 365 7.90 -16.45 -12.42
C ILE D 365 8.37 -15.04 -12.11
N THR D 366 9.65 -14.78 -12.35
CA THR D 366 10.21 -13.45 -12.19
C THR D 366 11.00 -13.06 -13.44
N TYR D 367 11.58 -11.86 -13.44
CA TYR D 367 12.28 -11.40 -14.63
C TYR D 367 13.57 -12.17 -14.87
N GLU D 368 14.48 -12.16 -13.90
CA GLU D 368 15.79 -12.77 -14.06
C GLU D 368 15.76 -14.28 -13.98
N SER D 369 14.59 -14.88 -13.78
CA SER D 369 14.43 -16.33 -13.85
C SER D 369 13.84 -16.78 -15.18
N VAL D 370 12.82 -16.07 -15.67
CA VAL D 370 12.23 -16.40 -16.97
C VAL D 370 13.19 -16.03 -18.09
N SER D 371 13.87 -14.90 -17.97
CA SER D 371 14.74 -14.43 -19.05
C SER D 371 15.87 -15.43 -19.32
N HIS D 372 16.47 -15.97 -18.27
CA HIS D 372 17.55 -16.93 -18.46
C HIS D 372 17.06 -18.19 -19.16
N PHE D 373 15.86 -18.66 -18.80
CA PHE D 373 15.28 -19.83 -19.46
C PHE D 373 14.96 -19.52 -20.92
N LEU D 374 14.46 -18.33 -21.20
CA LEU D 374 14.07 -17.99 -22.56
C LEU D 374 15.28 -17.77 -23.47
N LYS D 375 16.42 -17.39 -22.89
CA LYS D 375 17.63 -17.21 -23.69
C LYS D 375 18.06 -18.51 -24.35
N ASP D 376 17.97 -19.63 -23.63
CA ASP D 376 18.40 -20.91 -24.15
C ASP D 376 17.28 -21.63 -24.91
N PHE D 377 16.05 -21.59 -24.39
CA PHE D 377 14.95 -22.27 -25.06
C PHE D 377 14.66 -21.67 -26.43
N LEU D 378 14.65 -20.34 -26.52
CA LEU D 378 14.39 -19.62 -27.76
C LEU D 378 15.67 -19.04 -28.34
N HIS D 379 16.77 -19.78 -28.26
CA HIS D 379 18.07 -19.25 -28.65
C HIS D 379 18.14 -18.98 -30.14
N GLU D 380 19.06 -18.10 -30.51
CA GLU D 380 19.20 -17.69 -31.91
C GLU D 380 19.65 -18.84 -32.79
N ASP D 381 20.61 -19.64 -32.32
CA ASP D 381 21.24 -20.65 -33.16
C ASP D 381 20.55 -22.01 -33.10
N ARG D 382 19.50 -22.15 -32.29
CA ARG D 382 18.83 -23.44 -32.19
C ARG D 382 18.17 -23.80 -33.51
N GLU D 383 18.34 -25.06 -33.93
CA GLU D 383 17.75 -25.50 -35.19
C GLU D 383 16.23 -25.46 -35.11
N ASP D 384 15.60 -25.35 -36.27
CA ASP D 384 14.21 -24.89 -36.35
C ASP D 384 13.21 -25.88 -35.80
N VAL D 385 12.85 -25.72 -34.53
CA VAL D 385 11.70 -26.39 -33.91
C VAL D 385 10.87 -25.32 -33.20
N ASP D 386 9.57 -25.33 -33.45
CA ASP D 386 8.67 -24.31 -32.91
C ASP D 386 7.85 -24.92 -31.79
N VAL D 387 8.17 -24.53 -30.55
CA VAL D 387 7.44 -24.96 -29.36
C VAL D 387 7.06 -23.71 -28.59
N GLU D 388 5.75 -23.50 -28.41
CA GLU D 388 5.27 -22.35 -27.67
C GLU D 388 5.52 -22.53 -26.17
N VAL D 389 5.66 -21.41 -25.47
CA VAL D 389 5.90 -21.42 -24.03
C VAL D 389 4.72 -20.72 -23.36
N VAL D 390 4.08 -21.42 -22.42
CA VAL D 390 2.92 -20.91 -21.70
C VAL D 390 3.31 -20.73 -20.24
N PHE D 391 3.15 -19.51 -19.73
CA PHE D 391 3.45 -19.20 -18.35
C PHE D 391 2.17 -19.03 -17.56
N LEU D 392 2.04 -19.77 -16.46
CA LEU D 392 0.86 -19.74 -15.61
C LEU D 392 1.30 -19.32 -14.21
N HIS D 393 1.07 -18.07 -13.86
CA HIS D 393 1.42 -17.54 -12.55
C HIS D 393 0.19 -16.91 -11.91
N ARG D 394 0.13 -17.01 -10.58
CA ARG D 394 -1.03 -16.49 -9.85
C ARG D 394 -1.05 -14.96 -9.85
N LYS D 395 0.12 -14.31 -9.80
CA LYS D 395 0.15 -12.86 -9.75
C LYS D 395 0.38 -12.28 -11.15
N PRO D 396 -0.24 -11.14 -11.46
CA PRO D 396 -0.02 -10.52 -12.75
C PRO D 396 1.42 -10.05 -12.89
N PRO D 397 1.98 -10.09 -14.10
CA PRO D 397 3.38 -9.69 -14.27
C PRO D 397 3.57 -8.21 -14.04
N ASP D 398 4.76 -7.86 -13.55
CA ASP D 398 5.11 -6.46 -13.33
C ASP D 398 5.64 -5.85 -14.63
N LEU D 399 6.00 -4.56 -14.56
CA LEU D 399 6.47 -3.87 -15.75
C LEU D 399 7.81 -4.41 -16.25
N GLU D 400 8.67 -4.86 -15.32
CA GLU D 400 9.96 -5.40 -15.73
C GLU D 400 9.79 -6.67 -16.57
N LEU D 401 8.88 -7.54 -16.17
CA LEU D 401 8.63 -8.78 -16.89
C LEU D 401 7.65 -8.63 -18.04
N GLU D 402 6.77 -7.62 -18.00
CA GLU D 402 5.83 -7.41 -19.09
C GLU D 402 6.55 -7.11 -20.39
N GLY D 403 7.61 -6.31 -20.33
CA GLY D 403 8.39 -6.02 -21.53
C GLY D 403 9.03 -7.25 -22.13
N LEU D 404 9.46 -8.19 -21.28
CA LEU D 404 10.06 -9.42 -21.79
C LEU D 404 9.05 -10.23 -22.61
N PHE D 405 7.81 -10.30 -22.14
CA PHE D 405 6.78 -11.01 -22.89
C PHE D 405 6.46 -10.32 -24.21
N LYS D 406 6.55 -8.99 -24.25
CA LYS D 406 6.28 -8.27 -25.49
C LYS D 406 7.32 -8.61 -26.56
N ARG D 407 8.59 -8.74 -26.16
CA ARG D 407 9.64 -9.05 -27.13
C ARG D 407 9.52 -10.47 -27.67
N HIS D 408 8.75 -11.33 -27.02
CA HIS D 408 8.54 -12.71 -27.45
C HIS D 408 7.06 -12.99 -27.60
N PHE D 409 6.32 -12.05 -28.20
CA PHE D 409 4.87 -12.20 -28.32
C PHE D 409 4.50 -13.35 -29.25
N THR D 410 5.36 -13.67 -30.22
CA THR D 410 5.03 -14.70 -31.20
C THR D 410 5.20 -16.12 -30.66
N THR D 411 5.89 -16.29 -29.53
CA THR D 411 6.17 -17.62 -29.00
C THR D 411 5.88 -17.76 -27.51
N VAL D 412 5.58 -16.69 -26.80
CA VAL D 412 5.37 -16.71 -25.37
C VAL D 412 4.03 -16.06 -25.05
N GLU D 413 3.20 -16.76 -24.28
CA GLU D 413 1.92 -16.23 -23.82
C GLU D 413 1.79 -16.46 -22.32
N PHE D 414 1.14 -15.51 -21.65
CA PHE D 414 0.96 -15.53 -20.21
C PHE D 414 -0.51 -15.67 -19.87
N PHE D 415 -0.80 -16.47 -18.84
CA PHE D 415 -2.15 -16.67 -18.37
C PHE D 415 -2.15 -16.60 -16.84
N GLN D 416 -3.10 -15.84 -16.29
CA GLN D 416 -3.18 -15.69 -14.84
C GLN D 416 -3.98 -16.85 -14.25
N GLY D 417 -3.38 -17.56 -13.30
CA GLY D 417 -4.04 -18.69 -12.68
C GLY D 417 -3.07 -19.44 -11.80
N THR D 418 -3.58 -20.54 -11.25
CA THR D 418 -2.80 -21.41 -10.36
C THR D 418 -2.75 -22.80 -10.96
N ILE D 419 -1.57 -23.41 -10.97
CA ILE D 419 -1.41 -24.77 -11.46
C ILE D 419 -2.19 -25.76 -10.59
N MET D 420 -2.48 -25.38 -9.34
CA MET D 420 -3.22 -26.26 -8.45
C MET D 420 -4.72 -26.27 -8.76
N ASN D 421 -5.23 -25.25 -9.43
CA ASN D 421 -6.65 -25.19 -9.76
C ASN D 421 -6.93 -26.06 -10.99
N PRO D 422 -7.81 -27.05 -10.89
CA PRO D 422 -8.13 -27.86 -12.08
C PRO D 422 -8.74 -27.04 -13.20
N ILE D 423 -9.47 -25.97 -12.89
CA ILE D 423 -10.02 -25.12 -13.93
C ILE D 423 -8.91 -24.43 -14.71
N ASP D 424 -7.89 -23.93 -14.02
CA ASP D 424 -6.78 -23.28 -14.69
C ASP D 424 -5.95 -24.28 -15.48
N LEU D 425 -5.92 -25.55 -15.06
CA LEU D 425 -5.24 -26.57 -15.84
C LEU D 425 -5.89 -26.77 -17.20
N GLN D 426 -7.23 -26.72 -17.24
CA GLN D 426 -7.94 -26.82 -18.51
C GLN D 426 -7.67 -25.60 -19.40
N ARG D 427 -7.51 -24.43 -18.79
CA ARG D 427 -7.30 -23.21 -19.57
C ARG D 427 -5.99 -23.28 -20.36
N VAL D 428 -4.92 -23.79 -19.74
CA VAL D 428 -3.63 -23.88 -20.42
C VAL D 428 -3.49 -25.15 -21.25
N LYS D 429 -4.53 -25.98 -21.32
CA LYS D 429 -4.54 -27.19 -22.16
C LYS D 429 -3.38 -28.12 -21.80
N VAL D 430 -3.42 -28.63 -20.57
CA VAL D 430 -2.31 -29.43 -20.04
C VAL D 430 -2.14 -30.71 -20.85
N HIS D 431 -3.25 -31.40 -21.18
CA HIS D 431 -3.14 -32.66 -21.90
C HIS D 431 -2.55 -32.49 -23.30
N GLU D 432 -2.64 -31.30 -23.89
CA GLU D 432 -1.99 -31.00 -25.16
C GLU D 432 -0.52 -30.62 -25.00
N ALA D 433 -0.09 -30.30 -23.79
CA ALA D 433 1.28 -29.85 -23.59
C ALA D 433 2.27 -31.01 -23.71
N ASP D 434 3.43 -30.72 -24.29
CA ASP D 434 4.47 -31.73 -24.41
C ASP D 434 5.09 -32.04 -23.06
N ALA D 435 5.39 -31.00 -22.28
CA ALA D 435 5.99 -31.18 -20.97
C ALA D 435 5.59 -30.01 -20.07
N CYS D 436 5.69 -30.23 -18.77
CA CYS D 436 5.40 -29.22 -17.76
C CYS D 436 6.67 -28.92 -16.97
N LEU D 437 6.98 -27.63 -16.82
CA LEU D 437 8.20 -27.19 -16.16
C LEU D 437 7.84 -26.40 -14.92
N VAL D 438 8.47 -26.74 -13.80
CA VAL D 438 8.23 -26.08 -12.52
C VAL D 438 9.53 -25.41 -12.09
N LEU D 439 9.45 -24.11 -11.82
CA LEU D 439 10.60 -23.33 -11.38
C LEU D 439 10.54 -23.07 -9.88
N ALA D 440 11.71 -23.00 -9.27
CA ALA D 440 11.84 -22.86 -7.83
C ALA D 440 12.33 -21.47 -7.47
N ASN D 441 11.84 -20.96 -6.34
CA ASN D 441 12.28 -19.67 -5.82
C ASN D 441 13.61 -19.85 -5.12
N LYS D 442 14.69 -19.38 -5.76
CA LYS D 442 16.02 -19.52 -5.16
C LYS D 442 16.17 -18.68 -3.90
N TYR D 443 15.51 -17.52 -3.85
CA TYR D 443 15.62 -16.61 -2.71
C TYR D 443 14.41 -16.83 -1.80
N CYS D 444 14.46 -17.92 -1.04
CA CYS D 444 13.40 -18.29 -0.12
C CYS D 444 13.98 -18.50 1.26
N GLN D 445 13.26 -18.05 2.29
CA GLN D 445 13.74 -18.21 3.66
C GLN D 445 13.79 -19.68 4.06
N ASP D 446 12.79 -20.46 3.67
CA ASP D 446 12.71 -21.89 4.02
C ASP D 446 12.75 -22.72 2.75
N PRO D 447 13.89 -23.31 2.39
CA PRO D 447 13.93 -24.18 1.21
C PRO D 447 13.01 -25.39 1.33
N ASP D 448 12.83 -25.93 2.54
CA ASP D 448 11.97 -27.09 2.71
C ASP D 448 10.52 -26.74 2.40
N ALA D 449 10.05 -25.58 2.83
CA ALA D 449 8.69 -25.16 2.53
C ALA D 449 8.50 -24.93 1.02
N GLU D 450 9.50 -24.32 0.37
CA GLU D 450 9.40 -24.12 -1.07
C GLU D 450 9.40 -25.44 -1.82
N ASP D 451 10.23 -26.39 -1.39
CA ASP D 451 10.27 -27.70 -2.04
C ASP D 451 8.94 -28.44 -1.88
N ALA D 452 8.34 -28.36 -0.69
CA ALA D 452 7.06 -29.03 -0.47
C ALA D 452 5.98 -28.46 -1.36
N ALA D 453 5.93 -27.14 -1.50
CA ALA D 453 4.95 -26.52 -2.40
C ALA D 453 5.20 -26.91 -3.84
N ASN D 454 6.47 -26.95 -4.26
CA ASN D 454 6.78 -27.32 -5.64
C ASN D 454 6.42 -28.78 -5.91
N ILE D 455 6.70 -29.67 -4.96
CA ILE D 455 6.36 -31.07 -5.13
C ILE D 455 4.85 -31.23 -5.22
N MET D 456 4.11 -30.51 -4.37
CA MET D 456 2.65 -30.60 -4.40
C MET D 456 2.07 -30.09 -5.71
N ARG D 457 2.77 -29.20 -6.40
CA ARG D 457 2.34 -28.79 -7.74
C ARG D 457 2.43 -29.95 -8.72
N VAL D 458 3.47 -30.78 -8.60
CA VAL D 458 3.63 -31.93 -9.48
C VAL D 458 2.49 -32.93 -9.27
N ILE D 459 2.05 -33.09 -8.02
CA ILE D 459 0.96 -34.00 -7.73
C ILE D 459 -0.31 -33.56 -8.46
N SER D 460 -0.59 -32.25 -8.43
CA SER D 460 -1.77 -31.74 -9.12
C SER D 460 -1.69 -31.98 -10.63
N ILE D 461 -0.51 -31.75 -11.22
CA ILE D 461 -0.34 -31.98 -12.65
C ILE D 461 -0.48 -33.47 -12.96
N LYS D 462 0.15 -34.33 -12.15
CA LYS D 462 0.06 -35.76 -12.38
C LYS D 462 -1.36 -36.27 -12.16
N ASN D 463 -2.08 -35.69 -11.20
CA ASN D 463 -3.47 -36.09 -10.98
C ASN D 463 -4.33 -35.74 -12.18
N TYR D 464 -4.11 -34.58 -12.78
CA TYR D 464 -4.89 -34.18 -13.95
C TYR D 464 -4.60 -35.08 -15.14
N SER D 465 -3.32 -35.31 -15.43
CA SER D 465 -2.91 -36.16 -16.55
C SER D 465 -1.79 -37.08 -16.08
N ASP D 466 -1.98 -38.39 -16.26
CA ASP D 466 -0.97 -39.35 -15.83
C ASP D 466 0.25 -39.33 -16.74
N ASP D 467 0.04 -39.29 -18.05
CA ASP D 467 1.13 -39.41 -19.02
C ASP D 467 1.62 -38.02 -19.47
N ILE D 468 2.03 -37.23 -18.49
CA ILE D 468 2.60 -35.91 -18.73
C ILE D 468 4.03 -35.89 -18.21
N ARG D 469 4.93 -35.26 -18.97
CA ARG D 469 6.32 -35.15 -18.60
C ARG D 469 6.52 -33.91 -17.74
N VAL D 470 7.09 -34.10 -16.55
CA VAL D 470 7.27 -33.02 -15.59
C VAL D 470 8.75 -32.91 -15.26
N ILE D 471 9.29 -31.71 -15.33
CA ILE D 471 10.66 -31.41 -14.91
C ILE D 471 10.57 -30.32 -13.86
N ILE D 472 11.16 -30.57 -12.69
CA ILE D 472 11.00 -29.70 -11.53
C ILE D 472 12.36 -29.27 -11.02
N GLN D 473 12.46 -28.00 -10.63
CA GLN D 473 13.62 -27.49 -9.92
C GLN D 473 13.40 -27.69 -8.41
N LEU D 474 14.35 -28.36 -7.76
CA LEU D 474 14.23 -28.71 -6.36
C LEU D 474 15.36 -28.06 -5.58
N MET D 475 15.03 -27.43 -4.46
CA MET D 475 16.02 -26.66 -3.71
C MET D 475 16.99 -27.58 -2.98
N GLN D 476 16.49 -28.62 -2.32
CA GLN D 476 17.30 -29.47 -1.46
C GLN D 476 17.33 -30.89 -1.99
N TYR D 477 18.46 -31.57 -1.76
CA TYR D 477 18.63 -32.92 -2.27
C TYR D 477 17.78 -33.93 -1.49
N HIS D 478 17.64 -33.74 -0.18
CA HIS D 478 16.91 -34.69 0.64
C HIS D 478 15.42 -34.70 0.36
N ASN D 479 14.91 -33.74 -0.40
CA ASN D 479 13.51 -33.71 -0.79
C ASN D 479 13.22 -34.51 -2.06
N LYS D 480 14.25 -35.10 -2.68
CA LYS D 480 14.03 -35.91 -3.87
C LYS D 480 13.22 -37.16 -3.56
N ALA D 481 13.31 -37.68 -2.33
CA ALA D 481 12.61 -38.91 -1.99
C ALA D 481 11.11 -38.72 -2.02
N TYR D 482 10.61 -37.53 -1.72
CA TYR D 482 9.18 -37.28 -1.73
C TYR D 482 8.61 -37.44 -3.14
N LEU D 483 9.35 -37.03 -4.16
CA LEU D 483 8.89 -37.18 -5.53
C LEU D 483 8.79 -38.65 -5.93
N LEU D 484 9.58 -39.52 -5.31
CA LEU D 484 9.50 -40.94 -5.61
C LEU D 484 8.25 -41.58 -5.02
N ASN D 485 7.60 -40.93 -4.06
CA ASN D 485 6.38 -41.46 -3.47
C ASN D 485 5.17 -41.31 -4.38
N ILE D 486 5.25 -40.44 -5.38
CA ILE D 486 4.16 -40.27 -6.34
C ILE D 486 4.11 -41.48 -7.25
N PRO D 487 2.99 -42.21 -7.30
CA PRO D 487 2.93 -43.40 -8.17
C PRO D 487 3.10 -43.09 -9.65
N SER D 488 2.67 -41.92 -10.09
CA SER D 488 2.74 -41.56 -11.50
C SER D 488 4.10 -41.02 -11.92
N TRP D 489 5.03 -40.87 -10.98
CA TRP D 489 6.37 -40.35 -11.28
C TRP D 489 7.22 -41.47 -11.83
N ASP D 490 7.59 -41.37 -13.10
CA ASP D 490 8.42 -42.38 -13.76
C ASP D 490 9.63 -41.68 -14.38
N TRP D 491 10.83 -42.09 -13.94
CA TRP D 491 12.04 -41.51 -14.50
C TRP D 491 12.25 -41.94 -15.94
N LYS D 492 11.88 -43.18 -16.28
CA LYS D 492 12.06 -43.67 -17.63
C LYS D 492 11.11 -43.00 -18.61
N GLN D 493 9.95 -42.56 -18.15
CA GLN D 493 8.98 -41.92 -19.04
C GLN D 493 9.43 -40.52 -19.46
N GLY D 494 10.26 -39.88 -18.65
CA GLY D 494 10.75 -38.56 -19.00
C GLY D 494 10.81 -37.60 -17.84
N ASP D 495 10.18 -37.95 -16.72
CA ASP D 495 10.22 -37.11 -15.54
C ASP D 495 11.64 -37.03 -14.98
N ASP D 496 12.05 -35.83 -14.62
CA ASP D 496 13.42 -35.62 -14.15
C ASP D 496 13.43 -34.51 -13.11
N VAL D 497 14.41 -34.57 -12.22
CA VAL D 497 14.55 -33.62 -11.11
C VAL D 497 15.87 -32.89 -11.27
N ILE D 498 15.82 -31.56 -11.22
CA ILE D 498 17.01 -30.72 -11.26
C ILE D 498 17.19 -30.14 -9.87
N CYS D 499 18.17 -30.66 -9.13
CA CYS D 499 18.44 -30.19 -7.77
C CYS D 499 19.49 -29.09 -7.84
N LEU D 500 19.09 -27.87 -7.49
CA LEU D 500 20.01 -26.74 -7.57
C LEU D 500 21.18 -26.90 -6.61
N ALA D 501 20.92 -27.35 -5.39
CA ALA D 501 21.99 -27.51 -4.42
C ALA D 501 23.01 -28.56 -4.86
N GLU D 502 22.53 -29.68 -5.38
CA GLU D 502 23.43 -30.75 -5.79
C GLU D 502 24.24 -30.35 -7.03
N LEU D 503 23.58 -29.70 -8.00
CA LEU D 503 24.27 -29.35 -9.24
C LEU D 503 25.23 -28.18 -9.04
N LYS D 504 24.82 -27.16 -8.27
CA LYS D 504 25.67 -25.99 -8.09
C LYS D 504 26.95 -26.35 -7.35
N LEU D 505 26.83 -27.04 -6.21
CA LEU D 505 28.00 -27.41 -5.45
C LEU D 505 28.76 -28.58 -6.05
N GLY D 506 28.09 -29.39 -6.88
CA GLY D 506 28.80 -30.44 -7.61
C GLY D 506 29.76 -29.88 -8.64
N PHE D 507 29.35 -28.82 -9.33
CA PHE D 507 30.24 -28.16 -10.28
C PHE D 507 31.45 -27.57 -9.58
N ILE D 508 31.23 -26.95 -8.43
CA ILE D 508 32.33 -26.35 -7.68
C ILE D 508 33.26 -27.43 -7.13
N ALA D 509 32.69 -28.54 -6.67
CA ALA D 509 33.52 -29.62 -6.14
C ALA D 509 34.45 -30.19 -7.20
N GLN D 510 33.94 -30.36 -8.42
CA GLN D 510 34.79 -30.85 -9.50
C GLN D 510 35.87 -29.85 -9.88
N SER D 511 35.59 -28.56 -9.69
CA SER D 511 36.61 -27.54 -9.97
C SER D 511 37.78 -27.64 -9.00
N CYS D 512 37.53 -28.07 -7.76
CA CYS D 512 38.62 -28.27 -6.82
C CYS D 512 39.59 -29.35 -7.30
N LEU D 513 39.05 -30.44 -7.86
CA LEU D 513 39.90 -31.49 -8.39
C LEU D 513 40.55 -31.05 -9.70
N ALA D 514 39.79 -30.41 -10.58
CA ALA D 514 40.30 -29.94 -11.87
C ALA D 514 39.80 -28.52 -12.10
N PRO D 515 40.65 -27.51 -11.87
CA PRO D 515 40.21 -26.13 -12.07
C PRO D 515 39.80 -25.86 -13.51
N GLY D 516 38.77 -25.03 -13.66
CA GLY D 516 38.21 -24.72 -14.95
C GLY D 516 37.17 -25.69 -15.46
N PHE D 517 36.87 -26.74 -14.69
CA PHE D 517 35.91 -27.74 -15.14
C PHE D 517 34.49 -27.19 -15.18
N SER D 518 34.17 -26.27 -14.26
CA SER D 518 32.82 -25.70 -14.24
C SER D 518 32.52 -24.95 -15.52
N THR D 519 33.51 -24.21 -16.04
CA THR D 519 33.32 -23.51 -17.31
C THR D 519 33.15 -24.50 -18.46
N MET D 520 33.88 -25.62 -18.42
CA MET D 520 33.79 -26.60 -19.49
C MET D 520 32.39 -27.20 -19.60
N MET D 521 31.76 -27.54 -18.47
CA MET D 521 30.37 -27.98 -18.47
C MET D 521 29.39 -26.86 -18.74
N ALA D 522 29.66 -25.63 -18.29
CA ALA D 522 28.71 -24.55 -18.53
C ALA D 522 28.53 -24.29 -20.01
N ASN D 523 29.63 -24.30 -20.78
CA ASN D 523 29.53 -24.09 -22.21
C ASN D 523 29.07 -25.34 -22.95
N LEU D 524 29.42 -26.52 -22.46
CA LEU D 524 29.07 -27.76 -23.17
C LEU D 524 27.57 -27.97 -23.23
N PHE D 525 26.87 -27.71 -22.14
CA PHE D 525 25.44 -27.97 -22.03
C PHE D 525 24.62 -26.69 -22.14
N ALA D 526 25.05 -25.76 -22.98
CA ALA D 526 24.33 -24.51 -23.16
C ALA D 526 24.45 -24.05 -24.61
N MET D 527 23.53 -23.20 -25.01
CA MET D 527 23.49 -22.64 -26.36
C MET D 527 24.52 -21.52 -26.45
N ARG D 528 25.57 -21.72 -27.24
CA ARG D 528 26.61 -20.73 -27.40
C ARG D 528 26.62 -20.24 -28.85
N SER D 529 26.56 -18.92 -29.02
CA SER D 529 26.53 -18.30 -30.34
C SER D 529 27.95 -18.00 -30.78
N PHE D 530 28.40 -18.66 -31.84
CA PHE D 530 29.73 -18.41 -32.39
C PHE D 530 29.79 -17.03 -33.02
N LYS D 531 30.90 -16.33 -32.81
CA LYS D 531 31.09 -14.98 -33.30
C LYS D 531 32.33 -14.91 -34.17
N THR D 532 32.22 -14.20 -35.29
CA THR D 532 33.33 -14.02 -36.22
C THR D 532 33.63 -12.53 -36.34
N SER D 533 34.89 -12.18 -36.15
CA SER D 533 35.34 -10.79 -36.25
C SER D 533 36.85 -10.75 -36.44
N PRO D 534 37.36 -9.92 -37.35
CA PRO D 534 38.82 -9.83 -37.54
C PRO D 534 39.56 -9.31 -36.33
N ASP D 535 38.88 -8.59 -35.43
CA ASP D 535 39.54 -7.96 -34.28
C ASP D 535 39.27 -8.80 -33.03
N MET D 536 40.07 -9.85 -32.86
CA MET D 536 40.10 -10.61 -31.62
C MET D 536 41.44 -11.33 -31.53
N GLN D 537 41.85 -11.60 -30.30
CA GLN D 537 43.13 -12.24 -30.04
C GLN D 537 43.08 -13.72 -30.38
N SER D 538 44.26 -14.36 -30.36
CA SER D 538 44.34 -15.77 -30.68
C SER D 538 43.65 -16.63 -29.64
N TRP D 539 43.67 -16.20 -28.37
CA TRP D 539 43.03 -16.97 -27.32
C TRP D 539 41.52 -17.04 -27.52
N THR D 540 40.92 -15.95 -28.01
CA THR D 540 39.48 -15.94 -28.24
C THR D 540 39.10 -16.85 -29.39
N ASN D 541 39.96 -16.99 -30.40
CA ASN D 541 39.66 -17.86 -31.53
C ASN D 541 39.54 -19.32 -31.08
N ASP D 542 40.47 -19.77 -30.24
CA ASP D 542 40.43 -21.15 -29.78
C ASP D 542 39.32 -21.38 -28.75
N TYR D 543 39.11 -20.41 -27.86
CA TYR D 543 38.07 -20.55 -26.85
C TYR D 543 36.69 -20.58 -27.48
N LEU D 544 36.44 -19.72 -28.47
CA LEU D 544 35.12 -19.65 -29.08
C LEU D 544 34.75 -20.94 -29.80
N ARG D 545 35.73 -21.56 -30.47
CA ARG D 545 35.47 -22.83 -31.14
C ARG D 545 35.09 -23.91 -30.14
N GLY D 546 35.72 -23.91 -28.96
CA GLY D 546 35.36 -24.88 -27.95
C GLY D 546 33.96 -24.69 -27.41
N THR D 547 33.50 -23.43 -27.32
CA THR D 547 32.16 -23.15 -26.82
C THR D 547 31.08 -23.70 -27.72
N GLY D 548 31.39 -23.96 -29.00
CA GLY D 548 30.41 -24.53 -29.90
C GLY D 548 30.24 -26.03 -29.79
N MET D 549 31.03 -26.68 -28.94
CA MET D 549 30.92 -28.12 -28.75
C MET D 549 29.67 -28.45 -27.94
N GLU D 550 29.01 -29.54 -28.31
CA GLU D 550 27.74 -29.92 -27.69
C GLU D 550 27.71 -31.44 -27.55
N MET D 551 26.88 -31.91 -26.62
CA MET D 551 26.76 -33.34 -26.34
C MET D 551 25.55 -33.90 -27.09
N TYR D 552 25.76 -35.03 -27.76
CA TYR D 552 24.70 -35.69 -28.51
C TYR D 552 24.74 -37.19 -28.26
N THR D 553 23.59 -37.83 -28.40
CA THR D 553 23.46 -39.27 -28.23
C THR D 553 23.08 -39.90 -29.57
N GLU D 554 23.76 -40.99 -29.92
CA GLU D 554 23.51 -41.67 -31.18
C GLU D 554 23.88 -43.14 -31.04
N THR D 555 23.08 -43.99 -31.68
CA THR D 555 23.35 -45.42 -31.70
C THR D 555 24.61 -45.72 -32.53
N LEU D 556 25.44 -46.61 -32.02
CA LEU D 556 26.68 -46.93 -32.69
C LEU D 556 26.43 -47.76 -33.95
N SER D 557 27.39 -47.70 -34.87
CA SER D 557 27.28 -48.43 -36.12
C SER D 557 27.40 -49.93 -35.87
N PRO D 558 26.82 -50.75 -36.76
CA PRO D 558 27.00 -52.20 -36.64
C PRO D 558 28.45 -52.64 -36.76
N THR D 559 29.31 -51.82 -37.36
CA THR D 559 30.73 -52.15 -37.41
C THR D 559 31.37 -52.08 -36.03
N PHE D 560 30.87 -51.19 -35.16
CA PHE D 560 31.47 -50.97 -33.85
C PHE D 560 31.21 -52.10 -32.87
N ILE D 561 30.34 -53.06 -33.20
CA ILE D 561 30.00 -54.11 -32.24
C ILE D 561 31.16 -55.07 -32.07
N GLY D 562 31.33 -55.58 -30.86
CA GLY D 562 32.31 -56.61 -30.60
C GLY D 562 33.73 -56.14 -30.37
N ILE D 563 33.94 -54.83 -30.18
CA ILE D 563 35.28 -54.32 -29.93
C ILE D 563 35.26 -53.52 -28.63
N PRO D 564 36.39 -53.41 -27.92
CA PRO D 564 36.40 -52.67 -26.66
C PRO D 564 36.14 -51.19 -26.86
N PHE D 565 35.70 -50.54 -25.78
CA PHE D 565 35.38 -49.12 -25.83
C PHE D 565 36.62 -48.29 -26.16
N ALA D 566 37.78 -48.66 -25.60
CA ALA D 566 38.99 -47.89 -25.82
C ALA D 566 39.35 -47.83 -27.30
N GLN D 567 39.25 -48.97 -28.00
CA GLN D 567 39.55 -48.97 -29.43
C GLN D 567 38.45 -48.29 -30.24
N ALA D 568 37.21 -48.27 -29.72
CA ALA D 568 36.12 -47.67 -30.47
C ALA D 568 36.19 -46.15 -30.44
N THR D 569 36.50 -45.57 -29.27
CA THR D 569 36.50 -44.11 -29.16
C THR D 569 37.71 -43.49 -29.84
N GLU D 570 38.84 -44.20 -29.91
CA GLU D 570 39.98 -43.67 -30.63
C GLU D 570 39.76 -43.72 -32.13
N LEU D 571 38.97 -44.69 -32.61
CA LEU D 571 38.66 -44.76 -34.02
C LEU D 571 37.79 -43.58 -34.44
N CYS D 572 36.83 -43.20 -33.59
CA CYS D 572 35.98 -42.04 -33.90
C CYS D 572 36.81 -40.76 -33.94
N PHE D 573 37.74 -40.61 -33.00
CA PHE D 573 38.57 -39.40 -32.98
C PHE D 573 39.51 -39.35 -34.19
N SER D 574 40.10 -40.49 -34.55
CA SER D 574 41.08 -40.50 -35.64
C SER D 574 40.41 -40.30 -36.99
N LYS D 575 39.30 -41.02 -37.23
CA LYS D 575 38.65 -41.02 -38.54
C LYS D 575 37.39 -40.17 -38.57
N LEU D 576 36.45 -40.43 -37.67
CA LEU D 576 35.16 -39.75 -37.70
C LEU D 576 35.21 -38.35 -37.09
N LYS D 577 36.33 -37.97 -36.47
CA LYS D 577 36.49 -36.67 -35.83
C LYS D 577 35.40 -36.43 -34.78
N LEU D 578 35.19 -37.44 -33.93
CA LEU D 578 34.20 -37.37 -32.86
C LEU D 578 34.85 -37.78 -31.55
N LEU D 579 34.37 -37.21 -30.45
CA LEU D 579 34.83 -37.53 -29.11
C LEU D 579 33.75 -38.36 -28.42
N LEU D 580 34.00 -39.65 -28.27
CA LEU D 580 33.08 -40.56 -27.58
C LEU D 580 33.59 -40.77 -26.17
N LEU D 581 32.79 -40.38 -25.18
CA LEU D 581 33.20 -40.43 -23.79
C LEU D 581 32.37 -41.35 -22.91
N ALA D 582 31.17 -41.74 -23.34
CA ALA D 582 30.34 -42.62 -22.54
C ALA D 582 29.46 -43.47 -23.45
N ILE D 583 29.03 -44.61 -22.92
CA ILE D 583 28.14 -45.52 -23.64
C ILE D 583 27.02 -45.96 -22.69
N GLU D 584 25.98 -46.53 -23.27
CA GLU D 584 24.84 -47.05 -22.53
C GLU D 584 25.07 -48.53 -22.25
N ILE D 585 25.04 -48.91 -20.97
CA ILE D 585 25.26 -50.28 -20.54
C ILE D 585 24.01 -50.74 -19.79
N LYS D 586 23.46 -51.88 -20.21
CA LYS D 586 22.28 -52.43 -19.56
C LYS D 586 22.65 -53.24 -18.33
N SER D 594 20.90 -49.03 -19.02
CA SER D 594 20.40 -48.64 -17.71
C SER D 594 21.46 -47.88 -16.92
N LYS D 595 22.73 -48.18 -17.19
CA LYS D 595 23.85 -47.58 -16.51
C LYS D 595 24.63 -46.70 -17.48
N ILE D 596 25.27 -45.66 -16.95
CA ILE D 596 26.14 -44.78 -17.72
C ILE D 596 27.57 -45.05 -17.29
N SER D 597 28.42 -45.39 -18.25
CA SER D 597 29.83 -45.67 -17.99
C SER D 597 30.67 -44.60 -18.68
N ILE D 598 31.34 -43.77 -17.88
CA ILE D 598 32.20 -42.72 -18.40
C ILE D 598 33.57 -43.35 -18.67
N ASN D 599 33.91 -43.50 -19.95
CA ASN D 599 35.17 -44.10 -20.38
C ASN D 599 35.39 -45.47 -19.72
N PRO D 600 34.55 -46.45 -20.01
CA PRO D 600 34.73 -47.77 -19.40
C PRO D 600 35.99 -48.45 -19.89
N ARG D 601 36.57 -49.26 -19.01
CA ARG D 601 37.80 -49.99 -19.30
C ARG D 601 37.46 -51.46 -19.52
N GLY D 602 37.80 -51.97 -20.69
CA GLY D 602 37.54 -53.37 -21.02
C GLY D 602 36.06 -53.71 -21.07
N ALA D 603 35.24 -52.85 -21.64
CA ALA D 603 33.81 -53.07 -21.79
C ALA D 603 33.50 -53.21 -23.27
N LYS D 604 33.03 -54.40 -23.67
CA LYS D 604 32.68 -54.64 -25.05
C LYS D 604 31.39 -53.92 -25.41
N ILE D 605 31.23 -53.64 -26.70
CA ILE D 605 30.04 -52.96 -27.19
C ILE D 605 29.00 -53.99 -27.59
N GLN D 606 27.79 -53.84 -27.05
CA GLN D 606 26.70 -54.75 -27.35
C GLN D 606 25.94 -54.25 -28.57
N ALA D 607 24.78 -54.85 -28.84
CA ALA D 607 23.99 -54.47 -30.00
C ALA D 607 23.11 -53.27 -29.66
N ASN D 608 23.18 -52.24 -30.50
CA ASN D 608 22.38 -51.02 -30.36
C ASN D 608 22.59 -50.37 -29.00
N THR D 609 23.83 -49.95 -28.76
CA THR D 609 24.21 -49.27 -27.52
C THR D 609 24.31 -47.77 -27.80
N GLN D 610 23.58 -46.98 -27.00
CA GLN D 610 23.63 -45.54 -27.14
C GLN D 610 25.01 -45.03 -26.71
N GLY D 611 25.54 -44.09 -27.49
CA GLY D 611 26.83 -43.48 -27.20
C GLY D 611 26.71 -41.98 -27.05
N PHE D 612 27.49 -41.43 -26.13
CA PHE D 612 27.50 -40.00 -25.87
C PHE D 612 28.69 -39.39 -26.60
N PHE D 613 28.42 -38.42 -27.47
CA PHE D 613 29.44 -37.79 -28.31
C PHE D 613 29.50 -36.30 -28.04
N ILE D 614 30.67 -35.72 -28.27
CA ILE D 614 30.88 -34.28 -28.22
C ILE D 614 31.31 -33.83 -29.61
N ALA D 615 30.54 -32.92 -30.20
CA ALA D 615 30.79 -32.47 -31.56
C ALA D 615 30.20 -31.08 -31.74
N GLN D 616 30.61 -30.43 -32.83
CA GLN D 616 30.11 -29.09 -33.12
C GLN D 616 28.60 -29.08 -33.32
N SER D 617 28.08 -30.07 -34.04
CA SER D 617 26.66 -30.19 -34.29
C SER D 617 26.33 -31.67 -34.43
N ALA D 618 25.11 -31.95 -34.90
CA ALA D 618 24.67 -33.32 -35.12
C ALA D 618 25.12 -33.89 -36.46
N ASP D 619 25.80 -33.08 -37.29
CA ASP D 619 26.24 -33.57 -38.59
C ASP D 619 27.30 -34.65 -38.43
N GLU D 620 28.33 -34.40 -37.62
CA GLU D 620 29.35 -35.44 -37.38
C GLU D 620 28.79 -36.57 -36.55
N VAL D 621 27.83 -36.28 -35.67
CA VAL D 621 27.28 -37.30 -34.79
C VAL D 621 26.54 -38.36 -35.60
N LYS D 622 25.80 -37.94 -36.63
CA LYS D 622 25.12 -38.89 -37.49
C LYS D 622 26.07 -39.80 -38.23
N ARG D 623 27.32 -39.38 -38.44
CA ARG D 623 28.30 -40.25 -39.08
C ARG D 623 28.66 -41.45 -38.22
N ALA D 624 28.35 -41.42 -36.93
CA ALA D 624 28.60 -42.57 -36.07
C ALA D 624 27.58 -43.67 -36.30
N TRP D 625 26.35 -43.32 -36.68
CA TRP D 625 25.31 -44.34 -36.88
C TRP D 625 25.62 -45.21 -38.09
N PHE D 626 25.95 -44.58 -39.22
CA PHE D 626 26.30 -45.31 -40.43
C PHE D 626 27.79 -45.13 -40.69
N TYR D 627 28.51 -46.26 -40.73
CA TYR D 627 29.96 -46.25 -40.96
C TYR D 627 30.44 -47.65 -41.29
N CYS D 628 31.15 -47.78 -42.41
CA CYS D 628 31.69 -49.07 -42.82
C CYS D 628 33.11 -48.89 -43.34
N LYS D 629 33.90 -49.95 -43.23
CA LYS D 629 35.28 -49.91 -43.72
C LYS D 629 35.34 -49.85 -45.24
N ALA D 630 34.29 -50.26 -45.93
CA ALA D 630 34.26 -50.22 -47.38
C ALA D 630 33.68 -48.91 -47.89
N MET D 778 34.79 -51.64 8.36
CA MET D 778 33.89 -50.54 8.07
C MET D 778 34.65 -49.34 7.54
N LYS D 779 34.89 -49.31 6.24
CA LYS D 779 35.68 -48.26 5.59
C LYS D 779 34.85 -47.38 4.67
N TYR D 780 33.97 -47.96 3.86
CA TYR D 780 33.14 -47.22 2.91
C TYR D 780 31.68 -47.29 3.33
N ASP D 781 30.84 -46.59 2.57
CA ASP D 781 29.41 -46.57 2.86
C ASP D 781 28.74 -47.84 2.35
N SER D 782 27.41 -47.91 2.51
CA SER D 782 26.67 -49.10 2.11
C SER D 782 26.77 -49.35 0.62
N THR D 783 26.67 -48.30 -0.19
CA THR D 783 26.77 -48.46 -1.64
C THR D 783 28.19 -48.71 -2.09
N GLY D 784 29.19 -48.38 -1.26
CA GLY D 784 30.58 -48.56 -1.63
C GLY D 784 31.15 -47.48 -2.52
N MET D 785 30.43 -46.38 -2.74
CA MET D 785 30.88 -45.33 -3.63
C MET D 785 31.46 -44.13 -2.89
N PHE D 786 31.52 -44.17 -1.56
CA PHE D 786 32.02 -43.06 -0.78
C PHE D 786 32.77 -43.57 0.44
N HIS D 787 33.69 -42.76 0.93
CA HIS D 787 34.38 -43.07 2.18
C HIS D 787 33.47 -42.84 3.37
N TRP D 788 33.76 -43.53 4.46
CA TRP D 788 32.93 -43.47 5.66
C TRP D 788 33.81 -43.28 6.89
N SER D 789 33.23 -42.66 7.91
CA SER D 789 33.90 -42.42 9.18
C SER D 789 32.94 -42.72 10.32
N PRO D 790 33.45 -43.11 11.50
CA PRO D 790 32.60 -43.49 12.64
C PRO D 790 31.96 -42.32 13.39
N ALA D 791 31.31 -41.42 12.63
CA ALA D 791 30.47 -40.37 13.17
C ALA D 791 31.23 -39.48 14.16
N LYS D 792 32.22 -38.77 13.61
CA LYS D 792 32.99 -37.83 14.40
C LYS D 792 32.12 -36.70 14.90
N SER D 793 32.37 -36.26 16.14
CA SER D 793 31.58 -35.20 16.75
C SER D 793 31.97 -33.85 16.20
N LEU D 794 31.02 -32.92 16.23
CA LEU D 794 31.28 -31.57 15.74
C LEU D 794 32.30 -30.85 16.62
N GLU D 795 32.21 -31.02 17.93
CA GLU D 795 33.13 -30.33 18.84
C GLU D 795 34.57 -30.75 18.61
N ASP D 796 34.80 -32.02 18.28
CA ASP D 796 36.16 -32.48 18.02
C ASP D 796 36.74 -31.89 16.74
N CYS D 797 35.89 -31.44 15.82
CA CYS D 797 36.35 -30.89 14.54
C CYS D 797 36.49 -29.37 14.56
N ILE D 798 36.17 -28.72 15.67
CA ILE D 798 36.28 -27.26 15.74
C ILE D 798 37.72 -26.89 16.06
N LEU D 799 38.29 -26.02 15.24
CA LEU D 799 39.67 -25.57 15.40
C LEU D 799 39.69 -24.10 15.75
N ASP D 800 40.45 -23.75 16.80
CA ASP D 800 40.62 -22.36 17.19
C ASP D 800 41.67 -21.71 16.29
N ARG D 801 41.75 -20.37 16.38
CA ARG D 801 42.75 -19.64 15.61
C ARG D 801 44.16 -20.10 15.99
N ASN D 802 44.42 -20.27 17.28
CA ASN D 802 45.71 -20.78 17.72
C ASN D 802 45.94 -22.21 17.26
N GLN D 803 44.90 -23.04 17.33
CA GLN D 803 45.04 -24.44 16.89
C GLN D 803 45.34 -24.51 15.40
N ALA D 804 44.67 -23.69 14.59
CA ALA D 804 44.94 -23.68 13.16
C ALA D 804 46.32 -23.11 12.86
N ALA D 805 46.78 -22.16 13.66
CA ALA D 805 48.11 -21.58 13.45
C ALA D 805 49.21 -22.59 13.69
N MET D 806 49.07 -23.43 14.72
CA MET D 806 50.12 -24.38 15.07
C MET D 806 50.11 -25.63 14.20
N THR D 807 49.13 -25.79 13.32
CA THR D 807 49.10 -26.88 12.36
C THR D 807 49.27 -26.33 10.95
N VAL D 808 49.81 -27.17 10.07
CA VAL D 808 50.09 -26.78 8.69
C VAL D 808 49.20 -27.60 7.76
N LEU D 809 48.44 -26.91 6.92
CA LEU D 809 47.58 -27.53 5.94
C LEU D 809 48.12 -27.23 4.54
N ASN D 810 48.34 -28.28 3.76
CA ASN D 810 48.87 -28.15 2.41
C ASN D 810 48.01 -28.98 1.46
N GLY D 811 47.70 -28.41 0.31
CA GLY D 811 46.89 -29.10 -0.68
C GLY D 811 45.49 -29.42 -0.19
N HIS D 812 44.86 -28.49 0.51
CA HIS D 812 43.54 -28.66 1.08
C HIS D 812 42.54 -27.76 0.36
N VAL D 813 41.29 -27.86 0.78
CA VAL D 813 40.19 -27.08 0.21
C VAL D 813 39.62 -26.20 1.32
N VAL D 814 39.56 -24.89 1.06
CA VAL D 814 39.02 -23.93 2.00
C VAL D 814 37.64 -23.50 1.50
N VAL D 815 36.64 -23.64 2.35
CA VAL D 815 35.27 -23.29 2.01
C VAL D 815 34.92 -22.04 2.80
N CYS D 816 34.96 -20.89 2.14
CA CYS D 816 34.59 -19.61 2.75
C CYS D 816 33.08 -19.46 2.70
N LEU D 817 32.44 -19.48 3.87
CA LEU D 817 30.99 -19.48 3.97
C LEU D 817 30.52 -18.16 4.58
N PHE D 818 29.62 -17.47 3.86
CA PHE D 818 28.97 -16.27 4.37
C PHE D 818 27.55 -16.65 4.75
N ALA D 819 27.31 -16.86 6.05
CA ALA D 819 26.01 -17.32 6.50
C ALA D 819 25.73 -16.81 7.90
N ASP D 820 24.49 -16.42 8.13
CA ASP D 820 23.97 -16.06 9.43
C ASP D 820 23.45 -17.29 10.16
N PRO D 821 23.30 -17.24 11.48
CA PRO D 821 22.74 -18.40 12.19
C PRO D 821 21.35 -18.78 11.74
N ASP D 822 20.55 -17.82 11.26
CA ASP D 822 19.20 -18.10 10.77
C ASP D 822 19.13 -18.22 9.26
N SER D 823 20.28 -18.28 8.58
CA SER D 823 20.28 -18.36 7.13
C SER D 823 19.71 -19.69 6.66
N PRO D 824 19.10 -19.72 5.47
CA PRO D 824 18.59 -20.99 4.95
C PRO D 824 19.72 -21.98 4.71
N LEU D 825 19.41 -23.25 4.92
CA LEU D 825 20.41 -24.31 4.80
C LEU D 825 20.68 -24.62 3.33
N ILE D 826 21.94 -24.51 2.94
CA ILE D 826 22.42 -25.00 1.65
C ILE D 826 23.25 -26.25 1.93
N GLY D 827 22.90 -27.35 1.27
CA GLY D 827 23.53 -28.61 1.59
C GLY D 827 25.02 -28.63 1.34
N LEU D 828 25.80 -28.57 2.43
CA LEU D 828 27.25 -28.62 2.31
C LEU D 828 27.75 -30.02 1.97
N ARG D 829 26.92 -31.04 2.15
CA ARG D 829 27.32 -32.38 1.76
C ARG D 829 27.48 -32.50 0.25
N ASN D 830 26.72 -31.71 -0.52
CA ASN D 830 26.82 -31.76 -1.97
C ASN D 830 28.17 -31.27 -2.48
N LEU D 831 28.94 -30.60 -1.64
CA LEU D 831 30.30 -30.19 -2.00
C LEU D 831 31.34 -31.17 -1.49
N VAL D 832 31.11 -31.80 -0.34
CA VAL D 832 32.11 -32.68 0.25
C VAL D 832 31.96 -34.12 -0.25
N MET D 833 30.74 -34.57 -0.52
CA MET D 833 30.54 -35.93 -1.00
C MET D 833 31.29 -36.21 -2.30
N PRO D 834 31.27 -35.33 -3.32
CA PRO D 834 32.12 -35.58 -4.49
C PRO D 834 33.60 -35.65 -4.16
N LEU D 835 34.04 -34.88 -3.16
CA LEU D 835 35.43 -34.93 -2.74
C LEU D 835 35.77 -36.15 -1.91
N ARG D 836 34.76 -36.92 -1.47
CA ARG D 836 34.97 -38.13 -0.68
C ARG D 836 34.57 -39.38 -1.46
N ALA D 837 34.64 -39.33 -2.78
CA ALA D 837 34.27 -40.47 -3.59
C ALA D 837 35.26 -41.62 -3.42
N SER D 838 34.77 -42.83 -3.67
CA SER D 838 35.61 -44.01 -3.51
C SER D 838 36.71 -44.11 -4.56
N ASN D 839 36.67 -43.28 -5.62
CA ASN D 839 37.74 -43.31 -6.61
C ASN D 839 39.06 -42.90 -6.00
N PHE D 840 39.06 -41.87 -5.16
CA PHE D 840 40.29 -41.38 -4.58
C PHE D 840 40.75 -42.27 -3.42
N HIS D 841 42.04 -42.54 -3.36
CA HIS D 841 42.60 -43.24 -2.22
C HIS D 841 42.56 -42.35 -0.99
N TYR D 842 42.61 -42.98 0.19
CA TYR D 842 42.51 -42.23 1.43
C TYR D 842 43.67 -41.26 1.59
N HIS D 843 44.85 -41.60 1.05
CA HIS D 843 46.00 -40.71 1.19
C HIS D 843 45.88 -39.50 0.29
N GLU D 844 45.20 -39.62 -0.86
CA GLU D 844 45.07 -38.52 -1.80
C GLU D 844 43.82 -37.69 -1.57
N LEU D 845 43.03 -38.00 -0.54
CA LEU D 845 41.86 -37.19 -0.23
C LEU D 845 42.29 -35.78 0.19
N LYS D 846 41.48 -34.80 -0.17
CA LYS D 846 41.78 -33.41 0.12
C LYS D 846 41.10 -32.98 1.42
N HIS D 847 41.90 -32.45 2.34
CA HIS D 847 41.35 -31.94 3.59
C HIS D 847 40.43 -30.76 3.32
N VAL D 848 39.31 -30.71 4.03
CA VAL D 848 38.31 -29.67 3.86
C VAL D 848 38.21 -28.88 5.16
N VAL D 849 38.43 -27.58 5.07
CA VAL D 849 38.29 -26.66 6.20
C VAL D 849 37.22 -25.63 5.86
N ILE D 850 36.29 -25.43 6.78
CA ILE D 850 35.16 -24.52 6.59
C ILE D 850 35.32 -23.34 7.52
N VAL D 851 35.30 -22.14 6.97
CA VAL D 851 35.42 -20.91 7.73
C VAL D 851 34.03 -20.27 7.78
N GLY D 852 33.45 -20.21 8.97
CA GLY D 852 32.12 -19.64 9.12
C GLY D 852 31.64 -19.82 10.54
N SER D 853 30.39 -19.41 10.76
CA SER D 853 29.81 -19.50 12.09
C SER D 853 29.46 -20.95 12.42
N VAL D 854 29.85 -21.39 13.61
CA VAL D 854 29.55 -22.75 14.04
C VAL D 854 28.05 -22.93 14.25
N ASP D 855 27.34 -21.84 14.56
CA ASP D 855 25.90 -21.95 14.75
C ASP D 855 25.19 -22.39 13.48
N TYR D 856 25.61 -21.85 12.33
CA TYR D 856 25.03 -22.28 11.06
C TYR D 856 25.47 -23.69 10.71
N ILE D 857 26.75 -24.01 10.92
CA ILE D 857 27.26 -25.32 10.54
C ILE D 857 26.66 -26.41 11.42
N ARG D 858 26.42 -26.12 12.70
CA ARG D 858 25.84 -27.11 13.60
C ARG D 858 24.46 -27.54 13.12
N ARG D 859 23.71 -26.60 12.51
CA ARG D 859 22.36 -26.92 12.05
C ARG D 859 22.36 -27.95 10.92
N GLU D 860 23.49 -28.16 10.25
CA GLU D 860 23.57 -29.11 9.16
C GLU D 860 24.76 -30.06 9.29
N TRP D 861 25.37 -30.15 10.47
CA TRP D 861 26.51 -31.03 10.65
C TRP D 861 26.12 -32.51 10.64
N LYS D 862 24.82 -32.82 10.69
CA LYS D 862 24.38 -34.20 10.81
C LYS D 862 24.86 -35.04 9.62
N MET D 863 24.82 -34.48 8.42
CA MET D 863 25.23 -35.22 7.24
C MET D 863 26.73 -35.18 6.98
N LEU D 864 27.49 -34.42 7.77
CA LEU D 864 28.93 -34.36 7.63
C LEU D 864 29.67 -35.16 8.70
N GLN D 865 28.94 -35.87 9.56
CA GLN D 865 29.59 -36.61 10.65
C GLN D 865 30.47 -37.72 10.11
N ASN D 866 30.00 -38.46 9.11
CA ASN D 866 30.68 -39.65 8.62
C ASN D 866 31.64 -39.37 7.49
N LEU D 867 31.85 -38.11 7.12
CA LEU D 867 32.77 -37.78 6.04
C LEU D 867 34.13 -37.44 6.61
N PRO D 868 35.19 -38.16 6.24
CA PRO D 868 36.50 -37.95 6.88
C PRO D 868 37.12 -36.63 6.48
N LYS D 869 38.03 -36.17 7.35
CA LYS D 869 38.89 -35.01 7.10
C LYS D 869 38.05 -33.74 6.86
N ILE D 870 37.30 -33.35 7.88
CA ILE D 870 36.53 -32.11 7.87
C ILE D 870 36.89 -31.30 9.10
N SER D 871 37.23 -30.03 8.89
CA SER D 871 37.59 -29.13 9.98
C SER D 871 36.76 -27.86 9.90
N VAL D 872 36.37 -27.34 11.06
CA VAL D 872 35.53 -26.16 11.17
C VAL D 872 36.27 -25.11 11.99
N LEU D 873 36.35 -23.89 11.47
CA LEU D 873 37.02 -22.79 12.14
C LEU D 873 36.03 -21.66 12.37
N ASN D 874 36.01 -21.14 13.60
CA ASN D 874 35.15 -20.02 13.94
C ASN D 874 35.73 -18.71 13.42
N GLY D 875 34.93 -17.95 12.72
CA GLY D 875 35.35 -16.66 12.21
C GLY D 875 34.61 -16.33 10.93
N SER D 876 35.04 -15.26 10.29
CA SER D 876 34.47 -14.80 9.04
C SER D 876 35.52 -14.84 7.94
N PRO D 877 35.14 -15.24 6.72
CA PRO D 877 36.11 -15.25 5.62
C PRO D 877 36.63 -13.88 5.26
N LEU D 878 35.94 -12.80 5.64
CA LEU D 878 36.43 -11.47 5.35
C LEU D 878 37.66 -11.13 6.18
N SER D 879 37.74 -11.66 7.40
CA SER D 879 38.88 -11.36 8.27
C SER D 879 40.14 -12.05 7.75
N ARG D 880 41.23 -11.29 7.67
CA ARG D 880 42.49 -11.85 7.18
C ARG D 880 43.18 -12.74 8.20
N ALA D 881 42.83 -12.60 9.48
CA ALA D 881 43.45 -13.45 10.49
C ALA D 881 43.08 -14.92 10.31
N ASP D 882 41.80 -15.19 10.03
CA ASP D 882 41.36 -16.57 9.81
C ASP D 882 41.98 -17.15 8.56
N LEU D 883 42.05 -16.37 7.48
CA LEU D 883 42.59 -16.89 6.22
C LEU D 883 44.06 -17.23 6.35
N ARG D 884 44.83 -16.41 7.06
CA ARG D 884 46.23 -16.74 7.29
C ARG D 884 46.37 -17.97 8.17
N ALA D 885 45.44 -18.17 9.11
CA ALA D 885 45.51 -19.33 10.00
C ALA D 885 45.34 -20.63 9.23
N VAL D 886 44.38 -20.68 8.31
CA VAL D 886 44.12 -21.90 7.55
C VAL D 886 45.03 -22.03 6.33
N ASN D 887 45.90 -21.04 6.08
CA ASN D 887 46.88 -21.10 5.00
C ASN D 887 46.22 -21.29 3.63
N VAL D 888 45.41 -20.31 3.26
CA VAL D 888 44.79 -20.36 1.93
C VAL D 888 45.81 -20.12 0.83
N ASN D 889 47.00 -19.60 1.17
CA ASN D 889 48.04 -19.42 0.17
C ASN D 889 48.56 -20.74 -0.37
N LEU D 890 48.33 -21.85 0.33
CA LEU D 890 48.81 -23.15 -0.10
C LEU D 890 47.68 -24.13 -0.43
N CYS D 891 46.43 -23.69 -0.38
CA CYS D 891 45.31 -24.57 -0.66
C CYS D 891 45.19 -24.85 -2.15
N ASP D 892 44.59 -25.99 -2.48
CA ASP D 892 44.35 -26.34 -3.88
C ASP D 892 43.21 -25.53 -4.48
N MET D 893 42.22 -25.14 -3.68
CA MET D 893 41.10 -24.35 -4.18
C MET D 893 40.39 -23.71 -3.01
N CYS D 894 40.11 -22.41 -3.13
CA CYS D 894 39.34 -21.67 -2.13
C CYS D 894 37.97 -21.35 -2.73
N CYS D 895 36.92 -21.81 -2.07
CA CYS D 895 35.56 -21.63 -2.54
C CYS D 895 34.85 -20.60 -1.65
N ILE D 896 34.25 -19.61 -2.29
CA ILE D 896 33.52 -18.54 -1.59
C ILE D 896 32.04 -18.73 -1.89
N LEU D 897 31.27 -19.07 -0.86
CA LEU D 897 29.85 -19.31 -0.98
C LEU D 897 29.09 -18.42 -0.01
N SER D 898 27.87 -18.03 -0.41
CA SER D 898 27.01 -17.20 0.42
C SER D 898 25.67 -17.89 0.57
N ALA D 899 25.25 -18.08 1.83
CA ALA D 899 23.96 -18.66 2.13
C ALA D 899 22.95 -17.62 2.62
N LYS D 900 23.35 -16.35 2.68
CA LYS D 900 22.47 -15.31 3.20
C LYS D 900 21.40 -14.94 2.18
N VAL D 901 20.17 -14.77 2.66
CA VAL D 901 19.09 -14.32 1.79
C VAL D 901 19.30 -12.84 1.46
N PRO D 902 19.29 -12.46 0.17
CA PRO D 902 19.51 -11.05 -0.16
C PRO D 902 18.38 -10.18 0.38
N SER D 903 18.73 -8.93 0.69
CA SER D 903 17.76 -7.97 1.21
C SER D 903 16.74 -7.53 0.16
N ASN D 904 16.97 -7.87 -1.11
CA ASN D 904 16.08 -7.56 -2.23
C ASN D 904 15.97 -6.06 -2.49
N ASP D 905 16.79 -5.23 -1.83
CA ASP D 905 16.80 -3.81 -2.12
C ASP D 905 17.28 -3.54 -3.54
N ASP D 906 18.31 -4.26 -3.98
CA ASP D 906 18.86 -4.11 -5.32
C ASP D 906 19.28 -5.49 -5.80
N PRO D 907 18.77 -5.96 -6.94
CA PRO D 907 19.18 -7.27 -7.45
C PRO D 907 20.66 -7.35 -7.75
N THR D 908 21.29 -6.24 -8.16
CA THR D 908 22.71 -6.29 -8.49
C THR D 908 23.58 -6.37 -7.25
N LEU D 909 23.15 -5.76 -6.15
CA LEU D 909 23.90 -5.79 -4.89
C LEU D 909 23.62 -7.02 -4.05
N ALA D 910 23.15 -8.11 -4.68
CA ALA D 910 22.87 -9.34 -3.93
C ALA D 910 24.13 -9.93 -3.33
N ASP D 911 25.24 -9.87 -4.07
CA ASP D 911 26.49 -10.51 -3.66
C ASP D 911 27.53 -9.41 -3.40
N LYS D 912 27.52 -8.90 -2.17
CA LYS D 912 28.52 -7.92 -1.76
C LYS D 912 29.68 -8.60 -1.05
N GLU D 913 29.38 -9.52 -0.13
CA GLU D 913 30.44 -10.19 0.61
C GLU D 913 31.29 -11.06 -0.32
N ALA D 914 30.65 -11.70 -1.30
CA ALA D 914 31.38 -12.54 -2.23
C ALA D 914 32.41 -11.74 -3.04
N ILE D 915 32.00 -10.57 -3.53
CA ILE D 915 32.93 -9.74 -4.31
C ILE D 915 34.01 -9.15 -3.42
N LEU D 916 33.62 -8.64 -2.25
CA LEU D 916 34.60 -8.04 -1.34
C LEU D 916 35.61 -9.07 -0.86
N ALA D 917 35.15 -10.27 -0.50
CA ALA D 917 36.08 -11.32 -0.08
C ALA D 917 36.96 -11.78 -1.22
N SER D 918 36.43 -11.81 -2.44
CA SER D 918 37.22 -12.21 -3.59
C SER D 918 38.37 -11.24 -3.85
N LEU D 919 38.10 -9.93 -3.77
CA LEU D 919 39.15 -8.95 -3.96
C LEU D 919 40.08 -8.87 -2.76
N ASN D 920 39.56 -9.18 -1.56
CA ASN D 920 40.39 -9.15 -0.36
C ASN D 920 41.51 -10.20 -0.43
N ILE D 921 41.18 -11.41 -0.89
CA ILE D 921 42.18 -12.47 -0.96
C ILE D 921 43.23 -12.16 -2.01
N LYS D 922 42.82 -11.57 -3.14
CA LYS D 922 43.78 -11.27 -4.20
C LYS D 922 44.82 -10.26 -3.77
N ALA D 923 44.46 -9.35 -2.87
CA ALA D 923 45.38 -8.32 -2.41
C ALA D 923 46.26 -8.77 -1.25
N MET D 924 45.99 -9.93 -0.65
CA MET D 924 46.79 -10.38 0.48
C MET D 924 48.19 -10.80 0.00
N THR D 925 49.17 -10.55 0.87
CA THR D 925 50.56 -10.92 0.62
C THR D 925 51.03 -11.82 1.75
N PHE D 926 51.76 -12.87 1.39
CA PHE D 926 52.25 -13.86 2.34
C PHE D 926 53.78 -13.88 2.33
N ASP D 927 54.37 -14.23 3.46
CA ASP D 927 55.82 -14.28 3.58
C ASP D 927 56.38 -15.52 2.88
N VAL D 959 52.49 -16.62 -1.35
CA VAL D 959 53.20 -15.35 -1.26
C VAL D 959 52.36 -14.22 -1.84
N TYR D 960 51.76 -14.45 -3.02
CA TYR D 960 50.92 -13.46 -3.69
C TYR D 960 49.48 -13.98 -3.70
N GLY D 961 48.54 -13.12 -3.32
CA GLY D 961 47.14 -13.52 -3.30
C GLY D 961 46.54 -13.77 -4.67
N ALA D 962 46.99 -13.01 -5.68
CA ALA D 962 46.49 -13.18 -7.03
C ALA D 962 46.83 -14.55 -7.60
N ASN D 963 47.85 -15.21 -7.06
CA ASN D 963 48.24 -16.55 -7.49
C ASN D 963 47.47 -17.66 -6.77
N VAL D 964 46.64 -17.31 -5.80
CA VAL D 964 45.87 -18.33 -5.06
C VAL D 964 44.73 -18.82 -5.94
N PRO D 965 44.62 -20.13 -6.17
CA PRO D 965 43.45 -20.64 -6.90
C PRO D 965 42.16 -20.32 -6.14
N MET D 966 41.14 -19.93 -6.89
CA MET D 966 39.95 -19.37 -6.28
C MET D 966 38.74 -19.58 -7.19
N ILE D 967 37.60 -19.85 -6.58
CA ILE D 967 36.32 -19.91 -7.28
C ILE D 967 35.28 -19.17 -6.45
N THR D 968 34.43 -18.41 -7.12
CA THR D 968 33.45 -17.56 -6.45
C THR D 968 32.06 -17.85 -7.01
N GLU D 969 31.11 -18.11 -6.11
CA GLU D 969 29.73 -18.31 -6.49
C GLU D 969 29.05 -16.95 -6.64
N LEU D 970 28.66 -16.60 -7.86
CA LEU D 970 28.06 -15.32 -8.16
C LEU D 970 26.60 -15.54 -8.56
N VAL D 971 25.68 -14.93 -7.81
CA VAL D 971 24.26 -15.05 -8.11
C VAL D 971 23.79 -14.03 -9.13
N ASN D 972 24.67 -13.16 -9.60
CA ASN D 972 24.34 -12.16 -10.60
C ASN D 972 25.30 -12.29 -11.78
N ASP D 973 24.76 -12.12 -12.98
CA ASP D 973 25.58 -12.25 -14.19
C ASP D 973 26.46 -11.05 -14.44
N GLY D 974 25.99 -9.86 -14.09
CA GLY D 974 26.74 -8.64 -14.36
C GLY D 974 27.90 -8.37 -13.43
N ASN D 975 28.00 -9.09 -12.32
CA ASN D 975 29.08 -8.89 -11.36
C ASN D 975 30.29 -9.76 -11.65
N VAL D 976 30.24 -10.58 -12.70
CA VAL D 976 31.37 -11.46 -13.00
C VAL D 976 32.60 -10.65 -13.41
N GLN D 977 32.40 -9.60 -14.20
CA GLN D 977 33.52 -8.80 -14.68
C GLN D 977 34.25 -8.08 -13.56
N PHE D 978 33.63 -7.91 -12.39
CA PHE D 978 34.28 -7.22 -11.29
C PHE D 978 35.45 -8.03 -10.71
N LEU D 979 35.45 -9.35 -10.87
CA LEU D 979 36.53 -10.16 -10.34
C LEU D 979 37.86 -9.85 -11.02
N ASP D 980 37.84 -9.64 -12.33
CA ASP D 980 39.04 -9.33 -13.10
C ASP D 980 39.16 -7.82 -13.28
N GLN D 981 40.39 -7.36 -13.46
CA GLN D 981 40.66 -5.93 -13.49
C GLN D 981 41.48 -5.49 -14.71
N ASP D 982 42.33 -6.39 -15.22
CA ASP D 982 43.21 -6.06 -16.34
C ASP D 982 42.64 -6.52 -17.67
N ASP D 983 41.33 -6.44 -17.84
CA ASP D 983 40.66 -6.80 -19.08
C ASP D 983 40.36 -5.57 -19.92
N ASP D 984 40.02 -5.82 -21.19
CA ASP D 984 39.64 -4.78 -22.14
C ASP D 984 38.22 -4.96 -22.63
N ASP D 985 37.38 -5.65 -21.86
CA ASP D 985 36.03 -5.97 -22.31
C ASP D 985 35.08 -4.82 -22.04
N ASP D 986 34.34 -4.42 -23.07
CA ASP D 986 33.28 -3.44 -22.88
C ASP D 986 32.20 -4.05 -21.99
N PRO D 987 31.76 -3.35 -20.94
CA PRO D 987 30.80 -3.96 -19.99
C PRO D 987 29.57 -4.60 -20.59
N ASP D 988 29.29 -4.37 -21.87
CA ASP D 988 28.20 -5.05 -22.56
C ASP D 988 28.58 -6.45 -23.03
N THR D 989 29.74 -6.95 -22.61
CA THR D 989 30.21 -8.25 -23.07
C THR D 989 29.32 -9.37 -22.55
N GLU D 990 29.15 -10.40 -23.36
CA GLU D 990 28.35 -11.56 -22.97
C GLU D 990 29.01 -12.29 -21.81
N LEU D 991 28.22 -13.07 -21.09
CA LEU D 991 28.71 -13.77 -19.90
C LEU D 991 29.82 -14.75 -20.26
N TYR D 992 29.61 -15.59 -21.27
CA TYR D 992 30.57 -16.63 -21.57
C TYR D 992 31.85 -16.09 -22.20
N LEU D 993 31.87 -14.83 -22.62
CA LEU D 993 33.08 -14.18 -23.11
C LEU D 993 33.79 -13.36 -22.04
N THR D 994 33.23 -13.31 -20.84
CA THR D 994 33.83 -12.55 -19.75
C THR D 994 35.09 -13.26 -19.24
N GLN D 995 36.04 -12.47 -18.74
CA GLN D 995 37.34 -13.03 -18.34
C GLN D 995 37.24 -14.06 -17.23
N PRO D 996 36.64 -13.79 -16.06
CA PRO D 996 36.59 -14.83 -15.03
C PRO D 996 35.83 -16.07 -15.44
N PHE D 997 34.78 -15.94 -16.25
CA PHE D 997 34.00 -17.11 -16.64
C PHE D 997 34.81 -18.04 -17.53
N ALA D 998 35.43 -17.50 -18.58
CA ALA D 998 36.20 -18.33 -19.49
C ALA D 998 37.42 -18.94 -18.81
N CYS D 999 37.80 -18.42 -17.66
CA CYS D 999 39.00 -18.86 -16.97
C CYS D 999 38.73 -19.81 -15.82
N GLY D 1000 37.45 -20.06 -15.49
CA GLY D 1000 37.08 -20.98 -14.45
C GLY D 1000 37.10 -20.43 -13.04
N THR D 1001 37.38 -19.13 -12.86
CA THR D 1001 37.46 -18.56 -11.53
C THR D 1001 36.12 -18.06 -11.01
N ALA D 1002 35.09 -18.00 -11.85
CA ALA D 1002 33.77 -17.52 -11.45
C ALA D 1002 32.72 -18.52 -11.89
N PHE D 1003 31.81 -18.84 -10.98
CA PHE D 1003 30.69 -19.74 -11.26
C PHE D 1003 29.40 -18.93 -11.16
N ALA D 1004 28.61 -18.95 -12.22
CA ALA D 1004 27.34 -18.24 -12.27
C ALA D 1004 26.20 -19.23 -12.13
N VAL D 1005 25.31 -18.96 -11.16
CA VAL D 1005 24.17 -19.85 -10.92
C VAL D 1005 23.13 -19.76 -12.03
N SER D 1006 23.27 -18.80 -12.95
CA SER D 1006 22.34 -18.68 -14.07
C SER D 1006 22.42 -19.88 -15.00
N VAL D 1007 23.54 -20.60 -15.03
CA VAL D 1007 23.66 -21.76 -15.90
C VAL D 1007 22.72 -22.87 -15.47
N LEU D 1008 22.36 -22.92 -14.18
CA LEU D 1008 21.39 -23.91 -13.73
C LEU D 1008 20.02 -23.67 -14.34
N ASP D 1009 19.61 -22.40 -14.44
CA ASP D 1009 18.34 -22.08 -15.09
C ASP D 1009 18.39 -22.43 -16.58
N SER D 1010 19.52 -22.17 -17.22
CA SER D 1010 19.69 -22.55 -18.62
C SER D 1010 19.70 -24.06 -18.81
N LEU D 1011 20.08 -24.81 -17.78
CA LEU D 1011 20.10 -26.27 -17.88
C LEU D 1011 18.69 -26.85 -17.92
N MET D 1012 17.68 -26.08 -17.50
CA MET D 1012 16.30 -26.51 -17.64
C MET D 1012 15.94 -26.75 -19.10
N SER D 1013 16.36 -25.83 -19.99
CA SER D 1013 16.09 -26.01 -21.41
C SER D 1013 16.82 -27.22 -21.97
N THR D 1014 18.07 -27.43 -21.54
CA THR D 1014 18.85 -28.55 -22.05
C THR D 1014 18.21 -29.88 -21.69
N THR D 1015 17.68 -30.01 -20.47
CA THR D 1015 17.08 -31.26 -20.04
C THR D 1015 15.85 -31.60 -20.86
N TYR D 1016 15.03 -30.60 -21.20
CA TYR D 1016 13.81 -30.86 -21.95
C TYR D 1016 14.12 -31.39 -23.34
N PHE D 1017 15.12 -30.82 -24.01
CA PHE D 1017 15.44 -31.23 -25.38
C PHE D 1017 16.17 -32.56 -25.43
N ASN D 1018 16.96 -32.87 -24.40
CA ASN D 1018 17.68 -34.14 -24.32
C ASN D 1018 17.49 -34.71 -22.91
N GLN D 1019 16.78 -35.81 -22.81
CA GLN D 1019 16.54 -36.43 -21.49
C GLN D 1019 17.83 -36.96 -20.89
N ASN D 1020 18.75 -37.44 -21.71
CA ASN D 1020 20.01 -38.01 -21.23
C ASN D 1020 21.03 -36.95 -20.84
N ALA D 1021 20.73 -35.67 -21.07
CA ALA D 1021 21.69 -34.62 -20.76
C ALA D 1021 22.01 -34.57 -19.27
N LEU D 1022 20.98 -34.64 -18.42
CA LEU D 1022 21.21 -34.55 -16.98
C LEU D 1022 21.78 -35.86 -16.44
N THR D 1023 21.49 -36.99 -17.08
CA THR D 1023 22.05 -38.26 -16.64
C THR D 1023 23.57 -38.26 -16.74
N LEU D 1024 24.10 -37.73 -17.85
CA LEU D 1024 25.55 -37.63 -18.01
C LEU D 1024 26.14 -36.65 -17.02
N ILE D 1025 25.47 -35.52 -16.80
CA ILE D 1025 26.00 -34.49 -15.91
C ILE D 1025 26.08 -35.02 -14.48
N ARG D 1026 25.02 -35.68 -14.01
CA ARG D 1026 25.01 -36.20 -12.65
C ARG D 1026 26.07 -37.27 -12.46
N SER D 1027 26.28 -38.11 -13.47
CA SER D 1027 27.29 -39.16 -13.39
C SER D 1027 28.71 -38.61 -13.39
N LEU D 1028 28.89 -37.33 -13.71
CA LEU D 1028 30.22 -36.75 -13.80
C LEU D 1028 30.56 -35.80 -12.67
N ILE D 1029 29.56 -35.23 -12.00
CA ILE D 1029 29.82 -34.23 -10.97
C ILE D 1029 29.48 -34.71 -9.56
N THR D 1030 28.66 -35.75 -9.41
CA THR D 1030 28.29 -36.23 -8.09
C THR D 1030 29.25 -37.28 -7.55
N GLY D 1031 30.20 -37.74 -8.34
CA GLY D 1031 31.09 -38.80 -7.89
C GLY D 1031 30.46 -40.16 -7.83
N GLY D 1032 29.26 -40.33 -8.40
CA GLY D 1032 28.54 -41.58 -8.33
C GLY D 1032 27.45 -41.53 -7.29
N ALA D 1033 26.21 -41.29 -7.73
CA ALA D 1033 25.06 -41.19 -6.85
C ALA D 1033 24.02 -42.18 -7.36
N THR D 1034 24.07 -43.40 -6.85
CA THR D 1034 23.14 -44.43 -7.25
C THR D 1034 21.73 -44.08 -6.79
N PRO D 1035 20.70 -44.53 -7.53
CA PRO D 1035 19.33 -44.23 -7.09
C PRO D 1035 19.00 -44.77 -5.71
N GLU D 1036 19.57 -45.91 -5.33
CA GLU D 1036 19.31 -46.47 -4.01
C GLU D 1036 20.00 -45.70 -2.90
N LEU D 1037 20.98 -44.84 -3.22
CA LEU D 1037 21.60 -44.01 -2.20
C LEU D 1037 20.59 -43.02 -1.60
N GLU D 1038 19.68 -42.50 -2.43
CA GLU D 1038 18.61 -41.66 -1.92
C GLU D 1038 17.72 -42.44 -0.96
N LEU D 1039 17.46 -43.70 -1.26
CA LEU D 1039 16.64 -44.53 -0.38
C LEU D 1039 17.32 -44.70 0.98
N ILE D 1040 18.64 -44.89 0.99
CA ILE D 1040 19.37 -45.01 2.25
C ILE D 1040 19.26 -43.72 3.06
N LEU D 1041 19.41 -42.57 2.41
CA LEU D 1041 19.28 -41.30 3.09
C LEU D 1041 17.84 -41.00 3.48
N ALA D 1042 16.87 -41.63 2.84
CA ALA D 1042 15.47 -41.39 3.16
C ALA D 1042 15.09 -41.92 4.52
N GLU D 1043 15.90 -42.80 5.11
CA GLU D 1043 15.60 -43.38 6.41
C GLU D 1043 15.98 -42.46 7.57
N GLY D 1044 16.66 -41.35 7.30
CA GLY D 1044 17.01 -40.40 8.33
C GLY D 1044 18.20 -40.77 9.19
N ALA D 1045 18.88 -41.87 8.88
CA ALA D 1045 20.04 -42.30 9.66
C ALA D 1045 21.35 -41.74 9.13
N GLY D 1046 21.30 -40.90 8.09
CA GLY D 1046 22.51 -40.37 7.52
C GLY D 1046 23.22 -41.39 6.63
N LEU D 1047 24.48 -41.10 6.35
CA LEU D 1047 25.31 -41.96 5.51
C LEU D 1047 25.70 -43.21 6.32
N ARG D 1048 24.95 -44.28 6.15
CA ARG D 1048 25.24 -45.52 6.86
C ARG D 1048 26.33 -46.30 6.14
N GLY D 1049 27.35 -46.71 6.88
CA GLY D 1049 28.44 -47.48 6.33
C GLY D 1049 28.09 -48.94 6.17
N GLY D 1050 29.02 -49.68 5.57
CA GLY D 1050 28.84 -51.10 5.35
C GLY D 1050 30.17 -51.81 5.25
N TYR D 1051 30.14 -53.10 5.57
CA TYR D 1051 31.35 -53.91 5.50
C TYR D 1051 31.71 -54.18 4.05
N SER D 1052 32.97 -53.96 3.71
CA SER D 1052 33.41 -54.10 2.32
C SER D 1052 33.52 -55.57 1.95
N THR D 1053 32.93 -55.93 0.81
CA THR D 1053 33.04 -57.27 0.24
C THR D 1053 33.76 -57.20 -1.09
N VAL D 1054 33.95 -58.37 -1.70
CA VAL D 1054 34.73 -58.43 -2.93
C VAL D 1054 34.03 -57.71 -4.08
N GLU D 1055 32.72 -57.96 -4.26
CA GLU D 1055 32.01 -57.36 -5.37
C GLU D 1055 31.43 -55.99 -5.00
N SER D 1056 31.42 -55.66 -3.71
CA SER D 1056 31.12 -54.28 -3.32
C SER D 1056 32.29 -53.36 -3.67
N LEU D 1057 33.52 -53.82 -3.48
CA LEU D 1057 34.70 -53.03 -3.80
C LEU D 1057 34.89 -52.84 -5.31
N SER D 1058 34.17 -53.59 -6.14
CA SER D 1058 34.27 -53.40 -7.58
C SER D 1058 33.66 -52.08 -8.03
N ASN D 1059 32.82 -51.46 -7.19
CA ASN D 1059 32.24 -50.17 -7.54
C ASN D 1059 33.27 -49.05 -7.53
N ARG D 1060 34.43 -49.26 -6.89
CA ARG D 1060 35.48 -48.25 -6.89
C ARG D 1060 36.11 -48.08 -8.25
N ASP D 1061 35.97 -49.06 -9.15
CA ASP D 1061 36.63 -49.03 -10.44
C ASP D 1061 35.75 -48.25 -11.42
N ARG D 1062 35.91 -46.93 -11.42
CA ARG D 1062 35.24 -46.08 -12.39
C ARG D 1062 36.10 -44.84 -12.62
N CYS D 1063 35.87 -44.19 -13.76
CA CYS D 1063 36.67 -43.04 -14.13
C CYS D 1063 36.32 -41.84 -13.26
N ARG D 1064 37.29 -40.94 -13.13
CA ARG D 1064 37.12 -39.72 -12.35
C ARG D 1064 37.70 -38.54 -13.12
N VAL D 1065 37.18 -37.35 -12.82
CA VAL D 1065 37.63 -36.13 -13.48
C VAL D 1065 38.94 -35.68 -12.85
N GLY D 1066 39.95 -35.45 -13.68
CA GLY D 1066 41.24 -35.02 -13.20
C GLY D 1066 41.94 -34.13 -14.20
N GLN D 1067 43.06 -33.57 -13.76
CA GLN D 1067 43.86 -32.67 -14.58
C GLN D 1067 45.32 -33.12 -14.54
N ILE D 1068 45.98 -33.09 -15.69
CA ILE D 1068 47.37 -33.47 -15.81
C ILE D 1068 48.14 -32.35 -16.51
N SER D 1069 49.45 -32.36 -16.31
CA SER D 1069 50.34 -31.36 -16.89
C SER D 1069 51.40 -32.02 -17.74
N LEU D 1070 51.84 -31.31 -18.77
CA LEU D 1070 52.88 -31.80 -19.68
C LEU D 1070 54.26 -31.29 -19.30
N TYR D 1071 54.42 -30.75 -18.08
CA TYR D 1071 55.72 -30.24 -17.66
C TYR D 1071 56.74 -31.36 -17.54
N ASP D 1072 56.34 -32.48 -16.93
CA ASP D 1072 57.25 -33.59 -16.67
C ASP D 1072 56.52 -34.89 -16.94
N GLY D 1073 57.18 -36.01 -16.64
CA GLY D 1073 56.61 -37.32 -16.85
C GLY D 1073 56.92 -37.85 -18.24
N PRO D 1074 56.71 -39.15 -18.44
CA PRO D 1074 56.96 -39.73 -19.77
C PRO D 1074 56.06 -39.18 -20.86
N LEU D 1075 54.92 -38.62 -20.50
CA LEU D 1075 53.99 -38.03 -21.47
C LEU D 1075 54.36 -36.60 -21.83
N ALA D 1076 55.36 -36.02 -21.18
CA ALA D 1076 55.73 -34.62 -21.40
C ALA D 1076 56.32 -34.36 -22.77
N GLN D 1077 56.73 -35.40 -23.51
CA GLN D 1077 57.37 -35.18 -24.80
C GLN D 1077 56.40 -34.69 -25.86
N PHE D 1078 55.09 -34.69 -25.59
CA PHE D 1078 54.12 -34.09 -26.48
C PHE D 1078 53.98 -32.58 -26.28
N GLY D 1079 54.67 -32.02 -25.28
CA GLY D 1079 54.50 -30.60 -25.00
C GLY D 1079 55.00 -29.71 -26.11
N GLU D 1080 56.16 -30.03 -26.68
CA GLU D 1080 56.79 -29.22 -27.72
C GLU D 1080 56.60 -29.90 -29.06
N CYS D 1081 56.15 -29.12 -30.05
CA CYS D 1081 55.95 -29.61 -31.42
C CYS D 1081 55.05 -30.84 -31.46
N GLY D 1082 54.09 -30.91 -30.55
CA GLY D 1082 53.20 -32.05 -30.43
C GLY D 1082 51.77 -31.66 -30.80
N LYS D 1083 51.06 -32.59 -31.42
CA LYS D 1083 49.67 -32.38 -31.80
C LYS D 1083 48.74 -32.98 -30.77
N TYR D 1084 47.55 -32.40 -30.66
CA TYR D 1084 46.57 -32.87 -29.68
C TYR D 1084 46.14 -34.30 -29.97
N GLY D 1085 45.96 -34.63 -31.26
CA GLY D 1085 45.56 -35.99 -31.61
C GLY D 1085 46.59 -37.02 -31.21
N ASP D 1086 47.87 -36.70 -31.37
CA ASP D 1086 48.93 -37.61 -30.93
C ASP D 1086 48.88 -37.81 -29.42
N LEU D 1087 48.64 -36.74 -28.67
CA LEU D 1087 48.49 -36.85 -27.22
C LEU D 1087 47.27 -37.70 -26.87
N PHE D 1088 46.16 -37.49 -27.58
CA PHE D 1088 44.94 -38.21 -27.27
C PHE D 1088 45.10 -39.72 -27.51
N VAL D 1089 45.74 -40.10 -28.61
CA VAL D 1089 45.88 -41.52 -28.94
C VAL D 1089 46.85 -42.20 -27.98
N ALA D 1090 47.99 -41.57 -27.70
CA ALA D 1090 49.00 -42.20 -26.87
C ALA D 1090 48.50 -42.39 -25.43
N ALA D 1091 47.81 -41.39 -24.88
CA ALA D 1091 47.32 -41.50 -23.52
C ALA D 1091 46.28 -42.59 -23.38
N LEU D 1092 45.40 -42.73 -24.38
CA LEU D 1092 44.34 -43.73 -24.32
C LEU D 1092 44.89 -45.15 -24.42
N LYS D 1093 45.83 -45.37 -25.32
CA LYS D 1093 46.36 -46.72 -25.53
C LYS D 1093 47.21 -47.18 -24.36
N SER D 1094 48.00 -46.27 -23.78
CA SER D 1094 48.94 -46.66 -22.74
C SER D 1094 48.36 -46.51 -21.34
N TYR D 1095 47.67 -45.41 -21.06
CA TYR D 1095 47.16 -45.14 -19.73
C TYR D 1095 45.65 -45.26 -19.63
N GLY D 1096 44.92 -45.23 -20.74
CA GLY D 1096 43.48 -45.25 -20.70
C GLY D 1096 42.83 -43.92 -20.41
N MET D 1097 43.60 -42.86 -20.21
CA MET D 1097 43.03 -41.54 -19.98
C MET D 1097 42.40 -41.01 -21.25
N LEU D 1098 41.26 -40.33 -21.10
CA LEU D 1098 40.54 -39.74 -22.22
C LEU D 1098 40.70 -38.22 -22.14
N CYS D 1099 41.40 -37.65 -23.10
CA CYS D 1099 41.63 -36.21 -23.11
C CYS D 1099 40.36 -35.49 -23.55
N ILE D 1100 39.88 -34.58 -22.71
CA ILE D 1100 38.64 -33.85 -22.97
C ILE D 1100 38.93 -32.45 -23.51
N GLY D 1101 39.91 -31.76 -22.95
CA GLY D 1101 40.20 -30.41 -23.38
C GLY D 1101 41.54 -29.95 -22.84
N LEU D 1102 41.81 -28.66 -23.04
CA LEU D 1102 43.07 -28.05 -22.65
C LEU D 1102 42.83 -26.88 -21.71
N TYR D 1103 43.82 -26.63 -20.85
CA TYR D 1103 43.81 -25.51 -19.91
C TYR D 1103 45.11 -24.75 -20.15
N ARG D 1104 45.07 -23.80 -21.07
CA ARG D 1104 46.25 -23.14 -21.60
C ARG D 1104 46.41 -21.74 -21.05
N PHE D 1105 47.67 -21.34 -20.82
CA PHE D 1105 47.97 -20.02 -20.31
C PHE D 1105 47.45 -18.95 -21.26
N ARG D 1106 47.02 -17.82 -20.69
CA ARG D 1106 46.64 -16.68 -21.50
C ARG D 1106 47.79 -16.16 -22.33
N ASP D 1107 48.94 -15.92 -21.71
CA ASP D 1107 50.08 -15.31 -22.37
C ASP D 1107 51.18 -16.35 -22.55
N THR D 1108 51.71 -16.43 -23.78
CA THR D 1108 52.79 -17.37 -24.05
C THR D 1108 54.04 -17.01 -23.25
N SER D 1109 54.34 -15.71 -23.15
CA SER D 1109 55.49 -15.21 -22.41
C SER D 1109 56.80 -15.84 -22.90
N ALA D 1114 52.31 -16.76 -19.32
CA ALA D 1114 52.53 -17.39 -18.03
C ALA D 1114 52.15 -16.46 -16.89
N SER D 1115 50.95 -15.87 -16.99
CA SER D 1115 50.45 -14.94 -15.99
C SER D 1115 49.67 -15.65 -14.89
N SER D 1116 49.85 -16.97 -14.74
CA SER D 1116 49.19 -17.76 -13.70
C SER D 1116 47.68 -17.64 -13.75
N LYS D 1117 47.11 -17.57 -14.95
CA LYS D 1117 45.67 -17.45 -15.13
C LYS D 1117 45.33 -17.94 -16.53
N ARG D 1118 44.70 -19.12 -16.59
CA ARG D 1118 44.54 -19.86 -17.83
C ARG D 1118 43.09 -19.83 -18.31
N TYR D 1119 42.88 -20.19 -19.56
CA TYR D 1119 41.55 -20.32 -20.14
C TYR D 1119 41.38 -21.73 -20.71
N VAL D 1120 40.12 -22.17 -20.77
CA VAL D 1120 39.80 -23.54 -21.13
C VAL D 1120 39.48 -23.63 -22.61
N ILE D 1121 39.95 -24.71 -23.24
CA ILE D 1121 39.63 -25.03 -24.63
C ILE D 1121 39.02 -26.42 -24.65
N THR D 1122 37.78 -26.51 -25.14
CA THR D 1122 37.03 -27.76 -25.13
C THR D 1122 37.26 -28.51 -26.44
N ASN D 1123 37.86 -29.70 -26.35
CA ASN D 1123 38.07 -30.59 -27.48
C ASN D 1123 38.75 -29.89 -28.64
N PRO D 1124 40.03 -29.57 -28.53
CA PRO D 1124 40.74 -28.94 -29.64
C PRO D 1124 40.84 -29.89 -30.83
N PRO D 1125 40.97 -29.36 -32.04
CA PRO D 1125 40.99 -30.23 -33.23
C PRO D 1125 42.19 -31.16 -33.24
N ASP D 1126 42.18 -32.06 -34.23
CA ASP D 1126 43.26 -33.04 -34.37
C ASP D 1126 44.60 -32.36 -34.66
N ASP D 1127 44.59 -31.34 -35.51
CA ASP D 1127 45.81 -30.65 -35.92
C ASP D 1127 46.19 -29.51 -34.99
N PHE D 1128 45.63 -29.48 -33.77
CA PHE D 1128 45.95 -28.43 -32.83
C PHE D 1128 47.39 -28.53 -32.36
N SER D 1129 48.00 -27.39 -32.09
CA SER D 1129 49.38 -27.31 -31.64
C SER D 1129 49.42 -27.15 -30.13
N LEU D 1130 50.26 -27.93 -29.47
CA LEU D 1130 50.35 -27.92 -28.02
C LEU D 1130 51.47 -27.00 -27.55
N LEU D 1131 51.52 -26.78 -26.24
CA LEU D 1131 52.54 -25.98 -25.59
C LEU D 1131 53.09 -26.73 -24.40
N PRO D 1132 54.36 -26.50 -24.06
CA PRO D 1132 54.95 -27.22 -22.91
C PRO D 1132 54.30 -26.88 -21.58
N THR D 1133 53.62 -25.74 -21.47
CA THR D 1133 52.98 -25.33 -20.22
C THR D 1133 51.46 -25.47 -20.29
N ASP D 1134 50.98 -26.50 -20.96
CA ASP D 1134 49.54 -26.73 -21.13
C ASP D 1134 49.08 -27.85 -20.20
N GLN D 1135 47.86 -27.70 -19.69
CA GLN D 1135 47.24 -28.72 -18.86
C GLN D 1135 46.05 -29.32 -19.59
N VAL D 1136 45.84 -30.61 -19.42
CA VAL D 1136 44.87 -31.38 -20.18
C VAL D 1136 43.80 -31.90 -19.24
N PHE D 1137 42.53 -31.70 -19.60
CA PHE D 1137 41.41 -32.29 -18.88
C PHE D 1137 41.28 -33.75 -19.30
N VAL D 1138 41.40 -34.67 -18.34
CA VAL D 1138 41.37 -36.10 -18.62
C VAL D 1138 40.42 -36.78 -17.65
N LEU D 1139 39.94 -37.95 -18.07
CA LEU D 1139 39.12 -38.83 -17.23
C LEU D 1139 39.97 -40.02 -16.85
N MET D 1140 40.71 -39.88 -15.74
CA MET D 1140 41.64 -40.92 -15.33
C MET D 1140 40.91 -42.12 -14.73
N GLN D 1141 41.49 -43.29 -14.91
CA GLN D 1141 40.94 -44.52 -14.37
C GLN D 1141 41.34 -44.68 -12.91
N PHE D 1142 40.95 -45.80 -12.32
CA PHE D 1142 41.25 -46.11 -10.93
C PHE D 1142 42.36 -47.15 -10.89
N ASP D 1143 43.44 -46.84 -10.17
CA ASP D 1143 44.57 -47.75 -10.04
C ASP D 1143 44.63 -48.27 -8.61
N PRO D 1144 44.28 -49.54 -8.36
CA PRO D 1144 44.37 -50.08 -7.00
C PRO D 1144 45.81 -50.14 -6.53
N GLY D 1145 45.98 -49.95 -5.22
CA GLY D 1145 47.30 -49.97 -4.62
C GLY D 1145 47.27 -49.82 -3.10
#